data_9P00
#
_entry.id   9P00
#
_cell.length_a   1.00
_cell.length_b   1.00
_cell.length_c   1.00
_cell.angle_alpha   90.00
_cell.angle_beta   90.00
_cell.angle_gamma   90.00
#
_symmetry.space_group_name_H-M   'P 1'
#
_entity_poly.entity_id   1
_entity_poly.type   'polypeptide(L)'
_entity_poly.pdbx_seq_one_letter_code
;MGSSHHHHHHSSGLVPRGSHMASMTGGQQMGRGSEFMCALNANPSNDPSSGEKVKFHRLIVDEPVKDDNSVVYLSQAKMD
SMNLFRGDTVLVKGKKRKETVCVAIVDESCPDDKIRLNRCIRSNLRVKPGDIISIKSLPDILYGKRIHVLPIDDTIVGLT
GNLYEAFLKPYFLAAYRPVHKGDIFIVRGGMRAVEFKVIETDPSPYCIVSPDTTIHTEGDPVKREDEEEKLNEIGYDDIG
GCRKQLAQIKEMVELPLRHPQLFKAIGVKPPRGILLYGPPGTGKTLVARAVANESGSFFFLINGPEIMSKLAGESESNLR
KAFEEAEKNAPAIIFIDELDAIAPKREKTHGEVERRIVSQLLTLMDGLKQRSHVIVMAATNRPNSVDPALRRFGRFDREI
EIGIPDSIGRLEILRIHTRNIRLAEDVELEKIANEAHGHVGADLASLCSEAALQQIRNKMNLIDLEDDTIDAEVLNSLAV
TMDDFRWALGKSNPSALRETTVEVPNVTWDDIGGLENVKRELQELVQYPVEHPDKFLKFGMTPSKGVLFYGPPGCGKTLL
AKAIANECQANFISIKGPELLTMWFGESEANVRDIFDKARQAAPCVLFFDELDSIAKARGGSVGDAGGAADRVINQLLTE
MDGMSAKKNVFIIGATNRPDIIDGAILRPGRLDQLIYIPLPDEASRVNILKANLRKSPIARDVDINFLAKATQGFSGADL
TEICQRACKQAIRESIEAEIRAESEKKNKPNAMEDDFDPVPEITRRHFEEAMRFARRSVTENDVRKYEMFAQTLQQSRGI
GNNFRFPGSDGSGIPTSTGGQGGGGSVYGSQNDAEDLYN
;
_entity_poly.pdbx_strand_id   A,C,D,F,B,E
#
# COMPACT_ATOMS: atom_id res chain seq x y z
N GLU A 228 -24.87 -47.53 7.09
CA GLU A 228 -23.89 -48.08 8.03
C GLU A 228 -23.07 -49.18 7.35
N GLU A 229 -23.77 -50.19 6.83
CA GLU A 229 -23.07 -51.27 6.13
C GLU A 229 -22.36 -50.74 4.88
N LYS A 230 -23.00 -49.84 4.15
CA LYS A 230 -22.38 -49.29 2.95
C LYS A 230 -21.08 -48.59 3.29
N LEU A 231 -21.07 -47.81 4.37
CA LEU A 231 -19.85 -47.11 4.76
C LEU A 231 -18.79 -48.08 5.26
N ASN A 232 -19.20 -49.20 5.84
CA ASN A 232 -18.27 -50.19 6.36
C ASN A 232 -17.80 -51.16 5.28
N GLU A 233 -18.37 -51.10 4.08
CA GLU A 233 -17.97 -51.96 2.98
C GLU A 233 -17.16 -51.22 1.91
N ILE A 234 -16.70 -50.01 2.20
CA ILE A 234 -15.89 -49.27 1.24
C ILE A 234 -14.47 -49.83 1.27
N GLY A 235 -13.97 -50.21 0.10
CA GLY A 235 -12.65 -50.79 0.00
C GLY A 235 -11.77 -50.07 -1.01
N TYR A 236 -10.69 -50.72 -1.45
CA TYR A 236 -9.80 -50.09 -2.42
C TYR A 236 -10.44 -50.04 -3.80
N ASP A 237 -11.34 -50.97 -4.11
CA ASP A 237 -11.99 -50.99 -5.41
C ASP A 237 -13.04 -49.90 -5.56
N ASP A 238 -13.46 -49.25 -4.48
CA ASP A 238 -14.47 -48.21 -4.53
C ASP A 238 -13.88 -46.82 -4.63
N ILE A 239 -12.57 -46.69 -4.73
CA ILE A 239 -11.90 -45.41 -4.92
C ILE A 239 -11.16 -45.46 -6.25
N GLY A 240 -11.40 -44.47 -7.10
CA GLY A 240 -10.72 -44.40 -8.37
C GLY A 240 -9.97 -43.10 -8.53
N GLY A 241 -9.06 -43.06 -9.51
CA GLY A 241 -8.30 -41.87 -9.80
C GLY A 241 -6.98 -41.78 -9.07
N CYS A 242 -6.78 -42.57 -8.02
CA CYS A 242 -5.53 -42.61 -7.28
C CYS A 242 -5.13 -44.07 -7.07
N ARG A 243 -4.15 -44.53 -7.83
CA ARG A 243 -3.63 -45.88 -7.69
C ARG A 243 -2.19 -45.93 -7.22
N LYS A 244 -1.35 -44.96 -7.60
CA LYS A 244 -0.02 -44.87 -7.02
C LYS A 244 -0.09 -44.42 -5.56
N GLN A 245 -0.82 -43.34 -5.30
CA GLN A 245 -0.97 -42.87 -3.93
C GLN A 245 -1.60 -43.94 -3.06
N LEU A 246 -2.52 -44.71 -3.62
CA LEU A 246 -3.21 -45.72 -2.82
C LEU A 246 -2.24 -46.83 -2.41
N ALA A 247 -1.36 -47.25 -3.32
CA ALA A 247 -0.34 -48.22 -2.98
C ALA A 247 0.62 -47.66 -1.93
N GLN A 248 1.00 -46.38 -2.10
CA GLN A 248 1.85 -45.74 -1.10
C GLN A 248 1.22 -45.82 0.28
N ILE A 249 -0.05 -45.40 0.39
CA ILE A 249 -0.72 -45.37 1.69
C ILE A 249 -0.91 -46.78 2.22
N LYS A 250 -1.14 -47.75 1.33
CA LYS A 250 -1.24 -49.13 1.77
C LYS A 250 0.05 -49.60 2.44
N GLU A 251 1.18 -49.46 1.74
CA GLU A 251 2.46 -49.81 2.35
C GLU A 251 2.66 -49.06 3.66
N MET A 252 2.26 -47.78 3.69
CA MET A 252 2.61 -46.90 4.78
C MET A 252 1.78 -47.14 6.03
N VAL A 253 0.53 -47.57 5.88
CA VAL A 253 -0.40 -47.77 7.00
C VAL A 253 -0.70 -49.24 7.23
N GLU A 254 -1.19 -49.93 6.19
CA GLU A 254 -1.77 -51.25 6.41
C GLU A 254 -0.74 -52.24 6.92
N LEU A 255 0.45 -52.25 6.32
CA LEU A 255 1.47 -53.21 6.74
C LEU A 255 1.90 -52.98 8.19
N PRO A 256 2.22 -51.76 8.62
CA PRO A 256 2.54 -51.56 10.04
C PRO A 256 1.44 -52.02 10.99
N LEU A 257 0.18 -51.82 10.62
CA LEU A 257 -0.93 -52.16 11.50
C LEU A 257 -1.40 -53.60 11.34
N ARG A 258 -0.75 -54.39 10.49
CA ARG A 258 -1.10 -55.79 10.31
C ARG A 258 0.01 -56.74 10.71
N HIS A 259 1.27 -56.38 10.46
CA HIS A 259 2.43 -57.17 10.85
C HIS A 259 3.44 -56.28 11.57
N PRO A 260 3.13 -55.84 12.79
CA PRO A 260 4.06 -54.96 13.51
C PRO A 260 5.40 -55.61 13.81
N GLN A 261 5.49 -56.94 13.78
CA GLN A 261 6.73 -57.59 14.19
C GLN A 261 7.88 -57.24 13.26
N LEU A 262 7.64 -57.25 11.96
CA LEU A 262 8.73 -56.96 11.01
C LEU A 262 9.26 -55.55 11.21
N PHE A 263 8.36 -54.56 11.25
CA PHE A 263 8.77 -53.17 11.35
C PHE A 263 9.38 -52.86 12.71
N LYS A 264 8.89 -53.50 13.77
CA LYS A 264 9.46 -53.30 15.08
C LYS A 264 10.84 -53.93 15.18
N ALA A 265 11.04 -55.07 14.51
CA ALA A 265 12.34 -55.73 14.55
C ALA A 265 13.38 -54.93 13.77
N ILE A 266 13.15 -54.69 12.49
CA ILE A 266 14.17 -54.04 11.69
C ILE A 266 14.40 -52.62 12.17
N GLY A 267 13.35 -51.93 12.60
CA GLY A 267 13.48 -50.59 13.12
C GLY A 267 12.86 -49.51 12.27
N VAL A 268 11.76 -49.83 11.59
CA VAL A 268 10.97 -48.83 10.90
C VAL A 268 9.95 -48.26 11.86
N LYS A 269 9.91 -46.94 11.98
CA LYS A 269 8.94 -46.28 12.84
C LYS A 269 7.71 -45.94 12.01
N PRO A 270 6.54 -46.47 12.35
CA PRO A 270 5.36 -46.20 11.54
C PRO A 270 5.01 -44.72 11.59
N PRO A 271 4.43 -44.18 10.52
CA PRO A 271 4.11 -42.75 10.53
C PRO A 271 2.97 -42.43 11.48
N ARG A 272 2.89 -41.16 11.84
CA ARG A 272 1.89 -40.68 12.78
C ARG A 272 1.03 -39.56 12.22
N GLY A 273 1.51 -38.82 11.23
CA GLY A 273 0.72 -37.77 10.61
C GLY A 273 0.77 -37.80 9.10
N ILE A 274 -0.39 -38.00 8.49
CA ILE A 274 -0.54 -38.11 7.05
C ILE A 274 -1.50 -36.99 6.61
N LEU A 275 -1.05 -36.15 5.68
CA LEU A 275 -1.85 -35.05 5.18
C LEU A 275 -2.09 -35.26 3.70
N LEU A 276 -3.34 -35.48 3.34
CA LEU A 276 -3.76 -35.64 1.95
C LEU A 276 -4.24 -34.30 1.44
N TYR A 277 -3.70 -33.87 0.31
CA TYR A 277 -4.08 -32.59 -0.27
C TYR A 277 -4.29 -32.76 -1.78
N GLY A 278 -5.09 -31.88 -2.34
CA GLY A 278 -5.38 -31.90 -3.75
C GLY A 278 -6.65 -31.14 -4.08
N PRO A 279 -7.01 -31.11 -5.36
CA PRO A 279 -8.20 -30.38 -5.75
C PRO A 279 -9.45 -31.02 -5.17
N PRO A 280 -10.52 -30.25 -4.97
CA PRO A 280 -11.74 -30.82 -4.39
C PRO A 280 -12.38 -31.84 -5.31
N GLY A 281 -13.11 -32.78 -4.69
CA GLY A 281 -13.85 -33.76 -5.44
C GLY A 281 -13.05 -34.95 -5.91
N THR A 282 -11.87 -35.18 -5.33
CA THR A 282 -10.95 -36.19 -5.83
C THR A 282 -11.07 -37.52 -5.10
N GLY A 283 -12.03 -37.66 -4.20
CA GLY A 283 -12.20 -38.91 -3.50
C GLY A 283 -11.20 -39.17 -2.39
N LYS A 284 -10.51 -38.13 -1.92
CA LYS A 284 -9.56 -38.29 -0.82
C LYS A 284 -10.24 -38.44 0.53
N THR A 285 -11.54 -38.20 0.60
CA THR A 285 -12.29 -38.41 1.83
C THR A 285 -12.61 -39.88 2.08
N LEU A 286 -12.49 -40.72 1.05
CA LEU A 286 -12.76 -42.15 1.17
C LEU A 286 -11.49 -42.97 1.40
N VAL A 287 -10.31 -42.38 1.18
CA VAL A 287 -9.07 -43.14 1.31
C VAL A 287 -8.88 -43.61 2.75
N ALA A 288 -9.12 -42.72 3.71
CA ALA A 288 -8.94 -43.08 5.11
C ALA A 288 -9.86 -44.23 5.50
N ARG A 289 -11.13 -44.15 5.09
CA ARG A 289 -12.07 -45.19 5.47
C ARG A 289 -11.75 -46.51 4.78
N ALA A 290 -11.33 -46.45 3.52
CA ALA A 290 -10.95 -47.68 2.83
C ALA A 290 -9.76 -48.35 3.51
N VAL A 291 -8.76 -47.54 3.88
CA VAL A 291 -7.59 -48.10 4.58
C VAL A 291 -8.02 -48.71 5.91
N ALA A 292 -8.87 -48.01 6.66
CA ALA A 292 -9.32 -48.53 7.94
C ALA A 292 -10.07 -49.85 7.76
N ASN A 293 -10.95 -49.93 6.77
CA ASN A 293 -11.72 -51.15 6.57
C ASN A 293 -10.83 -52.29 6.12
N GLU A 294 -9.86 -52.01 5.24
CA GLU A 294 -9.03 -53.09 4.72
C GLU A 294 -8.00 -53.58 5.74
N SER A 295 -7.55 -52.70 6.62
CA SER A 295 -6.60 -53.08 7.66
C SER A 295 -7.28 -53.57 8.93
N GLY A 296 -8.61 -53.60 8.96
CA GLY A 296 -9.31 -54.05 10.14
C GLY A 296 -9.23 -53.11 11.32
N SER A 297 -8.92 -51.85 11.09
CA SER A 297 -8.72 -50.88 12.16
C SER A 297 -10.04 -50.21 12.52
N PHE A 298 -10.01 -49.46 13.62
CA PHE A 298 -11.15 -48.70 14.10
C PHE A 298 -11.07 -47.28 13.53
N PHE A 299 -12.16 -46.83 12.92
CA PHE A 299 -12.20 -45.55 12.22
C PHE A 299 -13.02 -44.55 12.99
N PHE A 300 -12.43 -43.40 13.28
CA PHE A 300 -13.13 -42.27 13.88
C PHE A 300 -12.97 -41.06 12.98
N LEU A 301 -14.08 -40.34 12.80
CA LEU A 301 -14.15 -39.22 11.86
C LEU A 301 -14.36 -37.92 12.60
N ILE A 302 -13.65 -36.88 12.17
CA ILE A 302 -13.80 -35.54 12.71
C ILE A 302 -14.03 -34.60 11.54
N ASN A 303 -15.16 -33.92 11.53
CA ASN A 303 -15.47 -32.89 10.55
C ASN A 303 -15.14 -31.54 11.15
N GLY A 304 -14.33 -30.75 10.44
CA GLY A 304 -13.92 -29.47 10.93
C GLY A 304 -15.10 -28.56 11.19
N PRO A 305 -16.01 -28.46 10.22
CA PRO A 305 -17.23 -27.67 10.46
C PRO A 305 -18.03 -28.15 11.66
N GLU A 306 -18.14 -29.45 11.87
CA GLU A 306 -18.90 -29.95 13.01
C GLU A 306 -18.26 -29.54 14.32
N ILE A 307 -16.94 -29.65 14.42
CA ILE A 307 -16.26 -29.24 15.64
C ILE A 307 -16.40 -27.75 15.86
N MET A 308 -16.27 -26.95 14.79
CA MET A 308 -16.29 -25.51 14.93
C MET A 308 -17.69 -24.93 15.03
N SER A 309 -18.73 -25.75 14.87
CA SER A 309 -20.09 -25.29 15.06
C SER A 309 -20.54 -25.37 16.51
N LYS A 310 -19.76 -25.99 17.39
CA LYS A 310 -20.13 -26.14 18.77
C LYS A 310 -19.60 -24.96 19.60
N LEU A 311 -20.00 -24.92 20.87
CA LEU A 311 -19.59 -23.86 21.76
C LEU A 311 -18.09 -23.99 22.07
N ALA A 312 -17.60 -23.08 22.92
CA ALA A 312 -16.16 -23.01 23.16
C ALA A 312 -15.63 -24.31 23.75
N GLY A 313 -16.27 -24.81 24.81
CA GLY A 313 -15.75 -25.99 25.48
C GLY A 313 -16.12 -27.29 24.80
N GLU A 314 -17.23 -27.31 24.07
CA GLU A 314 -17.67 -28.53 23.42
C GLU A 314 -16.70 -28.98 22.34
N SER A 315 -16.08 -28.04 21.63
CA SER A 315 -15.11 -28.41 20.61
C SER A 315 -13.91 -29.12 21.23
N GLU A 316 -13.36 -28.56 22.30
CA GLU A 316 -12.25 -29.19 22.97
C GLU A 316 -12.65 -30.55 23.51
N SER A 317 -13.85 -30.64 24.10
CA SER A 317 -14.33 -31.90 24.63
C SER A 317 -14.39 -32.96 23.53
N ASN A 318 -14.93 -32.60 22.37
CA ASN A 318 -15.08 -33.56 21.29
C ASN A 318 -13.73 -34.01 20.73
N LEU A 319 -12.79 -33.08 20.53
CA LEU A 319 -11.47 -33.49 20.05
C LEU A 319 -10.78 -34.43 21.05
N ARG A 320 -10.81 -34.06 22.33
CA ARG A 320 -10.23 -34.92 23.35
C ARG A 320 -10.86 -36.30 23.36
N LYS A 321 -12.19 -36.37 23.26
CA LYS A 321 -12.84 -37.66 23.30
C LYS A 321 -12.56 -38.47 22.05
N ALA A 322 -12.42 -37.82 20.91
CA ALA A 322 -12.04 -38.54 19.70
C ALA A 322 -10.72 -39.25 19.91
N PHE A 323 -9.72 -38.51 20.35
CA PHE A 323 -8.41 -39.12 20.56
C PHE A 323 -8.45 -40.20 21.64
N GLU A 324 -9.23 -39.97 22.71
CA GLU A 324 -9.32 -40.94 23.79
C GLU A 324 -9.93 -42.26 23.32
N GLU A 325 -11.05 -42.19 22.59
CA GLU A 325 -11.64 -43.40 22.05
C GLU A 325 -10.70 -44.09 21.09
N ALA A 326 -10.00 -43.32 20.26
CA ALA A 326 -9.08 -43.94 19.31
C ALA A 326 -7.99 -44.70 20.02
N GLU A 327 -7.46 -44.17 21.12
CA GLU A 327 -6.44 -44.89 21.86
C GLU A 327 -7.02 -46.03 22.70
N LYS A 328 -8.29 -45.97 23.06
CA LYS A 328 -8.90 -47.07 23.79
C LYS A 328 -9.23 -48.24 22.87
N ASN A 329 -9.41 -47.99 21.58
CA ASN A 329 -9.75 -49.04 20.62
C ASN A 329 -8.64 -49.24 19.59
N ALA A 330 -7.38 -49.16 20.03
CA ALA A 330 -6.27 -49.30 19.11
C ALA A 330 -6.26 -50.71 18.51
N PRO A 331 -5.84 -50.87 17.25
CA PRO A 331 -5.39 -49.84 16.30
C PRO A 331 -6.52 -48.95 15.84
N ALA A 332 -6.22 -47.74 15.38
CA ALA A 332 -7.27 -46.82 14.97
C ALA A 332 -6.72 -45.85 13.94
N ILE A 333 -7.64 -45.23 13.20
CA ILE A 333 -7.32 -44.16 12.27
C ILE A 333 -8.27 -43.01 12.55
N ILE A 334 -7.72 -41.83 12.83
CA ILE A 334 -8.49 -40.63 13.07
C ILE A 334 -8.37 -39.75 11.83
N PHE A 335 -9.49 -39.51 11.17
CA PHE A 335 -9.52 -38.70 9.96
C PHE A 335 -10.12 -37.34 10.29
N ILE A 336 -9.40 -36.28 9.93
CA ILE A 336 -9.86 -34.91 10.15
C ILE A 336 -10.16 -34.27 8.81
N ASP A 337 -11.41 -34.34 8.39
CA ASP A 337 -11.83 -33.70 7.15
C ASP A 337 -11.82 -32.19 7.31
N GLU A 338 -11.29 -31.49 6.30
CA GLU A 338 -11.21 -30.04 6.31
C GLU A 338 -10.43 -29.55 7.53
N LEU A 339 -9.14 -29.92 7.57
CA LEU A 339 -8.26 -29.49 8.64
C LEU A 339 -8.03 -27.99 8.62
N ASP A 340 -8.20 -27.34 7.48
CA ASP A 340 -8.03 -25.90 7.39
C ASP A 340 -9.12 -25.14 8.14
N ALA A 341 -10.20 -25.81 8.54
CA ALA A 341 -11.21 -25.16 9.35
C ALA A 341 -10.82 -25.17 10.83
N ILE A 342 -10.32 -26.30 11.33
CA ILE A 342 -9.90 -26.38 12.72
C ILE A 342 -8.64 -25.56 12.95
N ALA A 343 -7.69 -25.65 12.02
CA ALA A 343 -6.36 -25.05 12.18
C ALA A 343 -6.01 -24.21 10.97
N PRO A 344 -6.64 -23.04 10.81
CA PRO A 344 -6.27 -22.17 9.70
C PRO A 344 -4.89 -21.56 9.89
N LYS A 345 -4.46 -20.74 8.94
CA LYS A 345 -3.22 -20.00 9.11
C LYS A 345 -3.35 -19.06 10.29
N ARG A 346 -2.21 -18.81 10.96
CA ARG A 346 -2.25 -18.01 12.18
C ARG A 346 -2.88 -16.65 11.92
N GLU A 347 -2.58 -16.04 10.78
CA GLU A 347 -3.12 -14.72 10.47
C GLU A 347 -4.63 -14.77 10.33
N LYS A 348 -5.16 -15.81 9.69
CA LYS A 348 -6.59 -15.87 9.43
C LYS A 348 -7.40 -15.85 10.72
N THR A 349 -6.97 -16.61 11.73
CA THR A 349 -7.65 -16.60 13.01
C THR A 349 -7.53 -15.23 13.66
N HIS A 350 -8.62 -14.78 14.27
CA HIS A 350 -8.65 -13.46 14.90
C HIS A 350 -9.12 -13.55 16.34
N GLY A 351 -9.94 -14.54 16.66
CA GLY A 351 -10.39 -14.76 18.01
C GLY A 351 -9.36 -15.50 18.83
N GLU A 352 -9.73 -15.77 20.09
CA GLU A 352 -8.87 -16.48 21.01
C GLU A 352 -9.32 -17.92 21.28
N VAL A 353 -10.61 -18.21 21.14
CA VAL A 353 -11.08 -19.58 21.32
C VAL A 353 -10.55 -20.47 20.20
N GLU A 354 -10.43 -19.92 18.99
CA GLU A 354 -9.95 -20.71 17.86
C GLU A 354 -8.48 -21.07 18.03
N ARG A 355 -7.67 -20.13 18.52
CA ARG A 355 -6.29 -20.45 18.82
C ARG A 355 -6.20 -21.52 19.90
N ARG A 356 -7.14 -21.52 20.84
CA ARG A 356 -7.18 -22.59 21.83
C ARG A 356 -7.46 -23.93 21.17
N ILE A 357 -8.36 -23.97 20.19
CA ILE A 357 -8.60 -25.25 19.54
C ILE A 357 -7.37 -25.70 18.77
N VAL A 358 -6.67 -24.78 18.11
CA VAL A 358 -5.44 -25.14 17.42
C VAL A 358 -4.43 -25.73 18.40
N SER A 359 -4.21 -25.04 19.53
CA SER A 359 -3.22 -25.49 20.49
C SER A 359 -3.60 -26.83 21.08
N GLN A 360 -4.90 -27.06 21.30
CA GLN A 360 -5.34 -28.36 21.81
C GLN A 360 -5.07 -29.46 20.80
N LEU A 361 -5.28 -29.18 19.51
CA LEU A 361 -4.96 -30.18 18.50
C LEU A 361 -3.47 -30.50 18.50
N LEU A 362 -2.63 -29.46 18.58
CA LEU A 362 -1.19 -29.70 18.63
C LEU A 362 -0.81 -30.54 19.84
N THR A 363 -1.37 -30.21 21.01
CA THR A 363 -1.06 -30.95 22.23
C THR A 363 -1.48 -32.41 22.10
N LEU A 364 -2.66 -32.66 21.55
CA LEU A 364 -3.11 -34.03 21.36
C LEU A 364 -2.19 -34.78 20.39
N MET A 365 -1.78 -34.12 19.31
CA MET A 365 -0.91 -34.77 18.34
C MET A 365 0.42 -35.16 18.98
N ASP A 366 1.01 -34.25 19.75
CA ASP A 366 2.30 -34.54 20.37
C ASP A 366 2.19 -35.57 21.48
N GLY A 367 0.99 -35.84 21.98
CA GLY A 367 0.77 -36.78 23.05
C GLY A 367 0.55 -38.21 22.62
N LEU A 368 0.67 -38.50 21.32
CA LEU A 368 0.51 -39.86 20.83
C LEU A 368 1.80 -40.62 21.03
N LYS A 369 1.79 -41.59 21.92
CA LYS A 369 2.98 -42.39 22.16
C LYS A 369 3.33 -43.19 20.91
N GLN A 370 4.63 -43.46 20.75
CA GLN A 370 5.11 -44.20 19.58
C GLN A 370 4.58 -45.63 19.52
N ARG A 371 4.03 -46.14 20.62
CA ARG A 371 3.55 -47.51 20.67
C ARG A 371 2.05 -47.55 21.01
N SER A 372 1.28 -46.69 20.35
CA SER A 372 -0.17 -46.64 20.57
C SER A 372 -0.99 -47.15 19.40
N HIS A 373 -0.42 -47.17 18.19
CA HIS A 373 -1.10 -47.70 17.01
C HIS A 373 -2.26 -46.81 16.59
N VAL A 374 -2.07 -45.50 16.64
CA VAL A 374 -3.05 -44.53 16.18
C VAL A 374 -2.39 -43.70 15.09
N ILE A 375 -3.00 -43.68 13.91
CA ILE A 375 -2.53 -42.90 12.77
C ILE A 375 -3.57 -41.83 12.48
N VAL A 376 -3.14 -40.58 12.45
CA VAL A 376 -4.02 -39.44 12.25
C VAL A 376 -3.87 -38.98 10.81
N MET A 377 -4.90 -39.21 10.00
CA MET A 377 -4.96 -38.70 8.63
C MET A 377 -5.77 -37.43 8.59
N ALA A 378 -5.49 -36.61 7.58
CA ALA A 378 -6.15 -35.33 7.41
C ALA A 378 -6.31 -35.05 5.93
N ALA A 379 -7.17 -34.08 5.63
CA ALA A 379 -7.46 -33.69 4.26
C ALA A 379 -7.59 -32.18 4.18
N THR A 380 -6.95 -31.58 3.18
CA THR A 380 -7.06 -30.16 2.93
C THR A 380 -6.96 -29.92 1.43
N ASN A 381 -7.27 -28.69 1.03
CA ASN A 381 -7.17 -28.34 -0.39
C ASN A 381 -5.74 -27.96 -0.76
N ARG A 382 -5.09 -27.15 0.06
CA ARG A 382 -3.69 -26.81 -0.12
C ARG A 382 -2.98 -26.93 1.23
N PRO A 383 -1.77 -27.49 1.26
CA PRO A 383 -1.07 -27.60 2.55
C PRO A 383 -0.69 -26.26 3.15
N ASN A 384 -0.65 -25.18 2.36
CA ASN A 384 -0.27 -23.88 2.88
C ASN A 384 -1.35 -23.27 3.75
N SER A 385 -2.61 -23.68 3.59
CA SER A 385 -3.69 -23.13 4.38
C SER A 385 -3.68 -23.62 5.82
N VAL A 386 -2.88 -24.60 6.15
CA VAL A 386 -2.80 -25.15 7.49
C VAL A 386 -1.76 -24.39 8.29
N ASP A 387 -1.95 -24.36 9.60
CA ASP A 387 -1.00 -23.68 10.48
C ASP A 387 0.38 -24.33 10.33
N PRO A 388 1.44 -23.55 10.12
CA PRO A 388 2.76 -24.18 9.94
C PRO A 388 3.17 -25.07 11.10
N ALA A 389 2.73 -24.76 12.32
CA ALA A 389 3.13 -25.55 13.47
C ALA A 389 2.69 -27.00 13.33
N LEU A 390 1.58 -27.25 12.62
CA LEU A 390 1.09 -28.60 12.44
C LEU A 390 1.92 -29.40 11.46
N ARG A 391 2.63 -28.74 10.56
CA ARG A 391 3.44 -29.42 9.55
C ARG A 391 4.90 -29.48 10.01
N ARG A 392 5.12 -30.28 11.05
CA ARG A 392 6.44 -30.48 11.63
C ARG A 392 6.68 -31.96 11.83
N PHE A 393 7.87 -32.27 12.34
CA PHE A 393 8.18 -33.64 12.73
C PHE A 393 7.43 -34.00 14.01
N GLY A 394 7.00 -35.26 14.10
CA GLY A 394 6.15 -35.65 15.21
C GLY A 394 4.73 -35.16 15.07
N ARG A 395 4.41 -34.54 13.94
CA ARG A 395 3.08 -34.04 13.64
C ARG A 395 2.85 -34.36 12.16
N PHE A 396 1.89 -33.70 11.54
CA PHE A 396 1.62 -34.07 10.14
C PHE A 396 2.88 -33.83 9.33
N ASP A 397 3.60 -34.91 9.05
CA ASP A 397 4.90 -34.87 8.40
C ASP A 397 4.94 -35.60 7.07
N ARG A 398 4.11 -36.62 6.87
CA ARG A 398 3.95 -37.21 5.56
C ARG A 398 2.87 -36.44 4.81
N GLU A 399 3.14 -36.10 3.55
CA GLU A 399 2.19 -35.37 2.73
C GLU A 399 2.02 -36.09 1.40
N ILE A 400 0.77 -36.33 1.00
CA ILE A 400 0.46 -37.02 -0.24
C ILE A 400 -0.54 -36.18 -1.02
N GLU A 401 -0.35 -36.10 -2.33
CA GLU A 401 -1.20 -35.31 -3.21
C GLU A 401 -2.10 -36.26 -4.00
N ILE A 402 -3.40 -36.19 -3.74
CA ILE A 402 -4.39 -36.90 -4.54
C ILE A 402 -4.83 -35.92 -5.62
N GLY A 403 -4.11 -35.92 -6.74
CA GLY A 403 -4.29 -34.95 -7.78
C GLY A 403 -5.30 -35.37 -8.83
N ILE A 404 -5.32 -34.63 -9.92
CA ILE A 404 -6.32 -34.88 -10.97
C ILE A 404 -6.07 -36.24 -11.60
N PRO A 405 -7.12 -36.99 -11.96
CA PRO A 405 -6.90 -38.27 -12.62
C PRO A 405 -6.36 -38.10 -14.03
N ASP A 406 -5.64 -39.11 -14.48
CA ASP A 406 -5.26 -39.22 -15.88
C ASP A 406 -6.32 -40.06 -16.59
N SER A 407 -6.04 -40.49 -17.82
CA SER A 407 -7.05 -41.19 -18.61
C SER A 407 -7.47 -42.49 -17.93
N ILE A 408 -6.52 -43.26 -17.41
CA ILE A 408 -6.85 -44.53 -16.77
C ILE A 408 -7.66 -44.28 -15.50
N GLY A 409 -7.28 -43.26 -14.74
CA GLY A 409 -8.05 -42.92 -13.55
C GLY A 409 -9.46 -42.49 -13.90
N ARG A 410 -9.61 -41.71 -14.96
CA ARG A 410 -10.94 -41.29 -15.40
C ARG A 410 -11.78 -42.49 -15.78
N LEU A 411 -11.19 -43.45 -16.49
CA LEU A 411 -11.94 -44.65 -16.85
C LEU A 411 -12.33 -45.45 -15.61
N GLU A 412 -11.43 -45.56 -14.63
CA GLU A 412 -11.78 -46.25 -13.39
C GLU A 412 -12.95 -45.58 -12.69
N ILE A 413 -12.92 -44.25 -12.61
CA ILE A 413 -14.01 -43.52 -11.97
C ILE A 413 -15.31 -43.74 -12.72
N LEU A 414 -15.26 -43.69 -14.05
CA LEU A 414 -16.47 -43.89 -14.83
C LEU A 414 -17.04 -45.28 -14.60
N ARG A 415 -16.17 -46.29 -14.53
CA ARG A 415 -16.65 -47.64 -14.27
C ARG A 415 -17.27 -47.74 -12.87
N ILE A 416 -16.69 -47.06 -11.89
CA ILE A 416 -17.24 -47.09 -10.54
C ILE A 416 -18.63 -46.45 -10.51
N HIS A 417 -18.77 -45.30 -11.16
CA HIS A 417 -20.00 -44.53 -11.04
C HIS A 417 -21.13 -45.12 -11.88
N THR A 418 -20.82 -45.80 -12.97
CA THR A 418 -21.83 -46.42 -13.82
C THR A 418 -22.10 -47.88 -13.46
N ARG A 419 -21.87 -48.26 -12.20
CA ARG A 419 -22.10 -49.64 -11.80
C ARG A 419 -23.59 -49.97 -11.78
N ASN A 420 -24.42 -49.02 -11.35
CA ASN A 420 -25.86 -49.25 -11.26
C ASN A 420 -26.61 -48.78 -12.50
N ILE A 421 -26.10 -47.78 -13.20
CA ILE A 421 -26.74 -47.31 -14.41
C ILE A 421 -26.70 -48.41 -15.46
N ARG A 422 -27.77 -48.53 -16.25
CA ARG A 422 -27.87 -49.53 -17.30
C ARG A 422 -27.41 -48.89 -18.61
N LEU A 423 -26.26 -49.33 -19.12
CA LEU A 423 -25.66 -48.77 -20.31
C LEU A 423 -26.02 -49.60 -21.54
N ALA A 424 -26.00 -48.94 -22.69
CA ALA A 424 -26.25 -49.61 -23.96
C ALA A 424 -25.00 -50.35 -24.43
N GLU A 425 -25.17 -51.12 -25.50
CA GLU A 425 -24.06 -51.90 -26.04
C GLU A 425 -23.11 -51.08 -26.90
N ASP A 426 -23.48 -49.84 -27.22
CA ASP A 426 -22.63 -48.97 -28.02
C ASP A 426 -21.79 -48.02 -27.17
N VAL A 427 -21.83 -48.15 -25.85
CA VAL A 427 -21.13 -47.23 -24.96
C VAL A 427 -19.67 -47.68 -24.84
N GLU A 428 -18.76 -46.82 -25.28
CA GLU A 428 -17.32 -47.05 -25.16
C GLU A 428 -16.78 -46.02 -24.17
N LEU A 429 -16.76 -46.39 -22.89
CA LEU A 429 -16.33 -45.46 -21.86
C LEU A 429 -14.86 -45.09 -21.98
N GLU A 430 -14.08 -45.87 -22.73
CA GLU A 430 -12.68 -45.55 -22.92
C GLU A 430 -12.47 -44.38 -23.86
N LYS A 431 -13.49 -43.98 -24.61
CA LYS A 431 -13.42 -42.76 -25.41
C LYS A 431 -13.95 -41.55 -24.67
N ILE A 432 -14.96 -41.75 -23.81
CA ILE A 432 -15.42 -40.67 -22.95
C ILE A 432 -14.34 -40.28 -21.97
N ALA A 433 -13.60 -41.27 -21.46
CA ALA A 433 -12.53 -40.98 -20.51
C ALA A 433 -11.43 -40.14 -21.15
N ASN A 434 -11.07 -40.46 -22.39
CA ASN A 434 -9.93 -39.78 -23.01
C ASN A 434 -10.22 -38.33 -23.31
N GLU A 435 -11.46 -37.98 -23.62
CA GLU A 435 -11.83 -36.63 -24.00
C GLU A 435 -12.30 -35.79 -22.81
N ALA A 436 -12.29 -36.34 -21.60
CA ALA A 436 -12.79 -35.62 -20.42
C ALA A 436 -11.62 -34.97 -19.69
N HIS A 437 -11.01 -33.99 -20.35
CA HIS A 437 -9.90 -33.26 -19.75
C HIS A 437 -10.41 -32.36 -18.64
N GLY A 438 -9.63 -32.27 -17.56
CA GLY A 438 -9.96 -31.37 -16.47
C GLY A 438 -11.04 -31.88 -15.53
N HIS A 439 -11.49 -33.11 -15.69
CA HIS A 439 -12.54 -33.66 -14.86
C HIS A 439 -11.95 -34.34 -13.63
N VAL A 440 -12.72 -34.31 -12.54
CA VAL A 440 -12.40 -35.05 -11.33
C VAL A 440 -13.55 -36.00 -11.07
N GLY A 441 -13.47 -36.77 -9.98
CA GLY A 441 -14.49 -37.77 -9.73
C GLY A 441 -15.89 -37.21 -9.70
N ALA A 442 -16.07 -36.10 -8.98
CA ALA A 442 -17.39 -35.49 -8.90
C ALA A 442 -17.87 -35.02 -10.27
N ASP A 443 -16.96 -34.46 -11.07
CA ASP A 443 -17.33 -34.02 -12.41
C ASP A 443 -17.80 -35.17 -13.27
N LEU A 444 -17.11 -36.31 -13.19
CA LEU A 444 -17.53 -37.47 -13.97
C LEU A 444 -18.85 -38.03 -13.47
N ALA A 445 -19.09 -37.98 -12.16
CA ALA A 445 -20.39 -38.38 -11.64
C ALA A 445 -21.50 -37.48 -12.20
N SER A 446 -21.25 -36.18 -12.24
CA SER A 446 -22.23 -35.25 -12.81
C SER A 446 -22.43 -35.52 -14.29
N LEU A 447 -21.36 -35.88 -15.00
CA LEU A 447 -21.48 -36.21 -16.42
C LEU A 447 -22.37 -37.42 -16.62
N CYS A 448 -22.19 -38.46 -15.81
CA CYS A 448 -23.05 -39.64 -15.91
C CYS A 448 -24.50 -39.27 -15.60
N SER A 449 -24.72 -38.45 -14.57
CA SER A 449 -26.08 -38.04 -14.24
C SER A 449 -26.73 -37.28 -15.40
N GLU A 450 -25.98 -36.38 -16.02
CA GLU A 450 -26.53 -35.63 -17.15
C GLU A 450 -26.82 -36.53 -18.33
N ALA A 451 -25.96 -37.52 -18.59
CA ALA A 451 -26.24 -38.46 -19.67
C ALA A 451 -27.53 -39.22 -19.42
N ALA A 452 -27.72 -39.70 -18.19
CA ALA A 452 -28.95 -40.41 -17.88
C ALA A 452 -30.17 -39.49 -18.00
N LEU A 453 -30.03 -38.24 -17.56
CA LEU A 453 -31.13 -37.29 -17.67
C LEU A 453 -31.50 -37.05 -19.13
N GLN A 454 -30.49 -36.92 -20.00
CA GLN A 454 -30.78 -36.73 -21.41
C GLN A 454 -31.45 -37.96 -22.00
N GLN A 455 -31.06 -39.15 -21.56
CA GLN A 455 -31.75 -40.36 -22.02
C GLN A 455 -33.21 -40.33 -21.62
N ILE A 456 -33.50 -39.97 -20.37
CA ILE A 456 -34.90 -39.85 -19.94
C ILE A 456 -35.62 -38.84 -20.82
N ARG A 457 -34.99 -37.68 -21.03
CA ARG A 457 -35.60 -36.62 -21.81
C ARG A 457 -36.00 -37.12 -23.19
N ASN A 458 -35.06 -37.75 -23.90
CA ASN A 458 -35.36 -38.24 -25.24
C ASN A 458 -36.45 -39.30 -25.22
N LYS A 459 -36.28 -40.34 -24.40
CA LYS A 459 -37.20 -41.47 -24.47
C LYS A 459 -38.61 -41.06 -24.03
N MET A 460 -38.73 -40.27 -22.98
CA MET A 460 -40.02 -39.97 -22.38
C MET A 460 -40.63 -38.66 -22.86
N ASN A 461 -39.98 -37.96 -23.80
CA ASN A 461 -40.55 -36.71 -24.28
C ASN A 461 -41.89 -36.93 -24.96
N LEU A 462 -41.99 -37.99 -25.78
CA LEU A 462 -43.18 -38.24 -26.58
C LEU A 462 -44.07 -39.35 -26.02
N ILE A 463 -43.73 -39.89 -24.86
CA ILE A 463 -44.54 -40.97 -24.26
C ILE A 463 -44.91 -40.61 -22.84
N ASP A 464 -45.00 -39.31 -22.55
CA ASP A 464 -45.39 -38.84 -21.23
C ASP A 464 -46.84 -38.36 -21.22
N ILE A 470 -45.94 -44.34 -15.13
CA ILE A 470 -46.02 -44.02 -16.55
C ILE A 470 -46.27 -45.29 -17.35
N ASP A 471 -45.25 -46.15 -17.44
CA ASP A 471 -45.37 -47.41 -18.16
C ASP A 471 -44.20 -48.32 -17.80
N ALA A 472 -44.51 -49.57 -17.42
CA ALA A 472 -43.45 -50.51 -17.10
C ALA A 472 -42.56 -50.77 -18.32
N GLU A 473 -43.14 -50.76 -19.52
CA GLU A 473 -42.34 -50.99 -20.71
C GLU A 473 -41.30 -49.91 -20.90
N VAL A 474 -41.69 -48.64 -20.70
CA VAL A 474 -40.75 -47.54 -20.92
C VAL A 474 -39.61 -47.61 -19.91
N LEU A 475 -39.92 -47.87 -18.65
CA LEU A 475 -38.89 -47.87 -17.62
C LEU A 475 -37.85 -48.96 -17.85
N ASN A 476 -38.18 -50.01 -18.59
CA ASN A 476 -37.26 -51.10 -18.86
C ASN A 476 -36.51 -50.92 -20.18
N SER A 477 -36.86 -49.92 -20.97
CA SER A 477 -36.20 -49.64 -22.24
C SER A 477 -35.18 -48.52 -22.15
N LEU A 478 -34.83 -48.10 -20.94
CA LEU A 478 -33.92 -46.98 -20.74
C LEU A 478 -32.50 -47.51 -20.62
N ALA A 479 -31.64 -47.09 -21.54
CA ALA A 479 -30.22 -47.47 -21.52
C ALA A 479 -29.43 -46.31 -22.08
N VAL A 480 -28.50 -45.78 -21.28
CA VAL A 480 -27.73 -44.63 -21.71
C VAL A 480 -26.95 -44.97 -22.97
N THR A 481 -26.98 -44.07 -23.94
CA THR A 481 -26.33 -44.26 -25.22
C THR A 481 -25.08 -43.39 -25.32
N MET A 482 -24.30 -43.63 -26.37
CA MET A 482 -23.07 -42.89 -26.56
C MET A 482 -23.35 -41.42 -26.91
N ASP A 483 -24.42 -41.17 -27.65
CA ASP A 483 -24.76 -39.79 -28.00
C ASP A 483 -25.07 -38.98 -26.75
N ASP A 484 -25.74 -39.60 -25.78
CA ASP A 484 -26.02 -38.91 -24.52
C ASP A 484 -24.73 -38.54 -23.80
N PHE A 485 -23.77 -39.46 -23.75
CA PHE A 485 -22.50 -39.14 -23.11
C PHE A 485 -21.77 -38.03 -23.85
N ARG A 486 -21.83 -38.05 -25.18
CA ARG A 486 -21.19 -36.98 -25.95
C ARG A 486 -21.84 -35.64 -25.65
N TRP A 487 -23.18 -35.60 -25.58
CA TRP A 487 -23.88 -34.37 -25.26
C TRP A 487 -23.49 -33.86 -23.87
N ALA A 488 -23.48 -34.76 -22.88
CA ALA A 488 -23.11 -34.36 -21.54
C ALA A 488 -21.69 -33.82 -21.48
N LEU A 489 -20.76 -34.49 -22.17
CA LEU A 489 -19.38 -34.03 -22.19
C LEU A 489 -19.28 -32.67 -22.85
N GLY A 490 -20.04 -32.45 -23.92
CA GLY A 490 -20.02 -31.14 -24.58
C GLY A 490 -20.52 -30.03 -23.67
N LYS A 491 -21.57 -30.29 -22.91
CA LYS A 491 -22.16 -29.28 -22.04
C LYS A 491 -21.56 -29.27 -20.63
N SER A 492 -20.53 -30.07 -20.37
CA SER A 492 -19.94 -30.14 -19.05
C SER A 492 -18.90 -29.04 -18.86
N ASN A 493 -18.87 -28.46 -17.67
CA ASN A 493 -17.89 -27.42 -17.29
C ASN A 493 -17.05 -27.96 -16.15
N PRO A 494 -15.93 -28.59 -16.43
CA PRO A 494 -15.13 -29.18 -15.34
C PRO A 494 -14.62 -28.14 -14.37
N SER A 495 -14.43 -28.56 -13.13
CA SER A 495 -14.00 -27.68 -12.06
C SER A 495 -12.49 -27.60 -11.92
N ALA A 496 -11.73 -28.38 -12.67
CA ALA A 496 -10.28 -28.46 -12.55
C ALA A 496 -9.62 -28.34 -13.90
N LEU A 497 -10.05 -27.34 -14.67
CA LEU A 497 -9.53 -27.12 -16.01
C LEU A 497 -8.35 -26.17 -16.05
N ARG A 498 -7.99 -25.57 -14.92
CA ARG A 498 -6.86 -24.65 -14.83
C ARG A 498 -5.72 -25.20 -13.99
N GLU A 499 -5.83 -26.45 -13.55
CA GLU A 499 -4.81 -27.06 -12.71
C GLU A 499 -3.72 -27.67 -13.56
N THR A 500 -2.48 -27.59 -13.07
CA THR A 500 -1.36 -28.15 -13.81
C THR A 500 -1.47 -29.67 -13.85
N THR A 501 -1.15 -30.24 -15.00
CA THR A 501 -1.22 -31.68 -15.22
C THR A 501 0.18 -32.27 -15.17
N VAL A 502 0.33 -33.35 -14.39
CA VAL A 502 1.59 -34.08 -14.31
C VAL A 502 1.31 -35.49 -14.77
N GLU A 503 1.64 -35.79 -16.03
CA GLU A 503 1.40 -37.10 -16.60
C GLU A 503 2.45 -37.39 -17.67
N VAL A 504 2.52 -38.64 -18.08
CA VAL A 504 3.45 -39.07 -19.12
C VAL A 504 2.76 -38.86 -20.47
N PRO A 505 3.24 -37.95 -21.32
CA PRO A 505 2.53 -37.66 -22.57
C PRO A 505 2.57 -38.83 -23.52
N ASN A 506 1.57 -38.89 -24.40
CA ASN A 506 1.44 -39.96 -25.39
C ASN A 506 1.95 -39.55 -26.77
N VAL A 507 2.91 -38.64 -26.82
CA VAL A 507 3.50 -38.22 -28.09
C VAL A 507 4.76 -39.04 -28.33
N THR A 508 4.83 -39.67 -29.50
CA THR A 508 5.98 -40.47 -29.88
C THR A 508 6.84 -39.73 -30.89
N TRP A 509 8.03 -40.27 -31.13
CA TRP A 509 8.95 -39.63 -32.07
C TRP A 509 8.39 -39.63 -33.48
N ASP A 510 7.56 -40.61 -33.82
CA ASP A 510 7.05 -40.71 -35.18
C ASP A 510 6.14 -39.54 -35.54
N ASP A 511 5.59 -38.84 -34.55
CA ASP A 511 4.71 -37.72 -34.81
C ASP A 511 5.44 -36.41 -35.07
N ILE A 512 6.77 -36.38 -34.89
CA ILE A 512 7.53 -35.14 -35.06
C ILE A 512 8.75 -35.29 -35.94
N GLY A 513 9.22 -36.49 -36.25
CA GLY A 513 10.51 -36.62 -36.89
C GLY A 513 11.58 -36.09 -35.97
N GLY A 514 12.13 -34.92 -36.30
CA GLY A 514 13.01 -34.22 -35.40
C GLY A 514 14.48 -34.52 -35.54
N LEU A 515 14.93 -34.85 -36.75
CA LEU A 515 16.35 -35.11 -37.00
C LEU A 515 16.84 -36.27 -36.16
N GLU A 516 18.10 -36.66 -36.35
CA GLU A 516 18.76 -37.65 -35.50
C GLU A 516 19.79 -37.04 -34.58
N ASN A 517 20.33 -35.87 -34.90
CA ASN A 517 21.25 -35.20 -34.00
C ASN A 517 20.53 -34.76 -32.73
N VAL A 518 19.39 -34.08 -32.89
CA VAL A 518 18.61 -33.63 -31.74
C VAL A 518 18.14 -34.82 -30.91
N LYS A 519 17.69 -35.87 -31.59
CA LYS A 519 17.20 -37.05 -30.88
C LYS A 519 18.30 -37.68 -30.05
N ARG A 520 19.50 -37.81 -30.62
CA ARG A 520 20.61 -38.40 -29.87
C ARG A 520 21.03 -37.53 -28.71
N GLU A 521 21.09 -36.21 -28.92
CA GLU A 521 21.50 -35.33 -27.83
C GLU A 521 20.49 -35.39 -26.68
N LEU A 522 19.20 -35.36 -27.02
CA LEU A 522 18.18 -35.41 -25.98
C LEU A 522 18.19 -36.75 -25.27
N GLN A 523 18.40 -37.84 -26.00
CA GLN A 523 18.51 -39.14 -25.35
C GLN A 523 19.66 -39.15 -24.37
N GLU A 524 20.80 -38.63 -24.77
CA GLU A 524 21.97 -38.62 -23.90
C GLU A 524 21.69 -37.78 -22.66
N LEU A 525 20.95 -36.70 -22.79
CA LEU A 525 20.75 -35.80 -21.66
C LEU A 525 19.69 -36.32 -20.69
N VAL A 526 18.64 -36.98 -21.18
CA VAL A 526 17.50 -37.37 -20.36
C VAL A 526 17.48 -38.88 -20.11
N GLN A 527 17.53 -39.68 -21.18
CA GLN A 527 17.31 -41.11 -21.05
C GLN A 527 18.45 -41.79 -20.29
N TYR A 528 19.70 -41.50 -20.67
CA TYR A 528 20.83 -42.20 -20.05
C TYR A 528 20.87 -41.99 -18.54
N PRO A 529 20.76 -40.76 -18.01
CA PRO A 529 20.76 -40.61 -16.56
C PRO A 529 19.66 -41.39 -15.86
N VAL A 530 18.48 -41.47 -16.47
CA VAL A 530 17.34 -42.08 -15.79
C VAL A 530 17.45 -43.60 -15.82
N GLU A 531 17.64 -44.18 -17.01
CA GLU A 531 17.64 -45.63 -17.13
C GLU A 531 18.93 -46.28 -16.66
N HIS A 532 20.07 -45.63 -16.86
CA HIS A 532 21.39 -46.23 -16.62
C HIS A 532 22.22 -45.32 -15.74
N PRO A 533 21.86 -45.19 -14.46
CA PRO A 533 22.67 -44.36 -13.55
C PRO A 533 23.94 -45.04 -13.07
N ASP A 534 23.99 -46.37 -13.11
CA ASP A 534 25.18 -47.07 -12.63
C ASP A 534 26.41 -46.65 -13.40
N LYS A 535 26.26 -46.39 -14.70
CA LYS A 535 27.44 -46.02 -15.49
C LYS A 535 27.91 -44.60 -15.16
N PHE A 536 26.97 -43.69 -14.93
CA PHE A 536 27.37 -42.36 -14.49
C PHE A 536 28.07 -42.41 -13.14
N LEU A 537 27.57 -43.25 -12.23
CA LEU A 537 28.25 -43.43 -10.95
C LEU A 537 29.64 -44.03 -11.13
N LYS A 538 29.76 -45.00 -12.04
CA LYS A 538 31.04 -45.65 -12.28
C LYS A 538 32.07 -44.67 -12.82
N PHE A 539 31.68 -43.86 -13.81
CA PHE A 539 32.60 -42.90 -14.39
C PHE A 539 32.73 -41.63 -13.56
N GLY A 540 31.92 -41.47 -12.53
CA GLY A 540 32.10 -40.38 -11.59
C GLY A 540 31.94 -39.00 -12.19
N MET A 541 30.87 -38.80 -12.97
N MET A 541 30.90 -38.81 -13.01
CA MET A 541 30.56 -37.49 -13.53
CA MET A 541 30.53 -37.51 -13.56
C MET A 541 29.08 -37.19 -13.30
C MET A 541 29.08 -37.23 -13.18
N THR A 542 28.79 -35.98 -12.86
CA THR A 542 27.42 -35.58 -12.61
C THR A 542 26.81 -35.07 -13.91
N PRO A 543 25.79 -35.73 -14.45
CA PRO A 543 25.15 -35.20 -15.66
C PRO A 543 24.54 -33.83 -15.45
N SER A 544 24.58 -33.04 -16.53
CA SER A 544 24.09 -31.66 -16.50
C SER A 544 22.62 -31.66 -16.90
N LYS A 545 21.77 -31.18 -16.00
CA LYS A 545 20.35 -31.00 -16.25
C LYS A 545 20.10 -29.57 -16.74
N GLY A 546 19.57 -29.44 -17.93
CA GLY A 546 19.17 -28.15 -18.45
C GLY A 546 19.44 -28.03 -19.92
N VAL A 547 18.44 -27.59 -20.69
CA VAL A 547 18.59 -27.41 -22.12
C VAL A 547 17.74 -26.24 -22.55
N LEU A 548 18.22 -25.50 -23.55
CA LEU A 548 17.48 -24.40 -24.15
C LEU A 548 17.30 -24.68 -25.63
N PHE A 549 16.05 -24.86 -26.05
CA PHE A 549 15.70 -25.01 -27.45
C PHE A 549 15.49 -23.63 -28.06
N TYR A 550 16.10 -23.40 -29.22
CA TYR A 550 15.83 -22.19 -29.97
C TYR A 550 15.71 -22.53 -31.44
N GLY A 551 14.86 -21.79 -32.13
CA GLY A 551 14.56 -22.04 -33.52
C GLY A 551 13.35 -21.26 -33.95
N PRO A 552 13.05 -21.26 -35.24
CA PRO A 552 11.96 -20.43 -35.74
C PRO A 552 10.63 -20.93 -35.23
N PRO A 553 9.66 -20.04 -35.06
CA PRO A 553 8.40 -20.44 -34.42
C PRO A 553 7.69 -21.55 -35.19
N GLY A 554 7.03 -22.43 -34.43
CA GLY A 554 6.16 -23.43 -35.00
C GLY A 554 6.82 -24.74 -35.39
N CYS A 555 8.09 -24.94 -35.08
CA CYS A 555 8.76 -26.19 -35.45
C CYS A 555 8.50 -27.34 -34.49
N GLY A 556 7.80 -27.11 -33.38
CA GLY A 556 7.47 -28.18 -32.49
C GLY A 556 8.52 -28.51 -31.46
N LYS A 557 8.94 -27.51 -30.69
CA LYS A 557 9.83 -27.76 -29.57
C LYS A 557 9.07 -28.42 -28.41
N THR A 558 7.82 -27.99 -28.18
CA THR A 558 7.01 -28.60 -27.15
C THR A 558 6.80 -30.08 -27.42
N LEU A 559 6.53 -30.44 -28.68
CA LEU A 559 6.34 -31.84 -29.01
C LEU A 559 7.62 -32.63 -28.81
N LEU A 560 8.78 -32.03 -29.08
CA LEU A 560 10.04 -32.71 -28.82
C LEU A 560 10.22 -32.99 -27.33
N ALA A 561 9.90 -32.00 -26.49
CA ALA A 561 9.97 -32.23 -25.05
C ALA A 561 9.04 -33.35 -24.64
N LYS A 562 7.80 -33.34 -25.14
CA LYS A 562 6.86 -34.38 -24.79
C LYS A 562 7.36 -35.75 -25.24
N ALA A 563 7.95 -35.82 -26.43
CA ALA A 563 8.42 -37.10 -26.94
C ALA A 563 9.57 -37.64 -26.10
N ILE A 564 10.52 -36.80 -25.74
CA ILE A 564 11.64 -37.28 -24.93
C ILE A 564 11.14 -37.70 -23.55
N ALA A 565 10.13 -37.00 -23.02
CA ALA A 565 9.53 -37.45 -21.77
C ALA A 565 8.86 -38.81 -21.94
N ASN A 566 8.16 -39.01 -23.07
CA ASN A 566 7.45 -40.26 -23.29
C ASN A 566 8.41 -41.43 -23.40
N GLU A 567 9.53 -41.25 -24.10
CA GLU A 567 10.43 -42.37 -24.31
C GLU A 567 10.97 -42.89 -22.98
N CYS A 568 11.31 -42.00 -22.06
CA CYS A 568 11.85 -42.38 -20.77
C CYS A 568 10.78 -42.63 -19.71
N GLN A 569 9.50 -42.52 -20.09
CA GLN A 569 8.40 -42.70 -19.15
C GLN A 569 8.55 -41.76 -17.96
N ALA A 570 8.84 -40.49 -18.26
CA ALA A 570 9.01 -39.46 -17.24
C ALA A 570 7.84 -38.48 -17.32
N ASN A 571 7.43 -37.97 -16.17
CA ASN A 571 6.33 -37.02 -16.13
C ASN A 571 6.72 -35.73 -16.83
N PHE A 572 5.70 -35.01 -17.29
CA PHE A 572 5.89 -33.78 -18.05
C PHE A 572 5.04 -32.68 -17.42
N ILE A 573 5.68 -31.55 -17.12
CA ILE A 573 5.01 -30.37 -16.60
C ILE A 573 5.28 -29.22 -17.57
N SER A 574 4.22 -28.62 -18.09
CA SER A 574 4.32 -27.55 -19.07
C SER A 574 3.90 -26.24 -18.44
N ILE A 575 4.62 -25.17 -18.76
CA ILE A 575 4.34 -23.84 -18.23
C ILE A 575 4.62 -22.81 -19.30
N LYS A 576 3.78 -21.78 -19.33
CA LYS A 576 3.95 -20.67 -20.25
C LYS A 576 4.20 -19.40 -19.45
N GLY A 577 4.84 -18.43 -20.10
CA GLY A 577 5.19 -17.18 -19.46
C GLY A 577 3.99 -16.46 -18.89
N PRO A 578 2.92 -16.35 -19.67
CA PRO A 578 1.71 -15.69 -19.15
C PRO A 578 1.22 -16.29 -17.83
N GLU A 579 1.29 -17.60 -17.68
CA GLU A 579 0.88 -18.21 -16.41
C GLU A 579 1.73 -17.70 -15.26
N LEU A 580 3.04 -17.62 -15.46
CA LEU A 580 3.92 -17.18 -14.38
C LEU A 580 3.73 -15.71 -14.05
N LEU A 581 3.60 -14.86 -15.07
CA LEU A 581 3.44 -13.44 -14.81
C LEU A 581 2.16 -13.16 -14.04
N THR A 582 1.11 -13.94 -14.26
CA THR A 582 -0.13 -13.78 -13.53
C THR A 582 -0.04 -14.44 -12.16
N ASN A 591 3.83 -19.97 -7.41
CA ASN A 591 4.87 -19.28 -6.67
C ASN A 591 6.26 -19.61 -7.19
N VAL A 592 6.33 -20.36 -8.28
CA VAL A 592 7.59 -20.80 -8.89
C VAL A 592 8.21 -21.88 -8.01
N ARG A 593 8.33 -21.60 -6.71
CA ARG A 593 8.81 -22.61 -5.77
C ARG A 593 7.91 -23.85 -5.80
N ASP A 594 6.59 -23.63 -5.76
CA ASP A 594 5.67 -24.77 -5.74
C ASP A 594 5.82 -25.63 -7.00
N ILE A 595 6.10 -25.00 -8.13
CA ILE A 595 6.27 -25.73 -9.38
C ILE A 595 7.47 -26.66 -9.29
N PHE A 596 8.60 -26.15 -8.77
CA PHE A 596 9.78 -27.00 -8.64
C PHE A 596 9.58 -28.06 -7.59
N ASP A 597 8.82 -27.78 -6.54
CA ASP A 597 8.50 -28.83 -5.57
C ASP A 597 7.68 -29.94 -6.22
N LYS A 598 6.70 -29.57 -7.04
CA LYS A 598 5.92 -30.57 -7.75
C LYS A 598 6.82 -31.37 -8.68
N ALA A 599 7.79 -30.72 -9.31
CA ALA A 599 8.74 -31.44 -10.14
C ALA A 599 9.57 -32.42 -9.33
N ARG A 600 10.02 -32.00 -8.14
CA ARG A 600 10.79 -32.90 -7.28
C ARG A 600 9.96 -34.12 -6.89
N GLN A 601 8.68 -33.92 -6.60
CA GLN A 601 7.84 -35.04 -6.19
C GLN A 601 7.81 -36.11 -7.28
N ALA A 602 7.66 -35.71 -8.54
CA ALA A 602 7.79 -36.64 -9.65
C ALA A 602 9.25 -36.97 -9.84
N ALA A 603 9.59 -38.26 -9.75
CA ALA A 603 11.00 -38.63 -9.65
C ALA A 603 11.72 -38.32 -10.97
N PRO A 604 11.42 -38.99 -12.09
CA PRO A 604 11.83 -38.42 -13.37
C PRO A 604 10.78 -37.44 -13.88
N CYS A 605 11.19 -36.20 -14.11
CA CYS A 605 10.28 -35.19 -14.61
C CYS A 605 11.00 -34.33 -15.64
N VAL A 606 10.24 -33.85 -16.62
CA VAL A 606 10.72 -32.91 -17.62
C VAL A 606 9.93 -31.63 -17.44
N LEU A 607 10.55 -30.63 -16.84
CA LEU A 607 9.91 -29.34 -16.57
C LEU A 607 10.16 -28.42 -17.76
N PHE A 608 9.10 -27.99 -18.42
CA PHE A 608 9.18 -27.25 -19.67
C PHE A 608 8.72 -25.82 -19.44
N PHE A 609 9.55 -24.85 -19.83
CA PHE A 609 9.27 -23.43 -19.68
C PHE A 609 9.15 -22.82 -21.07
N ASP A 610 7.95 -22.84 -21.63
CA ASP A 610 7.72 -22.20 -22.91
C ASP A 610 7.66 -20.69 -22.74
N GLU A 611 7.96 -19.99 -23.82
CA GLU A 611 7.98 -18.53 -23.81
C GLU A 611 8.92 -18.01 -22.72
N LEU A 612 10.08 -18.65 -22.60
CA LEU A 612 11.04 -18.23 -21.59
C LEU A 612 11.45 -16.78 -21.78
N ASP A 613 11.51 -16.32 -23.04
CA ASP A 613 11.90 -14.96 -23.34
C ASP A 613 11.01 -13.90 -22.71
N SER A 614 9.77 -14.24 -22.37
CA SER A 614 8.90 -13.26 -21.74
C SER A 614 9.28 -13.00 -20.28
N ILE A 615 9.96 -13.96 -19.64
CA ILE A 615 10.38 -13.83 -18.25
C ILE A 615 11.80 -13.31 -18.22
N ALA A 616 12.74 -14.06 -18.80
CA ALA A 616 14.14 -13.69 -18.81
C ALA A 616 14.45 -12.83 -20.03
N LYS A 617 15.02 -11.65 -19.79
CA LYS A 617 15.33 -10.73 -20.87
C LYS A 617 16.16 -9.55 -20.37
N ALA A 629 7.80 -7.03 -12.07
CA ALA A 629 7.36 -8.41 -11.94
C ALA A 629 8.35 -9.35 -12.62
N ALA A 630 8.92 -8.90 -13.74
CA ALA A 630 9.88 -9.72 -14.46
C ALA A 630 11.11 -10.00 -13.61
N ASP A 631 11.63 -8.98 -12.92
CA ASP A 631 12.84 -9.17 -12.13
C ASP A 631 12.63 -10.22 -11.04
N ARG A 632 11.50 -10.14 -10.33
CA ARG A 632 11.24 -11.10 -9.26
C ARG A 632 11.19 -12.52 -9.80
N VAL A 633 10.48 -12.73 -10.91
CA VAL A 633 10.36 -14.07 -11.45
C VAL A 633 11.70 -14.59 -11.93
N ILE A 634 12.49 -13.75 -12.59
CA ILE A 634 13.80 -14.18 -13.06
C ILE A 634 14.66 -14.59 -11.88
N ASN A 635 14.68 -13.77 -10.82
CA ASN A 635 15.51 -14.08 -9.67
C ASN A 635 15.06 -15.36 -8.99
N GLN A 636 13.74 -15.55 -8.84
CA GLN A 636 13.26 -16.78 -8.23
C GLN A 636 13.63 -17.99 -9.07
N LEU A 637 13.50 -17.89 -10.39
CA LEU A 637 13.84 -19.00 -11.26
C LEU A 637 15.32 -19.34 -11.14
N LEU A 638 16.19 -18.33 -11.15
CA LEU A 638 17.62 -18.57 -11.01
C LEU A 638 17.92 -19.23 -9.67
N THR A 639 17.31 -18.73 -8.60
CA THR A 639 17.56 -19.29 -7.28
C THR A 639 17.14 -20.76 -7.21
N GLU A 640 15.99 -21.08 -7.79
CA GLU A 640 15.51 -22.46 -7.71
C GLU A 640 16.33 -23.39 -8.59
N MET A 641 16.76 -22.91 -9.77
CA MET A 641 17.62 -23.73 -10.62
C MET A 641 18.94 -24.00 -9.94
N ASP A 642 19.53 -22.98 -9.30
CA ASP A 642 20.77 -23.20 -8.58
C ASP A 642 20.58 -24.17 -7.42
N GLY A 643 19.41 -24.17 -6.81
CA GLY A 643 19.11 -25.04 -5.69
C GLY A 643 18.68 -26.43 -6.06
N MET A 644 18.67 -26.77 -7.35
CA MET A 644 18.28 -28.10 -7.79
C MET A 644 19.53 -28.97 -7.88
N SER A 645 19.59 -30.02 -7.06
CA SER A 645 20.75 -30.89 -7.07
C SER A 645 20.90 -31.55 -8.43
N ALA A 646 22.14 -31.67 -8.88
CA ALA A 646 22.44 -32.29 -10.17
C ALA A 646 22.37 -33.82 -10.12
N LYS A 647 21.90 -34.38 -9.00
CA LYS A 647 21.76 -35.82 -8.86
C LYS A 647 20.31 -36.28 -8.83
N LYS A 648 19.35 -35.36 -8.80
CA LYS A 648 17.94 -35.69 -8.84
C LYS A 648 17.44 -35.53 -10.27
N ASN A 649 16.62 -36.49 -10.71
CA ASN A 649 16.23 -36.57 -12.12
C ASN A 649 15.10 -35.58 -12.38
N VAL A 650 15.47 -34.31 -12.51
CA VAL A 650 14.55 -33.24 -12.88
C VAL A 650 15.24 -32.42 -13.96
N PHE A 651 14.77 -32.56 -15.20
CA PHE A 651 15.39 -31.92 -16.35
C PHE A 651 14.56 -30.71 -16.76
N ILE A 652 15.22 -29.56 -16.88
CA ILE A 652 14.58 -28.30 -17.20
C ILE A 652 14.87 -27.99 -18.66
N ILE A 653 13.82 -27.88 -19.47
CA ILE A 653 13.94 -27.57 -20.88
C ILE A 653 13.18 -26.26 -21.13
N GLY A 654 13.91 -25.22 -21.48
CA GLY A 654 13.30 -23.97 -21.88
C GLY A 654 13.22 -23.89 -23.38
N ALA A 655 12.28 -23.10 -23.87
CA ALA A 655 12.10 -22.92 -25.31
C ALA A 655 11.96 -21.42 -25.59
N THR A 656 12.68 -20.95 -26.59
CA THR A 656 12.65 -19.53 -26.94
C THR A 656 12.75 -19.37 -28.45
N ASN A 657 11.90 -18.51 -29.00
CA ASN A 657 11.96 -18.17 -30.42
C ASN A 657 12.88 -17.00 -30.70
N ARG A 658 13.35 -16.30 -29.67
CA ARG A 658 14.17 -15.11 -29.82
C ARG A 658 15.37 -15.24 -28.88
N PRO A 659 16.31 -16.13 -29.19
CA PRO A 659 17.41 -16.39 -28.25
C PRO A 659 18.28 -15.19 -27.97
N ASP A 660 18.32 -14.21 -28.88
CA ASP A 660 19.26 -13.12 -28.74
C ASP A 660 18.97 -12.20 -27.56
N ILE A 661 17.75 -12.22 -26.99
CA ILE A 661 17.48 -11.33 -25.86
C ILE A 661 17.49 -12.06 -24.52
N ILE A 662 17.62 -13.39 -24.51
CA ILE A 662 17.57 -14.12 -23.25
C ILE A 662 18.68 -13.61 -22.36
N ASP A 663 18.34 -13.32 -21.11
CA ASP A 663 19.33 -12.85 -20.15
C ASP A 663 20.45 -13.88 -20.02
N GLY A 664 21.68 -13.40 -20.04
CA GLY A 664 22.81 -14.31 -20.00
C GLY A 664 22.87 -15.14 -18.73
N ALA A 665 22.30 -14.62 -17.64
CA ALA A 665 22.36 -15.36 -16.38
C ALA A 665 21.74 -16.73 -16.51
N ILE A 666 20.69 -16.86 -17.32
CA ILE A 666 20.05 -18.15 -17.51
C ILE A 666 21.02 -19.14 -18.14
N LEU A 667 21.86 -18.67 -19.06
CA LEU A 667 22.73 -19.56 -19.82
C LEU A 667 24.03 -19.89 -19.09
N ARG A 668 24.21 -19.43 -17.86
CA ARG A 668 25.46 -19.68 -17.15
C ARG A 668 25.59 -21.17 -16.85
N PRO A 669 26.80 -21.73 -16.84
CA PRO A 669 26.95 -23.13 -16.49
C PRO A 669 26.31 -23.46 -15.15
N GLY A 670 25.63 -24.60 -15.11
CA GLY A 670 24.90 -25.03 -13.94
C GLY A 670 23.42 -24.72 -13.95
N ARG A 671 22.96 -23.86 -14.87
CA ARG A 671 21.55 -23.49 -14.93
C ARG A 671 20.90 -23.96 -16.22
N LEU A 672 21.33 -23.43 -17.37
CA LEU A 672 20.87 -23.91 -18.67
C LEU A 672 22.04 -23.69 -19.64
N ASP A 673 22.90 -24.68 -19.75
CA ASP A 673 24.19 -24.49 -20.41
C ASP A 673 24.30 -25.22 -21.74
N GLN A 674 23.26 -25.93 -22.16
CA GLN A 674 23.28 -26.67 -23.42
C GLN A 674 22.20 -26.10 -24.33
N LEU A 675 22.62 -25.54 -25.45
CA LEU A 675 21.72 -24.92 -26.41
C LEU A 675 21.55 -25.83 -27.61
N ILE A 676 20.30 -26.08 -27.99
CA ILE A 676 19.98 -26.92 -29.14
C ILE A 676 19.13 -26.12 -30.12
N TYR A 677 19.47 -26.24 -31.39
CA TYR A 677 18.83 -25.51 -32.47
C TYR A 677 17.86 -26.43 -33.19
N ILE A 678 16.58 -26.08 -33.16
CA ILE A 678 15.54 -26.86 -33.82
C ILE A 678 15.23 -26.18 -35.15
N PRO A 679 15.67 -26.71 -36.29
CA PRO A 679 15.50 -26.00 -37.56
C PRO A 679 14.16 -26.28 -38.21
N LEU A 680 13.94 -25.69 -39.38
CA LEU A 680 12.73 -25.99 -40.14
C LEU A 680 12.77 -27.45 -40.61
N PRO A 681 11.66 -28.15 -40.60
CA PRO A 681 11.69 -29.58 -40.92
C PRO A 681 12.17 -29.85 -42.33
N ASP A 682 12.85 -30.97 -42.50
CA ASP A 682 13.31 -31.42 -43.81
C ASP A 682 12.21 -32.29 -44.44
N GLU A 683 12.55 -32.95 -45.55
CA GLU A 683 11.54 -33.67 -46.31
C GLU A 683 10.88 -34.77 -45.48
N ALA A 684 11.70 -35.63 -44.86
CA ALA A 684 11.14 -36.74 -44.10
C ALA A 684 10.33 -36.22 -42.92
N SER A 685 10.83 -35.18 -42.25
CA SER A 685 10.10 -34.60 -41.13
C SER A 685 8.75 -34.04 -41.60
N ARG A 686 8.74 -33.40 -42.77
CA ARG A 686 7.48 -32.88 -43.30
C ARG A 686 6.51 -34.01 -43.62
N VAL A 687 7.02 -35.12 -44.16
CA VAL A 687 6.15 -36.26 -44.45
C VAL A 687 5.54 -36.77 -43.15
N ASN A 688 6.35 -36.91 -42.10
CA ASN A 688 5.82 -37.38 -40.82
C ASN A 688 4.80 -36.41 -40.25
N ILE A 689 5.06 -35.11 -40.35
CA ILE A 689 4.12 -34.12 -39.83
C ILE A 689 2.80 -34.21 -40.56
N LEU A 690 2.84 -34.28 -41.89
CA LEU A 690 1.61 -34.34 -42.67
C LEU A 690 0.83 -35.61 -42.35
N LYS A 691 1.53 -36.74 -42.21
CA LYS A 691 0.83 -37.97 -41.86
C LYS A 691 0.19 -37.86 -40.48
N ALA A 692 0.90 -37.25 -39.52
CA ALA A 692 0.35 -37.13 -38.17
C ALA A 692 -0.88 -36.24 -38.15
N ASN A 693 -0.85 -35.13 -38.88
CA ASN A 693 -2.00 -34.22 -38.91
C ASN A 693 -3.21 -34.89 -39.53
N LEU A 694 -2.99 -35.67 -40.58
CA LEU A 694 -4.08 -36.30 -41.32
C LEU A 694 -4.42 -37.68 -40.80
N ARG A 695 -3.93 -38.06 -39.63
CA ARG A 695 -4.18 -39.41 -39.12
C ARG A 695 -5.66 -39.63 -38.85
N LYS A 696 -6.35 -38.65 -38.30
CA LYS A 696 -7.74 -38.79 -37.91
C LYS A 696 -8.72 -38.40 -39.02
N SER A 697 -8.23 -38.02 -40.19
CA SER A 697 -9.14 -37.56 -41.25
C SER A 697 -9.37 -38.65 -42.28
N PRO A 698 -10.58 -38.77 -42.84
CA PRO A 698 -10.79 -39.71 -43.94
C PRO A 698 -10.15 -39.24 -45.23
N ILE A 699 -8.85 -39.46 -45.36
CA ILE A 699 -8.10 -39.01 -46.52
C ILE A 699 -8.30 -39.99 -47.67
N ALA A 700 -8.16 -39.48 -48.89
CA ALA A 700 -8.35 -40.29 -50.09
C ALA A 700 -7.10 -41.12 -50.37
N ARG A 701 -7.13 -41.87 -51.47
CA ARG A 701 -6.06 -42.79 -51.83
C ARG A 701 -5.08 -42.20 -52.81
N ASP A 702 -5.56 -41.53 -53.85
CA ASP A 702 -4.68 -41.06 -54.91
C ASP A 702 -3.90 -39.82 -54.48
N VAL A 703 -4.21 -39.25 -53.32
CA VAL A 703 -3.35 -38.22 -52.75
C VAL A 703 -2.06 -38.88 -52.26
N ASP A 704 -0.93 -38.25 -52.58
CA ASP A 704 0.38 -38.77 -52.20
C ASP A 704 1.04 -37.77 -51.27
N ILE A 705 1.24 -38.18 -50.01
CA ILE A 705 1.86 -37.30 -49.03
C ILE A 705 3.29 -36.97 -49.43
N ASN A 706 3.96 -37.88 -50.15
CA ASN A 706 5.33 -37.61 -50.57
C ASN A 706 5.41 -36.39 -51.46
N PHE A 707 4.51 -36.28 -52.43
CA PHE A 707 4.53 -35.12 -53.31
C PHE A 707 4.22 -33.85 -52.54
N LEU A 708 3.29 -33.92 -51.59
CA LEU A 708 2.96 -32.73 -50.81
C LEU A 708 4.15 -32.28 -49.98
N ALA A 709 4.88 -33.23 -49.39
CA ALA A 709 6.10 -32.89 -48.67
C ALA A 709 7.14 -32.27 -49.60
N LYS A 710 7.27 -32.82 -50.81
CA LYS A 710 8.23 -32.27 -51.76
C LYS A 710 7.87 -30.84 -52.12
N ALA A 711 6.58 -30.57 -52.33
CA ALA A 711 6.16 -29.23 -52.70
C ALA A 711 6.44 -28.23 -51.59
N THR A 712 6.21 -28.63 -50.34
CA THR A 712 6.35 -27.74 -49.19
C THR A 712 7.80 -27.79 -48.70
N GLN A 713 8.53 -26.71 -48.93
CA GLN A 713 9.87 -26.55 -48.41
C GLN A 713 9.97 -25.18 -47.75
N GLY A 714 10.61 -25.14 -46.59
CA GLY A 714 10.60 -23.93 -45.78
C GLY A 714 9.31 -23.70 -45.04
N PHE A 715 8.41 -24.68 -45.04
CA PHE A 715 7.15 -24.58 -44.30
C PHE A 715 7.33 -25.15 -42.91
N SER A 716 6.95 -24.38 -41.90
CA SER A 716 7.01 -24.85 -40.53
C SER A 716 5.84 -25.79 -40.26
N GLY A 717 5.83 -26.38 -39.06
CA GLY A 717 4.75 -27.28 -38.71
C GLY A 717 3.40 -26.59 -38.70
N ALA A 718 3.36 -25.35 -38.22
CA ALA A 718 2.11 -24.60 -38.20
C ALA A 718 1.57 -24.40 -39.62
N ASP A 719 2.47 -24.14 -40.57
CA ASP A 719 2.03 -23.97 -41.96
C ASP A 719 1.39 -25.24 -42.50
N LEU A 720 2.01 -26.39 -42.23
CA LEU A 720 1.43 -27.65 -42.69
C LEU A 720 0.09 -27.92 -42.03
N THR A 721 -0.02 -27.61 -40.73
CA THR A 721 -1.29 -27.77 -40.05
C THR A 721 -2.36 -26.87 -40.69
N GLU A 722 -1.99 -25.63 -41.01
CA GLU A 722 -2.94 -24.72 -41.66
C GLU A 722 -3.36 -25.27 -43.03
N ILE A 723 -2.43 -25.84 -43.76
CA ILE A 723 -2.74 -26.42 -45.06
C ILE A 723 -3.79 -27.52 -44.90
N CYS A 724 -3.57 -28.41 -43.93
CA CYS A 724 -4.52 -29.49 -43.70
C CYS A 724 -5.87 -28.95 -43.26
N GLN A 725 -5.87 -27.93 -42.39
CA GLN A 725 -7.13 -27.33 -41.96
C GLN A 725 -7.89 -26.76 -43.14
N ARG A 726 -7.19 -26.08 -44.05
CA ARG A 726 -7.85 -25.49 -45.20
C ARG A 726 -8.44 -26.56 -46.11
N ALA A 727 -7.68 -27.63 -46.36
CA ALA A 727 -8.23 -28.71 -47.17
C ALA A 727 -9.49 -29.27 -46.55
N CYS A 728 -9.48 -29.49 -45.24
CA CYS A 728 -10.67 -30.04 -44.60
C CYS A 728 -11.83 -29.06 -44.65
N LYS A 729 -11.56 -27.76 -44.52
CA LYS A 729 -12.63 -26.78 -44.60
C LYS A 729 -13.26 -26.78 -45.98
N GLN A 730 -12.44 -26.88 -47.02
CA GLN A 730 -12.98 -27.00 -48.37
C GLN A 730 -13.87 -28.23 -48.48
N ALA A 731 -13.42 -29.35 -47.91
CA ALA A 731 -14.21 -30.58 -47.96
C ALA A 731 -15.55 -30.40 -47.26
N ILE A 732 -15.55 -29.76 -46.09
CA ILE A 732 -16.79 -29.56 -45.36
C ILE A 732 -17.75 -28.68 -46.16
N ARG A 733 -17.22 -27.62 -46.78
CA ARG A 733 -18.08 -26.77 -47.59
C ARG A 733 -18.69 -27.56 -48.74
N GLU A 734 -17.88 -28.39 -49.40
CA GLU A 734 -18.40 -29.18 -50.50
C GLU A 734 -19.50 -30.12 -50.02
N SER A 735 -19.30 -30.74 -48.86
CA SER A 735 -20.33 -31.63 -48.32
C SER A 735 -21.62 -30.89 -48.02
N ILE A 736 -21.51 -29.69 -47.42
CA ILE A 736 -22.70 -28.91 -47.12
C ILE A 736 -23.45 -28.58 -48.41
N GLU A 737 -22.72 -28.09 -49.43
CA GLU A 737 -23.38 -27.71 -50.66
C GLU A 737 -24.01 -28.91 -51.34
N ALA A 738 -23.33 -30.06 -51.33
CA ALA A 738 -23.90 -31.26 -51.94
C ALA A 738 -25.17 -31.67 -51.23
N GLU A 739 -25.19 -31.62 -49.90
CA GLU A 739 -26.40 -31.96 -49.16
C GLU A 739 -27.54 -30.99 -49.49
N ILE A 740 -27.23 -29.70 -49.56
CA ILE A 740 -28.26 -28.71 -49.88
C ILE A 740 -28.83 -28.99 -51.27
N ARG A 741 -27.97 -29.23 -52.25
CA ARG A 741 -28.45 -29.51 -53.60
C ARG A 741 -29.27 -30.79 -53.63
N ALA A 742 -28.86 -31.81 -52.89
CA ALA A 742 -29.63 -33.04 -52.82
C ALA A 742 -31.01 -32.80 -52.23
N GLU A 743 -31.10 -31.91 -51.24
CA GLU A 743 -32.40 -31.60 -50.66
C GLU A 743 -33.34 -31.01 -51.71
N SER A 744 -32.84 -30.12 -52.55
CA SER A 744 -33.64 -29.52 -53.60
C SER A 744 -33.89 -30.52 -54.73
N ASP A 758 -22.31 -41.08 -49.14
CA ASP A 758 -22.18 -39.63 -49.13
C ASP A 758 -21.61 -39.14 -50.44
N PRO A 759 -21.87 -37.87 -50.79
CA PRO A 759 -21.36 -37.35 -52.06
C PRO A 759 -19.88 -36.99 -52.00
N VAL A 760 -19.41 -36.65 -50.80
CA VAL A 760 -18.00 -36.34 -50.57
C VAL A 760 -17.51 -37.16 -49.38
N PRO A 761 -17.12 -38.42 -49.59
CA PRO A 761 -16.78 -39.27 -48.43
C PRO A 761 -15.39 -39.05 -47.87
N GLU A 762 -14.49 -38.41 -48.62
CA GLU A 762 -13.12 -38.25 -48.18
C GLU A 762 -12.53 -37.01 -48.85
N ILE A 763 -11.41 -36.56 -48.31
CA ILE A 763 -10.72 -35.38 -48.83
C ILE A 763 -9.99 -35.77 -50.11
N THR A 764 -10.38 -35.15 -51.23
CA THR A 764 -9.82 -35.47 -52.52
C THR A 764 -8.59 -34.60 -52.79
N ARG A 765 -8.06 -34.66 -54.00
CA ARG A 765 -6.88 -33.87 -54.33
C ARG A 765 -7.23 -32.40 -54.48
N ARG A 766 -8.32 -32.11 -55.19
CA ARG A 766 -8.67 -30.72 -55.48
C ARG A 766 -8.70 -29.89 -54.21
N HIS A 767 -9.11 -30.49 -53.10
CA HIS A 767 -9.09 -29.79 -51.83
C HIS A 767 -7.67 -29.37 -51.46
N PHE A 768 -6.70 -30.27 -51.65
CA PHE A 768 -5.33 -29.95 -51.30
C PHE A 768 -4.74 -28.91 -52.25
N GLU A 769 -5.05 -28.98 -53.54
CA GLU A 769 -4.55 -27.92 -54.43
C GLU A 769 -5.16 -26.58 -54.07
N GLU A 770 -6.45 -26.55 -53.75
CA GLU A 770 -7.06 -25.29 -53.34
C GLU A 770 -6.42 -24.74 -52.08
N ALA A 771 -6.15 -25.61 -51.10
CA ALA A 771 -5.49 -25.16 -49.88
C ALA A 771 -4.09 -24.63 -50.18
N MET A 772 -3.33 -25.35 -51.01
CA MET A 772 -1.98 -24.92 -51.34
C MET A 772 -1.95 -23.62 -52.13
N ARG A 773 -3.02 -23.33 -52.89
CA ARG A 773 -3.05 -22.11 -53.66
C ARG A 773 -2.75 -20.90 -52.79
N PHE A 774 -3.31 -20.88 -51.58
CA PHE A 774 -3.16 -19.75 -50.68
C PHE A 774 -2.09 -19.98 -49.62
N ALA A 775 -1.41 -21.12 -49.64
CA ALA A 775 -0.40 -21.43 -48.64
C ALA A 775 0.76 -20.46 -48.74
N ARG A 776 1.19 -19.92 -47.61
CA ARG A 776 2.29 -18.97 -47.55
C ARG A 776 3.25 -19.35 -46.43
N ARG A 777 4.54 -19.27 -46.72
CA ARG A 777 5.56 -19.54 -45.72
C ARG A 777 5.51 -18.49 -44.61
N SER A 778 5.84 -18.91 -43.40
CA SER A 778 5.80 -18.04 -42.23
C SER A 778 7.18 -17.61 -41.75
N VAL A 779 8.24 -18.27 -42.20
CA VAL A 779 9.61 -17.95 -41.79
C VAL A 779 10.38 -17.53 -43.04
N THR A 780 10.96 -16.33 -42.98
CA THR A 780 11.72 -15.79 -44.10
C THR A 780 13.15 -16.29 -44.06
N GLU A 781 13.80 -16.28 -45.21
CA GLU A 781 15.20 -16.69 -45.26
C GLU A 781 16.06 -15.80 -44.37
N ASN A 782 15.65 -14.57 -44.15
CA ASN A 782 16.39 -13.68 -43.26
C ASN A 782 16.37 -14.21 -41.83
N ASP A 783 15.21 -14.67 -41.36
CA ASP A 783 15.13 -15.21 -40.01
C ASP A 783 15.95 -16.49 -39.88
N VAL A 784 15.90 -17.36 -40.88
CA VAL A 784 16.69 -18.58 -40.84
C VAL A 784 18.17 -18.24 -40.79
N ARG A 785 18.58 -17.25 -41.57
CA ARG A 785 19.98 -16.82 -41.53
C ARG A 785 20.34 -16.24 -40.17
N LYS A 786 19.42 -15.52 -39.54
CA LYS A 786 19.69 -15.00 -38.21
C LYS A 786 19.92 -16.12 -37.22
N TYR A 787 19.07 -17.16 -37.26
CA TYR A 787 19.26 -18.29 -36.37
C TYR A 787 20.56 -19.02 -36.66
N GLU A 788 20.90 -19.19 -37.94
CA GLU A 788 22.16 -19.84 -38.28
C GLU A 788 23.34 -19.02 -37.77
N MET A 789 23.24 -17.69 -37.84
CA MET A 789 24.30 -16.85 -37.31
C MET A 789 24.43 -17.02 -35.80
N PHE A 790 23.30 -17.03 -35.09
CA PHE A 790 23.36 -17.28 -33.65
C PHE A 790 24.00 -18.61 -33.35
N ALA A 791 23.77 -19.60 -34.21
CA ALA A 791 24.45 -20.89 -34.05
C ALA A 791 25.95 -20.75 -34.29
N GLN A 792 26.33 -19.95 -35.29
CA GLN A 792 27.75 -19.76 -35.59
C GLN A 792 28.48 -19.12 -34.43
N THR A 793 27.88 -18.09 -33.82
CA THR A 793 28.51 -17.47 -32.66
C THR A 793 28.75 -18.48 -31.56
N LEU A 794 27.96 -19.55 -31.53
CA LEU A 794 28.18 -20.63 -30.57
C LEU A 794 29.22 -21.61 -31.11
N GLU B 228 -44.03 21.32 22.50
CA GLU B 228 -44.99 20.33 22.03
C GLU B 228 -45.93 20.95 21.01
N GLU B 229 -46.60 22.03 21.40
CA GLU B 229 -47.50 22.71 20.48
C GLU B 229 -46.75 23.27 19.28
N LYS B 230 -45.56 23.83 19.50
CA LYS B 230 -44.78 24.40 18.41
C LYS B 230 -44.43 23.34 17.37
N LEU B 231 -44.01 22.16 17.82
CA LEU B 231 -43.63 21.11 16.88
C LEU B 231 -44.84 20.63 16.07
N ASN B 232 -45.99 20.50 16.72
CA ASN B 232 -47.18 19.99 16.06
C ASN B 232 -47.91 21.06 15.26
N GLU B 233 -47.25 22.19 14.97
CA GLU B 233 -47.87 23.26 14.21
C GLU B 233 -46.96 23.80 13.10
N ILE B 234 -45.97 23.01 12.67
CA ILE B 234 -45.10 23.40 11.58
C ILE B 234 -45.55 22.71 10.31
N GLY B 235 -45.66 23.46 9.23
CA GLY B 235 -46.11 22.92 7.97
C GLY B 235 -45.19 23.26 6.83
N TYR B 236 -45.74 23.26 5.61
CA TYR B 236 -44.92 23.53 4.43
C TYR B 236 -44.43 24.97 4.39
N ASP B 237 -45.09 25.88 5.10
CA ASP B 237 -44.70 27.28 5.09
C ASP B 237 -43.51 27.56 5.99
N ASP B 238 -43.17 26.64 6.90
CA ASP B 238 -42.06 26.81 7.81
C ASP B 238 -40.77 26.15 7.32
N ILE B 239 -40.79 25.56 6.13
CA ILE B 239 -39.60 24.97 5.52
C ILE B 239 -39.28 25.78 4.27
N GLY B 240 -38.02 26.18 4.14
CA GLY B 240 -37.59 26.96 2.99
C GLY B 240 -36.35 26.37 2.36
N GLY B 241 -36.16 26.71 1.09
CA GLY B 241 -35.01 26.26 0.33
C GLY B 241 -35.24 25.02 -0.48
N CYS B 242 -36.39 24.37 -0.31
CA CYS B 242 -36.76 23.19 -1.08
C CYS B 242 -38.24 23.35 -1.43
N ARG B 243 -38.51 23.78 -2.66
CA ARG B 243 -39.90 23.91 -3.11
C ARG B 243 -40.28 22.87 -4.15
N LYS B 244 -39.34 22.42 -4.99
CA LYS B 244 -39.63 21.31 -5.90
C LYS B 244 -39.71 20.01 -5.13
N GLN B 245 -38.77 19.78 -4.21
CA GLN B 245 -38.75 18.53 -3.46
C GLN B 245 -39.96 18.42 -2.55
N LEU B 246 -40.40 19.53 -1.96
CA LEU B 246 -41.60 19.47 -1.14
C LEU B 246 -42.82 19.11 -1.97
N ALA B 247 -42.93 19.64 -3.18
CA ALA B 247 -44.04 19.26 -4.04
C ALA B 247 -43.97 17.78 -4.39
N GLN B 248 -42.78 17.27 -4.69
CA GLN B 248 -42.63 15.85 -4.97
C GLN B 248 -43.09 15.01 -3.79
N ILE B 249 -42.59 15.34 -2.60
CA ILE B 249 -42.94 14.56 -1.41
C ILE B 249 -44.41 14.69 -1.09
N LYS B 250 -45.00 15.87 -1.33
CA LYS B 250 -46.41 16.06 -1.11
C LYS B 250 -47.23 15.13 -2.00
N GLU B 251 -46.97 15.16 -3.30
CA GLU B 251 -47.66 14.25 -4.21
C GLU B 251 -47.45 12.81 -3.79
N MET B 252 -46.23 12.47 -3.37
CA MET B 252 -45.86 11.08 -3.17
C MET B 252 -46.44 10.50 -1.89
N VAL B 253 -46.55 11.31 -0.84
CA VAL B 253 -46.99 10.84 0.48
C VAL B 253 -48.41 11.31 0.79
N GLU B 254 -48.66 12.61 0.71
CA GLU B 254 -49.86 13.18 1.31
C GLU B 254 -51.12 12.70 0.59
N LEU B 255 -51.10 12.70 -0.74
CA LEU B 255 -52.26 12.22 -1.49
C LEU B 255 -52.58 10.76 -1.22
N PRO B 256 -51.64 9.82 -1.29
CA PRO B 256 -52.00 8.43 -0.94
C PRO B 256 -52.57 8.31 0.46
N LEU B 257 -52.09 9.10 1.42
CA LEU B 257 -52.56 8.99 2.79
C LEU B 257 -53.84 9.75 3.05
N ARG B 258 -54.33 10.55 2.09
CA ARG B 258 -55.61 11.22 2.23
C ARG B 258 -56.72 10.59 1.39
N HIS B 259 -56.41 10.09 0.20
CA HIS B 259 -57.40 9.48 -0.68
C HIS B 259 -56.88 8.12 -1.15
N PRO B 260 -56.76 7.15 -0.24
CA PRO B 260 -56.21 5.85 -0.64
C PRO B 260 -57.04 5.16 -1.70
N GLN B 261 -58.35 5.40 -1.73
CA GLN B 261 -59.22 4.66 -2.63
C GLN B 261 -58.86 4.89 -4.09
N LEU B 262 -58.58 6.15 -4.45
CA LEU B 262 -58.26 6.45 -5.84
C LEU B 262 -56.99 5.73 -6.29
N PHE B 263 -55.93 5.83 -5.49
CA PHE B 263 -54.67 5.20 -5.85
C PHE B 263 -54.82 3.68 -5.88
N LYS B 264 -55.55 3.11 -4.93
CA LYS B 264 -55.77 1.67 -4.95
C LYS B 264 -56.54 1.23 -6.19
N ALA B 265 -57.54 2.01 -6.58
CA ALA B 265 -58.33 1.66 -7.75
C ALA B 265 -57.50 1.70 -9.01
N ILE B 266 -56.78 2.80 -9.25
CA ILE B 266 -55.99 2.91 -10.47
C ILE B 266 -54.92 1.83 -10.51
N GLY B 267 -54.25 1.59 -9.38
CA GLY B 267 -53.20 0.59 -9.31
C GLY B 267 -51.83 1.18 -9.05
N VAL B 268 -51.77 2.28 -8.31
CA VAL B 268 -50.52 2.91 -7.93
C VAL B 268 -50.10 2.38 -6.57
N LYS B 269 -48.83 2.00 -6.46
CA LYS B 269 -48.30 1.48 -5.21
C LYS B 269 -47.64 2.60 -4.43
N PRO B 270 -48.15 2.99 -3.26
CA PRO B 270 -47.49 4.04 -2.50
C PRO B 270 -46.11 3.60 -2.04
N PRO B 271 -45.16 4.52 -1.92
CA PRO B 271 -43.81 4.11 -1.58
C PRO B 271 -43.68 3.65 -0.14
N ARG B 272 -42.66 2.85 0.11
CA ARG B 272 -42.35 2.35 1.44
C ARG B 272 -41.16 3.05 2.07
N GLY B 273 -40.12 3.33 1.28
CA GLY B 273 -38.91 3.92 1.81
C GLY B 273 -38.46 5.17 1.07
N ILE B 274 -38.39 6.27 1.80
CA ILE B 274 -37.97 7.56 1.27
C ILE B 274 -36.70 7.96 2.00
N LEU B 275 -35.62 8.13 1.26
CA LEU B 275 -34.33 8.54 1.81
C LEU B 275 -34.03 9.94 1.33
N LEU B 276 -33.98 10.88 2.26
CA LEU B 276 -33.65 12.27 1.98
C LEU B 276 -32.19 12.48 2.29
N TYR B 277 -31.41 12.91 1.31
CA TYR B 277 -29.99 13.14 1.50
C TYR B 277 -29.61 14.52 1.01
N GLY B 278 -28.52 15.04 1.57
CA GLY B 278 -28.03 16.36 1.24
C GLY B 278 -27.08 16.86 2.29
N PRO B 279 -26.53 18.06 2.08
CA PRO B 279 -25.58 18.61 3.04
C PRO B 279 -26.27 19.03 4.32
N PRO B 280 -25.54 19.12 5.43
CA PRO B 280 -26.18 19.47 6.70
C PRO B 280 -26.75 20.88 6.70
N GLY B 281 -27.77 21.07 7.53
CA GLY B 281 -28.36 22.36 7.74
C GLY B 281 -29.46 22.75 6.78
N THR B 282 -29.83 21.86 5.86
CA THR B 282 -30.76 22.25 4.81
C THR B 282 -32.18 22.40 5.34
N GLY B 283 -32.62 21.46 6.16
CA GLY B 283 -33.98 21.48 6.67
C GLY B 283 -34.73 20.20 6.38
N LYS B 284 -34.01 19.16 5.93
CA LYS B 284 -34.63 17.88 5.68
C LYS B 284 -35.11 17.20 6.94
N THR B 285 -34.70 17.69 8.12
CA THR B 285 -35.18 17.12 9.37
C THR B 285 -36.62 17.55 9.65
N LEU B 286 -37.04 18.69 9.12
CA LEU B 286 -38.40 19.17 9.32
C LEU B 286 -39.37 18.73 8.24
N VAL B 287 -38.89 18.15 7.14
CA VAL B 287 -39.76 17.78 6.04
C VAL B 287 -40.74 16.70 6.46
N ALA B 288 -40.24 15.67 7.14
CA ALA B 288 -41.10 14.58 7.56
C ALA B 288 -42.20 15.07 8.49
N ARG B 289 -41.85 15.94 9.43
N ARG B 289 -41.84 15.94 9.43
CA ARG B 289 -42.86 16.45 10.35
CA ARG B 289 -42.82 16.49 10.36
C ARG B 289 -43.89 17.31 9.62
C ARG B 289 -43.87 17.31 9.62
N ALA B 290 -43.43 18.12 8.65
CA ALA B 290 -44.39 18.92 7.90
C ALA B 290 -45.36 18.03 7.13
N VAL B 291 -44.85 16.97 6.51
CA VAL B 291 -45.70 16.05 5.78
C VAL B 291 -46.71 15.39 6.73
N ALA B 292 -46.23 14.94 7.89
CA ALA B 292 -47.10 14.27 8.84
C ALA B 292 -48.18 15.21 9.33
N ASN B 293 -47.84 16.46 9.61
CA ASN B 293 -48.81 17.40 10.15
C ASN B 293 -49.82 17.82 9.10
N GLU B 294 -49.38 18.04 7.87
CA GLU B 294 -50.31 18.46 6.83
C GLU B 294 -51.22 17.31 6.39
N SER B 295 -50.70 16.08 6.41
CA SER B 295 -51.52 14.92 6.10
C SER B 295 -52.35 14.43 7.27
N GLY B 296 -52.09 14.92 8.48
CA GLY B 296 -52.83 14.48 9.64
C GLY B 296 -52.44 13.12 10.15
N SER B 297 -51.26 12.63 9.76
CA SER B 297 -50.85 11.28 10.12
C SER B 297 -49.99 11.28 11.37
N PHE B 298 -50.03 10.16 12.09
CA PHE B 298 -49.22 9.99 13.29
C PHE B 298 -47.74 10.05 12.92
N PHE B 299 -46.94 10.60 13.83
CA PHE B 299 -45.52 10.82 13.59
C PHE B 299 -44.71 10.23 14.73
N PHE B 300 -43.73 9.38 14.39
CA PHE B 300 -42.80 8.83 15.35
C PHE B 300 -41.38 9.12 14.88
N LEU B 301 -40.53 9.51 15.82
CA LEU B 301 -39.17 9.93 15.54
C LEU B 301 -38.18 8.94 16.14
N ILE B 302 -37.17 8.59 15.36
CA ILE B 302 -36.07 7.74 15.80
C ILE B 302 -34.78 8.48 15.56
N ASN B 303 -34.02 8.71 16.63
CA ASN B 303 -32.70 9.34 16.55
C ASN B 303 -31.64 8.26 16.58
N GLY B 304 -30.75 8.27 15.60
CA GLY B 304 -29.70 7.28 15.52
C GLY B 304 -28.81 7.29 16.74
N PRO B 305 -28.30 8.46 17.11
CA PRO B 305 -27.50 8.54 18.34
C PRO B 305 -28.23 8.07 19.57
N GLU B 306 -29.51 8.38 19.70
CA GLU B 306 -30.26 7.96 20.88
C GLU B 306 -30.46 6.46 20.90
N ILE B 307 -30.74 5.85 19.75
CA ILE B 307 -30.91 4.41 19.70
C ILE B 307 -29.59 3.71 19.99
N MET B 308 -28.49 4.23 19.45
CA MET B 308 -27.19 3.58 19.61
C MET B 308 -26.52 3.90 20.93
N SER B 309 -27.10 4.77 21.75
CA SER B 309 -26.57 5.07 23.07
C SER B 309 -27.12 4.14 24.14
N LYS B 310 -28.07 3.27 23.80
CA LYS B 310 -28.66 2.35 24.75
C LYS B 310 -27.88 1.04 24.77
N LEU B 311 -28.24 0.17 25.70
CA LEU B 311 -27.57 -1.11 25.84
C LEU B 311 -27.91 -2.02 24.66
N ALA B 312 -27.38 -3.24 24.70
CA ALA B 312 -27.51 -4.13 23.55
C ALA B 312 -28.96 -4.39 23.20
N GLY B 313 -29.78 -4.77 24.18
CA GLY B 313 -31.15 -5.14 23.91
C GLY B 313 -32.11 -3.96 23.86
N GLU B 314 -31.77 -2.87 24.54
CA GLU B 314 -32.67 -1.73 24.61
C GLU B 314 -32.84 -1.08 23.24
N SER B 315 -31.77 -1.05 22.44
CA SER B 315 -31.88 -0.46 21.11
C SER B 315 -32.86 -1.24 20.24
N GLU B 316 -32.73 -2.56 20.21
CA GLU B 316 -33.66 -3.37 19.43
C GLU B 316 -35.08 -3.27 19.97
N SER B 317 -35.22 -3.24 21.29
CA SER B 317 -36.55 -3.08 21.87
C SER B 317 -37.17 -1.76 21.42
N ASN B 318 -36.38 -0.69 21.39
CA ASN B 318 -36.92 0.61 20.99
C ASN B 318 -37.31 0.63 19.53
N LEU B 319 -36.49 0.03 18.65
CA LEU B 319 -36.86 -0.01 17.24
C LEU B 319 -38.16 -0.79 17.05
N ARG B 320 -38.27 -1.95 17.71
CA ARG B 320 -39.48 -2.75 17.57
C ARG B 320 -40.69 -2.00 18.10
N LYS B 321 -40.55 -1.34 19.25
CA LYS B 321 -41.67 -0.58 19.80
C LYS B 321 -42.07 0.55 18.86
N ALA B 322 -41.10 1.20 18.25
CA ALA B 322 -41.40 2.27 17.30
C ALA B 322 -42.27 1.73 16.16
N PHE B 323 -41.83 0.64 15.54
CA PHE B 323 -42.60 0.10 14.42
C PHE B 323 -43.97 -0.40 14.86
N GLU B 324 -44.04 -1.04 16.03
CA GLU B 324 -45.32 -1.54 16.52
C GLU B 324 -46.30 -0.41 16.77
N GLU B 325 -45.84 0.66 17.42
CA GLU B 325 -46.72 1.79 17.69
C GLU B 325 -47.12 2.49 16.40
N ALA B 326 -46.22 2.55 15.43
CA ALA B 326 -46.58 3.14 14.14
C ALA B 326 -47.67 2.32 13.46
N GLU B 327 -47.56 0.99 13.51
CA GLU B 327 -48.59 0.15 12.89
C GLU B 327 -49.92 0.27 13.64
N LYS B 328 -49.86 0.36 14.98
CA LYS B 328 -51.09 0.43 15.76
C LYS B 328 -51.89 1.68 15.42
N ASN B 329 -51.23 2.81 15.28
CA ASN B 329 -51.85 4.07 14.91
C ASN B 329 -51.47 4.36 13.47
N ALA B 330 -52.38 4.15 12.54
CA ALA B 330 -52.13 4.36 11.13
C ALA B 330 -53.18 5.30 10.55
N PRO B 331 -52.83 6.08 9.52
CA PRO B 331 -51.54 6.16 8.83
C PRO B 331 -50.47 6.78 9.71
N ALA B 332 -49.19 6.50 9.44
CA ALA B 332 -48.12 6.99 10.28
C ALA B 332 -46.86 7.17 9.44
N ILE B 333 -45.95 8.00 9.94
CA ILE B 333 -44.66 8.23 9.34
C ILE B 333 -43.59 8.02 10.39
N ILE B 334 -42.59 7.20 10.06
CA ILE B 334 -41.46 6.93 10.94
C ILE B 334 -40.25 7.60 10.33
N PHE B 335 -39.66 8.54 11.06
CA PHE B 335 -38.48 9.27 10.61
C PHE B 335 -37.26 8.79 11.37
N ILE B 336 -36.24 8.38 10.63
CA ILE B 336 -34.99 7.91 11.21
C ILE B 336 -33.93 8.97 10.88
N ASP B 337 -33.68 9.87 11.82
CA ASP B 337 -32.63 10.86 11.64
C ASP B 337 -31.27 10.20 11.79
N GLU B 338 -30.35 10.52 10.87
CA GLU B 338 -29.01 9.96 10.86
C GLU B 338 -29.05 8.43 10.77
N LEU B 339 -29.57 7.97 9.63
CA LEU B 339 -29.63 6.54 9.38
C LEU B 339 -28.25 5.91 9.32
N ASP B 340 -27.24 6.69 8.93
CA ASP B 340 -25.88 6.18 8.89
C ASP B 340 -25.37 5.81 10.28
N ALA B 341 -25.93 6.40 11.33
CA ALA B 341 -25.55 6.01 12.68
C ALA B 341 -26.04 4.60 12.99
N ILE B 342 -27.23 4.25 12.55
CA ILE B 342 -27.78 2.92 12.83
C ILE B 342 -27.25 1.89 11.84
N ALA B 343 -27.14 2.27 10.57
CA ALA B 343 -26.83 1.34 9.49
C ALA B 343 -25.67 1.87 8.65
N PRO B 344 -24.48 1.92 9.21
CA PRO B 344 -23.30 2.31 8.43
C PRO B 344 -22.87 1.18 7.52
N LYS B 345 -21.96 1.51 6.60
CA LYS B 345 -21.44 0.51 5.68
C LYS B 345 -20.80 -0.63 6.47
N ARG B 346 -21.02 -1.86 5.99
CA ARG B 346 -20.61 -3.03 6.77
C ARG B 346 -19.13 -2.98 7.11
N GLU B 347 -18.31 -2.36 6.26
CA GLU B 347 -16.89 -2.26 6.56
C GLU B 347 -16.65 -1.45 7.83
N LYS B 348 -17.37 -0.34 7.99
CA LYS B 348 -17.20 0.50 9.17
C LYS B 348 -17.58 -0.25 10.44
N THR B 349 -18.70 -0.99 10.40
CA THR B 349 -19.11 -1.77 11.55
C THR B 349 -18.05 -2.81 11.88
N HIS B 350 -17.79 -2.99 13.18
CA HIS B 350 -16.80 -3.97 13.62
C HIS B 350 -17.40 -4.95 14.61
N GLY B 351 -18.31 -4.49 15.47
CA GLY B 351 -18.87 -5.32 16.51
C GLY B 351 -19.95 -6.24 15.97
N GLU B 352 -20.61 -6.93 16.90
CA GLU B 352 -21.70 -7.84 16.56
C GLU B 352 -23.07 -7.29 16.91
N VAL B 353 -23.16 -6.43 17.92
CA VAL B 353 -24.45 -5.82 18.26
C VAL B 353 -24.89 -4.85 17.17
N GLU B 354 -23.94 -4.11 16.59
CA GLU B 354 -24.28 -3.15 15.54
C GLU B 354 -24.86 -3.87 14.32
N ARG B 355 -24.24 -4.98 13.92
CA ARG B 355 -24.77 -5.75 12.80
C ARG B 355 -26.15 -6.29 13.13
N ARG B 356 -26.37 -6.68 14.38
CA ARG B 356 -27.70 -7.15 14.77
C ARG B 356 -28.73 -6.04 14.65
N ILE B 357 -28.36 -4.81 15.02
CA ILE B 357 -29.28 -3.68 14.88
C ILE B 357 -29.61 -3.46 13.41
N VAL B 358 -28.59 -3.51 12.54
CA VAL B 358 -28.84 -3.31 11.12
C VAL B 358 -29.78 -4.39 10.59
N SER B 359 -29.54 -5.64 10.98
CA SER B 359 -30.40 -6.74 10.52
C SER B 359 -31.82 -6.60 11.05
N GLN B 360 -31.97 -6.14 12.29
CA GLN B 360 -33.31 -5.93 12.82
C GLN B 360 -34.03 -4.82 12.07
N LEU B 361 -33.31 -3.77 11.68
CA LEU B 361 -33.91 -2.72 10.89
C LEU B 361 -34.38 -3.25 9.54
N LEU B 362 -33.54 -4.06 8.88
CA LEU B 362 -33.95 -4.63 7.60
C LEU B 362 -35.17 -5.52 7.76
N THR B 363 -35.19 -6.35 8.79
CA THR B 363 -36.32 -7.25 9.01
C THR B 363 -37.60 -6.46 9.27
N LEU B 364 -37.51 -5.40 10.07
CA LEU B 364 -38.69 -4.58 10.34
C LEU B 364 -39.18 -3.90 9.06
N MET B 365 -38.26 -3.38 8.25
CA MET B 365 -38.66 -2.74 7.00
C MET B 365 -39.37 -3.73 6.08
N ASP B 366 -38.82 -4.94 5.93
CA ASP B 366 -39.43 -5.92 5.06
C ASP B 366 -40.74 -6.46 5.62
N GLY B 367 -41.01 -6.23 6.89
CA GLY B 367 -42.22 -6.70 7.53
C GLY B 367 -43.41 -5.77 7.42
N LEU B 368 -43.30 -4.69 6.66
CA LEU B 368 -44.39 -3.75 6.49
C LEU B 368 -45.32 -4.26 5.39
N LYS B 369 -46.51 -4.72 5.77
CA LYS B 369 -47.47 -5.19 4.79
C LYS B 369 -47.89 -4.05 3.87
N GLN B 370 -48.17 -4.40 2.61
CA GLN B 370 -48.55 -3.38 1.64
C GLN B 370 -49.79 -2.62 2.09
N ARG B 371 -50.67 -3.27 2.86
CA ARG B 371 -51.90 -2.61 3.29
C ARG B 371 -51.63 -1.57 4.37
N SER B 372 -50.74 -1.89 5.32
CA SER B 372 -50.44 -0.96 6.39
C SER B 372 -49.91 0.36 5.82
N HIS B 373 -50.46 1.46 6.32
CA HIS B 373 -50.12 2.78 5.80
C HIS B 373 -49.04 3.42 6.66
N VAL B 374 -47.85 2.84 6.60
CA VAL B 374 -46.68 3.33 7.31
C VAL B 374 -45.63 3.66 6.26
N ILE B 375 -45.14 4.89 6.28
CA ILE B 375 -44.09 5.36 5.39
C ILE B 375 -42.88 5.68 6.24
N VAL B 376 -41.75 5.08 5.91
CA VAL B 376 -40.51 5.24 6.68
C VAL B 376 -39.63 6.22 5.92
N MET B 377 -39.46 7.42 6.46
CA MET B 377 -38.54 8.39 5.91
C MET B 377 -37.24 8.37 6.70
N ALA B 378 -36.14 8.66 6.02
CA ALA B 378 -34.82 8.65 6.63
C ALA B 378 -34.04 9.84 6.12
N ALA B 379 -32.96 10.17 6.83
CA ALA B 379 -32.12 11.30 6.47
C ALA B 379 -30.66 10.91 6.65
N THR B 380 -29.84 11.17 5.64
CA THR B 380 -28.41 10.91 5.71
C THR B 380 -27.68 12.00 4.92
N ASN B 381 -26.40 12.16 5.22
CA ASN B 381 -25.60 13.16 4.52
C ASN B 381 -25.30 12.72 3.08
N ARG B 382 -24.92 11.46 2.90
CA ARG B 382 -24.63 10.91 1.59
C ARG B 382 -25.20 9.50 1.55
N PRO B 383 -25.94 9.13 0.51
CA PRO B 383 -26.54 7.79 0.48
C PRO B 383 -25.51 6.67 0.48
N ASN B 384 -24.29 6.93 0.02
CA ASN B 384 -23.26 5.90 -0.01
C ASN B 384 -22.84 5.46 1.39
N SER B 385 -23.10 6.29 2.39
CA SER B 385 -22.73 5.96 3.77
C SER B 385 -23.67 4.95 4.40
N VAL B 386 -24.81 4.66 3.78
CA VAL B 386 -25.77 3.72 4.31
C VAL B 386 -25.44 2.32 3.80
N ASP B 387 -25.83 1.32 4.57
CA ASP B 387 -25.60 -0.05 4.17
C ASP B 387 -26.28 -0.32 2.82
N PRO B 388 -25.58 -0.90 1.84
CA PRO B 388 -26.22 -1.13 0.55
C PRO B 388 -27.50 -1.94 0.64
N ALA B 389 -27.60 -2.84 1.62
CA ALA B 389 -28.78 -3.69 1.71
C ALA B 389 -30.05 -2.88 1.92
N LEU B 390 -29.94 -1.71 2.55
CA LEU B 390 -31.13 -0.90 2.80
C LEU B 390 -31.63 -0.22 1.54
N ARG B 391 -30.74 0.04 0.58
CA ARG B 391 -31.09 0.74 -0.65
C ARG B 391 -31.65 -0.18 -1.72
N ARG B 392 -32.12 -1.36 -1.35
CA ARG B 392 -32.67 -2.31 -2.30
C ARG B 392 -34.12 -1.95 -2.61
N PHE B 393 -34.74 -2.76 -3.47
CA PHE B 393 -36.15 -2.61 -3.77
C PHE B 393 -36.98 -3.12 -2.60
N GLY B 394 -37.97 -2.33 -2.20
CA GLY B 394 -38.85 -2.69 -1.11
C GLY B 394 -38.39 -2.23 0.26
N ARG B 395 -37.19 -1.67 0.39
CA ARG B 395 -36.70 -1.15 1.66
C ARG B 395 -36.52 0.35 1.63
N PHE B 396 -35.65 0.88 0.75
CA PHE B 396 -35.49 2.31 0.54
C PHE B 396 -35.28 2.48 -0.96
N ASP B 397 -36.39 2.62 -1.69
CA ASP B 397 -36.34 2.67 -3.14
C ASP B 397 -36.57 4.06 -3.71
N ARG B 398 -36.98 5.01 -2.89
CA ARG B 398 -37.10 6.40 -3.31
C ARG B 398 -36.04 7.23 -2.64
N GLU B 399 -35.34 8.04 -3.42
CA GLU B 399 -34.28 8.90 -2.91
C GLU B 399 -34.49 10.31 -3.41
N ILE B 400 -34.47 11.27 -2.50
CA ILE B 400 -34.63 12.69 -2.81
C ILE B 400 -33.46 13.46 -2.24
N GLU B 401 -33.02 14.50 -2.94
CA GLU B 401 -31.90 15.31 -2.52
C GLU B 401 -32.38 16.72 -2.18
N ILE B 402 -32.05 17.16 -0.97
CA ILE B 402 -32.32 18.53 -0.54
C ILE B 402 -30.99 19.27 -0.56
N GLY B 403 -30.67 19.93 -1.67
CA GLY B 403 -29.37 20.52 -1.87
C GLY B 403 -29.31 21.97 -1.46
N ILE B 404 -28.26 22.64 -1.91
CA ILE B 404 -28.05 24.04 -1.54
C ILE B 404 -29.18 24.88 -2.10
N PRO B 405 -29.78 25.78 -1.33
CA PRO B 405 -30.85 26.61 -1.89
C PRO B 405 -30.32 27.59 -2.91
N ASP B 406 -31.15 27.90 -3.90
CA ASP B 406 -30.85 28.92 -4.87
C ASP B 406 -31.28 30.28 -4.31
N SER B 407 -31.27 31.32 -5.16
CA SER B 407 -31.52 32.66 -4.66
C SER B 407 -32.93 32.79 -4.09
N ILE B 408 -33.93 32.24 -4.78
CA ILE B 408 -35.30 32.31 -4.29
C ILE B 408 -35.41 31.55 -2.98
N GLY B 409 -34.80 30.38 -2.90
CA GLY B 409 -34.83 29.62 -1.65
C GLY B 409 -34.16 30.35 -0.52
N ARG B 410 -33.03 31.01 -0.81
CA ARG B 410 -32.35 31.78 0.22
C ARG B 410 -33.22 32.92 0.71
N LEU B 411 -33.92 33.59 -0.20
CA LEU B 411 -34.82 34.66 0.21
C LEU B 411 -35.95 34.12 1.08
N GLU B 412 -36.49 32.95 0.71
CA GLU B 412 -37.55 32.34 1.52
C GLU B 412 -37.04 32.01 2.92
N ILE B 413 -35.83 31.46 3.02
CA ILE B 413 -35.27 31.14 4.33
C ILE B 413 -35.07 32.40 5.15
N LEU B 414 -34.54 33.45 4.52
CA LEU B 414 -34.34 34.70 5.25
C LEU B 414 -35.65 35.24 5.77
N ARG B 415 -36.71 35.16 4.96
CA ARG B 415 -38.02 35.60 5.43
C ARG B 415 -38.50 34.75 6.60
N ILE B 416 -38.25 33.45 6.56
CA ILE B 416 -38.68 32.58 7.64
C ILE B 416 -37.96 32.94 8.93
N HIS B 417 -36.65 33.18 8.86
CA HIS B 417 -35.86 33.40 10.06
C HIS B 417 -35.99 34.82 10.61
N THR B 418 -36.37 35.79 9.77
CA THR B 418 -36.54 37.16 10.20
C THR B 418 -37.98 37.49 10.59
N ARG B 419 -38.77 36.49 10.98
CA ARG B 419 -40.16 36.74 11.36
C ARG B 419 -40.28 37.38 12.72
N ASN B 420 -39.36 37.10 13.64
CA ASN B 420 -39.41 37.62 15.00
C ASN B 420 -38.33 38.68 15.26
N ILE B 421 -37.73 39.21 14.20
CA ILE B 421 -36.71 40.25 14.31
C ILE B 421 -37.25 41.51 13.68
N ARG B 422 -37.11 42.64 14.38
CA ARG B 422 -37.57 43.92 13.88
C ARG B 422 -36.55 44.43 12.85
N LEU B 423 -36.97 44.51 11.60
CA LEU B 423 -36.12 44.98 10.52
C LEU B 423 -36.40 46.45 10.22
N ALA B 424 -35.38 47.15 9.76
CA ALA B 424 -35.52 48.54 9.38
C ALA B 424 -36.16 48.66 8.00
N GLU B 425 -36.52 49.89 7.64
CA GLU B 425 -37.18 50.14 6.37
C GLU B 425 -36.22 50.11 5.19
N ASP B 426 -34.91 50.09 5.44
CA ASP B 426 -33.92 50.04 4.37
C ASP B 426 -33.37 48.64 4.15
N VAL B 427 -33.99 47.62 4.73
CA VAL B 427 -33.53 46.24 4.60
C VAL B 427 -34.18 45.63 3.38
N GLU B 428 -33.36 45.33 2.37
CA GLU B 428 -33.81 44.70 1.13
C GLU B 428 -33.24 43.28 1.12
N LEU B 429 -34.04 42.33 1.63
CA LEU B 429 -33.56 40.97 1.80
C LEU B 429 -33.20 40.30 0.48
N GLU B 430 -33.74 40.80 -0.64
CA GLU B 430 -33.44 40.17 -1.92
C GLU B 430 -31.96 40.26 -2.24
N LYS B 431 -31.33 41.41 -1.98
CA LYS B 431 -29.91 41.55 -2.25
C LYS B 431 -29.09 40.63 -1.36
N ILE B 432 -29.43 40.55 -0.08
CA ILE B 432 -28.71 39.66 0.83
C ILE B 432 -28.82 38.22 0.33
N ALA B 433 -30.00 37.83 -0.14
CA ALA B 433 -30.17 36.49 -0.67
C ALA B 433 -29.31 36.29 -1.91
N ASN B 434 -29.23 37.30 -2.78
CA ASN B 434 -28.49 37.14 -4.02
C ASN B 434 -26.99 37.07 -3.79
N GLU B 435 -26.48 37.77 -2.78
CA GLU B 435 -25.04 37.78 -2.50
C GLU B 435 -24.61 36.69 -1.54
N ALA B 436 -25.52 35.88 -1.01
CA ALA B 436 -25.19 34.87 -0.02
C ALA B 436 -24.94 33.53 -0.69
N HIS B 437 -23.81 33.46 -1.39
CA HIS B 437 -23.44 32.24 -2.10
C HIS B 437 -22.96 31.18 -1.14
N GLY B 438 -23.34 29.93 -1.42
CA GLY B 438 -22.87 28.82 -0.63
C GLY B 438 -23.46 28.73 0.77
N HIS B 439 -24.62 29.33 0.99
CA HIS B 439 -25.26 29.34 2.29
C HIS B 439 -26.40 28.34 2.33
N VAL B 440 -26.60 27.76 3.51
CA VAL B 440 -27.72 26.87 3.78
C VAL B 440 -28.57 27.52 4.86
N GLY B 441 -29.65 26.87 5.27
CA GLY B 441 -30.55 27.49 6.24
C GLY B 441 -29.84 27.89 7.52
N ALA B 442 -29.02 27.00 8.06
CA ALA B 442 -28.31 27.30 9.30
C ALA B 442 -27.37 28.49 9.13
N ASP B 443 -26.69 28.57 7.98
CA ASP B 443 -25.79 29.69 7.73
C ASP B 443 -26.56 31.01 7.69
N LEU B 444 -27.73 31.01 7.05
CA LEU B 444 -28.53 32.23 7.01
C LEU B 444 -29.05 32.60 8.40
N ALA B 445 -29.39 31.60 9.20
CA ALA B 445 -29.79 31.89 10.58
C ALA B 445 -28.65 32.54 11.35
N SER B 446 -27.43 32.01 11.21
CA SER B 446 -26.28 32.60 11.88
C SER B 446 -26.02 34.02 11.36
N LEU B 447 -26.25 34.22 10.06
CA LEU B 447 -26.08 35.56 9.49
C LEU B 447 -27.03 36.55 10.13
N CYS B 448 -28.30 36.16 10.28
CA CYS B 448 -29.27 37.04 10.93
C CYS B 448 -28.87 37.31 12.39
N SER B 449 -28.41 36.27 13.08
CA SER B 449 -27.98 36.46 14.47
C SER B 449 -26.83 37.44 14.56
N GLU B 450 -25.84 37.32 13.67
CA GLU B 450 -24.71 38.24 13.68
C GLU B 450 -25.15 39.67 13.38
N ALA B 451 -26.08 39.84 12.44
CA ALA B 451 -26.57 41.18 12.14
C ALA B 451 -27.24 41.80 13.37
N ALA B 452 -28.10 41.04 14.03
CA ALA B 452 -28.74 41.56 15.24
C ALA B 452 -27.71 41.88 16.31
N LEU B 453 -26.69 41.04 16.45
CA LEU B 453 -25.67 41.29 17.46
C LEU B 453 -24.88 42.55 17.14
N GLN B 454 -24.60 42.80 15.86
CA GLN B 454 -23.93 44.03 15.46
C GLN B 454 -24.79 45.25 15.79
N GLN B 455 -26.10 45.15 15.56
CA GLN B 455 -26.98 46.25 15.95
C GLN B 455 -26.89 46.51 17.44
N ILE B 456 -26.89 45.44 18.24
CA ILE B 456 -26.77 45.61 19.68
C ILE B 456 -25.45 46.28 20.04
N ARG B 457 -24.35 45.84 19.41
CA ARG B 457 -23.06 46.48 19.66
C ARG B 457 -23.14 47.98 19.40
N ASN B 458 -23.61 48.35 18.20
CA ASN B 458 -23.59 49.75 17.82
C ASN B 458 -24.43 50.60 18.76
N LYS B 459 -25.62 50.12 19.12
CA LYS B 459 -26.49 50.94 19.97
C LYS B 459 -26.00 50.97 21.41
N MET B 460 -25.60 49.82 21.97
CA MET B 460 -25.30 49.75 23.39
C MET B 460 -23.89 50.23 23.74
N ASN B 461 -22.98 50.29 22.76
CA ASN B 461 -21.64 50.76 23.08
C ASN B 461 -21.67 52.19 23.61
N LEU B 462 -22.44 53.06 22.96
CA LEU B 462 -22.63 54.40 23.49
C LEU B 462 -23.42 54.37 24.79
N ILE B 463 -24.47 53.54 24.85
CA ILE B 463 -25.25 53.37 26.06
C ILE B 463 -24.59 52.31 26.93
N ILE B 470 -30.94 47.83 31.34
CA ILE B 470 -30.84 48.65 30.13
C ILE B 470 -32.14 49.42 29.97
N ASP B 471 -32.03 50.64 29.43
CA ASP B 471 -33.17 51.53 29.35
C ASP B 471 -34.20 51.00 28.36
N ALA B 472 -35.49 51.21 28.68
CA ALA B 472 -36.55 50.67 27.84
C ALA B 472 -36.53 51.28 26.44
N GLU B 473 -36.24 52.58 26.35
CA GLU B 473 -36.22 53.23 25.04
C GLU B 473 -35.19 52.60 24.12
N VAL B 474 -34.01 52.28 24.66
CA VAL B 474 -32.97 51.64 23.85
C VAL B 474 -33.47 50.30 23.34
N LEU B 475 -34.13 49.53 24.20
CA LEU B 475 -34.63 48.22 23.80
C LEU B 475 -35.67 48.36 22.69
N ASN B 476 -36.53 49.37 22.80
CA ASN B 476 -37.58 49.55 21.81
C ASN B 476 -37.10 50.23 20.53
N SER B 477 -35.91 50.83 20.54
CA SER B 477 -35.39 51.55 19.38
C SER B 477 -34.40 50.71 18.59
N LEU B 478 -34.54 49.39 18.61
CA LEU B 478 -33.63 48.48 17.92
C LEU B 478 -34.29 47.97 16.65
N ALA B 479 -33.54 48.02 15.55
CA ALA B 479 -34.05 47.55 14.26
C ALA B 479 -32.87 47.26 13.37
N VAL B 480 -32.71 46.00 12.96
CA VAL B 480 -31.56 45.62 12.16
C VAL B 480 -31.56 46.41 10.85
N THR B 481 -30.39 46.88 10.45
CA THR B 481 -30.22 47.70 9.27
C THR B 481 -29.46 46.93 8.20
N MET B 482 -29.42 47.51 7.00
CA MET B 482 -28.77 46.85 5.87
C MET B 482 -27.25 46.80 6.06
N ASP B 483 -26.67 47.82 6.67
CA ASP B 483 -25.23 47.80 6.90
C ASP B 483 -24.83 46.66 7.80
N ASP B 484 -25.64 46.38 8.83
CA ASP B 484 -25.37 45.24 9.70
C ASP B 484 -25.41 43.93 8.92
N PHE B 485 -26.40 43.80 8.03
CA PHE B 485 -26.50 42.57 7.23
C PHE B 485 -25.29 42.41 6.32
N ARG B 486 -24.83 43.51 5.72
CA ARG B 486 -23.66 43.39 4.86
C ARG B 486 -22.40 43.06 5.66
N TRP B 487 -22.29 43.62 6.87
CA TRP B 487 -21.16 43.26 7.73
C TRP B 487 -21.20 41.77 8.05
N ALA B 488 -22.36 41.27 8.43
CA ALA B 488 -22.48 39.85 8.75
C ALA B 488 -22.14 38.98 7.55
N LEU B 489 -22.62 39.37 6.37
CA LEU B 489 -22.35 38.60 5.17
C LEU B 489 -20.85 38.60 4.87
N GLY B 490 -20.20 39.74 5.04
CA GLY B 490 -18.77 39.81 4.81
C GLY B 490 -17.98 38.93 5.76
N LYS B 491 -18.38 38.90 7.03
CA LYS B 491 -17.67 38.11 8.03
C LYS B 491 -18.16 36.68 8.11
N SER B 492 -19.11 36.27 7.28
CA SER B 492 -19.65 34.92 7.35
C SER B 492 -18.76 33.95 6.57
N ASN B 493 -18.69 32.72 7.08
CA ASN B 493 -17.92 31.64 6.45
C ASN B 493 -18.88 30.49 6.18
N PRO B 494 -19.59 30.50 5.06
CA PRO B 494 -20.57 29.45 4.79
C PRO B 494 -19.95 28.07 4.74
N SER B 495 -20.73 27.08 5.11
CA SER B 495 -20.28 25.69 5.21
C SER B 495 -20.45 24.90 3.92
N ALA B 496 -21.06 25.48 2.89
CA ALA B 496 -21.34 24.79 1.64
C ALA B 496 -20.80 25.58 0.46
N LEU B 497 -19.56 26.06 0.59
CA LEU B 497 -18.94 26.80 -0.50
C LEU B 497 -18.37 25.90 -1.57
N ARG B 498 -18.16 24.63 -1.26
CA ARG B 498 -17.49 23.70 -2.17
C ARG B 498 -18.44 22.69 -2.78
N GLU B 499 -19.73 22.77 -2.49
CA GLU B 499 -20.70 21.85 -3.06
C GLU B 499 -21.13 22.30 -4.45
N THR B 500 -21.23 21.34 -5.36
CA THR B 500 -21.64 21.65 -6.72
C THR B 500 -23.02 22.27 -6.72
N THR B 501 -23.19 23.30 -7.55
CA THR B 501 -24.46 24.01 -7.67
C THR B 501 -25.16 23.60 -8.96
N VAL B 502 -26.41 23.19 -8.85
CA VAL B 502 -27.24 22.81 -9.99
C VAL B 502 -28.39 23.79 -10.05
N GLU B 503 -28.30 24.78 -10.95
CA GLU B 503 -29.32 25.81 -11.08
C GLU B 503 -29.34 26.30 -12.52
N VAL B 504 -30.38 27.07 -12.83
CA VAL B 504 -30.53 27.67 -14.16
C VAL B 504 -29.79 29.01 -14.15
N PRO B 505 -28.68 29.15 -14.87
CA PRO B 505 -27.92 30.39 -14.80
C PRO B 505 -28.70 31.58 -15.32
N ASN B 506 -28.32 32.76 -14.83
CA ASN B 506 -28.98 34.02 -15.21
C ASN B 506 -28.15 34.83 -16.18
N VAL B 507 -27.46 34.17 -17.10
CA VAL B 507 -26.66 34.83 -18.13
C VAL B 507 -27.44 34.76 -19.44
N THR B 508 -27.68 35.92 -20.04
CA THR B 508 -28.44 36.02 -21.27
C THR B 508 -27.50 36.17 -22.47
N TRP B 509 -28.07 35.98 -23.67
CA TRP B 509 -27.26 36.09 -24.88
C TRP B 509 -26.67 37.48 -25.03
N ASP B 510 -27.38 38.51 -24.57
CA ASP B 510 -26.90 39.88 -24.74
C ASP B 510 -25.60 40.11 -23.99
N ASP B 511 -25.48 39.53 -22.79
CA ASP B 511 -24.29 39.76 -21.99
C ASP B 511 -23.03 39.26 -22.68
N ILE B 512 -23.15 38.22 -23.51
CA ILE B 512 -21.98 37.60 -24.12
C ILE B 512 -21.74 38.08 -25.55
N GLY B 513 -22.77 38.61 -26.22
CA GLY B 513 -22.63 38.97 -27.61
C GLY B 513 -22.91 37.76 -28.48
N GLY B 514 -21.86 37.10 -28.92
CA GLY B 514 -22.02 35.83 -29.63
C GLY B 514 -22.23 36.02 -31.11
N LEU B 515 -21.87 35.00 -31.86
CA LEU B 515 -22.08 34.98 -33.30
C LEU B 515 -23.41 34.32 -33.61
N GLU B 516 -24.04 34.76 -34.71
CA GLU B 516 -25.32 34.17 -35.10
C GLU B 516 -25.16 32.69 -35.44
N ASN B 517 -24.04 32.32 -36.07
CA ASN B 517 -23.83 30.92 -36.44
C ASN B 517 -23.75 30.04 -35.20
N VAL B 518 -22.94 30.43 -34.22
CA VAL B 518 -22.80 29.64 -33.01
C VAL B 518 -24.13 29.57 -32.27
N LYS B 519 -24.82 30.70 -32.17
CA LYS B 519 -26.11 30.71 -31.48
C LYS B 519 -27.10 29.77 -32.14
N ARG B 520 -27.17 29.80 -33.47
CA ARG B 520 -28.10 28.92 -34.19
C ARG B 520 -27.72 27.45 -34.00
N GLU B 521 -26.43 27.14 -34.10
CA GLU B 521 -26.01 25.75 -33.95
C GLU B 521 -26.33 25.24 -32.54
N LEU B 522 -26.04 26.05 -31.52
CA LEU B 522 -26.34 25.65 -30.16
C LEU B 522 -27.83 25.50 -29.94
N GLN B 523 -28.63 26.38 -30.52
CA GLN B 523 -30.07 26.22 -30.43
C GLN B 523 -30.50 24.89 -31.01
N GLU B 524 -30.08 24.59 -32.24
CA GLU B 524 -30.43 23.32 -32.84
C GLU B 524 -30.01 22.14 -31.95
N LEU B 525 -28.85 22.25 -31.32
CA LEU B 525 -28.33 21.10 -30.58
C LEU B 525 -29.02 20.91 -29.23
N VAL B 526 -29.38 21.99 -28.54
CA VAL B 526 -29.89 21.92 -27.17
C VAL B 526 -31.37 22.25 -27.10
N GLN B 527 -31.77 23.41 -27.64
CA GLN B 527 -33.13 23.89 -27.41
C GLN B 527 -34.15 23.03 -28.15
N TYR B 528 -33.90 22.71 -29.42
CA TYR B 528 -34.89 21.97 -30.20
C TYR B 528 -35.25 20.64 -29.56
N PRO B 529 -34.30 19.80 -29.13
CA PRO B 529 -34.69 18.54 -28.49
C PRO B 529 -35.58 18.72 -27.27
N VAL B 530 -35.38 19.79 -26.50
CA VAL B 530 -36.16 19.96 -25.28
C VAL B 530 -37.54 20.51 -25.58
N GLU B 531 -37.62 21.56 -26.40
CA GLU B 531 -38.89 22.21 -26.65
C GLU B 531 -39.74 21.46 -27.66
N HIS B 532 -39.14 20.77 -28.62
CA HIS B 532 -39.87 20.07 -29.67
C HIS B 532 -39.37 18.64 -29.79
N PRO B 533 -39.71 17.78 -28.83
CA PRO B 533 -39.38 16.35 -28.98
C PRO B 533 -40.29 15.63 -29.95
N ASP B 534 -41.52 16.11 -30.13
CA ASP B 534 -42.45 15.44 -31.04
C ASP B 534 -41.91 15.40 -32.45
N LYS B 535 -41.24 16.46 -32.90
CA LYS B 535 -40.73 16.48 -34.25
C LYS B 535 -39.57 15.51 -34.43
N PHE B 536 -38.69 15.41 -33.44
CA PHE B 536 -37.63 14.41 -33.49
C PHE B 536 -38.20 13.00 -33.53
N LEU B 537 -39.25 12.74 -32.73
CA LEU B 537 -39.90 11.44 -32.79
C LEU B 537 -40.53 11.19 -34.16
N LYS B 538 -41.15 12.22 -34.73
CA LYS B 538 -41.81 12.07 -36.03
C LYS B 538 -40.81 11.74 -37.12
N PHE B 539 -39.69 12.45 -37.17
CA PHE B 539 -38.67 12.17 -38.15
C PHE B 539 -37.79 10.99 -37.77
N GLY B 540 -37.89 10.51 -36.54
CA GLY B 540 -37.23 9.27 -36.14
C GLY B 540 -35.73 9.29 -36.22
N MET B 541 -35.10 10.35 -35.71
CA MET B 541 -33.65 10.44 -35.72
C MET B 541 -33.23 11.03 -34.38
N THR B 542 -32.49 10.25 -33.60
CA THR B 542 -32.10 10.69 -32.28
C THR B 542 -31.01 11.76 -32.39
N PRO B 543 -31.10 12.83 -31.61
CA PRO B 543 -30.07 13.88 -31.69
C PRO B 543 -28.81 13.51 -30.92
N SER B 544 -27.69 13.95 -31.47
CA SER B 544 -26.41 13.79 -30.78
C SER B 544 -26.28 14.85 -29.69
N LYS B 545 -25.64 14.49 -28.58
CA LYS B 545 -25.54 15.41 -27.41
C LYS B 545 -24.07 15.56 -27.00
N GLY B 546 -23.16 15.83 -27.94
CA GLY B 546 -21.78 16.12 -27.61
C GLY B 546 -21.18 17.27 -28.41
N VAL B 547 -20.75 18.30 -27.69
CA VAL B 547 -20.15 19.48 -28.29
C VAL B 547 -18.80 19.72 -27.63
N LEU B 548 -17.83 20.15 -28.45
CA LEU B 548 -16.52 20.56 -27.96
C LEU B 548 -16.25 21.97 -28.48
N PHE B 549 -16.24 22.94 -27.58
CA PHE B 549 -15.85 24.29 -27.92
C PHE B 549 -14.34 24.41 -27.92
N TYR B 550 -13.80 25.03 -28.97
CA TYR B 550 -12.36 25.30 -29.02
C TYR B 550 -12.14 26.69 -29.58
N GLY B 551 -11.22 27.43 -28.97
CA GLY B 551 -10.91 28.78 -29.37
C GLY B 551 -9.92 29.43 -28.43
N PRO B 552 -9.49 30.64 -28.76
CA PRO B 552 -8.46 31.29 -27.95
C PRO B 552 -8.97 31.55 -26.55
N PRO B 553 -8.08 31.56 -25.56
CA PRO B 553 -8.51 31.76 -24.17
C PRO B 553 -9.20 33.11 -23.98
N GLY B 554 -10.17 33.13 -23.08
CA GLY B 554 -10.85 34.35 -22.73
C GLY B 554 -11.97 34.76 -23.65
N CYS B 555 -12.32 33.93 -24.62
CA CYS B 555 -13.37 34.30 -25.58
C CYS B 555 -14.78 34.08 -25.04
N GLY B 556 -14.93 33.45 -23.89
CA GLY B 556 -16.23 33.33 -23.26
C GLY B 556 -17.00 32.08 -23.64
N LYS B 557 -16.36 30.92 -23.50
CA LYS B 557 -17.04 29.67 -23.76
C LYS B 557 -17.97 29.29 -22.61
N THR B 558 -17.51 29.51 -21.37
CA THR B 558 -18.36 29.22 -20.21
C THR B 558 -19.64 30.05 -20.25
N LEU B 559 -19.51 31.33 -20.61
CA LEU B 559 -20.70 32.16 -20.71
C LEU B 559 -21.63 31.68 -21.82
N LEU B 560 -21.08 31.16 -22.92
CA LEU B 560 -21.93 30.61 -23.96
C LEU B 560 -22.71 29.41 -23.45
N ALA B 561 -22.05 28.52 -22.72
CA ALA B 561 -22.75 27.38 -22.15
C ALA B 561 -23.85 27.83 -21.21
N LYS B 562 -23.54 28.82 -20.35
CA LYS B 562 -24.56 29.31 -19.42
C LYS B 562 -25.73 29.93 -20.17
N ALA B 563 -25.46 30.67 -21.24
CA ALA B 563 -26.53 31.31 -21.98
C ALA B 563 -27.43 30.29 -22.64
N ILE B 564 -26.85 29.25 -23.25
CA ILE B 564 -27.68 28.24 -23.89
C ILE B 564 -28.48 27.48 -22.85
N ALA B 565 -27.91 27.26 -21.67
CA ALA B 565 -28.68 26.65 -20.59
C ALA B 565 -29.85 27.55 -20.18
N ASN B 566 -29.61 28.85 -20.09
CA ASN B 566 -30.63 29.78 -19.63
C ASN B 566 -31.79 29.85 -20.62
N GLU B 567 -31.50 29.90 -21.92
CA GLU B 567 -32.57 30.04 -22.90
C GLU B 567 -33.54 28.88 -22.83
N CYS B 568 -33.03 27.66 -22.66
CA CYS B 568 -33.85 26.47 -22.59
C CYS B 568 -34.35 26.17 -21.19
N GLN B 569 -34.01 27.01 -20.20
CA GLN B 569 -34.39 26.77 -18.82
C GLN B 569 -33.94 25.40 -18.36
N ALA B 570 -32.68 25.08 -18.65
CA ALA B 570 -32.07 23.81 -18.28
C ALA B 570 -30.98 24.06 -17.25
N ASN B 571 -30.87 23.15 -16.29
CA ASN B 571 -29.88 23.29 -15.23
C ASN B 571 -28.48 23.33 -15.83
N PHE B 572 -27.52 23.74 -15.00
CA PHE B 572 -26.13 23.90 -15.42
C PHE B 572 -25.23 23.35 -14.33
N ILE B 573 -24.38 22.41 -14.67
CA ILE B 573 -23.37 21.86 -13.78
C ILE B 573 -22.01 22.14 -14.39
N SER B 574 -21.12 22.72 -13.58
CA SER B 574 -19.80 23.16 -14.05
C SER B 574 -18.73 22.37 -13.31
N ILE B 575 -17.93 21.62 -14.07
CA ILE B 575 -16.83 20.85 -13.53
C ILE B 575 -15.54 21.36 -14.16
N LYS B 576 -14.56 21.68 -13.32
CA LYS B 576 -13.24 22.08 -13.78
C LYS B 576 -12.28 20.91 -13.64
N GLY B 577 -11.29 20.86 -14.53
CA GLY B 577 -10.35 19.77 -14.57
C GLY B 577 -9.64 19.55 -13.26
N PRO B 578 -9.14 20.63 -12.65
CA PRO B 578 -8.48 20.49 -11.34
C PRO B 578 -9.36 19.82 -10.31
N GLU B 579 -10.66 20.11 -10.30
CA GLU B 579 -11.55 19.46 -9.35
C GLU B 579 -11.61 17.96 -9.58
N LEU B 580 -11.67 17.55 -10.84
CA LEU B 580 -11.72 16.11 -11.14
C LEU B 580 -10.42 15.43 -10.75
N LEU B 581 -9.28 16.03 -11.08
CA LEU B 581 -8.01 15.42 -10.73
C LEU B 581 -7.88 15.26 -9.22
N THR B 582 -8.30 16.26 -8.46
CA THR B 582 -8.29 16.17 -7.01
C THR B 582 -9.19 15.04 -6.53
N ALA B 590 -14.85 7.46 -9.33
CA ALA B 590 -15.92 7.34 -8.34
C ALA B 590 -16.77 8.60 -8.33
N ASN B 591 -16.11 9.76 -8.36
CA ASN B 591 -16.84 11.03 -8.39
C ASN B 591 -17.38 11.34 -9.78
N VAL B 592 -16.75 10.80 -10.83
CA VAL B 592 -17.26 11.04 -12.18
C VAL B 592 -18.66 10.45 -12.33
N ARG B 593 -18.84 9.23 -11.83
CA ARG B 593 -20.16 8.61 -11.87
C ARG B 593 -21.16 9.41 -11.06
N ASP B 594 -20.75 9.96 -9.92
CA ASP B 594 -21.66 10.77 -9.12
C ASP B 594 -22.08 12.02 -9.88
N ILE B 595 -21.13 12.67 -10.55
CA ILE B 595 -21.45 13.88 -11.31
C ILE B 595 -22.43 13.55 -12.42
N PHE B 596 -22.19 12.45 -13.13
CA PHE B 596 -23.09 12.10 -14.23
C PHE B 596 -24.47 11.71 -13.70
N ASP B 597 -24.54 11.03 -12.56
CA ASP B 597 -25.84 10.70 -11.98
C ASP B 597 -26.57 11.95 -11.56
N LYS B 598 -25.86 12.91 -10.97
CA LYS B 598 -26.47 14.18 -10.60
C LYS B 598 -27.02 14.90 -11.83
N ALA B 599 -26.28 14.85 -12.94
CA ALA B 599 -26.78 15.41 -14.18
C ALA B 599 -28.04 14.69 -14.63
N ARG B 600 -28.05 13.36 -14.51
CA ARG B 600 -29.22 12.59 -14.93
C ARG B 600 -30.44 12.95 -14.10
N GLN B 601 -30.24 13.23 -12.80
CA GLN B 601 -31.38 13.58 -11.95
C GLN B 601 -32.06 14.84 -12.45
N ALA B 602 -31.30 15.85 -12.84
CA ALA B 602 -31.86 17.03 -13.49
C ALA B 602 -32.15 16.70 -14.95
N ALA B 603 -33.43 16.70 -15.32
CA ALA B 603 -33.80 16.16 -16.62
C ALA B 603 -33.17 16.93 -17.76
N PRO B 604 -33.51 18.20 -18.02
CA PRO B 604 -32.68 18.99 -18.94
C PRO B 604 -31.49 19.59 -18.22
N CYS B 605 -30.28 19.16 -18.56
CA CYS B 605 -29.09 19.65 -17.89
C CYS B 605 -27.97 19.79 -18.90
N VAL B 606 -27.18 20.85 -18.74
CA VAL B 606 -25.98 21.09 -19.53
C VAL B 606 -24.79 20.81 -18.64
N LEU B 607 -24.11 19.70 -18.88
CA LEU B 607 -22.94 19.32 -18.11
C LEU B 607 -21.70 19.86 -18.80
N PHE B 608 -20.98 20.75 -18.12
CA PHE B 608 -19.88 21.49 -18.71
C PHE B 608 -18.57 21.03 -18.10
N PHE B 609 -17.62 20.63 -18.95
CA PHE B 609 -16.30 20.17 -18.52
C PHE B 609 -15.28 21.18 -19.03
N ASP B 610 -14.94 22.16 -18.18
CA ASP B 610 -13.95 23.15 -18.53
C ASP B 610 -12.55 22.59 -18.37
N GLU B 611 -11.61 23.15 -19.14
CA GLU B 611 -10.22 22.71 -19.12
C GLU B 611 -10.13 21.21 -19.36
N LEU B 612 -10.76 20.76 -20.45
CA LEU B 612 -10.81 19.33 -20.75
C LEU B 612 -9.42 18.77 -21.03
N ASP B 613 -8.52 19.59 -21.55
CA ASP B 613 -7.21 19.10 -21.95
C ASP B 613 -6.42 18.54 -20.77
N SER B 614 -6.73 18.96 -19.55
CA SER B 614 -6.02 18.44 -18.38
C SER B 614 -6.28 16.95 -18.22
N ILE B 615 -7.51 16.51 -18.45
CA ILE B 615 -7.90 15.11 -18.27
C ILE B 615 -7.58 14.33 -19.53
N ALA B 616 -8.20 14.71 -20.64
CA ALA B 616 -8.02 14.03 -21.91
C ALA B 616 -6.81 14.63 -22.62
N LYS B 617 -5.81 13.80 -22.90
CA LYS B 617 -4.59 14.26 -23.56
C LYS B 617 -3.87 13.06 -24.12
N ALA B 618 -3.34 13.20 -25.33
CA ALA B 618 -2.63 12.10 -26.00
C ALA B 618 -1.48 11.60 -25.14
N ALA B 629 -3.77 8.56 -12.79
CA ALA B 629 -4.63 9.71 -12.58
C ALA B 629 -5.37 10.07 -13.85
N ALA B 630 -4.63 10.53 -14.86
CA ALA B 630 -5.26 10.93 -16.12
C ALA B 630 -5.95 9.75 -16.79
N ASP B 631 -5.27 8.60 -16.85
CA ASP B 631 -5.82 7.45 -17.55
C ASP B 631 -7.11 6.98 -16.90
N ARG B 632 -7.12 6.87 -15.57
CA ARG B 632 -8.32 6.42 -14.88
C ARG B 632 -9.49 7.36 -15.17
N VAL B 633 -9.26 8.66 -15.02
CA VAL B 633 -10.34 9.62 -15.18
C VAL B 633 -10.86 9.61 -16.61
N ILE B 634 -9.96 9.54 -17.59
CA ILE B 634 -10.41 9.58 -18.98
C ILE B 634 -11.20 8.33 -19.31
N ASN B 635 -10.76 7.17 -18.82
CA ASN B 635 -11.51 5.94 -19.10
C ASN B 635 -12.87 5.98 -18.43
N GLN B 636 -12.95 6.48 -17.20
CA GLN B 636 -14.25 6.60 -16.54
C GLN B 636 -15.15 7.54 -17.31
N LEU B 637 -14.61 8.67 -17.78
CA LEU B 637 -15.42 9.62 -18.52
C LEU B 637 -15.95 9.00 -19.81
N LEU B 638 -15.08 8.28 -20.54
CA LEU B 638 -15.53 7.64 -21.77
C LEU B 638 -16.61 6.62 -21.49
N THR B 639 -16.43 5.81 -20.45
CA THR B 639 -17.42 4.79 -20.13
C THR B 639 -18.76 5.42 -19.78
N GLU B 640 -18.74 6.48 -18.97
CA GLU B 640 -19.99 7.11 -18.56
C GLU B 640 -20.67 7.80 -19.72
N MET B 641 -19.90 8.39 -20.62
CA MET B 641 -20.48 9.06 -21.78
C MET B 641 -21.10 8.05 -22.74
N ASP B 642 -20.43 6.92 -22.96
CA ASP B 642 -21.02 5.88 -23.81
C ASP B 642 -22.27 5.31 -23.18
N GLY B 643 -22.37 5.35 -21.85
CA GLY B 643 -23.50 4.80 -21.14
C GLY B 643 -24.70 5.70 -21.03
N MET B 644 -24.64 6.91 -21.57
CA MET B 644 -25.75 7.84 -21.51
C MET B 644 -26.62 7.67 -22.75
N SER B 645 -27.88 7.30 -22.54
CA SER B 645 -28.79 7.13 -23.66
C SER B 645 -29.01 8.45 -24.37
N ALA B 646 -29.07 8.38 -25.71
CA ALA B 646 -29.27 9.59 -26.50
C ALA B 646 -30.68 10.14 -26.39
N LYS B 647 -31.60 9.43 -25.75
CA LYS B 647 -32.97 9.89 -25.59
C LYS B 647 -33.18 10.73 -24.33
N LYS B 648 -32.18 10.83 -23.47
CA LYS B 648 -32.33 11.57 -22.20
C LYS B 648 -31.71 12.92 -22.48
N ASN B 649 -32.23 14.01 -21.92
CA ASN B 649 -31.74 15.38 -22.26
C ASN B 649 -30.57 15.79 -21.36
N VAL B 650 -29.42 15.12 -21.47
CA VAL B 650 -28.19 15.50 -20.69
C VAL B 650 -27.12 15.87 -21.73
N PHE B 651 -26.93 17.15 -22.04
CA PHE B 651 -26.00 17.58 -23.07
C PHE B 651 -24.65 17.87 -22.43
N ILE B 652 -23.59 17.34 -23.03
CA ILE B 652 -22.24 17.45 -22.50
C ILE B 652 -21.47 18.42 -23.39
N ILE B 653 -20.97 19.50 -22.80
CA ILE B 653 -20.17 20.49 -23.50
C ILE B 653 -18.80 20.53 -22.84
N GLY B 654 -17.76 20.39 -23.64
CA GLY B 654 -16.39 20.50 -23.17
C GLY B 654 -15.71 21.68 -23.84
N ALA B 655 -14.87 22.37 -23.08
CA ALA B 655 -14.15 23.52 -23.58
C ALA B 655 -12.66 23.25 -23.46
N THR B 656 -11.91 23.52 -24.53
CA THR B 656 -10.48 23.31 -24.56
C THR B 656 -9.81 24.46 -25.31
N ASN B 657 -8.70 24.93 -24.78
CA ASN B 657 -7.87 25.93 -25.45
C ASN B 657 -6.80 25.31 -26.33
N ARG B 658 -6.62 23.99 -26.28
CA ARG B 658 -5.62 23.28 -27.07
C ARG B 658 -6.32 22.12 -27.76
N PRO B 659 -7.06 22.39 -28.83
CA PRO B 659 -7.85 21.32 -29.45
C PRO B 659 -7.01 20.18 -30.00
N ASP B 660 -5.73 20.41 -30.28
CA ASP B 660 -4.88 19.40 -30.90
C ASP B 660 -4.27 18.43 -29.90
N ILE B 661 -4.41 18.67 -28.59
CA ILE B 661 -3.89 17.76 -27.59
C ILE B 661 -4.94 16.75 -27.12
N ILE B 662 -6.22 16.99 -27.38
CA ILE B 662 -7.27 16.11 -26.88
C ILE B 662 -7.12 14.74 -27.54
N ASP B 663 -7.20 13.70 -26.73
CA ASP B 663 -7.17 12.34 -27.26
C ASP B 663 -8.36 12.12 -28.17
N GLY B 664 -8.10 11.46 -29.31
CA GLY B 664 -9.15 11.30 -30.32
C GLY B 664 -10.33 10.48 -29.84
N ALA B 665 -10.17 9.72 -28.76
CA ALA B 665 -11.28 8.89 -28.29
C ALA B 665 -12.45 9.76 -27.85
N ILE B 666 -12.17 10.91 -27.22
CA ILE B 666 -13.24 11.79 -26.79
C ILE B 666 -14.03 12.31 -27.97
N LEU B 667 -13.38 12.45 -29.13
CA LEU B 667 -14.03 13.00 -30.31
C LEU B 667 -14.68 11.95 -31.19
N ARG B 668 -14.60 10.67 -30.84
CA ARG B 668 -15.19 9.64 -31.67
C ARG B 668 -16.70 9.81 -31.72
N PRO B 669 -17.34 9.49 -32.85
CA PRO B 669 -18.79 9.68 -32.94
C PRO B 669 -19.53 8.99 -31.80
N GLY B 670 -20.53 9.68 -31.26
CA GLY B 670 -21.28 9.19 -30.12
C GLY B 670 -20.79 9.67 -28.77
N ARG B 671 -19.65 10.36 -28.71
CA ARG B 671 -19.11 10.85 -27.44
C ARG B 671 -19.06 12.37 -27.39
N LEU B 672 -18.30 12.99 -28.30
CA LEU B 672 -18.34 14.45 -28.51
C LEU B 672 -18.01 14.64 -29.99
N ASP B 673 -19.06 14.77 -30.80
CA ASP B 673 -18.91 14.71 -32.24
C ASP B 673 -19.11 16.06 -32.94
N GLN B 674 -19.64 17.06 -32.26
CA GLN B 674 -19.79 18.38 -32.86
C GLN B 674 -18.70 19.31 -32.31
N LEU B 675 -17.77 19.68 -33.17
CA LEU B 675 -16.74 20.64 -32.79
C LEU B 675 -17.14 22.03 -33.23
N ILE B 676 -17.10 22.99 -32.32
CA ILE B 676 -17.47 24.36 -32.61
C ILE B 676 -16.28 25.26 -32.27
N TYR B 677 -16.15 26.34 -33.05
CA TYR B 677 -15.03 27.26 -32.96
C TYR B 677 -15.55 28.61 -32.46
N ILE B 678 -15.03 29.05 -31.32
CA ILE B 678 -15.40 30.33 -30.73
C ILE B 678 -14.27 31.32 -31.01
N PRO B 679 -14.41 32.22 -31.98
CA PRO B 679 -13.29 33.09 -32.33
C PRO B 679 -13.21 34.35 -31.49
N LEU B 680 -12.23 35.19 -31.76
CA LEU B 680 -12.15 36.46 -31.07
C LEU B 680 -13.35 37.33 -31.44
N PRO B 681 -13.92 38.08 -30.50
CA PRO B 681 -15.17 38.79 -30.79
C PRO B 681 -14.99 39.85 -31.86
N ASP B 682 -16.06 40.10 -32.60
CA ASP B 682 -16.09 41.15 -33.61
C ASP B 682 -16.57 42.45 -32.95
N GLU B 683 -16.87 43.46 -33.76
CA GLU B 683 -17.15 44.78 -33.23
C GLU B 683 -18.39 44.76 -32.34
N ALA B 684 -19.50 44.20 -32.84
CA ALA B 684 -20.73 44.20 -32.05
C ALA B 684 -20.56 43.39 -30.77
N SER B 685 -19.88 42.25 -30.87
CA SER B 685 -19.65 41.44 -29.68
C SER B 685 -18.81 42.21 -28.68
N ARG B 686 -17.82 42.97 -29.14
CA ARG B 686 -17.01 43.77 -28.23
C ARG B 686 -17.85 44.86 -27.57
N VAL B 687 -18.76 45.47 -28.32
CA VAL B 687 -19.63 46.48 -27.73
C VAL B 687 -20.48 45.85 -26.63
N ASN B 688 -21.04 44.68 -26.89
CA ASN B 688 -21.85 44.01 -25.88
C ASN B 688 -21.02 43.65 -24.66
N ILE B 689 -19.79 43.16 -24.87
CA ILE B 689 -18.94 42.80 -23.74
C ILE B 689 -18.64 44.03 -22.89
N LEU B 690 -18.28 45.13 -23.54
CA LEU B 690 -17.96 46.34 -22.81
C LEU B 690 -19.16 46.86 -22.03
N LYS B 691 -20.35 46.83 -22.65
CA LYS B 691 -21.54 47.27 -21.93
C LYS B 691 -21.84 46.36 -20.74
N ALA B 692 -21.66 45.06 -20.90
CA ALA B 692 -21.92 44.14 -19.81
C ALA B 692 -20.96 44.35 -18.66
N ASN B 693 -19.69 44.59 -18.96
CA ASN B 693 -18.70 44.80 -17.90
C ASN B 693 -18.96 46.10 -17.13
N LEU B 694 -19.45 47.12 -17.81
CA LEU B 694 -19.67 48.43 -17.21
C LEU B 694 -21.10 48.62 -16.72
N ARG B 695 -21.89 47.56 -16.65
CA ARG B 695 -23.29 47.72 -16.26
C ARG B 695 -23.42 48.21 -14.83
N LYS B 696 -22.59 47.70 -13.93
CA LYS B 696 -22.71 47.98 -12.50
C LYS B 696 -21.92 49.20 -12.07
N SER B 697 -21.29 49.92 -12.99
CA SER B 697 -20.48 51.07 -12.63
C SER B 697 -21.01 52.33 -13.31
N PRO B 698 -20.91 53.49 -12.65
CA PRO B 698 -21.39 54.75 -13.25
C PRO B 698 -20.39 55.30 -14.26
N ILE B 699 -20.75 55.23 -15.53
CA ILE B 699 -19.93 55.76 -16.61
C ILE B 699 -20.43 57.15 -16.96
N ALA B 700 -19.54 57.97 -17.50
CA ALA B 700 -19.88 59.34 -17.86
C ALA B 700 -20.61 59.36 -19.20
N ARG B 701 -21.37 60.45 -19.42
CA ARG B 701 -22.18 60.57 -20.62
C ARG B 701 -21.31 60.71 -21.86
N ASP B 702 -20.16 61.38 -21.74
CA ASP B 702 -19.32 61.60 -22.91
C ASP B 702 -18.68 60.29 -23.38
N VAL B 703 -18.51 59.32 -22.49
CA VAL B 703 -17.90 58.06 -22.88
C VAL B 703 -18.79 57.36 -23.90
N ASP B 704 -18.19 56.93 -25.00
CA ASP B 704 -18.90 56.27 -26.09
C ASP B 704 -18.32 54.87 -26.27
N ILE B 705 -19.13 53.85 -25.98
CA ILE B 705 -18.65 52.48 -26.07
C ILE B 705 -18.35 52.10 -27.51
N ASN B 706 -19.04 52.72 -28.47
CA ASN B 706 -18.83 52.37 -29.87
C ASN B 706 -17.39 52.66 -30.30
N PHE B 707 -16.87 53.83 -29.96
CA PHE B 707 -15.49 54.14 -30.30
C PHE B 707 -14.54 53.21 -29.57
N LEU B 708 -14.85 52.87 -28.32
CA LEU B 708 -14.00 51.98 -27.56
C LEU B 708 -13.91 50.62 -28.23
N ALA B 709 -15.04 50.11 -28.72
CA ALA B 709 -15.03 48.85 -29.45
C ALA B 709 -14.26 48.98 -30.76
N LYS B 710 -14.44 50.09 -31.47
CA LYS B 710 -13.71 50.28 -32.72
C LYS B 710 -12.21 50.25 -32.48
N ALA B 711 -11.75 50.91 -31.42
CA ALA B 711 -10.32 50.94 -31.14
C ALA B 711 -9.79 49.56 -30.79
N THR B 712 -10.55 48.79 -30.02
CA THR B 712 -10.11 47.49 -29.55
C THR B 712 -10.51 46.43 -30.56
N GLN B 713 -9.54 45.92 -31.31
CA GLN B 713 -9.75 44.82 -32.22
C GLN B 713 -8.68 43.77 -31.98
N GLY B 714 -9.09 42.51 -31.92
CA GLY B 714 -8.22 41.44 -31.53
C GLY B 714 -8.10 41.26 -30.03
N PHE B 715 -8.84 42.02 -29.25
CA PHE B 715 -8.83 41.87 -27.79
C PHE B 715 -9.86 40.82 -27.40
N SER B 716 -9.41 39.82 -26.63
CA SER B 716 -10.31 38.85 -26.07
C SER B 716 -11.18 39.49 -24.99
N GLY B 717 -12.14 38.71 -24.48
CA GLY B 717 -13.00 39.23 -23.43
C GLY B 717 -12.23 39.59 -22.17
N ALA B 718 -11.21 38.79 -21.84
CA ALA B 718 -10.40 39.08 -20.66
C ALA B 718 -9.70 40.43 -20.80
N ASP B 719 -9.23 40.75 -22.01
CA ASP B 719 -8.57 42.03 -22.22
C ASP B 719 -9.52 43.19 -21.98
N LEU B 720 -10.75 43.09 -22.48
CA LEU B 720 -11.71 44.15 -22.27
C LEU B 720 -12.05 44.30 -20.79
N THR B 721 -12.21 43.17 -20.09
CA THR B 721 -12.46 43.23 -18.66
C THR B 721 -11.30 43.91 -17.94
N GLU B 722 -10.06 43.62 -18.35
CA GLU B 722 -8.91 44.26 -17.74
C GLU B 722 -8.89 45.75 -18.00
N ILE B 723 -9.28 46.16 -19.19
CA ILE B 723 -9.35 47.60 -19.51
C ILE B 723 -10.35 48.27 -18.57
N CYS B 724 -11.51 47.67 -18.40
CA CYS B 724 -12.51 48.25 -17.50
C CYS B 724 -12.01 48.29 -16.07
N GLN B 725 -11.32 47.23 -15.64
CA GLN B 725 -10.72 47.20 -14.31
C GLN B 725 -9.75 48.35 -14.12
N ARG B 726 -8.90 48.60 -15.12
CA ARG B 726 -7.91 49.66 -14.99
C ARG B 726 -8.57 51.02 -14.94
N ALA B 727 -9.60 51.24 -15.76
CA ALA B 727 -10.33 52.50 -15.69
C ALA B 727 -10.92 52.71 -14.30
N CYS B 728 -11.55 51.68 -13.75
CA CYS B 728 -12.12 51.82 -12.43
C CYS B 728 -11.04 52.10 -11.39
N LYS B 729 -9.90 51.43 -11.50
CA LYS B 729 -8.83 51.62 -10.52
C LYS B 729 -8.32 53.06 -10.56
N GLN B 730 -8.15 53.62 -11.75
CA GLN B 730 -7.77 55.03 -11.84
C GLN B 730 -8.82 55.91 -11.20
N ALA B 731 -10.10 55.57 -11.38
CA ALA B 731 -11.15 56.34 -10.73
C ALA B 731 -11.02 56.31 -9.22
N ILE B 732 -10.77 55.12 -8.65
CA ILE B 732 -10.62 55.03 -7.20
C ILE B 732 -9.44 55.86 -6.73
N ARG B 733 -8.32 55.78 -7.45
CA ARG B 733 -7.14 56.54 -7.05
C ARG B 733 -7.43 58.04 -7.06
N GLU B 734 -8.07 58.52 -8.13
CA GLU B 734 -8.40 59.94 -8.21
C GLU B 734 -9.32 60.34 -7.08
N SER B 735 -10.30 59.49 -6.75
CA SER B 735 -11.25 59.84 -5.71
C SER B 735 -10.58 59.92 -4.35
N ILE B 736 -9.70 58.95 -4.05
CA ILE B 736 -9.00 58.99 -2.77
C ILE B 736 -8.10 60.22 -2.69
N GLU B 737 -7.38 60.53 -3.77
CA GLU B 737 -6.51 61.71 -3.75
C GLU B 737 -7.32 62.98 -3.56
N ALA B 738 -8.47 63.07 -4.22
CA ALA B 738 -9.31 64.26 -4.06
C ALA B 738 -9.81 64.38 -2.64
N GLU B 739 -10.20 63.25 -2.02
CA GLU B 739 -10.65 63.30 -0.64
C GLU B 739 -9.53 63.76 0.28
N ILE B 740 -8.31 63.27 0.05
CA ILE B 740 -7.18 63.68 0.90
C ILE B 740 -6.93 65.18 0.74
N ARG B 741 -6.93 65.67 -0.51
CA ARG B 741 -6.70 67.09 -0.72
C ARG B 741 -7.80 67.93 -0.07
N ALA B 742 -9.05 67.49 -0.16
CA ALA B 742 -10.13 68.21 0.50
C ALA B 742 -9.94 68.22 2.00
N GLU B 743 -9.53 67.09 2.58
CA GLU B 743 -9.31 67.03 4.02
C GLU B 743 -8.20 67.97 4.45
N SER B 744 -7.11 68.02 3.67
CA SER B 744 -6.00 68.90 4.03
C SER B 744 -6.45 70.36 4.08
N GLU B 745 -7.27 70.77 3.13
CA GLU B 745 -7.80 72.13 3.12
C GLU B 745 -8.61 72.39 4.39
N ASP B 758 -18.30 65.06 -4.22
CA ASP B 758 -17.71 64.00 -5.03
C ASP B 758 -17.06 64.57 -6.28
N PRO B 759 -15.78 64.95 -6.18
CA PRO B 759 -15.09 65.50 -7.36
C PRO B 759 -15.04 64.53 -8.54
N VAL B 760 -15.10 63.23 -8.28
CA VAL B 760 -15.05 62.23 -9.34
C VAL B 760 -16.20 61.26 -9.14
N PRO B 761 -17.43 61.61 -9.53
CA PRO B 761 -18.57 60.71 -9.33
C PRO B 761 -18.78 59.69 -10.45
N GLU B 762 -17.99 59.77 -11.53
CA GLU B 762 -18.16 58.89 -12.67
C GLU B 762 -16.80 58.57 -13.26
N ILE B 763 -16.74 57.45 -13.97
CA ILE B 763 -15.53 57.07 -14.70
C ILE B 763 -15.49 57.91 -15.97
N THR B 764 -14.54 58.83 -16.05
CA THR B 764 -14.50 59.80 -17.15
C THR B 764 -13.82 59.16 -18.35
N ARG B 765 -13.59 59.95 -19.39
CA ARG B 765 -12.97 59.46 -20.61
C ARG B 765 -11.45 59.54 -20.55
N ARG B 766 -10.91 60.46 -19.76
CA ARG B 766 -9.47 60.47 -19.53
C ARG B 766 -9.05 59.19 -18.83
N HIS B 767 -9.90 58.66 -17.94
CA HIS B 767 -9.59 57.42 -17.26
C HIS B 767 -9.45 56.27 -18.26
N PHE B 768 -10.39 56.15 -19.18
CA PHE B 768 -10.29 55.10 -20.19
C PHE B 768 -9.09 55.30 -21.10
N GLU B 769 -8.82 56.56 -21.48
CA GLU B 769 -7.67 56.83 -22.32
C GLU B 769 -6.38 56.41 -21.64
N GLU B 770 -6.26 56.68 -20.34
CA GLU B 770 -5.06 56.28 -19.62
C GLU B 770 -5.01 54.77 -19.43
N ALA B 771 -6.16 54.13 -19.23
CA ALA B 771 -6.18 52.69 -19.03
C ALA B 771 -5.82 51.95 -20.32
N MET B 772 -6.11 52.55 -21.48
CA MET B 772 -5.78 51.91 -22.74
C MET B 772 -4.33 52.09 -23.16
N ARG B 773 -3.57 52.92 -22.45
CA ARG B 773 -2.16 53.07 -22.79
C ARG B 773 -1.42 51.75 -22.67
N PHE B 774 -1.65 51.03 -21.58
CA PHE B 774 -0.99 49.76 -21.32
C PHE B 774 -1.79 48.57 -21.84
N ALA B 775 -2.94 48.80 -22.48
CA ALA B 775 -3.73 47.70 -22.99
C ALA B 775 -2.94 46.91 -24.02
N ARG B 776 -2.82 45.61 -23.78
CA ARG B 776 -2.02 44.74 -24.64
C ARG B 776 -2.86 43.53 -25.04
N ARG B 777 -2.86 43.23 -26.33
N ARG B 777 -2.88 43.23 -26.34
CA ARG B 777 -3.54 42.07 -26.86
CA ARG B 777 -3.62 42.08 -26.81
C ARG B 777 -2.93 40.80 -26.27
C ARG B 777 -2.97 40.80 -26.32
N SER B 778 -3.80 39.86 -25.86
CA SER B 778 -3.34 38.62 -25.26
C SER B 778 -3.24 37.45 -26.22
N VAL B 779 -3.67 37.61 -27.47
CA VAL B 779 -3.66 36.53 -28.45
C VAL B 779 -2.94 37.02 -29.70
N THR B 780 -1.83 36.37 -30.03
CA THR B 780 -1.07 36.71 -31.22
C THR B 780 -1.76 36.19 -32.47
N GLU B 781 -1.47 36.82 -33.61
CA GLU B 781 -2.06 36.37 -34.86
C GLU B 781 -1.61 34.95 -35.20
N ASN B 782 -0.46 34.52 -34.68
CA ASN B 782 -0.02 33.15 -34.91
C ASN B 782 -1.00 32.16 -34.29
N ASP B 783 -1.46 32.43 -33.07
CA ASP B 783 -2.43 31.55 -32.43
C ASP B 783 -3.75 31.51 -33.20
N VAL B 784 -4.22 32.68 -33.64
CA VAL B 784 -5.46 32.73 -34.40
C VAL B 784 -5.32 31.90 -35.67
N ARG B 785 -4.18 32.01 -36.35
CA ARG B 785 -3.97 31.24 -37.55
C ARG B 785 -3.87 29.74 -37.24
N LYS B 786 -3.31 29.38 -36.10
CA LYS B 786 -3.27 27.97 -35.71
C LYS B 786 -4.67 27.42 -35.53
N TYR B 787 -5.54 28.18 -34.86
CA TYR B 787 -6.91 27.74 -34.69
C TYR B 787 -7.62 27.66 -36.04
N GLU B 788 -7.39 28.63 -36.92
CA GLU B 788 -8.02 28.58 -38.23
C GLU B 788 -7.56 27.35 -39.01
N MET B 789 -6.28 27.01 -38.90
CA MET B 789 -5.79 25.81 -39.57
C MET B 789 -6.45 24.57 -39.00
N PHE B 790 -6.60 24.49 -37.68
CA PHE B 790 -7.29 23.35 -37.10
C PHE B 790 -8.73 23.28 -37.61
N ALA B 791 -9.36 24.44 -37.79
CA ALA B 791 -10.72 24.47 -38.34
C ALA B 791 -10.73 23.94 -39.77
N GLN B 792 -9.75 24.35 -40.58
CA GLN B 792 -9.69 23.88 -41.96
C GLN B 792 -9.50 22.38 -42.02
N THR B 793 -8.55 21.85 -41.23
CA THR B 793 -8.37 20.40 -41.18
C THR B 793 -9.63 19.69 -40.73
N LEU B 794 -10.51 20.39 -40.01
CA LEU B 794 -11.79 19.83 -39.63
C LEU B 794 -12.86 20.24 -40.64
N GLU C 229 -11.13 27.64 46.39
CA GLU C 229 -10.61 28.87 46.97
C GLU C 229 -9.99 29.74 45.90
N LYS C 230 -8.80 29.35 45.43
CA LYS C 230 -8.14 30.13 44.39
C LYS C 230 -8.80 29.93 43.03
N LEU C 231 -9.38 28.75 42.79
CA LEU C 231 -10.04 28.51 41.50
C LEU C 231 -11.22 29.44 41.30
N ASN C 232 -11.99 29.70 42.35
CA ASN C 232 -13.15 30.55 42.25
C ASN C 232 -12.80 32.03 42.24
N GLU C 233 -11.53 32.38 42.07
CA GLU C 233 -11.10 33.76 41.91
C GLU C 233 -10.37 34.00 40.60
N ILE C 234 -10.32 33.02 39.71
CA ILE C 234 -9.67 33.18 38.42
C ILE C 234 -10.55 34.05 37.54
N GLY C 235 -9.96 35.11 36.99
CA GLY C 235 -10.71 36.04 36.15
C GLY C 235 -10.00 36.31 34.85
N TYR C 236 -10.39 37.40 34.17
CA TYR C 236 -9.81 37.70 32.87
C TYR C 236 -8.37 38.18 33.01
N ASP C 237 -8.02 38.75 34.16
CA ASP C 237 -6.65 39.23 34.36
C ASP C 237 -5.67 38.10 34.62
N ASP C 238 -6.15 36.91 34.95
CA ASP C 238 -5.29 35.77 35.20
C ASP C 238 -5.05 34.91 33.97
N ILE C 239 -5.59 35.31 32.82
CA ILE C 239 -5.35 34.63 31.56
C ILE C 239 -4.61 35.60 30.65
N GLY C 240 -3.49 35.16 30.08
CA GLY C 240 -2.72 35.97 29.17
C GLY C 240 -2.48 35.26 27.86
N GLY C 241 -2.18 36.05 26.84
CA GLY C 241 -1.87 35.52 25.53
C GLY C 241 -3.06 35.43 24.60
N CYS C 242 -4.27 35.66 25.08
CA CYS C 242 -5.47 35.63 24.26
C CYS C 242 -6.36 36.79 24.69
N ARG C 243 -6.28 37.91 23.96
CA ARG C 243 -7.07 39.09 24.25
C ARG C 243 -8.18 39.33 23.24
N LYS C 244 -7.95 39.05 21.96
CA LYS C 244 -9.03 39.13 20.98
C LYS C 244 -10.04 38.00 21.20
N GLN C 245 -9.55 36.77 21.31
CA GLN C 245 -10.44 35.64 21.56
C GLN C 245 -11.21 35.84 22.85
N LEU C 246 -10.57 36.47 23.84
CA LEU C 246 -11.25 36.66 25.12
C LEU C 246 -12.40 37.64 24.97
N ALA C 247 -12.21 38.71 24.19
CA ALA C 247 -13.31 39.63 23.92
C ALA C 247 -14.43 38.94 23.16
N GLN C 248 -14.07 38.11 22.17
CA GLN C 248 -15.10 37.34 21.46
C GLN C 248 -15.92 36.53 22.44
N ILE C 249 -15.26 35.73 23.28
CA ILE C 249 -15.97 34.83 24.18
C ILE C 249 -16.77 35.64 25.19
N LYS C 250 -16.26 36.80 25.60
CA LYS C 250 -17.01 37.66 26.50
C LYS C 250 -18.32 38.10 25.88
N GLU C 251 -18.26 38.72 24.69
CA GLU C 251 -19.49 39.10 24.00
C GLU C 251 -20.40 37.90 23.84
N MET C 252 -19.83 36.73 23.59
CA MET C 252 -20.59 35.59 23.11
C MET C 252 -21.26 34.83 24.26
N VAL C 253 -20.71 34.91 25.47
CA VAL C 253 -21.23 34.20 26.63
C VAL C 253 -21.76 35.16 27.69
N GLU C 254 -20.92 36.10 28.15
CA GLU C 254 -21.27 36.93 29.29
C GLU C 254 -22.56 37.71 29.06
N LEU C 255 -22.63 38.46 27.97
CA LEU C 255 -23.81 39.30 27.74
C LEU C 255 -25.08 38.48 27.65
N PRO C 256 -25.14 37.39 26.89
CA PRO C 256 -26.35 36.56 26.91
C PRO C 256 -26.73 36.07 28.30
N LEU C 257 -25.75 35.70 29.13
CA LEU C 257 -26.03 35.14 30.44
C LEU C 257 -26.26 36.20 31.51
N ARG C 258 -26.15 37.49 31.18
CA ARG C 258 -26.37 38.56 32.14
C ARG C 258 -27.59 39.42 31.81
N HIS C 259 -27.86 39.65 30.53
CA HIS C 259 -29.02 40.45 30.11
C HIS C 259 -29.74 39.72 28.98
N PRO C 260 -30.35 38.57 29.27
CA PRO C 260 -31.06 37.84 28.21
C PRO C 260 -32.21 38.61 27.61
N GLN C 261 -32.72 39.62 28.31
CA GLN C 261 -33.89 40.35 27.82
C GLN C 261 -33.61 40.98 26.46
N LEU C 262 -32.49 41.69 26.34
CA LEU C 262 -32.20 42.39 25.09
C LEU C 262 -32.01 41.41 23.94
N PHE C 263 -31.24 40.36 24.17
CA PHE C 263 -30.95 39.39 23.12
C PHE C 263 -32.22 38.69 22.65
N LYS C 264 -33.06 38.27 23.59
CA LYS C 264 -34.32 37.64 23.20
C LYS C 264 -35.25 38.63 22.54
N ALA C 265 -35.16 39.91 22.90
CA ALA C 265 -35.96 40.93 22.23
C ALA C 265 -35.59 41.01 20.75
N ILE C 266 -34.35 41.38 20.45
CA ILE C 266 -33.97 41.55 19.05
C ILE C 266 -33.84 40.22 18.32
N GLY C 267 -33.84 39.10 19.04
CA GLY C 267 -33.80 37.80 18.40
C GLY C 267 -32.41 37.31 18.05
N VAL C 268 -31.53 37.23 19.02
CA VAL C 268 -30.20 36.64 18.87
C VAL C 268 -30.19 35.32 19.63
N LYS C 269 -29.84 34.24 18.94
CA LYS C 269 -29.76 32.94 19.58
C LYS C 269 -28.42 32.80 20.27
N PRO C 270 -28.37 32.62 21.59
CA PRO C 270 -27.08 32.42 22.24
C PRO C 270 -26.46 31.11 21.80
N PRO C 271 -25.14 31.03 21.70
CA PRO C 271 -24.52 29.80 21.24
C PRO C 271 -24.66 28.68 22.26
N ARG C 272 -24.55 27.46 21.76
CA ARG C 272 -24.67 26.26 22.56
C ARG C 272 -23.42 25.40 22.54
N GLY C 273 -22.62 25.49 21.47
CA GLY C 273 -21.39 24.73 21.39
C GLY C 273 -20.19 25.59 21.01
N ILE C 274 -19.24 25.69 21.93
CA ILE C 274 -18.01 26.46 21.75
C ILE C 274 -16.85 25.49 21.85
N LEU C 275 -16.04 25.43 20.80
CA LEU C 275 -14.89 24.52 20.75
C LEU C 275 -13.63 25.38 20.67
N LEU C 276 -12.85 25.38 21.74
CA LEU C 276 -11.58 26.06 21.78
C LEU C 276 -10.49 25.10 21.37
N TYR C 277 -9.69 25.47 20.36
CA TYR C 277 -8.63 24.61 19.88
C TYR C 277 -7.35 25.42 19.69
N GLY C 278 -6.22 24.73 19.77
CA GLY C 278 -4.93 25.34 19.61
C GLY C 278 -3.82 24.49 20.19
N PRO C 279 -2.59 24.99 20.11
CA PRO C 279 -1.46 24.21 20.63
C PRO C 279 -1.54 24.07 22.13
N PRO C 280 -0.94 23.02 22.69
CA PRO C 280 -1.01 22.82 24.14
C PRO C 280 -0.28 23.90 24.93
N GLY C 281 -0.70 24.06 26.18
CA GLY C 281 -0.05 24.99 27.08
C GLY C 281 -0.48 26.43 26.92
N THR C 282 -1.56 26.70 26.20
CA THR C 282 -1.92 28.07 25.82
C THR C 282 -2.90 28.71 26.79
N GLY C 283 -3.27 28.04 27.88
CA GLY C 283 -4.19 28.63 28.83
C GLY C 283 -5.65 28.54 28.45
N LYS C 284 -6.00 27.73 27.44
CA LYS C 284 -7.40 27.60 27.05
C LYS C 284 -8.21 26.80 28.05
N THR C 285 -7.57 26.15 29.02
CA THR C 285 -8.30 25.45 30.07
C THR C 285 -8.80 26.38 31.16
N LEU C 286 -8.32 27.63 31.20
CA LEU C 286 -8.77 28.60 32.18
C LEU C 286 -9.82 29.55 31.64
N VAL C 287 -10.02 29.59 30.33
CA VAL C 287 -10.97 30.53 29.74
C VAL C 287 -12.38 30.20 30.20
N ALA C 288 -12.75 28.92 30.22
CA ALA C 288 -14.09 28.54 30.63
C ALA C 288 -14.37 28.99 32.06
N ARG C 289 -13.42 28.73 32.96
CA ARG C 289 -13.63 29.07 34.37
C ARG C 289 -13.64 30.58 34.56
N ALA C 290 -12.80 31.30 33.83
CA ALA C 290 -12.81 32.76 33.94
C ALA C 290 -14.15 33.32 33.49
N VAL C 291 -14.69 32.82 32.38
CA VAL C 291 -16.00 33.28 31.92
C VAL C 291 -17.06 32.95 32.95
N ALA C 292 -17.02 31.73 33.50
CA ALA C 292 -18.02 31.34 34.49
C ALA C 292 -17.96 32.24 35.72
N ASN C 293 -16.75 32.56 36.19
CA ASN C 293 -16.62 33.36 37.40
C ASN C 293 -17.02 34.81 37.14
N GLU C 294 -16.69 35.35 35.98
CA GLU C 294 -17.01 36.74 35.69
C GLU C 294 -18.49 36.93 35.38
N SER C 295 -19.15 35.95 34.78
CA SER C 295 -20.57 36.03 34.48
C SER C 295 -21.45 35.57 35.64
N GLY C 296 -20.87 35.08 36.72
CA GLY C 296 -21.65 34.62 37.84
C GLY C 296 -22.40 33.33 37.62
N SER C 297 -21.93 32.50 36.69
CA SER C 297 -22.63 31.29 36.31
C SER C 297 -21.99 30.06 36.95
N PHE C 298 -22.81 29.04 37.13
CA PHE C 298 -22.34 27.77 37.66
C PHE C 298 -21.35 27.13 36.69
N PHE C 299 -20.40 26.38 37.22
CA PHE C 299 -19.35 25.76 36.43
C PHE C 299 -19.23 24.28 36.79
N PHE C 300 -19.27 23.43 35.78
CA PHE C 300 -19.05 22.00 35.95
C PHE C 300 -17.98 21.55 34.98
N LEU C 301 -17.06 20.72 35.48
CA LEU C 301 -15.87 20.31 34.73
C LEU C 301 -15.94 18.83 34.44
N ILE C 302 -15.80 18.46 33.17
CA ILE C 302 -15.67 17.07 32.76
C ILE C 302 -14.28 16.88 32.17
N ASN C 303 -13.49 16.04 32.80
CA ASN C 303 -12.19 15.66 32.27
C ASN C 303 -12.34 14.37 31.48
N GLY C 304 -11.92 14.40 30.22
CA GLY C 304 -12.08 13.26 29.34
C GLY C 304 -11.43 12.02 29.90
N PRO C 305 -10.16 12.12 30.30
CA PRO C 305 -9.50 10.96 30.91
C PRO C 305 -10.21 10.43 32.13
N GLU C 306 -10.75 11.31 32.98
CA GLU C 306 -11.45 10.84 34.18
C GLU C 306 -12.71 10.08 33.81
N ILE C 307 -13.47 10.56 32.84
CA ILE C 307 -14.67 9.85 32.41
C ILE C 307 -14.30 8.51 31.80
N MET C 308 -13.27 8.48 30.96
CA MET C 308 -12.92 7.26 30.26
C MET C 308 -12.15 6.26 31.13
N SER C 309 -11.79 6.63 32.35
CA SER C 309 -11.13 5.71 33.27
C SER C 309 -12.13 4.92 34.10
N LYS C 310 -13.42 5.21 33.99
CA LYS C 310 -14.43 4.50 34.76
C LYS C 310 -14.96 3.31 33.98
N LEU C 311 -15.82 2.53 34.62
CA LEU C 311 -16.37 1.34 34.00
C LEU C 311 -17.35 1.73 32.90
N ALA C 312 -17.95 0.71 32.28
CA ALA C 312 -18.80 0.96 31.12
C ALA C 312 -20.00 1.82 31.48
N GLY C 313 -20.58 1.62 32.66
CA GLY C 313 -21.79 2.32 33.02
C GLY C 313 -21.53 3.60 33.78
N GLU C 314 -20.46 3.65 34.57
CA GLU C 314 -20.21 4.82 35.39
C GLU C 314 -19.84 6.04 34.54
N SER C 315 -19.21 5.83 33.39
CA SER C 315 -18.93 6.96 32.50
C SER C 315 -20.22 7.59 31.99
N GLU C 316 -21.15 6.74 31.54
CA GLU C 316 -22.44 7.21 31.09
C GLU C 316 -23.16 7.95 32.21
N SER C 317 -23.12 7.36 33.41
CA SER C 317 -23.79 7.96 34.54
C SER C 317 -23.20 9.32 34.88
N ASN C 318 -21.87 9.44 34.81
CA ASN C 318 -21.24 10.70 35.15
C ASN C 318 -21.56 11.78 34.13
N LEU C 319 -21.57 11.43 32.84
CA LEU C 319 -21.94 12.43 31.83
C LEU C 319 -23.38 12.90 32.05
N ARG C 320 -24.30 11.95 32.26
CA ARG C 320 -25.69 12.32 32.46
C ARG C 320 -25.86 13.17 33.71
N LYS C 321 -25.19 12.80 34.80
CA LYS C 321 -25.30 13.57 36.03
C LYS C 321 -24.73 14.97 35.85
N ALA C 322 -23.63 15.09 35.11
CA ALA C 322 -23.07 16.41 34.84
C ALA C 322 -24.09 17.29 34.14
N PHE C 323 -24.68 16.78 33.06
CA PHE C 323 -25.64 17.60 32.32
C PHE C 323 -26.87 17.92 33.16
N GLU C 324 -27.36 16.95 33.94
CA GLU C 324 -28.53 17.19 34.78
C GLU C 324 -28.25 18.25 35.84
N GLU C 325 -27.11 18.17 36.51
CA GLU C 325 -26.78 19.16 37.53
C GLU C 325 -26.57 20.52 36.90
N ALA C 326 -26.01 20.57 35.69
CA ALA C 326 -25.86 21.84 35.01
C ALA C 326 -27.21 22.46 34.70
N GLU C 327 -28.17 21.66 34.23
CA GLU C 327 -29.50 22.18 33.95
C GLU C 327 -30.20 22.64 35.22
N LYS C 328 -30.02 21.90 36.32
CA LYS C 328 -30.72 22.21 37.56
C LYS C 328 -30.22 23.50 38.19
N ASN C 329 -28.99 23.92 37.89
CA ASN C 329 -28.41 25.13 38.47
C ASN C 329 -28.19 26.21 37.41
N ALA C 330 -29.06 26.27 36.41
CA ALA C 330 -28.87 27.21 35.32
C ALA C 330 -28.93 28.64 35.86
N PRO C 331 -28.18 29.57 35.24
CA PRO C 331 -27.28 29.40 34.09
C PRO C 331 -26.00 28.68 34.47
N ALA C 332 -25.38 27.95 33.54
CA ALA C 332 -24.21 27.15 33.86
C ALA C 332 -23.34 27.01 32.63
N ILE C 333 -22.09 26.62 32.86
CA ILE C 333 -21.15 26.31 31.80
C ILE C 333 -20.55 24.94 32.08
N ILE C 334 -20.62 24.06 31.09
CA ILE C 334 -20.04 22.72 31.16
C ILE C 334 -18.79 22.73 30.28
N PHE C 335 -17.64 22.43 30.88
CA PHE C 335 -16.37 22.42 30.18
C PHE C 335 -15.90 20.98 30.04
N ILE C 336 -15.68 20.53 28.81
CA ILE C 336 -15.18 19.20 28.54
C ILE C 336 -13.72 19.28 28.12
N ASP C 337 -12.82 19.16 29.08
CA ASP C 337 -11.40 19.16 28.77
C ASP C 337 -11.04 17.89 28.00
N GLU C 338 -10.26 18.04 26.93
CA GLU C 338 -9.80 16.92 26.12
C GLU C 338 -11.00 16.14 25.55
N LEU C 339 -11.75 16.84 24.69
CA LEU C 339 -12.90 16.21 24.05
C LEU C 339 -12.48 15.04 23.17
N ASP C 340 -11.30 15.11 22.57
CA ASP C 340 -10.83 14.02 21.71
C ASP C 340 -10.64 12.73 22.49
N ALA C 341 -10.55 12.81 23.82
CA ALA C 341 -10.48 11.59 24.63
C ALA C 341 -11.84 10.91 24.70
N ILE C 342 -12.91 11.69 24.79
CA ILE C 342 -14.25 11.11 24.87
C ILE C 342 -14.77 10.76 23.49
N ALA C 343 -14.62 11.66 22.53
CA ALA C 343 -15.21 11.52 21.20
C ALA C 343 -14.13 11.68 20.14
N PRO C 344 -13.28 10.67 19.98
CA PRO C 344 -12.28 10.72 18.91
C PRO C 344 -12.90 10.43 17.55
N LYS C 345 -12.09 10.42 16.50
CA LYS C 345 -12.61 10.12 15.18
C LYS C 345 -13.24 8.74 15.16
N ARG C 346 -14.29 8.59 14.37
CA ARG C 346 -15.06 7.35 14.38
C ARG C 346 -14.21 6.13 14.08
N GLU C 347 -13.16 6.30 13.27
CA GLU C 347 -12.30 5.18 12.91
C GLU C 347 -11.25 4.87 13.97
N LYS C 348 -11.02 5.77 14.92
CA LYS C 348 -10.05 5.51 15.97
C LYS C 348 -10.63 4.68 17.11
N THR C 349 -11.93 4.38 17.10
CA THR C 349 -12.57 3.58 18.14
C THR C 349 -12.78 2.16 17.63
N HIS C 350 -12.40 1.20 18.44
CA HIS C 350 -12.47 -0.21 18.09
C HIS C 350 -13.53 -0.99 18.86
N GLY C 351 -14.01 -0.47 19.99
CA GLY C 351 -15.03 -1.13 20.78
C GLY C 351 -16.37 -0.41 20.66
N GLU C 352 -17.38 -1.04 21.26
CA GLU C 352 -18.73 -0.50 21.23
C GLU C 352 -19.04 0.40 22.42
N VAL C 353 -18.34 0.22 23.55
CA VAL C 353 -18.59 1.06 24.71
C VAL C 353 -18.21 2.51 24.42
N GLU C 354 -17.09 2.70 23.71
CA GLU C 354 -16.66 4.06 23.38
C GLU C 354 -17.65 4.72 22.42
N ARG C 355 -18.14 3.97 21.43
CA ARG C 355 -19.16 4.50 20.54
C ARG C 355 -20.42 4.85 21.31
N ARG C 356 -20.76 4.04 22.32
CA ARG C 356 -21.91 4.36 23.16
C ARG C 356 -21.71 5.67 23.89
N ILE C 357 -20.49 5.93 24.37
CA ILE C 357 -20.24 7.18 25.07
C ILE C 357 -20.34 8.36 24.12
N VAL C 358 -19.83 8.20 22.89
CA VAL C 358 -19.96 9.27 21.90
C VAL C 358 -21.42 9.55 21.60
N SER C 359 -22.21 8.50 21.43
CA SER C 359 -23.63 8.67 21.13
C SER C 359 -24.37 9.31 22.30
N GLN C 360 -24.02 8.94 23.52
CA GLN C 360 -24.62 9.59 24.69
C GLN C 360 -24.30 11.07 24.70
N LEU C 361 -23.05 11.43 24.38
CA LEU C 361 -22.69 12.84 24.35
C LEU C 361 -23.52 13.59 23.31
N LEU C 362 -23.67 13.00 22.11
CA LEU C 362 -24.48 13.65 21.08
C LEU C 362 -25.92 13.80 21.55
N THR C 363 -26.49 12.75 22.14
CA THR C 363 -27.87 12.81 22.59
C THR C 363 -28.06 13.89 23.65
N LEU C 364 -27.14 13.98 24.60
CA LEU C 364 -27.22 15.01 25.63
C LEU C 364 -27.10 16.39 25.01
N MET C 365 -26.18 16.55 24.04
CA MET C 365 -26.00 17.86 23.41
C MET C 365 -27.26 18.30 22.70
N ASP C 366 -27.92 17.39 21.98
CA ASP C 366 -29.14 17.76 21.27
C ASP C 366 -30.31 18.00 22.20
N GLY C 367 -30.25 17.47 23.42
CA GLY C 367 -31.34 17.62 24.36
C GLY C 367 -31.36 18.92 25.11
N LEU C 368 -30.41 19.81 24.85
CA LEU C 368 -30.38 21.11 25.52
C LEU C 368 -31.42 22.02 24.88
N LYS C 369 -32.46 22.34 25.63
CA LYS C 369 -33.49 23.24 25.14
C LYS C 369 -32.91 24.64 24.96
N GLN C 370 -33.45 25.37 23.97
CA GLN C 370 -32.97 26.72 23.72
C GLN C 370 -33.17 27.62 24.93
N ARG C 371 -34.28 27.43 25.65
CA ARG C 371 -34.55 28.26 26.81
C ARG C 371 -33.52 28.03 27.91
N SER C 372 -33.15 26.78 28.16
CA SER C 372 -32.18 26.48 29.20
C SER C 372 -30.88 27.20 28.92
N HIS C 373 -30.34 27.86 29.94
CA HIS C 373 -29.14 28.68 29.78
C HIS C 373 -27.90 27.88 30.17
N VAL C 374 -27.60 26.89 29.34
CA VAL C 374 -26.43 26.04 29.51
C VAL C 374 -25.59 26.16 28.25
N ILE C 375 -24.31 26.52 28.43
CA ILE C 375 -23.35 26.62 27.34
C ILE C 375 -22.28 25.57 27.57
N VAL C 376 -22.03 24.75 26.55
CA VAL C 376 -21.06 23.67 26.63
C VAL C 376 -19.81 24.11 25.88
N MET C 377 -18.70 24.24 26.59
CA MET C 377 -17.41 24.57 26.00
C MET C 377 -16.50 23.36 26.08
N ALA C 378 -15.66 23.20 25.06
CA ALA C 378 -14.75 22.07 24.99
C ALA C 378 -13.40 22.56 24.50
N ALA C 379 -12.37 21.75 24.76
CA ALA C 379 -11.01 22.08 24.38
C ALA C 379 -10.37 20.87 23.73
N THR C 380 -9.72 21.08 22.58
CA THR C 380 -9.00 20.02 21.89
C THR C 380 -7.76 20.61 21.23
N ASN C 381 -6.80 19.74 20.94
CA ASN C 381 -5.58 20.18 20.26
C ASN C 381 -5.89 20.62 18.84
N ARG C 382 -6.59 19.80 18.08
CA ARG C 382 -7.05 20.13 16.75
C ARG C 382 -8.51 19.75 16.61
N PRO C 383 -9.27 20.46 15.77
CA PRO C 383 -10.69 20.12 15.61
C PRO C 383 -10.92 18.90 14.74
N ASN C 384 -9.94 18.47 13.94
CA ASN C 384 -10.13 17.29 13.11
C ASN C 384 -10.10 16.01 13.90
N SER C 385 -9.50 16.01 15.09
CA SER C 385 -9.44 14.82 15.92
C SER C 385 -10.76 14.47 16.56
N VAL C 386 -11.74 15.37 16.51
CA VAL C 386 -13.05 15.14 17.12
C VAL C 386 -13.95 14.45 16.09
N ASP C 387 -14.93 13.71 16.60
CA ASP C 387 -15.88 13.04 15.74
C ASP C 387 -16.59 14.05 14.85
N PRO C 388 -16.65 13.84 13.53
CA PRO C 388 -17.33 14.83 12.68
C PRO C 388 -18.75 15.12 13.09
N ALA C 389 -19.45 14.15 13.67
CA ALA C 389 -20.84 14.36 14.05
C ALA C 389 -20.98 15.48 15.08
N LEU C 390 -19.98 15.65 15.94
CA LEU C 390 -20.07 16.66 16.99
C LEU C 390 -19.98 18.06 16.43
N ARG C 391 -19.30 18.25 15.31
CA ARG C 391 -19.14 19.56 14.69
C ARG C 391 -20.26 19.84 13.70
N ARG C 392 -21.49 19.74 14.13
CA ARG C 392 -22.63 19.94 13.21
C ARG C 392 -23.17 21.31 13.51
N PHE C 393 -24.35 21.65 13.03
CA PHE C 393 -24.91 22.99 13.11
C PHE C 393 -25.71 23.23 14.38
N GLY C 394 -25.84 22.24 15.25
CA GLY C 394 -26.59 22.42 16.47
C GLY C 394 -25.90 21.84 17.69
N ARG C 395 -24.67 21.36 17.52
CA ARG C 395 -23.92 20.77 18.62
C ARG C 395 -22.68 21.58 18.95
N PHE C 396 -21.75 21.75 18.02
CA PHE C 396 -20.55 22.56 18.22
C PHE C 396 -20.39 23.39 16.96
N ASP C 397 -21.06 24.55 16.93
CA ASP C 397 -21.08 25.40 15.77
C ASP C 397 -20.15 26.60 15.87
N ARG C 398 -19.66 26.93 17.05
CA ARG C 398 -18.67 28.02 17.16
C ARG C 398 -17.33 27.37 17.44
N GLU C 399 -16.28 27.78 16.78
CA GLU C 399 -14.91 27.32 16.98
C GLU C 399 -13.99 28.52 17.09
N ILE C 400 -13.16 28.52 18.14
CA ILE C 400 -12.23 29.60 18.42
C ILE C 400 -10.84 29.02 18.58
N GLU C 401 -9.86 29.63 17.92
CA GLU C 401 -8.48 29.19 18.00
C GLU C 401 -7.73 30.08 18.97
N ILE C 402 -7.16 29.46 20.01
CA ILE C 402 -6.29 30.14 20.95
C ILE C 402 -4.87 29.70 20.60
N GLY C 403 -4.19 30.48 19.77
CA GLY C 403 -2.90 30.11 19.22
C GLY C 403 -1.74 30.71 19.99
N ILE C 404 -0.58 30.67 19.35
CA ILE C 404 0.66 31.12 19.99
C ILE C 404 0.57 32.61 20.25
N PRO C 405 0.96 33.09 21.43
CA PRO C 405 0.88 34.53 21.69
C PRO C 405 1.92 35.30 20.90
N ASP C 406 1.58 36.55 20.59
CA ASP C 406 2.52 37.48 19.99
C ASP C 406 3.35 38.12 21.10
N SER C 407 4.10 39.17 20.76
CA SER C 407 5.00 39.78 21.73
C SER C 407 4.25 40.34 22.92
N ILE C 408 3.12 41.02 22.66
CA ILE C 408 2.35 41.61 23.74
C ILE C 408 1.76 40.51 24.63
N GLY C 409 1.27 39.44 24.01
CA GLY C 409 0.77 38.32 24.81
C GLY C 409 1.86 37.68 25.64
N ARG C 410 3.06 37.55 25.07
CA ARG C 410 4.17 36.99 25.83
C ARG C 410 4.51 37.87 27.03
N LEU C 411 4.49 39.18 26.85
CA LEU C 411 4.77 40.07 27.97
C LEU C 411 3.68 39.96 29.03
N GLU C 412 2.41 39.85 28.61
CA GLU C 412 1.34 39.68 29.59
C GLU C 412 1.53 38.40 30.38
N ILE C 413 1.89 37.31 29.70
CA ILE C 413 2.10 36.04 30.39
C ILE C 413 3.27 36.16 31.37
N LEU C 414 4.35 36.80 30.95
CA LEU C 414 5.50 36.96 31.84
C LEU C 414 5.12 37.76 33.07
N ARG C 415 4.34 38.83 32.90
CA ARG C 415 3.90 39.61 34.06
C ARG C 415 3.04 38.76 34.98
N ILE C 416 2.18 37.92 34.41
CA ILE C 416 1.32 37.08 35.25
C ILE C 416 2.15 36.10 36.05
N HIS C 417 3.13 35.45 35.40
CA HIS C 417 3.88 34.39 36.06
C HIS C 417 4.91 34.92 37.05
N THR C 418 5.49 36.10 36.80
CA THR C 418 6.46 36.69 37.70
C THR C 418 5.80 37.56 38.77
N ARG C 419 4.55 37.27 39.11
CA ARG C 419 3.83 38.08 40.09
C ARG C 419 4.36 37.83 41.49
N ASN C 420 4.70 36.58 41.81
CA ASN C 420 5.22 36.21 43.12
C ASN C 420 6.73 36.15 43.18
N ILE C 421 7.42 36.21 42.05
CA ILE C 421 8.88 36.22 42.02
C ILE C 421 9.35 37.65 42.21
N ARG C 422 10.46 37.82 42.91
N ARG C 422 10.46 37.81 42.92
CA ARG C 422 11.02 39.13 43.20
CA ARG C 422 11.03 39.13 43.20
C ARG C 422 12.08 39.44 42.17
C ARG C 422 12.08 39.43 42.15
N LEU C 423 11.76 40.33 41.22
CA LEU C 423 12.67 40.67 40.15
C LEU C 423 13.60 41.80 40.58
N ALA C 424 14.76 41.85 39.94
CA ALA C 424 15.73 42.90 40.20
C ALA C 424 15.35 44.19 39.46
N GLU C 425 15.98 45.29 39.85
CA GLU C 425 15.66 46.57 39.25
C GLU C 425 16.10 46.66 37.80
N ASP C 426 16.96 45.74 37.35
CA ASP C 426 17.47 45.77 35.99
C ASP C 426 16.71 44.84 35.06
N VAL C 427 15.59 44.28 35.50
CA VAL C 427 14.83 43.32 34.71
C VAL C 427 13.89 44.09 33.78
N GLU C 428 14.05 43.86 32.48
CA GLU C 428 13.24 44.50 31.45
C GLU C 428 12.52 43.38 30.69
N LEU C 429 11.33 43.02 31.19
CA LEU C 429 10.62 41.87 30.66
C LEU C 429 10.25 42.05 29.18
N GLU C 430 10.21 43.28 28.69
CA GLU C 430 9.82 43.50 27.29
C GLU C 430 10.80 42.83 26.34
N LYS C 431 12.07 42.87 26.69
CA LYS C 431 13.11 42.36 25.78
C LYS C 431 13.09 40.85 25.83
N ILE C 432 12.83 40.24 26.98
CA ILE C 432 12.67 38.79 27.09
C ILE C 432 11.46 38.34 26.31
N ALA C 433 10.37 39.11 26.38
CA ALA C 433 9.17 38.77 25.61
C ALA C 433 9.45 38.83 24.12
N ASN C 434 10.17 39.85 23.68
CA ASN C 434 10.42 40.02 22.26
C ASN C 434 11.32 38.93 21.69
N GLU C 435 12.27 38.44 22.47
CA GLU C 435 13.20 37.42 22.00
C GLU C 435 12.70 36.00 22.22
N ALA C 436 11.54 35.83 22.84
CA ALA C 436 11.03 34.49 23.17
C ALA C 436 10.09 34.00 22.06
N HIS C 437 10.69 33.71 20.91
CA HIS C 437 9.91 33.26 19.77
C HIS C 437 9.43 31.83 19.98
N GLY C 438 8.18 31.57 19.58
CA GLY C 438 7.66 30.23 19.64
C GLY C 438 7.42 29.71 21.04
N HIS C 439 7.23 30.59 22.01
CA HIS C 439 6.96 30.21 23.38
C HIS C 439 5.46 30.29 23.65
N VAL C 440 4.97 29.37 24.47
CA VAL C 440 3.59 29.40 24.94
C VAL C 440 3.63 29.66 26.44
N GLY C 441 2.47 29.76 27.07
CA GLY C 441 2.43 30.11 28.48
C GLY C 441 3.25 29.17 29.35
N ALA C 442 3.11 27.86 29.11
CA ALA C 442 3.87 26.90 29.88
C ALA C 442 5.37 27.08 29.66
N ASP C 443 5.77 27.37 28.42
CA ASP C 443 7.19 27.60 28.14
C ASP C 443 7.72 28.80 28.91
N LEU C 444 6.95 29.89 28.96
CA LEU C 444 7.41 31.06 29.68
C LEU C 444 7.45 30.81 31.18
N ALA C 445 6.50 30.03 31.70
CA ALA C 445 6.57 29.66 33.12
C ALA C 445 7.83 28.86 33.41
N SER C 446 8.16 27.91 32.53
CA SER C 446 9.38 27.14 32.71
C SER C 446 10.61 28.03 32.61
N LEU C 447 10.58 29.03 31.73
CA LEU C 447 11.68 29.97 31.61
C LEU C 447 11.88 30.75 32.90
N CYS C 448 10.80 31.23 33.50
CA CYS C 448 10.91 31.94 34.77
C CYS C 448 11.46 31.03 35.85
N SER C 449 10.99 29.78 35.90
CA SER C 449 11.50 28.83 36.89
C SER C 449 12.99 28.60 36.70
N GLU C 450 13.44 28.44 35.46
CA GLU C 450 14.86 28.23 35.21
C GLU C 450 15.69 29.43 35.60
N ALA C 451 15.19 30.64 35.34
CA ALA C 451 15.91 31.84 35.74
C ALA C 451 16.06 31.89 37.26
N ALA C 452 14.98 31.62 37.98
CA ALA C 452 15.06 31.61 39.44
C ALA C 452 16.03 30.54 39.93
N LEU C 453 16.01 29.38 39.29
CA LEU C 453 16.93 28.31 39.68
C LEU C 453 18.38 28.73 39.45
N GLN C 454 18.65 29.44 38.36
CA GLN C 454 20.00 29.93 38.11
C GLN C 454 20.43 30.91 39.19
N GLN C 455 19.53 31.82 39.58
CA GLN C 455 19.87 32.75 40.65
C GLN C 455 20.20 32.01 41.94
N ILE C 456 19.36 31.04 42.30
CA ILE C 456 19.64 30.25 43.51
C ILE C 456 20.98 29.55 43.37
N ARG C 457 21.22 28.92 42.22
CA ARG C 457 22.48 28.25 41.97
C ARG C 457 23.64 29.17 42.34
N ASN C 458 23.73 30.32 41.67
CA ASN C 458 24.83 31.24 41.93
C ASN C 458 24.93 31.58 43.41
N LYS C 459 23.88 32.18 43.97
CA LYS C 459 23.98 32.71 45.32
C LYS C 459 24.29 31.61 46.33
N MET C 460 23.51 30.55 46.34
CA MET C 460 23.68 29.50 47.34
C MET C 460 25.03 28.80 47.18
N ASN C 461 25.45 28.53 45.94
CA ASN C 461 26.76 27.90 45.75
C ASN C 461 27.87 28.78 46.30
N LEU C 462 27.79 30.09 46.07
CA LEU C 462 28.80 30.98 46.62
C LEU C 462 28.59 31.28 48.10
N ILE C 463 27.43 30.96 48.65
CA ILE C 463 27.14 31.25 50.06
C ILE C 463 26.65 29.97 50.73
N ASP C 464 27.10 28.82 50.25
CA ASP C 464 26.71 27.55 50.83
C ASP C 464 27.09 27.49 52.30
N THR C 469 20.74 24.93 57.93
CA THR C 469 19.91 25.42 56.84
C THR C 469 20.46 26.73 56.27
N ILE C 470 19.86 27.20 55.17
CA ILE C 470 20.29 28.44 54.57
C ILE C 470 19.94 29.60 55.50
N ASP C 471 20.91 30.49 55.74
CA ASP C 471 20.70 31.59 56.66
C ASP C 471 19.68 32.57 56.10
N ALA C 472 18.99 33.28 57.01
CA ALA C 472 17.94 34.20 56.60
C ALA C 472 18.48 35.35 55.77
N GLU C 473 19.77 35.67 55.87
CA GLU C 473 20.32 36.77 55.08
C GLU C 473 20.24 36.48 53.60
N VAL C 474 20.56 35.24 53.19
CA VAL C 474 20.57 34.90 51.77
C VAL C 474 19.15 34.87 51.22
N LEU C 475 18.20 34.32 51.99
CA LEU C 475 16.85 34.17 51.49
C LEU C 475 16.21 35.52 51.14
N ASN C 476 16.67 36.60 51.76
CA ASN C 476 16.10 37.92 51.53
C ASN C 476 16.89 38.74 50.52
N SER C 477 17.95 38.17 49.94
CA SER C 477 18.77 38.87 48.96
C SER C 477 18.71 38.20 47.59
N LEU C 478 17.67 37.41 47.33
CA LEU C 478 17.49 36.71 46.07
C LEU C 478 16.57 37.52 45.17
N ALA C 479 17.10 37.96 44.04
CA ALA C 479 16.32 38.72 43.06
C ALA C 479 16.81 38.34 41.67
N VAL C 480 15.91 37.85 40.83
CA VAL C 480 16.29 37.40 39.50
C VAL C 480 16.84 38.58 38.71
N THR C 481 17.88 38.33 37.91
CA THR C 481 18.55 39.35 37.13
C THR C 481 18.38 39.05 35.64
N MET C 482 18.64 40.06 34.82
CA MET C 482 18.48 39.89 33.38
C MET C 482 19.45 38.87 32.83
N ASP C 483 20.63 38.73 33.44
CA ASP C 483 21.56 37.69 33.01
C ASP C 483 20.94 36.31 33.19
N ASP C 484 20.23 36.10 34.31
CA ASP C 484 19.56 34.83 34.53
C ASP C 484 18.50 34.58 33.48
N PHE C 485 17.72 35.60 33.13
CA PHE C 485 16.68 35.43 32.14
C PHE C 485 17.26 35.12 30.77
N ARG C 486 18.36 35.78 30.40
CA ARG C 486 18.99 35.48 29.12
C ARG C 486 19.58 34.07 29.12
N TRP C 487 20.15 33.64 30.23
CA TRP C 487 20.65 32.28 30.32
C TRP C 487 19.52 31.27 30.14
N ALA C 488 18.39 31.52 30.81
CA ALA C 488 17.26 30.62 30.68
C ALA C 488 16.74 30.60 29.25
N LEU C 489 16.64 31.77 28.61
CA LEU C 489 16.13 31.84 27.26
C LEU C 489 17.04 31.11 26.28
N GLY C 490 18.35 31.22 26.47
CA GLY C 490 19.27 30.56 25.56
C GLY C 490 19.14 29.06 25.59
N LYS C 491 18.90 28.49 26.77
CA LYS C 491 18.81 27.05 26.95
C LYS C 491 17.39 26.51 26.88
N SER C 492 16.41 27.34 26.58
CA SER C 492 15.01 26.92 26.54
C SER C 492 14.70 26.31 25.19
N ASN C 493 14.05 25.15 25.21
CA ASN C 493 13.59 24.48 24.00
C ASN C 493 12.08 24.64 23.91
N PRO C 494 11.59 25.73 23.35
CA PRO C 494 10.14 25.94 23.27
C PRO C 494 9.44 24.84 22.49
N SER C 495 8.19 24.59 22.88
CA SER C 495 7.42 23.48 22.33
C SER C 495 6.65 23.84 21.08
N ALA C 496 6.67 25.10 20.64
CA ALA C 496 5.86 25.54 19.51
C ALA C 496 6.67 26.39 18.54
N LEU C 497 7.84 25.88 18.13
CA LEU C 497 8.65 26.56 17.13
C LEU C 497 8.25 26.22 15.70
N ARG C 498 7.48 25.15 15.49
CA ARG C 498 7.14 24.69 14.16
C ARG C 498 5.72 25.03 13.77
N GLU C 499 5.05 25.88 14.53
CA GLU C 499 3.67 26.26 14.28
C GLU C 499 3.63 27.59 13.54
N THR C 500 2.75 27.67 12.55
CA THR C 500 2.63 28.89 11.76
C THR C 500 2.22 30.06 12.64
N THR C 501 2.87 31.19 12.44
CA THR C 501 2.59 32.40 13.20
C THR C 501 1.77 33.36 12.35
N VAL C 502 0.65 33.80 12.88
CA VAL C 502 -0.24 34.76 12.22
C VAL C 502 -0.20 36.04 13.05
N GLU C 503 0.56 37.04 12.58
CA GLU C 503 0.69 38.30 13.29
C GLU C 503 1.00 39.40 12.29
N VAL C 504 0.84 40.63 12.74
CA VAL C 504 1.14 41.81 11.92
C VAL C 504 2.63 42.09 12.02
N PRO C 505 3.41 41.98 10.94
CA PRO C 505 4.86 42.13 11.06
C PRO C 505 5.25 43.56 11.39
N ASN C 506 6.43 43.69 11.98
CA ASN C 506 6.97 44.98 12.39
C ASN C 506 8.01 45.53 11.42
N VAL C 507 7.83 45.27 10.12
CA VAL C 507 8.73 45.76 9.09
C VAL C 507 8.06 46.94 8.41
N THR C 508 8.79 48.06 8.32
CA THR C 508 8.29 49.26 7.69
C THR C 508 8.96 49.47 6.33
N TRP C 509 8.44 50.44 5.58
CA TRP C 509 9.00 50.72 4.27
C TRP C 509 10.43 51.23 4.36
N ASP C 510 10.76 51.95 5.43
CA ASP C 510 12.08 52.54 5.57
C ASP C 510 13.18 51.50 5.69
N ASP C 511 12.84 50.24 5.94
CA ASP C 511 13.83 49.18 6.08
C ASP C 511 14.10 48.47 4.76
N ILE C 512 13.37 48.78 3.70
CA ILE C 512 13.50 48.06 2.44
C ILE C 512 13.72 49.02 1.28
N GLY C 513 13.25 50.24 1.41
CA GLY C 513 13.37 51.18 0.32
C GLY C 513 12.30 50.91 -0.73
N GLY C 514 12.71 50.26 -1.82
CA GLY C 514 11.77 49.83 -2.85
C GLY C 514 11.45 50.92 -3.84
N LEU C 515 11.30 50.56 -5.10
CA LEU C 515 10.86 51.52 -6.10
C LEU C 515 9.50 52.07 -5.67
N GLU C 516 9.29 53.36 -5.94
CA GLU C 516 7.99 53.96 -5.62
C GLU C 516 6.87 53.38 -6.47
N ASN C 517 7.19 52.87 -7.66
CA ASN C 517 6.18 52.23 -8.49
C ASN C 517 5.61 51.00 -7.79
N VAL C 518 6.48 50.17 -7.23
CA VAL C 518 6.03 48.99 -6.51
C VAL C 518 5.20 49.38 -5.30
N LYS C 519 5.63 50.40 -4.57
CA LYS C 519 4.86 50.85 -3.41
C LYS C 519 3.46 51.29 -3.84
N ARG C 520 3.37 52.06 -4.92
CA ARG C 520 2.05 52.50 -5.39
C ARG C 520 1.18 51.31 -5.80
N GLU C 521 1.73 50.40 -6.60
CA GLU C 521 0.92 49.27 -7.07
C GLU C 521 0.45 48.42 -5.90
N LEU C 522 1.34 48.15 -4.95
CA LEU C 522 0.96 47.30 -3.83
C LEU C 522 -0.02 48.00 -2.91
N GLN C 523 0.08 49.31 -2.76
CA GLN C 523 -0.95 50.01 -1.99
C GLN C 523 -2.29 49.94 -2.69
N GLU C 524 -2.32 50.13 -4.01
CA GLU C 524 -3.60 50.08 -4.71
C GLU C 524 -4.22 48.69 -4.60
N LEU C 525 -3.39 47.65 -4.52
CA LEU C 525 -3.91 46.30 -4.51
C LEU C 525 -4.28 45.80 -3.12
N VAL C 526 -3.57 46.22 -2.08
CA VAL C 526 -3.72 45.61 -0.76
C VAL C 526 -4.23 46.59 0.29
N GLN C 527 -4.37 47.87 -0.01
CA GLN C 527 -4.77 48.87 0.98
C GLN C 527 -6.07 49.56 0.63
N TYR C 528 -6.26 49.92 -0.65
CA TYR C 528 -7.52 50.54 -1.03
C TYR C 528 -8.71 49.62 -0.75
N PRO C 529 -8.67 48.33 -1.06
CA PRO C 529 -9.80 47.47 -0.68
C PRO C 529 -10.05 47.43 0.81
N VAL C 530 -9.00 47.49 1.63
CA VAL C 530 -9.17 47.32 3.07
C VAL C 530 -9.52 48.63 3.75
N GLU C 531 -9.04 49.76 3.22
CA GLU C 531 -9.26 51.04 3.87
C GLU C 531 -10.41 51.83 3.28
N HIS C 532 -10.73 51.64 1.99
CA HIS C 532 -11.81 52.37 1.33
C HIS C 532 -12.69 51.39 0.55
N PRO C 533 -13.34 50.44 1.24
CA PRO C 533 -14.24 49.53 0.53
C PRO C 533 -15.44 50.23 -0.08
N ASP C 534 -15.85 51.35 0.52
CA ASP C 534 -17.04 52.05 0.04
C ASP C 534 -16.86 52.49 -1.40
N LYS C 535 -15.66 52.93 -1.77
CA LYS C 535 -15.45 53.43 -3.12
C LYS C 535 -15.46 52.30 -4.13
N PHE C 536 -14.91 51.14 -3.76
CA PHE C 536 -15.00 49.98 -4.63
C PHE C 536 -16.45 49.55 -4.83
N LEU C 537 -17.25 49.58 -3.77
CA LEU C 537 -18.67 49.29 -3.92
C LEU C 537 -19.35 50.33 -4.81
N LYS C 538 -18.99 51.59 -4.65
CA LYS C 538 -19.60 52.65 -5.43
C LYS C 538 -19.34 52.48 -6.92
N PHE C 539 -18.09 52.21 -7.28
CA PHE C 539 -17.78 51.99 -8.69
C PHE C 539 -18.08 50.56 -9.13
N GLY C 540 -18.45 49.69 -8.20
CA GLY C 540 -18.94 48.37 -8.56
C GLY C 540 -17.95 47.50 -9.30
N MET C 541 -16.71 47.44 -8.84
CA MET C 541 -15.71 46.58 -9.47
C MET C 541 -14.93 45.88 -8.38
N THR C 542 -14.77 44.57 -8.53
CA THR C 542 -14.13 43.76 -7.50
C THR C 542 -12.61 43.73 -7.73
N PRO C 543 -11.81 44.02 -6.71
CA PRO C 543 -10.35 44.01 -6.90
C PRO C 543 -9.82 42.59 -7.05
N SER C 544 -8.64 42.51 -7.67
CA SER C 544 -7.94 41.24 -7.79
C SER C 544 -7.21 40.92 -6.50
N LYS C 545 -7.13 39.63 -6.18
CA LYS C 545 -6.50 39.18 -4.95
C LYS C 545 -5.32 38.27 -5.25
N GLY C 546 -4.46 38.68 -6.18
CA GLY C 546 -3.31 37.89 -6.55
C GLY C 546 -2.19 38.71 -7.14
N VAL C 547 -0.97 38.45 -6.69
CA VAL C 547 0.22 39.12 -7.20
C VAL C 547 1.36 38.12 -7.21
N LEU C 548 2.23 38.25 -8.21
CA LEU C 548 3.42 37.41 -8.32
C LEU C 548 4.63 38.32 -8.41
N PHE C 549 5.47 38.28 -7.39
CA PHE C 549 6.75 38.99 -7.41
C PHE C 549 7.79 38.14 -8.12
N TYR C 550 8.51 38.73 -9.06
CA TYR C 550 9.63 38.04 -9.69
C TYR C 550 10.81 39.00 -9.80
N GLY C 551 12.01 38.48 -9.62
CA GLY C 551 13.22 39.27 -9.66
C GLY C 551 14.42 38.51 -9.14
N PRO C 552 15.59 39.15 -9.19
CA PRO C 552 16.81 38.45 -8.79
C PRO C 552 16.73 38.00 -7.34
N PRO C 553 17.37 36.89 -7.00
CA PRO C 553 17.36 36.44 -5.61
C PRO C 553 17.98 37.48 -4.68
N GLY C 554 17.45 37.55 -3.47
CA GLY C 554 17.99 38.41 -2.44
C GLY C 554 17.56 39.86 -2.52
N CYS C 555 16.64 40.20 -3.42
CA CYS C 555 16.21 41.59 -3.55
C CYS C 555 15.17 41.99 -2.52
N GLY C 556 14.69 41.06 -1.71
CA GLY C 556 13.80 41.40 -0.62
C GLY C 556 12.33 41.46 -0.98
N LYS C 557 11.80 40.36 -1.52
CA LYS C 557 10.38 40.28 -1.81
C LYS C 557 9.57 39.97 -0.55
N THR C 558 10.11 39.09 0.30
CA THR C 558 9.44 38.79 1.56
C THR C 558 9.30 40.03 2.41
N LEU C 559 10.34 40.86 2.46
CA LEU C 559 10.26 42.09 3.24
C LEU C 559 9.21 43.02 2.67
N LEU C 560 9.08 43.08 1.34
CA LEU C 560 8.04 43.90 0.73
C LEU C 560 6.66 43.43 1.14
N ALA C 561 6.43 42.11 1.10
CA ALA C 561 5.14 41.59 1.54
C ALA C 561 4.86 41.94 2.99
N LYS C 562 5.86 41.77 3.85
CA LYS C 562 5.68 42.11 5.25
C LYS C 562 5.37 43.59 5.42
N ALA C 563 6.05 44.44 4.67
CA ALA C 563 5.83 45.88 4.81
C ALA C 563 4.43 46.27 4.37
N ILE C 564 3.96 45.74 3.24
CA ILE C 564 2.61 46.09 2.79
C ILE C 564 1.58 45.58 3.78
N ALA C 565 1.83 44.42 4.38
CA ALA C 565 0.94 43.94 5.43
C ALA C 565 0.95 44.89 6.63
N ASN C 566 2.14 45.35 7.01
CA ASN C 566 2.25 46.24 8.18
C ASN C 566 1.51 47.54 7.95
N GLU C 567 1.62 48.12 6.76
CA GLU C 567 0.99 49.42 6.52
C GLU C 567 -0.52 49.33 6.70
N CYS C 568 -1.13 48.26 6.21
CA CYS C 568 -2.57 48.08 6.29
C CYS C 568 -3.00 47.40 7.59
N GLN C 569 -2.06 47.10 8.49
CA GLN C 569 -2.37 46.42 9.74
C GLN C 569 -3.11 45.11 9.47
N ALA C 570 -2.63 44.36 8.49
CA ALA C 570 -3.17 43.06 8.13
C ALA C 570 -2.21 41.97 8.56
N ASN C 571 -2.77 40.80 8.86
CA ASN C 571 -1.97 39.68 9.30
C ASN C 571 -1.12 39.14 8.16
N PHE C 572 -0.10 38.36 8.52
CA PHE C 572 0.84 37.80 7.56
C PHE C 572 1.06 36.33 7.86
N ILE C 573 0.92 35.50 6.83
CA ILE C 573 1.18 34.07 6.93
C ILE C 573 2.20 33.71 5.87
N SER C 574 3.33 33.17 6.29
CA SER C 574 4.42 32.81 5.40
C SER C 574 4.52 31.30 5.28
N ILE C 575 4.50 30.81 4.04
CA ILE C 575 4.61 29.38 3.76
C ILE C 575 5.68 29.20 2.69
N LYS C 576 6.62 28.30 2.95
CA LYS C 576 7.68 27.97 2.01
C LYS C 576 7.37 26.66 1.31
N GLY C 577 7.97 26.49 0.14
CA GLY C 577 7.73 25.32 -0.69
C GLY C 577 8.11 24.03 0.02
N PRO C 578 9.30 23.99 0.61
CA PRO C 578 9.69 22.79 1.36
C PRO C 578 8.69 22.37 2.40
N GLU C 579 8.07 23.33 3.09
CA GLU C 579 7.06 22.98 4.08
C GLU C 579 5.87 22.29 3.43
N LEU C 580 5.43 22.77 2.26
CA LEU C 580 4.29 22.16 1.60
C LEU C 580 4.61 20.77 1.11
N LEU C 581 5.79 20.58 0.50
CA LEU C 581 6.13 19.25 0.02
C LEU C 581 6.21 18.24 1.15
N THR C 582 6.42 18.70 2.39
CA THR C 582 6.58 17.81 3.52
C THR C 582 5.22 17.42 4.11
N ALA C 590 -5.20 18.75 1.88
CA ALA C 590 -5.12 18.43 3.30
C ALA C 590 -4.63 19.64 4.08
N ASN C 591 -3.32 19.90 4.04
CA ASN C 591 -2.77 21.05 4.73
C ASN C 591 -3.03 22.35 3.99
N VAL C 592 -3.08 22.31 2.66
CA VAL C 592 -3.30 23.54 1.90
C VAL C 592 -4.65 24.15 2.27
N ARG C 593 -5.68 23.32 2.38
CA ARG C 593 -6.97 23.81 2.82
C ARG C 593 -6.87 24.43 4.20
N ASP C 594 -6.05 23.83 5.07
CA ASP C 594 -5.89 24.38 6.42
C ASP C 594 -5.27 25.77 6.38
N ILE C 595 -4.24 25.95 5.55
CA ILE C 595 -3.62 27.28 5.45
C ILE C 595 -4.63 28.29 4.94
N PHE C 596 -5.41 27.91 3.92
CA PHE C 596 -6.36 28.87 3.37
C PHE C 596 -7.48 29.18 4.35
N ASP C 597 -7.91 28.18 5.13
CA ASP C 597 -8.91 28.46 6.16
C ASP C 597 -8.36 29.39 7.22
N LYS C 598 -7.10 29.18 7.62
CA LYS C 598 -6.49 30.08 8.59
C LYS C 598 -6.42 31.50 8.03
N ALA C 599 -6.14 31.62 6.74
CA ALA C 599 -6.16 32.94 6.10
C ALA C 599 -7.56 33.54 6.13
N ARG C 600 -8.59 32.73 5.87
CA ARG C 600 -9.96 33.24 5.92
C ARG C 600 -10.29 33.75 7.31
N GLN C 601 -9.88 33.04 8.35
CA GLN C 601 -10.23 33.46 9.70
C GLN C 601 -9.68 34.84 10.01
N ALA C 602 -8.42 35.10 9.65
CA ALA C 602 -7.85 36.43 9.76
C ALA C 602 -8.33 37.23 8.56
N ALA C 603 -9.34 38.08 8.77
CA ALA C 603 -10.08 38.66 7.68
C ALA C 603 -9.14 39.40 6.72
N PRO C 604 -8.50 40.51 7.13
CA PRO C 604 -7.46 41.10 6.29
C PRO C 604 -6.14 40.39 6.51
N CYS C 605 -5.71 39.62 5.51
CA CYS C 605 -4.52 38.79 5.65
C CYS C 605 -3.76 38.77 4.33
N VAL C 606 -2.44 38.77 4.43
CA VAL C 606 -1.55 38.64 3.29
C VAL C 606 -0.92 37.26 3.37
N LEU C 607 -1.32 36.37 2.46
CA LEU C 607 -0.81 35.01 2.43
C LEU C 607 0.33 34.95 1.42
N PHE C 608 1.50 34.52 1.88
CA PHE C 608 2.73 34.59 1.11
C PHE C 608 3.22 33.17 0.82
N PHE C 609 3.42 32.86 -0.45
CA PHE C 609 3.92 31.56 -0.88
C PHE C 609 5.32 31.76 -1.46
N ASP C 610 6.32 31.67 -0.59
CA ASP C 610 7.70 31.81 -1.02
C ASP C 610 8.17 30.54 -1.73
N GLU C 611 9.10 30.72 -2.67
CA GLU C 611 9.63 29.61 -3.45
C GLU C 611 8.49 28.87 -4.17
N LEU C 612 7.76 29.61 -4.99
CA LEU C 612 6.59 29.07 -5.66
C LEU C 612 6.99 28.07 -6.75
N ASP C 613 8.16 28.27 -7.36
CA ASP C 613 8.57 27.42 -8.47
C ASP C 613 8.68 25.96 -8.04
N SER C 614 8.97 25.69 -6.77
CA SER C 614 9.05 24.31 -6.32
C SER C 614 7.69 23.62 -6.32
N ILE C 615 6.62 24.37 -6.14
CA ILE C 615 5.27 23.80 -6.16
C ILE C 615 4.74 23.73 -7.58
N ALA C 616 4.80 24.83 -8.31
CA ALA C 616 4.35 24.86 -9.69
C ALA C 616 5.39 24.16 -10.56
N LYS C 617 5.22 24.24 -11.88
CA LYS C 617 6.11 23.55 -12.81
C LYS C 617 7.56 23.97 -12.61
N ALA C 629 3.94 14.39 -6.01
CA ALA C 629 3.60 15.34 -4.95
C ALA C 629 3.30 16.71 -5.55
N ALA C 630 4.06 17.09 -6.57
CA ALA C 630 3.88 18.40 -7.19
C ALA C 630 2.48 18.53 -7.78
N ASP C 631 2.02 17.49 -8.49
CA ASP C 631 0.71 17.57 -9.14
C ASP C 631 -0.41 17.74 -8.12
N ARG C 632 -0.38 16.96 -7.04
CA ARG C 632 -1.43 17.04 -6.04
C ARG C 632 -1.48 18.44 -5.42
N VAL C 633 -0.31 18.95 -5.01
CA VAL C 633 -0.28 20.23 -4.32
C VAL C 633 -0.67 21.36 -5.27
N ILE C 634 -0.23 21.30 -6.52
CA ILE C 634 -0.56 22.38 -7.45
C ILE C 634 -2.05 22.38 -7.73
N ASN C 635 -2.64 21.19 -7.91
CA ASN C 635 -4.08 21.13 -8.14
C ASN C 635 -4.85 21.63 -6.93
N GLN C 636 -4.42 21.27 -5.72
CA GLN C 636 -5.09 21.76 -4.53
C GLN C 636 -4.99 23.27 -4.43
N LEU C 637 -3.81 23.84 -4.74
CA LEU C 637 -3.65 25.27 -4.68
C LEU C 637 -4.54 25.97 -5.68
N LEU C 638 -4.63 25.45 -6.91
CA LEU C 638 -5.51 26.05 -7.91
C LEU C 638 -6.96 25.99 -7.45
N THR C 639 -7.40 24.84 -6.92
CA THR C 639 -8.77 24.71 -6.47
C THR C 639 -9.07 25.68 -5.34
N GLU C 640 -8.13 25.84 -4.41
CA GLU C 640 -8.36 26.75 -3.29
C GLU C 640 -8.40 28.21 -3.75
N MET C 641 -7.51 28.59 -4.67
CA MET C 641 -7.52 29.97 -5.15
C MET C 641 -8.81 30.27 -5.91
N ASP C 642 -9.29 29.32 -6.72
CA ASP C 642 -10.54 29.54 -7.42
C ASP C 642 -11.71 29.69 -6.45
N GLY C 643 -11.64 29.02 -5.31
CA GLY C 643 -12.69 29.06 -4.32
C GLY C 643 -12.61 30.20 -3.34
N MET C 644 -11.69 31.14 -3.55
CA MET C 644 -11.56 32.28 -2.66
C MET C 644 -12.38 33.44 -3.22
N SER C 645 -13.41 33.85 -2.47
CA SER C 645 -14.26 34.93 -2.92
C SER C 645 -13.47 36.21 -3.07
N ALA C 646 -13.67 36.91 -4.19
CA ALA C 646 -12.96 38.15 -4.44
C ALA C 646 -13.36 39.27 -3.49
N LYS C 647 -14.46 39.10 -2.75
CA LYS C 647 -14.93 40.13 -1.83
C LYS C 647 -14.35 39.96 -0.43
N LYS C 648 -13.60 38.90 -0.18
CA LYS C 648 -12.97 38.69 1.12
C LYS C 648 -11.52 39.13 1.05
N ASN C 649 -11.05 39.80 2.09
CA ASN C 649 -9.76 40.48 2.07
C ASN C 649 -8.63 39.50 2.40
N VAL C 650 -8.42 38.57 1.49
CA VAL C 650 -7.31 37.62 1.57
C VAL C 650 -6.50 37.78 0.30
N PHE C 651 -5.32 38.37 0.42
CA PHE C 651 -4.47 38.66 -0.73
C PHE C 651 -3.33 37.66 -0.78
N ILE C 652 -3.17 37.01 -1.93
CA ILE C 652 -2.18 35.97 -2.11
C ILE C 652 -1.02 36.55 -2.91
N ILE C 653 0.17 36.49 -2.34
CA ILE C 653 1.39 36.95 -2.99
C ILE C 653 2.35 35.78 -3.08
N GLY C 654 2.81 35.51 -4.29
CA GLY C 654 3.79 34.46 -4.52
C GLY C 654 5.07 35.06 -5.06
N ALA C 655 6.21 34.56 -4.58
CA ALA C 655 7.52 35.03 -4.99
C ALA C 655 8.26 33.90 -5.67
N THR C 656 8.85 34.18 -6.82
CA THR C 656 9.63 33.20 -7.55
C THR C 656 10.85 33.89 -8.18
N ASN C 657 11.99 33.22 -8.10
CA ASN C 657 13.21 33.69 -8.73
C ASN C 657 13.36 33.20 -10.16
N ARG C 658 12.48 32.30 -10.60
CA ARG C 658 12.51 31.73 -11.96
C ARG C 658 11.13 31.91 -12.56
N PRO C 659 10.78 33.12 -13.00
CA PRO C 659 9.42 33.35 -13.52
C PRO C 659 9.10 32.53 -14.75
N ASP C 660 10.11 32.11 -15.51
CA ASP C 660 9.86 31.43 -16.78
C ASP C 660 9.44 29.97 -16.60
N ILE C 661 9.66 29.38 -15.42
CA ILE C 661 9.31 27.99 -15.20
C ILE C 661 7.95 27.82 -14.53
N ILE C 662 7.37 28.90 -14.01
CA ILE C 662 6.07 28.79 -13.33
C ILE C 662 5.02 28.31 -14.30
N ASP C 663 4.19 27.39 -13.85
CA ASP C 663 3.10 26.89 -14.68
C ASP C 663 2.17 28.02 -15.07
N GLY C 664 1.72 28.01 -16.32
CA GLY C 664 0.86 29.07 -16.79
C GLY C 664 -0.47 29.11 -16.06
N ALA C 665 -0.95 27.97 -15.59
CA ALA C 665 -2.26 27.94 -14.94
C ALA C 665 -2.30 28.86 -13.73
N ILE C 666 -1.17 29.04 -13.05
CA ILE C 666 -1.12 29.93 -11.90
C ILE C 666 -1.38 31.37 -12.32
N LEU C 667 -0.89 31.75 -13.50
CA LEU C 667 -0.98 33.14 -13.95
C LEU C 667 -2.26 33.45 -14.69
N ARG C 668 -3.18 32.49 -14.82
CA ARG C 668 -4.43 32.75 -15.49
C ARG C 668 -5.24 33.78 -14.70
N PRO C 669 -6.02 34.62 -15.39
CA PRO C 669 -6.82 35.60 -14.67
C PRO C 669 -7.73 34.95 -13.65
N GLY C 670 -7.83 35.57 -12.48
CA GLY C 670 -8.61 35.05 -11.38
C GLY C 670 -7.82 34.35 -10.30
N ARG C 671 -6.57 33.97 -10.57
CA ARG C 671 -5.75 33.30 -9.56
C ARG C 671 -4.55 34.14 -9.14
N LEU C 672 -3.66 34.48 -10.08
CA LEU C 672 -2.58 35.44 -9.85
C LEU C 672 -2.33 36.11 -11.19
N ASP C 673 -3.05 37.21 -11.44
CA ASP C 673 -3.05 37.84 -12.75
C ASP C 673 -2.03 38.95 -12.88
N GLN C 674 -1.58 39.51 -11.77
CA GLN C 674 -0.71 40.67 -11.79
C GLN C 674 0.71 40.27 -11.44
N LEU C 675 1.67 40.69 -12.26
CA LEU C 675 3.07 40.36 -12.08
C LEU C 675 3.85 41.64 -11.82
N ILE C 676 4.70 41.62 -10.79
CA ILE C 676 5.49 42.77 -10.39
C ILE C 676 6.96 42.37 -10.39
N TYR C 677 7.79 43.22 -10.96
CA TYR C 677 9.22 42.98 -11.11
C TYR C 677 9.96 43.72 -10.02
N ILE C 678 10.71 42.99 -9.20
CA ILE C 678 11.50 43.57 -8.12
C ILE C 678 12.95 43.62 -8.57
N PRO C 679 13.48 44.79 -8.94
CA PRO C 679 14.83 44.83 -9.49
C PRO C 679 15.91 44.98 -8.43
N LEU C 680 17.17 45.05 -8.87
CA LEU C 680 18.25 45.32 -7.93
C LEU C 680 18.10 46.72 -7.36
N PRO C 681 18.40 46.92 -6.08
CA PRO C 681 18.16 48.23 -5.47
C PRO C 681 19.01 49.32 -6.11
N ASP C 682 18.44 50.53 -6.16
CA ASP C 682 19.15 51.70 -6.65
C ASP C 682 19.92 52.33 -5.50
N GLU C 683 20.44 53.54 -5.72
CA GLU C 683 21.31 54.15 -4.71
C GLU C 683 20.57 54.37 -3.40
N ALA C 684 19.39 54.99 -3.46
CA ALA C 684 18.66 55.26 -2.24
C ALA C 684 18.25 53.98 -1.54
N SER C 685 17.82 52.98 -2.31
CA SER C 685 17.43 51.71 -1.70
C SER C 685 18.62 51.04 -1.02
N ARG C 686 19.79 51.07 -1.66
CA ARG C 686 20.98 50.50 -1.05
C ARG C 686 21.34 51.25 0.22
N VAL C 687 21.22 52.58 0.20
CA VAL C 687 21.49 53.38 1.39
C VAL C 687 20.59 52.96 2.55
N ASN C 688 19.30 52.83 2.27
CA ASN C 688 18.35 52.42 3.30
C ASN C 688 18.66 51.02 3.81
N ILE C 689 18.99 50.10 2.90
CA ILE C 689 19.31 48.73 3.30
C ILE C 689 20.51 48.74 4.24
N LEU C 690 21.55 49.49 3.88
CA LEU C 690 22.75 49.53 4.70
C LEU C 690 22.46 50.11 6.07
N LYS C 691 21.70 51.19 6.14
CA LYS C 691 21.32 51.71 7.46
C LYS C 691 20.52 50.71 8.25
N ALA C 692 19.62 49.98 7.60
CA ALA C 692 18.80 49.00 8.30
C ALA C 692 19.65 47.89 8.88
N ASN C 693 20.63 47.40 8.12
CA ASN C 693 21.47 46.31 8.62
C ASN C 693 22.32 46.77 9.79
N LEU C 694 22.84 48.00 9.74
CA LEU C 694 23.74 48.51 10.75
C LEU C 694 23.02 49.22 11.89
N ARG C 695 21.70 49.12 11.98
CA ARG C 695 20.97 49.85 13.01
C ARG C 695 21.36 49.35 14.40
N LYS C 696 21.51 48.06 14.57
CA LYS C 696 21.75 47.46 15.88
C LYS C 696 23.23 47.42 16.25
N SER C 697 24.13 47.86 15.37
CA SER C 697 25.56 47.74 15.63
C SER C 697 26.20 49.10 15.86
N PRO C 698 27.19 49.19 16.75
CA PRO C 698 27.88 50.47 16.97
C PRO C 698 28.82 50.78 15.82
N ILE C 699 28.55 51.88 15.12
CA ILE C 699 29.29 52.27 13.93
C ILE C 699 30.08 53.54 14.23
N ALA C 700 31.21 53.68 13.55
CA ALA C 700 32.07 54.84 13.77
C ALA C 700 31.43 56.09 13.18
N ARG C 701 31.76 57.23 13.79
CA ARG C 701 31.20 58.51 13.37
C ARG C 701 31.75 58.97 12.02
N ASP C 702 32.84 58.36 11.55
CA ASP C 702 33.39 58.71 10.25
C ASP C 702 32.83 57.85 9.12
N VAL C 703 32.51 56.59 9.39
CA VAL C 703 31.93 55.71 8.39
C VAL C 703 30.70 56.39 7.81
N ASP C 704 30.74 56.68 6.51
CA ASP C 704 29.64 57.31 5.80
C ASP C 704 28.95 56.24 4.95
N ILE C 705 27.66 56.06 5.18
CA ILE C 705 26.92 55.03 4.45
C ILE C 705 26.71 55.44 3.01
N ASN C 706 26.70 56.74 2.73
CA ASN C 706 26.43 57.19 1.36
C ASN C 706 27.53 56.76 0.42
N PHE C 707 28.80 56.85 0.84
CA PHE C 707 29.85 56.43 -0.07
C PHE C 707 29.83 54.93 -0.26
N LEU C 708 29.47 54.17 0.77
CA LEU C 708 29.44 52.72 0.62
C LEU C 708 28.34 52.35 -0.37
N ALA C 709 27.20 53.05 -0.30
CA ALA C 709 26.14 52.83 -1.27
C ALA C 709 26.60 53.18 -2.68
N LYS C 710 27.29 54.32 -2.81
CA LYS C 710 27.79 54.73 -4.12
C LYS C 710 28.75 53.69 -4.68
N ALA C 711 29.56 53.07 -3.82
CA ALA C 711 30.52 52.09 -4.28
C ALA C 711 29.84 50.79 -4.71
N THR C 712 28.79 50.41 -4.00
CA THR C 712 28.11 49.14 -4.24
C THR C 712 26.98 49.36 -5.24
N GLN C 713 27.16 48.84 -6.45
CA GLN C 713 26.14 48.85 -7.48
C GLN C 713 26.05 47.47 -8.10
N GLY C 714 24.84 47.05 -8.42
CA GLY C 714 24.62 45.68 -8.81
C GLY C 714 24.64 44.70 -7.67
N PHE C 715 24.69 45.18 -6.43
CA PHE C 715 24.70 44.33 -5.26
C PHE C 715 23.28 44.14 -4.76
N SER C 716 22.89 42.89 -4.55
CA SER C 716 21.59 42.59 -3.97
C SER C 716 21.62 42.84 -2.47
N GLY C 717 20.46 42.71 -1.82
CA GLY C 717 20.40 42.90 -0.39
C GLY C 717 21.26 41.91 0.37
N ALA C 718 21.30 40.67 -0.10
CA ALA C 718 22.14 39.66 0.54
C ALA C 718 23.60 40.04 0.50
N ASP C 719 24.04 40.63 -0.62
CA ASP C 719 25.44 41.06 -0.72
C ASP C 719 25.77 42.13 0.31
N LEU C 720 24.88 43.10 0.48
CA LEU C 720 25.11 44.14 1.48
C LEU C 720 25.11 43.57 2.89
N THR C 721 24.20 42.63 3.15
CA THR C 721 24.21 41.98 4.46
C THR C 721 25.51 41.25 4.70
N GLU C 722 26.02 40.56 3.67
CA GLU C 722 27.30 39.86 3.82
C GLU C 722 28.44 40.83 4.07
N ILE C 723 28.43 41.98 3.40
CA ILE C 723 29.47 42.99 3.63
C ILE C 723 29.45 43.44 5.08
N CYS C 724 28.26 43.74 5.60
CA CYS C 724 28.15 44.16 6.98
C CYS C 724 28.61 43.06 7.94
N GLN C 725 28.24 41.81 7.65
CA GLN C 725 28.68 40.71 8.50
C GLN C 725 30.20 40.61 8.51
N ARG C 726 30.84 40.77 7.35
CA ARG C 726 32.28 40.67 7.27
C ARG C 726 32.94 41.79 8.07
N ALA C 727 32.41 43.01 7.97
CA ALA C 727 32.96 44.10 8.76
C ALA C 727 32.86 43.81 10.25
N CYS C 728 31.70 43.31 10.70
CA CYS C 728 31.57 43.00 12.12
C CYS C 728 32.49 41.86 12.55
N LYS C 729 32.69 40.87 11.68
CA LYS C 729 33.59 39.77 12.01
C LYS C 729 35.01 40.28 12.19
N GLN C 730 35.42 41.20 11.32
CA GLN C 730 36.75 41.79 11.48
C GLN C 730 36.85 42.56 12.79
N ALA C 731 35.79 43.29 13.14
CA ALA C 731 35.79 44.02 14.40
C ALA C 731 35.93 43.07 15.58
N ILE C 732 35.21 41.95 15.56
CA ILE C 732 35.28 41.00 16.66
C ILE C 732 36.68 40.40 16.75
N ARG C 733 37.27 40.06 15.60
CA ARG C 733 38.62 39.51 15.63
C ARG C 733 39.60 40.50 16.23
N GLU C 734 39.50 41.77 15.83
CA GLU C 734 40.39 42.78 16.40
C GLU C 734 40.19 42.92 17.89
N SER C 735 38.94 42.86 18.36
CA SER C 735 38.69 42.95 19.79
C SER C 735 39.30 41.78 20.54
N ILE C 736 39.14 40.57 20.01
CA ILE C 736 39.74 39.40 20.64
C ILE C 736 41.25 39.58 20.74
N GLU C 737 41.89 39.95 19.63
CA GLU C 737 43.34 40.06 19.63
C GLU C 737 43.82 41.14 20.60
N ALA C 738 43.14 42.28 20.62
CA ALA C 738 43.53 43.35 21.52
C ALA C 738 43.38 42.94 22.97
N GLU C 739 42.29 42.24 23.29
CA GLU C 739 42.11 41.76 24.66
C GLU C 739 43.20 40.78 25.05
N ILE C 740 43.56 39.87 24.14
CA ILE C 740 44.61 38.90 24.44
C ILE C 740 45.93 39.62 24.69
N ARG C 741 46.27 40.58 23.82
CA ARG C 741 47.52 41.31 24.01
C ARG C 741 47.52 42.08 25.31
N ALA C 742 46.40 42.71 25.66
CA ALA C 742 46.32 43.43 26.92
C ALA C 742 46.50 42.48 28.11
N GLU C 743 45.90 41.29 28.02
CA GLU C 743 46.08 40.31 29.08
C GLU C 743 47.54 39.89 29.21
N SER C 744 48.22 39.70 28.07
CA SER C 744 49.62 39.31 28.12
C SER C 744 50.47 40.37 28.80
N GLU C 745 50.19 41.65 28.52
CA GLU C 745 50.91 42.74 29.14
C GLU C 745 50.55 42.86 30.63
N ASP C 758 38.07 50.03 26.03
CA ASP C 758 37.97 49.06 24.95
C ASP C 758 38.74 49.52 23.71
N PRO C 759 39.78 48.77 23.33
CA PRO C 759 40.59 49.22 22.19
C PRO C 759 39.82 49.32 20.89
N VAL C 760 38.74 48.57 20.73
CA VAL C 760 37.91 48.62 19.54
C VAL C 760 36.46 48.84 19.97
N PRO C 761 36.03 50.08 20.17
CA PRO C 761 34.67 50.31 20.68
C PRO C 761 33.59 50.27 19.62
N GLU C 762 33.95 50.43 18.34
CA GLU C 762 32.96 50.50 17.28
C GLU C 762 33.62 50.08 15.98
N ILE C 763 32.78 49.78 14.98
CA ILE C 763 33.27 49.35 13.68
C ILE C 763 33.85 50.56 12.95
N THR C 764 35.15 50.52 12.67
CA THR C 764 35.84 51.63 12.03
C THR C 764 35.78 51.47 10.51
N ARG C 765 36.51 52.33 9.79
CA ARG C 765 36.49 52.32 8.33
C ARG C 765 37.32 51.16 7.78
N ARG C 766 38.47 50.90 8.41
CA ARG C 766 39.33 49.83 7.94
C ARG C 766 38.57 48.53 7.84
N HIS C 767 37.68 48.27 8.80
CA HIS C 767 36.87 47.07 8.75
C HIS C 767 36.04 47.02 7.48
N PHE C 768 35.46 48.16 7.10
CA PHE C 768 34.59 48.17 5.93
C PHE C 768 35.38 48.01 4.63
N GLU C 769 36.47 48.74 4.44
CA GLU C 769 37.20 48.51 3.19
C GLU C 769 37.93 47.17 3.18
N GLU C 770 38.14 46.53 4.33
CA GLU C 770 38.69 45.19 4.31
C GLU C 770 37.62 44.15 4.00
N ALA C 771 36.39 44.39 4.45
CA ALA C 771 35.28 43.52 4.07
C ALA C 771 34.93 43.67 2.60
N MET C 772 35.08 44.88 2.04
CA MET C 772 34.73 45.10 0.65
C MET C 772 35.76 44.55 -0.33
N ARG C 773 36.92 44.12 0.15
CA ARG C 773 37.91 43.54 -0.75
C ARG C 773 37.34 42.34 -1.48
N PHE C 774 36.77 41.40 -0.73
CA PHE C 774 36.16 40.21 -1.31
C PHE C 774 34.65 40.41 -1.43
N ALA C 775 34.26 41.39 -2.24
CA ALA C 775 32.87 41.73 -2.47
C ALA C 775 32.47 41.20 -3.85
N ARG C 776 31.61 40.18 -3.86
CA ARG C 776 31.21 39.50 -5.09
C ARG C 776 29.74 39.78 -5.35
N ARG C 777 29.45 40.36 -6.51
CA ARG C 777 28.07 40.49 -6.95
C ARG C 777 27.52 39.10 -7.25
N SER C 778 26.32 38.82 -6.73
CA SER C 778 25.72 37.51 -6.92
C SER C 778 24.81 37.45 -8.14
N VAL C 779 24.54 38.57 -8.79
CA VAL C 779 23.67 38.62 -9.97
C VAL C 779 24.48 39.18 -11.12
N THR C 780 24.57 38.42 -12.19
CA THR C 780 25.31 38.82 -13.38
C THR C 780 24.42 39.66 -14.30
N GLU C 781 25.07 40.48 -15.13
CA GLU C 781 24.30 41.29 -16.07
C GLU C 781 23.46 40.43 -17.00
N ASN C 782 23.89 39.19 -17.24
CA ASN C 782 23.10 38.28 -18.07
C ASN C 782 21.77 37.96 -17.39
N ASP C 783 21.79 37.69 -16.09
CA ASP C 783 20.54 37.41 -15.38
C ASP C 783 19.62 38.62 -15.35
N VAL C 784 20.19 39.81 -15.13
CA VAL C 784 19.38 41.02 -15.14
C VAL C 784 18.74 41.22 -16.51
N ARG C 785 19.50 40.97 -17.57
CA ARG C 785 18.93 41.07 -18.91
C ARG C 785 17.85 40.03 -19.13
N LYS C 786 18.02 38.83 -18.58
CA LYS C 786 17.00 37.80 -18.70
C LYS C 786 15.70 38.24 -18.04
N TYR C 787 15.79 38.81 -16.84
CA TYR C 787 14.59 39.32 -16.17
C TYR C 787 13.97 40.47 -16.96
N GLU C 788 14.81 41.37 -17.48
CA GLU C 788 14.27 42.48 -18.25
C GLU C 788 13.55 41.99 -19.50
N MET C 789 14.09 40.95 -20.15
CA MET C 789 13.42 40.37 -21.31
C MET C 789 12.09 39.75 -20.91
N PHE C 790 12.05 39.01 -19.81
CA PHE C 790 10.78 38.48 -19.35
C PHE C 790 9.79 39.60 -19.09
N ALA C 791 10.28 40.75 -18.61
CA ALA C 791 9.40 41.89 -18.40
C ALA C 791 8.88 42.44 -19.73
N GLN C 792 9.76 42.53 -20.73
CA GLN C 792 9.34 43.04 -22.03
C GLN C 792 8.30 42.14 -22.66
N THR C 793 8.51 40.82 -22.62
CA THR C 793 7.50 39.91 -23.15
C THR C 793 6.17 40.10 -22.45
N LEU C 794 6.18 40.59 -21.21
CA LEU C 794 4.96 40.90 -20.49
C LEU C 794 4.53 42.33 -20.78
N GLU D 227 8.72 -45.27 29.78
CA GLU D 227 9.41 -44.23 29.02
C GLU D 227 10.07 -43.22 29.94
N GLU D 228 9.66 -43.22 31.22
CA GLU D 228 10.28 -42.31 32.18
C GLU D 228 11.76 -42.62 32.35
N GLU D 229 12.11 -43.90 32.44
CA GLU D 229 13.51 -44.28 32.54
C GLU D 229 14.27 -43.86 31.28
N LYS D 230 13.65 -44.01 30.11
CA LYS D 230 14.31 -43.61 28.88
C LYS D 230 14.61 -42.11 28.88
N LEU D 231 13.64 -41.29 29.31
CA LEU D 231 13.87 -39.85 29.37
C LEU D 231 14.95 -39.51 30.38
N ASN D 232 14.92 -40.17 31.55
CA ASN D 232 15.90 -39.86 32.59
C ASN D 232 17.32 -40.32 32.24
N GLU D 233 17.47 -41.16 31.23
CA GLU D 233 18.79 -41.66 30.84
C GLU D 233 19.39 -40.92 29.65
N ILE D 234 18.71 -39.89 29.13
CA ILE D 234 19.23 -39.15 28.00
C ILE D 234 20.44 -38.34 28.45
N GLY D 235 21.54 -38.45 27.71
CA GLY D 235 22.75 -37.73 28.03
C GLY D 235 23.36 -37.03 26.83
N TYR D 236 24.61 -36.60 26.94
CA TYR D 236 25.27 -35.92 25.83
C TYR D 236 25.52 -36.86 24.66
N ASP D 237 25.68 -38.16 24.93
CA ASP D 237 25.92 -39.11 23.86
C ASP D 237 24.69 -39.37 23.01
N ASP D 238 23.51 -38.98 23.47
CA ASP D 238 22.27 -39.20 22.72
C ASP D 238 21.87 -37.99 21.89
N ILE D 239 22.68 -36.94 21.86
CA ILE D 239 22.43 -35.77 21.04
C ILE D 239 23.57 -35.64 20.04
N GLY D 240 23.23 -35.53 18.76
CA GLY D 240 24.22 -35.40 17.72
C GLY D 240 23.94 -34.21 16.84
N GLY D 241 24.97 -33.78 16.13
CA GLY D 241 24.89 -32.64 15.24
C GLY D 241 25.24 -31.33 15.88
N CYS D 242 25.40 -31.28 17.19
CA CYS D 242 25.86 -30.08 17.90
C CYS D 242 26.89 -30.55 18.93
N ARG D 243 28.16 -30.27 18.65
CA ARG D 243 29.24 -30.61 19.58
C ARG D 243 29.94 -29.38 20.14
N LYS D 244 30.08 -28.31 19.34
CA LYS D 244 30.59 -27.06 19.86
C LYS D 244 29.58 -26.43 20.81
N GLN D 245 28.31 -26.41 20.40
CA GLN D 245 27.28 -25.78 21.23
C GLN D 245 27.06 -26.56 22.52
N LEU D 246 27.15 -27.89 22.48
CA LEU D 246 27.02 -28.65 23.72
C LEU D 246 28.15 -28.34 24.68
N ALA D 247 29.38 -28.21 24.17
CA ALA D 247 30.48 -27.85 25.04
C ALA D 247 30.26 -26.47 25.66
N GLN D 248 29.79 -25.52 24.85
CA GLN D 248 29.50 -24.19 25.36
C GLN D 248 28.46 -24.25 26.47
N ILE D 249 27.35 -24.95 26.22
CA ILE D 249 26.28 -25.04 27.22
C ILE D 249 26.75 -25.78 28.46
N LYS D 250 27.59 -26.79 28.28
CA LYS D 250 28.16 -27.50 29.41
C LYS D 250 28.93 -26.55 30.31
N GLU D 251 29.85 -25.78 29.71
CA GLU D 251 30.60 -24.81 30.49
C GLU D 251 29.67 -23.79 31.15
N MET D 252 28.62 -23.39 30.45
CA MET D 252 27.75 -22.33 30.96
C MET D 252 26.91 -22.79 32.14
N VAL D 253 26.44 -24.03 32.11
CA VAL D 253 25.42 -24.51 33.03
C VAL D 253 26.00 -25.51 34.05
N GLU D 254 26.62 -26.57 33.56
CA GLU D 254 26.97 -27.68 34.45
C GLU D 254 27.97 -27.24 35.52
N LEU D 255 29.01 -26.52 35.13
CA LEU D 255 30.03 -26.13 36.10
C LEU D 255 29.46 -25.23 37.19
N PRO D 256 28.71 -24.16 36.88
CA PRO D 256 28.12 -23.37 37.97
C PRO D 256 27.24 -24.18 38.90
N LEU D 257 26.45 -25.11 38.36
CA LEU D 257 25.54 -25.89 39.19
C LEU D 257 26.24 -27.00 39.96
N ARG D 258 27.44 -27.38 39.55
CA ARG D 258 28.19 -28.43 40.23
C ARG D 258 29.27 -27.90 41.17
N HIS D 259 29.84 -26.74 40.88
CA HIS D 259 30.85 -26.11 41.73
C HIS D 259 30.53 -24.63 41.93
N PRO D 260 29.42 -24.32 42.60
CA PRO D 260 29.04 -22.90 42.74
C PRO D 260 30.08 -22.08 43.48
N GLN D 261 30.81 -22.68 44.42
CA GLN D 261 31.70 -21.90 45.27
C GLN D 261 32.79 -21.22 44.47
N LEU D 262 33.40 -21.94 43.52
CA LEU D 262 34.46 -21.35 42.72
C LEU D 262 33.97 -20.14 41.95
N PHE D 263 32.86 -20.29 41.22
CA PHE D 263 32.34 -19.19 40.43
C PHE D 263 31.94 -18.01 41.30
N LYS D 264 31.33 -18.28 42.45
CA LYS D 264 30.95 -17.18 43.34
C LYS D 264 32.19 -16.48 43.88
N ALA D 265 33.24 -17.24 44.19
CA ALA D 265 34.46 -16.63 44.71
C ALA D 265 35.11 -15.70 43.68
N ILE D 266 35.30 -16.21 42.46
CA ILE D 266 35.98 -15.39 41.45
C ILE D 266 35.15 -14.16 41.11
N GLY D 267 33.84 -14.31 41.09
CA GLY D 267 32.95 -13.22 40.72
C GLY D 267 32.34 -13.39 39.35
N VAL D 268 31.99 -14.62 39.00
CA VAL D 268 31.30 -14.93 37.74
C VAL D 268 29.83 -15.16 38.05
N LYS D 269 28.96 -14.48 37.31
CA LYS D 269 27.54 -14.61 37.52
C LYS D 269 26.97 -15.61 36.52
N PRO D 270 26.39 -16.73 36.98
CA PRO D 270 25.93 -17.74 36.03
C PRO D 270 24.79 -17.20 35.18
N PRO D 271 24.62 -17.71 33.96
CA PRO D 271 23.55 -17.20 33.11
C PRO D 271 22.18 -17.55 33.67
N ARG D 272 21.20 -16.71 33.34
CA ARG D 272 19.83 -16.89 33.78
C ARG D 272 18.86 -17.14 32.64
N GLY D 273 19.18 -16.72 31.42
CA GLY D 273 18.34 -16.98 30.27
C GLY D 273 19.13 -17.43 29.06
N ILE D 274 18.87 -18.66 28.62
CA ILE D 274 19.52 -19.24 27.45
C ILE D 274 18.44 -19.55 26.43
N LEU D 275 18.51 -18.90 25.28
CA LEU D 275 17.58 -19.10 24.18
C LEU D 275 18.28 -19.87 23.08
N LEU D 276 17.77 -21.06 22.77
CA LEU D 276 18.30 -21.90 21.71
C LEU D 276 17.44 -21.72 20.47
N TYR D 277 18.05 -21.33 19.37
CA TYR D 277 17.31 -21.10 18.13
C TYR D 277 17.98 -21.86 16.99
N GLY D 278 17.18 -22.17 15.97
CA GLY D 278 17.66 -22.89 14.82
C GLY D 278 16.52 -23.55 14.06
N PRO D 279 16.84 -24.22 12.97
CA PRO D 279 15.81 -24.86 12.15
C PRO D 279 15.21 -26.05 12.87
N PRO D 280 13.98 -26.44 12.53
CA PRO D 280 13.34 -27.56 13.21
C PRO D 280 14.08 -28.87 12.95
N GLY D 281 13.98 -29.78 13.92
CA GLY D 281 14.55 -31.10 13.81
C GLY D 281 15.96 -31.25 14.32
N THR D 282 16.60 -30.17 14.75
CA THR D 282 18.02 -30.21 15.12
C THR D 282 18.21 -30.50 16.61
N GLY D 283 17.52 -31.53 17.09
CA GLY D 283 17.75 -32.05 18.42
C GLY D 283 18.01 -31.05 19.52
N LYS D 284 17.39 -29.87 19.44
CA LYS D 284 17.56 -28.86 20.48
C LYS D 284 16.53 -29.00 21.59
N THR D 285 15.54 -29.87 21.43
CA THR D 285 14.61 -30.17 22.51
C THR D 285 15.23 -31.08 23.56
N LEU D 286 16.28 -31.81 23.20
CA LEU D 286 16.94 -32.74 24.12
C LEU D 286 18.13 -32.13 24.85
N VAL D 287 18.62 -30.97 24.42
CA VAL D 287 19.80 -30.40 25.05
C VAL D 287 19.53 -30.07 26.50
N ALA D 288 18.37 -29.46 26.79
CA ALA D 288 18.05 -29.11 28.16
C ALA D 288 17.95 -30.36 29.04
N ARG D 289 17.29 -31.39 28.54
CA ARG D 289 17.16 -32.63 29.31
C ARG D 289 18.53 -33.25 29.56
N ALA D 290 19.39 -33.26 28.54
CA ALA D 290 20.72 -33.83 28.72
C ALA D 290 21.51 -33.05 29.75
N VAL D 291 21.45 -31.72 29.70
CA VAL D 291 22.16 -30.90 30.69
C VAL D 291 21.64 -31.19 32.08
N ALA D 292 20.32 -31.25 32.23
CA ALA D 292 19.75 -31.49 33.55
C ALA D 292 20.14 -32.85 34.09
N ASN D 293 20.13 -33.88 33.24
CA ASN D 293 20.44 -35.22 33.69
C ASN D 293 21.92 -35.36 34.02
N GLU D 294 22.79 -34.76 33.22
CA GLU D 294 24.22 -34.89 33.46
C GLU D 294 24.66 -34.08 34.66
N SER D 295 24.03 -32.95 34.92
CA SER D 295 24.34 -32.15 36.10
C SER D 295 23.55 -32.56 37.33
N GLY D 296 22.63 -33.50 37.20
CA GLY D 296 21.86 -33.94 38.35
C GLY D 296 20.87 -32.94 38.87
N SER D 297 20.41 -32.01 38.03
CA SER D 297 19.51 -30.96 38.44
C SER D 297 18.07 -31.30 38.08
N PHE D 298 17.13 -30.81 38.89
CA PHE D 298 15.73 -31.02 38.64
C PHE D 298 15.33 -30.40 37.30
N PHE D 299 14.41 -31.05 36.60
CA PHE D 299 13.99 -30.63 35.26
C PHE D 299 12.48 -30.45 35.22
N PHE D 300 12.04 -29.29 34.73
CA PHE D 300 10.64 -29.01 34.53
C PHE D 300 10.43 -28.56 33.10
N LEU D 301 9.38 -29.08 32.45
CA LEU D 301 9.11 -28.84 31.04
C LEU D 301 7.83 -28.03 30.90
N ILE D 302 7.88 -27.01 30.04
CA ILE D 302 6.72 -26.21 29.71
C ILE D 302 6.55 -26.25 28.20
N ASN D 303 5.39 -26.71 27.74
CA ASN D 303 5.07 -26.79 26.33
C ASN D 303 4.14 -25.64 25.98
N GLY D 304 4.57 -24.81 25.03
CA GLY D 304 3.81 -23.63 24.67
C GLY D 304 2.38 -23.94 24.29
N PRO D 305 2.20 -24.87 23.35
CA PRO D 305 0.83 -25.29 22.99
C PRO D 305 0.04 -25.81 24.18
N GLU D 306 0.68 -26.57 25.08
CA GLU D 306 -0.05 -27.10 26.23
C GLU D 306 -0.49 -25.98 27.17
N ILE D 307 0.36 -24.99 27.39
CA ILE D 307 -0.02 -23.87 28.25
C ILE D 307 -1.14 -23.07 27.60
N MET D 308 -1.01 -22.75 26.32
CA MET D 308 -1.96 -21.88 25.66
C MET D 308 -3.27 -22.57 25.32
N SER D 309 -3.35 -23.89 25.48
CA SER D 309 -4.61 -24.61 25.25
C SER D 309 -5.54 -24.55 26.44
N LYS D 310 -5.07 -24.09 27.60
CA LYS D 310 -5.87 -24.05 28.80
C LYS D 310 -6.68 -22.74 28.85
N LEU D 311 -7.56 -22.66 29.83
CA LEU D 311 -8.41 -21.48 30.00
C LEU D 311 -7.56 -20.29 30.39
N ALA D 312 -8.22 -19.13 30.56
CA ALA D 312 -7.50 -17.90 30.82
C ALA D 312 -6.65 -18.00 32.08
N GLY D 313 -7.24 -18.47 33.18
CA GLY D 313 -6.53 -18.50 34.44
C GLY D 313 -5.64 -19.72 34.60
N GLU D 314 -5.99 -20.83 33.96
CA GLU D 314 -5.21 -22.05 34.11
C GLU D 314 -3.80 -21.87 33.55
N SER D 315 -3.64 -21.07 32.49
CA SER D 315 -2.32 -20.86 31.92
C SER D 315 -1.39 -20.18 32.93
N GLU D 316 -1.85 -19.07 33.51
CA GLU D 316 -1.05 -18.39 34.53
C GLU D 316 -0.82 -19.29 35.74
N SER D 317 -1.83 -20.03 36.15
CA SER D 317 -1.66 -20.93 37.28
C SER D 317 -0.56 -21.94 37.01
N ASN D 318 -0.56 -22.53 35.81
CA ASN D 318 0.44 -23.54 35.49
C ASN D 318 1.83 -22.93 35.40
N LEU D 319 1.95 -21.74 34.81
CA LEU D 319 3.27 -21.11 34.70
C LEU D 319 3.83 -20.77 36.07
N ARG D 320 3.00 -20.19 36.95
CA ARG D 320 3.45 -19.89 38.31
C ARG D 320 3.81 -21.15 39.06
N LYS D 321 3.01 -22.21 38.92
CA LYS D 321 3.31 -23.47 39.59
C LYS D 321 4.64 -24.03 39.10
N ALA D 322 4.90 -23.93 37.80
CA ALA D 322 6.17 -24.40 37.28
C ALA D 322 7.33 -23.67 37.92
N PHE D 323 7.28 -22.34 37.94
CA PHE D 323 8.40 -21.59 38.51
C PHE D 323 8.54 -21.85 40.00
N GLU D 324 7.42 -21.96 40.72
CA GLU D 324 7.50 -22.21 42.17
C GLU D 324 8.09 -23.58 42.46
N GLU D 325 7.66 -24.61 41.73
CA GLU D 325 8.22 -25.94 41.93
C GLU D 325 9.69 -25.98 41.56
N ALA D 326 10.08 -25.23 40.53
CA ALA D 326 11.51 -25.15 40.18
C ALA D 326 12.31 -24.52 41.31
N GLU D 327 11.79 -23.45 41.91
CA GLU D 327 12.51 -22.80 43.01
C GLU D 327 12.56 -23.70 44.22
N LYS D 328 11.49 -24.45 44.50
CA LYS D 328 11.45 -25.30 45.68
C LYS D 328 12.52 -26.38 45.61
N ASN D 329 12.66 -27.04 44.46
CA ASN D 329 13.70 -28.04 44.24
C ASN D 329 14.77 -27.40 43.37
N ALA D 330 15.90 -27.06 44.00
CA ALA D 330 17.00 -26.39 43.31
C ALA D 330 18.29 -27.15 43.55
N PRO D 331 19.23 -27.09 42.60
CA PRO D 331 19.20 -26.38 41.32
C PRO D 331 18.24 -27.01 40.32
N ALA D 332 17.71 -26.23 39.39
CA ALA D 332 16.70 -26.72 38.48
C ALA D 332 16.82 -26.02 37.14
N ILE D 333 16.28 -26.66 36.11
CA ILE D 333 16.23 -26.12 34.76
C ILE D 333 14.79 -26.14 34.28
N ILE D 334 14.32 -25.01 33.78
CA ILE D 334 12.98 -24.88 33.22
C ILE D 334 13.12 -24.69 31.73
N PHE D 335 12.54 -25.60 30.95
CA PHE D 335 12.61 -25.57 29.50
C PHE D 335 11.26 -25.17 28.94
N ILE D 336 11.23 -24.09 28.16
CA ILE D 336 10.02 -23.60 27.53
C ILE D 336 10.14 -23.92 26.05
N ASP D 337 9.51 -25.01 25.62
CA ASP D 337 9.50 -25.38 24.21
C ASP D 337 8.49 -24.52 23.45
N GLU D 338 8.90 -24.03 22.29
CA GLU D 338 8.07 -23.15 21.46
C GLU D 338 7.68 -21.89 22.24
N LEU D 339 8.72 -21.12 22.59
CA LEU D 339 8.49 -19.88 23.32
C LEU D 339 7.67 -18.89 22.52
N ASP D 340 7.77 -18.94 21.19
CA ASP D 340 6.99 -18.02 20.35
C ASP D 340 5.50 -18.25 20.50
N ALA D 341 5.09 -19.45 20.91
CA ALA D 341 3.67 -19.69 21.17
C ALA D 341 3.19 -18.87 22.37
N ILE D 342 4.01 -18.79 23.42
CA ILE D 342 3.61 -18.05 24.62
C ILE D 342 3.84 -16.56 24.42
N ALA D 343 4.96 -16.18 23.83
CA ALA D 343 5.39 -14.78 23.76
C ALA D 343 5.75 -14.42 22.34
N PRO D 344 4.76 -14.36 21.45
CA PRO D 344 5.01 -13.88 20.09
C PRO D 344 5.10 -12.37 20.05
N LYS D 345 5.53 -11.85 18.91
CA LYS D 345 5.67 -10.42 18.75
C LYS D 345 4.34 -9.74 19.01
N ARG D 346 4.38 -8.60 19.72
CA ARG D 346 3.15 -7.99 20.21
C ARG D 346 2.18 -7.68 19.07
N GLU D 347 2.69 -7.45 17.86
CA GLU D 347 1.80 -7.21 16.73
C GLU D 347 0.94 -8.42 16.45
N LYS D 348 1.52 -9.62 16.51
CA LYS D 348 0.77 -10.84 16.21
C LYS D 348 -0.40 -11.02 17.17
N THR D 349 -0.16 -10.80 18.46
CA THR D 349 -1.22 -10.95 19.45
C THR D 349 -2.31 -9.91 19.22
N HIS D 350 -3.56 -10.31 19.43
CA HIS D 350 -4.70 -9.43 19.24
C HIS D 350 -5.70 -9.49 20.38
N GLY D 351 -5.43 -10.25 21.44
CA GLY D 351 -6.29 -10.32 22.59
C GLY D 351 -5.66 -9.65 23.80
N GLU D 352 -6.27 -9.93 24.96
CA GLU D 352 -5.78 -9.42 26.22
C GLU D 352 -5.23 -10.51 27.13
N VAL D 353 -5.74 -11.73 27.04
CA VAL D 353 -5.19 -12.82 27.83
C VAL D 353 -3.78 -13.18 27.37
N GLU D 354 -3.55 -13.13 26.05
CA GLU D 354 -2.22 -13.42 25.52
C GLU D 354 -1.19 -12.45 26.05
N ARG D 355 -1.49 -11.15 26.00
CA ARG D 355 -0.58 -10.17 26.55
C ARG D 355 -0.43 -10.34 28.04
N ARG D 356 -1.49 -10.76 28.72
CA ARG D 356 -1.40 -11.01 30.16
C ARG D 356 -0.41 -12.12 30.46
N ILE D 357 -0.45 -13.21 29.69
CA ILE D 357 0.48 -14.30 29.95
C ILE D 357 1.91 -13.92 29.58
N VAL D 358 2.08 -13.12 28.53
CA VAL D 358 3.43 -12.63 28.22
C VAL D 358 3.98 -11.80 29.38
N SER D 359 3.16 -10.89 29.91
CA SER D 359 3.61 -10.08 31.03
C SER D 359 3.87 -10.92 32.28
N GLN D 360 3.06 -11.95 32.49
CA GLN D 360 3.30 -12.85 33.62
C GLN D 360 4.62 -13.57 33.48
N LEU D 361 4.95 -14.02 32.26
CA LEU D 361 6.24 -14.65 32.04
C LEU D 361 7.38 -13.69 32.32
N LEU D 362 7.26 -12.44 31.85
CA LEU D 362 8.31 -11.46 32.12
C LEU D 362 8.46 -11.22 33.61
N THR D 363 7.35 -11.09 34.34
CA THR D 363 7.42 -10.85 35.77
C THR D 363 8.08 -12.01 36.49
N LEU D 364 7.71 -13.25 36.13
CA LEU D 364 8.32 -14.41 36.77
C LEU D 364 9.81 -14.47 36.50
N MET D 365 10.23 -14.19 35.26
CA MET D 365 11.65 -14.23 34.95
C MET D 365 12.42 -13.16 35.70
N ASP D 366 11.88 -11.94 35.79
CA ASP D 366 12.57 -10.89 36.51
C ASP D 366 12.60 -11.15 38.02
N GLY D 367 11.75 -12.05 38.51
CA GLY D 367 11.67 -12.38 39.92
C GLY D 367 12.56 -13.50 40.37
N LEU D 368 13.50 -13.94 39.54
CA LEU D 368 14.44 -15.00 39.90
C LEU D 368 15.63 -14.36 40.59
N LYS D 369 15.72 -14.53 41.91
CA LYS D 369 16.85 -14.01 42.66
C LYS D 369 18.15 -14.64 42.17
N GLN D 370 19.22 -13.85 42.19
CA GLN D 370 20.51 -14.35 41.73
C GLN D 370 20.95 -15.58 42.51
N ARG D 371 20.61 -15.65 43.80
CA ARG D 371 21.02 -16.80 44.61
C ARG D 371 20.33 -18.07 44.14
N SER D 372 19.04 -17.99 43.82
CA SER D 372 18.32 -19.18 43.38
C SER D 372 18.97 -19.76 42.13
N HIS D 373 19.20 -21.07 42.14
CA HIS D 373 19.91 -21.74 41.06
C HIS D 373 18.92 -22.34 40.06
N VAL D 374 18.19 -21.46 39.39
CA VAL D 374 17.23 -21.83 38.36
C VAL D 374 17.69 -21.21 37.05
N ILE D 375 17.81 -22.04 36.01
CA ILE D 375 18.20 -21.60 34.69
C ILE D 375 17.02 -21.89 33.75
N VAL D 376 16.55 -20.85 33.07
CA VAL D 376 15.39 -20.95 32.20
C VAL D 376 15.90 -21.05 30.77
N MET D 377 15.83 -22.23 30.19
CA MET D 377 16.15 -22.43 28.79
C MET D 377 14.88 -22.37 27.95
N ALA D 378 15.05 -21.92 26.70
CA ALA D 378 13.94 -21.78 25.78
C ALA D 378 14.37 -22.24 24.40
N ALA D 379 13.39 -22.50 23.54
CA ALA D 379 13.66 -22.94 22.18
C ALA D 379 12.69 -22.24 21.23
N THR D 380 13.22 -21.70 20.13
CA THR D 380 12.41 -21.07 19.11
C THR D 380 13.04 -21.31 17.75
N ASN D 381 12.23 -21.17 16.70
CA ASN D 381 12.75 -21.34 15.35
C ASN D 381 13.64 -20.15 14.96
N ARG D 382 13.18 -18.95 15.21
CA ARG D 382 13.97 -17.74 15.02
C ARG D 382 13.82 -16.84 16.24
N PRO D 383 14.87 -16.12 16.62
CA PRO D 383 14.77 -15.24 17.78
C PRO D 383 13.94 -14.00 17.53
N ASN D 384 13.75 -13.59 16.27
CA ASN D 384 12.94 -12.42 15.96
C ASN D 384 11.46 -12.68 16.21
N SER D 385 11.04 -13.94 16.26
CA SER D 385 9.65 -14.27 16.50
C SER D 385 9.23 -14.09 17.95
N VAL D 386 10.18 -13.90 18.85
CA VAL D 386 9.89 -13.73 20.27
C VAL D 386 9.70 -12.25 20.56
N ASP D 387 8.93 -11.97 21.60
CA ASP D 387 8.69 -10.59 21.99
C ASP D 387 10.00 -9.91 22.31
N PRO D 388 10.28 -8.72 21.76
CA PRO D 388 11.56 -8.07 22.04
C PRO D 388 11.83 -7.88 23.52
N ALA D 389 10.79 -7.70 24.34
CA ALA D 389 11.00 -7.47 25.76
C ALA D 389 11.70 -8.64 26.43
N LEU D 390 11.51 -9.85 25.91
CA LEU D 390 12.09 -11.03 26.55
C LEU D 390 13.58 -11.13 26.28
N ARG D 391 14.06 -10.59 25.16
CA ARG D 391 15.46 -10.68 24.78
C ARG D 391 16.29 -9.55 25.37
N ARG D 392 15.84 -8.95 26.46
CA ARG D 392 16.55 -7.87 27.11
C ARG D 392 17.56 -8.42 28.10
N PHE D 393 18.39 -7.53 28.63
CA PHE D 393 19.34 -7.91 29.66
C PHE D 393 18.60 -8.35 30.91
N GLY D 394 19.06 -9.45 31.50
CA GLY D 394 18.48 -9.97 32.72
C GLY D 394 17.35 -10.96 32.51
N ARG D 395 16.86 -11.13 31.28
CA ARG D 395 15.80 -12.09 31.01
C ARG D 395 16.25 -13.22 30.10
N PHE D 396 16.66 -12.92 28.88
CA PHE D 396 17.25 -13.91 27.97
C PHE D 396 18.45 -13.22 27.32
N ASP D 397 19.61 -13.32 27.96
CA ASP D 397 20.79 -12.63 27.51
C ASP D 397 21.79 -13.53 26.80
N ARG D 398 21.61 -14.84 26.85
CA ARG D 398 22.46 -15.77 26.10
C ARG D 398 21.63 -16.39 24.98
N GLU D 399 22.18 -16.39 23.77
CA GLU D 399 21.52 -16.98 22.61
C GLU D 399 22.49 -17.91 21.91
N ILE D 400 22.05 -19.14 21.66
CA ILE D 400 22.87 -20.15 21.01
C ILE D 400 22.09 -20.69 19.82
N GLU D 401 22.80 -20.94 18.72
CA GLU D 401 22.21 -21.46 17.50
C GLU D 401 22.61 -22.91 17.30
N ILE D 402 21.61 -23.77 17.12
CA ILE D 402 21.85 -25.16 16.77
C ILE D 402 21.46 -25.32 15.30
N GLY D 403 22.44 -25.17 14.41
CA GLY D 403 22.18 -25.12 12.98
C GLY D 403 22.32 -26.47 12.32
N ILE D 404 22.41 -26.42 11.00
CA ILE D 404 22.46 -27.66 10.21
C ILE D 404 23.76 -28.39 10.52
N PRO D 405 23.72 -29.70 10.77
CA PRO D 405 24.96 -30.42 11.07
C PRO D 405 25.86 -30.52 9.85
N ASP D 406 27.17 -30.49 10.12
CA ASP D 406 28.17 -30.73 9.09
C ASP D 406 28.33 -32.25 8.91
N SER D 407 29.35 -32.66 8.15
CA SER D 407 29.49 -34.06 7.81
C SER D 407 29.71 -34.91 9.05
N ILE D 408 30.57 -34.46 9.96
CA ILE D 408 30.83 -35.23 11.18
C ILE D 408 29.55 -35.32 12.02
N GLY D 409 28.82 -34.22 12.13
CA GLY D 409 27.57 -34.25 12.85
C GLY D 409 26.56 -35.20 12.23
N ARG D 410 26.48 -35.22 10.91
CA ARG D 410 25.57 -36.14 10.24
C ARG D 410 25.96 -37.58 10.52
N LEU D 411 27.26 -37.87 10.52
CA LEU D 411 27.70 -39.22 10.85
C LEU D 411 27.34 -39.59 12.28
N GLU D 412 27.49 -38.65 13.21
CA GLU D 412 27.10 -38.91 14.59
C GLU D 412 25.60 -39.21 14.69
N ILE D 413 24.78 -38.44 13.99
CA ILE D 413 23.34 -38.66 14.03
C ILE D 413 23.00 -40.04 13.45
N LEU D 414 23.64 -40.39 12.32
CA LEU D 414 23.36 -41.69 11.72
C LEU D 414 23.75 -42.81 12.66
N ARG D 415 24.87 -42.66 13.37
CA ARG D 415 25.27 -43.68 14.33
C ARG D 415 24.26 -43.78 15.48
N ILE D 416 23.74 -42.64 15.92
CA ILE D 416 22.75 -42.66 17.00
C ILE D 416 21.48 -43.38 16.56
N HIS D 417 21.00 -43.07 15.36
CA HIS D 417 19.72 -43.61 14.92
C HIS D 417 19.80 -45.05 14.48
N THR D 418 20.95 -45.48 13.94
CA THR D 418 21.15 -46.86 13.51
C THR D 418 21.62 -47.74 14.66
N ARG D 419 21.35 -47.35 15.90
CA ARG D 419 21.84 -48.10 17.05
C ARG D 419 21.09 -49.42 17.22
N ASN D 420 19.79 -49.43 16.91
CA ASN D 420 18.98 -50.62 17.01
C ASN D 420 18.80 -51.35 15.68
N ILE D 421 18.88 -50.63 14.56
CA ILE D 421 18.78 -51.29 13.27
C ILE D 421 19.98 -52.20 13.06
N ARG D 422 19.75 -53.30 12.35
CA ARG D 422 20.80 -54.28 12.05
C ARG D 422 21.35 -53.97 10.67
N LEU D 423 22.56 -53.41 10.63
CA LEU D 423 23.19 -53.04 9.37
C LEU D 423 23.99 -54.21 8.80
N ALA D 424 24.26 -54.13 7.51
CA ALA D 424 25.06 -55.13 6.83
C ALA D 424 26.54 -54.74 6.88
N GLU D 425 27.39 -55.68 6.50
CA GLU D 425 28.83 -55.47 6.56
C GLU D 425 29.33 -54.56 5.44
N ASP D 426 28.50 -54.27 4.44
CA ASP D 426 28.87 -53.36 3.36
C ASP D 426 28.37 -51.95 3.59
N VAL D 427 27.78 -51.67 4.75
CA VAL D 427 27.24 -50.35 5.04
C VAL D 427 28.36 -49.47 5.56
N GLU D 428 28.63 -48.38 4.83
CA GLU D 428 29.65 -47.41 5.20
C GLU D 428 28.96 -46.07 5.39
N LEU D 429 28.57 -45.78 6.62
CA LEU D 429 27.78 -44.59 6.91
C LEU D 429 28.54 -43.30 6.68
N GLU D 430 29.86 -43.36 6.52
CA GLU D 430 30.64 -42.15 6.34
C GLU D 430 30.53 -41.57 4.93
N LYS D 431 29.95 -42.33 3.99
CA LYS D 431 29.63 -41.79 2.67
C LYS D 431 28.21 -41.29 2.58
N ILE D 432 27.29 -41.96 3.28
CA ILE D 432 25.93 -41.47 3.38
C ILE D 432 25.91 -40.12 4.08
N ALA D 433 26.74 -39.99 5.13
CA ALA D 433 26.85 -38.71 5.82
C ALA D 433 27.37 -37.62 4.90
N ASN D 434 28.38 -37.94 4.09
CA ASN D 434 28.99 -36.92 3.24
C ASN D 434 28.07 -36.52 2.11
N GLU D 435 27.24 -37.42 1.61
CA GLU D 435 26.34 -37.10 0.50
C GLU D 435 24.98 -36.58 0.95
N ALA D 436 24.72 -36.50 2.25
CA ALA D 436 23.41 -36.08 2.76
C ALA D 436 23.43 -34.58 3.06
N HIS D 437 23.38 -33.80 1.98
CA HIS D 437 23.38 -32.35 2.10
C HIS D 437 22.01 -31.84 2.53
N GLY D 438 22.00 -30.85 3.41
CA GLY D 438 20.76 -30.22 3.82
C GLY D 438 19.91 -31.05 4.74
N HIS D 439 20.48 -32.05 5.40
CA HIS D 439 19.73 -32.94 6.27
C HIS D 439 19.92 -32.55 7.73
N VAL D 440 18.85 -32.66 8.50
CA VAL D 440 18.89 -32.47 9.94
C VAL D 440 18.59 -33.82 10.58
N GLY D 441 18.59 -33.88 11.91
CA GLY D 441 18.42 -35.17 12.58
C GLY D 441 17.16 -35.91 12.16
N ALA D 442 16.04 -35.18 12.09
CA ALA D 442 14.79 -35.83 11.70
C ALA D 442 14.87 -36.37 10.29
N ASP D 443 15.50 -35.63 9.37
CA ASP D 443 15.64 -36.10 8.00
C ASP D 443 16.46 -37.37 7.93
N LEU D 444 17.55 -37.45 8.70
CA LEU D 444 18.36 -38.65 8.69
C LEU D 444 17.63 -39.83 9.31
N ALA D 445 16.81 -39.57 10.34
CA ALA D 445 15.99 -40.63 10.89
C ALA D 445 15.01 -41.16 9.86
N SER D 446 14.36 -40.27 9.12
CA SER D 446 13.46 -40.69 8.05
C SER D 446 14.21 -41.46 6.97
N LEU D 447 15.45 -41.04 6.68
CA LEU D 447 16.27 -41.76 5.70
C LEU D 447 16.52 -43.19 6.15
N CYS D 448 16.88 -43.38 7.42
CA CYS D 448 17.11 -44.72 7.93
C CYS D 448 15.83 -45.55 7.87
N SER D 449 14.70 -44.94 8.22
CA SER D 449 13.43 -45.66 8.16
C SER D 449 13.11 -46.09 6.74
N GLU D 450 13.32 -45.21 5.76
CA GLU D 450 13.07 -45.55 4.37
C GLU D 450 13.99 -46.66 3.90
N ALA D 451 15.25 -46.64 4.32
CA ALA D 451 16.17 -47.71 3.94
C ALA D 451 15.72 -49.06 4.49
N ALA D 452 15.33 -49.10 5.77
CA ALA D 452 14.83 -50.34 6.33
C ALA D 452 13.57 -50.81 5.62
N LEU D 453 12.69 -49.87 5.26
CA LEU D 453 11.46 -50.25 4.56
C LEU D 453 11.76 -50.78 3.17
N GLN D 454 12.77 -50.21 2.49
CA GLN D 454 13.19 -50.76 1.21
C GLN D 454 13.72 -52.17 1.36
N GLN D 455 14.47 -52.42 2.43
CA GLN D 455 14.93 -53.79 2.70
C GLN D 455 13.75 -54.73 2.84
N ILE D 456 12.73 -54.32 3.58
CA ILE D 456 11.54 -55.16 3.74
C ILE D 456 10.86 -55.40 2.40
N ARG D 457 10.72 -54.35 1.59
CA ARG D 457 10.14 -54.53 0.26
C ARG D 457 10.89 -55.58 -0.52
N ASN D 458 12.22 -55.46 -0.58
CA ASN D 458 13.00 -56.38 -1.40
C ASN D 458 12.89 -57.81 -0.89
N LYS D 459 12.93 -58.01 0.42
CA LYS D 459 12.94 -59.37 0.95
C LYS D 459 11.56 -60.01 0.92
N MET D 460 10.57 -59.36 1.53
CA MET D 460 9.24 -59.95 1.60
C MET D 460 8.66 -60.20 0.22
N ASN D 461 8.81 -59.23 -0.69
CA ASN D 461 8.28 -59.36 -2.04
C ASN D 461 8.91 -60.53 -2.78
N ILE D 470 4.72 -64.45 8.86
CA ILE D 470 6.10 -64.24 8.44
C ILE D 470 7.01 -65.23 9.14
N ASP D 471 7.81 -65.95 8.35
CA ASP D 471 8.63 -67.02 8.89
C ASP D 471 9.85 -66.46 9.62
N ALA D 472 10.28 -67.19 10.65
CA ALA D 472 11.28 -66.66 11.57
C ALA D 472 12.62 -66.38 10.87
N GLU D 473 13.06 -67.28 9.99
CA GLU D 473 14.36 -67.07 9.37
C GLU D 473 14.37 -65.79 8.53
N VAL D 474 13.24 -65.43 7.92
CA VAL D 474 13.16 -64.17 7.20
C VAL D 474 13.34 -63.01 8.16
N LEU D 475 12.73 -63.09 9.34
CA LEU D 475 12.94 -62.08 10.36
C LEU D 475 14.41 -61.96 10.71
N ASN D 476 15.11 -63.08 10.84
CA ASN D 476 16.50 -63.07 11.27
C ASN D 476 17.48 -62.76 10.13
N SER D 477 17.03 -62.77 8.89
CA SER D 477 17.90 -62.55 7.74
C SER D 477 17.83 -61.13 7.20
N LEU D 478 17.23 -60.20 7.94
CA LEU D 478 17.09 -58.83 7.50
C LEU D 478 18.29 -58.00 7.96
N ALA D 479 18.87 -57.25 7.04
CA ALA D 479 20.02 -56.41 7.35
C ALA D 479 20.14 -55.34 6.27
N VAL D 480 20.01 -54.08 6.67
CA VAL D 480 20.01 -52.99 5.70
C VAL D 480 21.34 -52.97 4.96
N THR D 481 21.28 -52.70 3.66
CA THR D 481 22.46 -52.64 2.81
C THR D 481 22.70 -51.20 2.36
N MET D 482 23.85 -51.01 1.71
CA MET D 482 24.22 -49.68 1.22
C MET D 482 23.37 -49.29 0.02
N ASP D 483 22.94 -50.26 -0.79
CA ASP D 483 22.08 -49.94 -1.93
C ASP D 483 20.76 -49.35 -1.44
N ASP D 484 20.20 -49.91 -0.37
CA ASP D 484 18.97 -49.35 0.19
C ASP D 484 19.19 -47.94 0.71
N PHE D 485 20.33 -47.70 1.36
CA PHE D 485 20.62 -46.37 1.87
C PHE D 485 20.73 -45.36 0.73
N ARG D 486 21.37 -45.75 -0.37
CA ARG D 486 21.47 -44.82 -1.50
C ARG D 486 20.12 -44.60 -2.15
N TRP D 487 19.28 -45.65 -2.21
CA TRP D 487 17.93 -45.47 -2.72
C TRP D 487 17.16 -44.48 -1.87
N ALA D 488 17.25 -44.60 -0.55
CA ALA D 488 16.58 -43.66 0.34
C ALA D 488 17.12 -42.26 0.16
N LEU D 489 18.44 -42.12 0.03
CA LEU D 489 19.04 -40.80 -0.12
C LEU D 489 18.57 -40.13 -1.40
N GLY D 490 18.46 -40.91 -2.49
CA GLY D 490 18.03 -40.32 -3.75
C GLY D 490 16.61 -39.79 -3.69
N LYS D 491 15.72 -40.52 -3.04
CA LYS D 491 14.31 -40.15 -2.94
C LYS D 491 14.01 -39.23 -1.77
N SER D 492 15.01 -38.86 -0.98
CA SER D 492 14.78 -38.01 0.18
C SER D 492 14.72 -36.55 -0.23
N ASN D 493 13.84 -35.79 0.44
CA ASN D 493 13.67 -34.36 0.21
C ASN D 493 13.96 -33.65 1.52
N PRO D 494 15.21 -33.27 1.78
CA PRO D 494 15.54 -32.65 3.07
C PRO D 494 14.78 -31.36 3.28
N SER D 495 14.53 -31.05 4.54
CA SER D 495 13.77 -29.86 4.92
C SER D 495 14.64 -28.63 5.09
N ALA D 496 15.97 -28.77 5.02
CA ALA D 496 16.89 -27.66 5.24
C ALA D 496 17.88 -27.55 4.09
N LEU D 497 17.37 -27.62 2.87
CA LEU D 497 18.19 -27.52 1.68
C LEU D 497 18.37 -26.09 1.21
N ARG D 498 17.75 -25.12 1.87
CA ARG D 498 17.86 -23.72 1.52
C ARG D 498 18.46 -22.89 2.65
N GLU D 499 18.95 -23.54 3.71
CA GLU D 499 19.54 -22.84 4.83
C GLU D 499 21.01 -22.57 4.56
N THR D 500 21.46 -21.38 4.92
CA THR D 500 22.86 -21.02 4.73
C THR D 500 23.73 -21.95 5.56
N THR D 501 24.83 -22.40 4.97
CA THR D 501 25.76 -23.31 5.62
C THR D 501 27.01 -22.55 6.06
N VAL D 502 27.39 -22.74 7.32
CA VAL D 502 28.58 -22.13 7.88
C VAL D 502 29.50 -23.28 8.29
N GLU D 503 30.50 -23.56 7.47
CA GLU D 503 31.42 -24.65 7.72
C GLU D 503 32.78 -24.32 7.11
N VAL D 504 33.78 -25.11 7.45
CA VAL D 504 35.13 -24.96 6.92
C VAL D 504 35.21 -25.78 5.63
N PRO D 505 35.33 -25.14 4.47
CA PRO D 505 35.31 -25.91 3.21
C PRO D 505 36.50 -26.84 3.11
N ASN D 506 36.30 -27.94 2.38
CA ASN D 506 37.31 -28.97 2.19
C ASN D 506 38.02 -28.84 0.85
N VAL D 507 38.13 -27.63 0.32
CA VAL D 507 38.84 -27.37 -0.93
C VAL D 507 40.23 -26.87 -0.59
N THR D 508 41.24 -27.54 -1.12
CA THR D 508 42.64 -27.21 -0.86
C THR D 508 43.23 -26.43 -2.03
N TRP D 509 44.43 -25.90 -1.82
CA TRP D 509 45.10 -25.13 -2.85
C TRP D 509 45.40 -25.99 -4.08
N ASP D 510 45.68 -27.28 -3.88
CA ASP D 510 46.05 -28.14 -4.98
C ASP D 510 44.92 -28.31 -5.99
N ASP D 511 43.68 -28.07 -5.59
CA ASP D 511 42.55 -28.26 -6.49
C ASP D 511 42.37 -27.10 -7.47
N ILE D 512 43.09 -26.00 -7.28
CA ILE D 512 42.93 -24.82 -8.13
C ILE D 512 44.27 -24.32 -8.62
N GLY D 513 45.35 -24.78 -8.01
CA GLY D 513 46.65 -24.23 -8.32
C GLY D 513 46.70 -22.77 -7.95
N GLY D 514 46.68 -21.90 -8.94
CA GLY D 514 46.60 -20.48 -8.71
C GLY D 514 47.97 -19.82 -8.72
N LEU D 515 47.99 -18.55 -9.07
CA LEU D 515 49.24 -17.80 -9.06
C LEU D 515 49.80 -17.73 -7.66
N GLU D 516 51.12 -17.85 -7.53
CA GLU D 516 51.73 -17.71 -6.22
C GLU D 516 51.54 -16.30 -5.68
N ASN D 517 51.48 -15.31 -6.55
CA ASN D 517 51.26 -13.94 -6.11
C ASN D 517 49.91 -13.82 -5.39
N VAL D 518 48.85 -14.36 -6.00
CA VAL D 518 47.52 -14.30 -5.39
C VAL D 518 47.51 -15.05 -4.07
N LYS D 519 48.13 -16.23 -4.04
CA LYS D 519 48.16 -17.02 -2.82
C LYS D 519 48.87 -16.25 -1.70
N ARG D 520 50.00 -15.61 -2.02
CA ARG D 520 50.72 -14.84 -1.01
C ARG D 520 49.89 -13.67 -0.51
N GLU D 521 49.25 -12.94 -1.42
CA GLU D 521 48.46 -11.79 -1.00
C GLU D 521 47.30 -12.22 -0.13
N LEU D 522 46.62 -13.30 -0.50
CA LEU D 522 45.52 -13.79 0.32
C LEU D 522 46.00 -14.27 1.68
N GLN D 523 47.17 -14.93 1.72
CA GLN D 523 47.69 -15.36 3.02
C GLN D 523 47.98 -14.16 3.90
N GLU D 524 48.52 -13.09 3.36
CA GLU D 524 48.82 -11.90 4.16
C GLU D 524 47.52 -11.24 4.60
N LEU D 525 46.50 -11.22 3.78
CA LEU D 525 45.28 -10.52 4.16
C LEU D 525 44.41 -11.32 5.13
N VAL D 526 44.40 -12.65 5.01
CA VAL D 526 43.43 -13.46 5.74
C VAL D 526 44.09 -14.39 6.76
N GLN D 527 45.33 -14.80 6.48
CA GLN D 527 45.97 -15.78 7.35
C GLN D 527 46.79 -15.13 8.47
N TYR D 528 47.60 -14.13 8.14
CA TYR D 528 48.44 -13.51 9.16
C TYR D 528 47.62 -12.94 10.31
N PRO D 529 46.51 -12.22 10.09
CA PRO D 529 45.75 -11.70 11.23
C PRO D 529 45.26 -12.77 12.19
N VAL D 530 44.92 -13.96 11.69
CA VAL D 530 44.36 -14.99 12.56
C VAL D 530 45.45 -15.74 13.30
N GLU D 531 46.49 -16.17 12.58
CA GLU D 531 47.53 -16.98 13.20
C GLU D 531 48.49 -16.15 14.05
N HIS D 532 48.78 -14.92 13.64
CA HIS D 532 49.77 -14.08 14.33
C HIS D 532 49.16 -12.71 14.62
N PRO D 533 48.24 -12.62 15.57
CA PRO D 533 47.73 -11.30 15.98
C PRO D 533 48.72 -10.52 16.82
N ASP D 534 49.61 -11.20 17.53
CA ASP D 534 50.59 -10.50 18.36
C ASP D 534 51.48 -9.61 17.52
N LYS D 535 51.83 -10.04 16.30
CA LYS D 535 52.66 -9.21 15.44
C LYS D 535 51.96 -7.91 15.08
N PHE D 536 50.68 -8.00 14.72
CA PHE D 536 49.92 -6.80 14.38
C PHE D 536 49.77 -5.88 15.58
N LEU D 537 49.52 -6.45 16.76
CA LEU D 537 49.44 -5.62 17.96
C LEU D 537 50.77 -4.95 18.25
N LYS D 538 51.87 -5.67 18.08
CA LYS D 538 53.20 -5.12 18.36
C LYS D 538 53.52 -3.98 17.41
N PHE D 539 53.27 -4.16 16.12
CA PHE D 539 53.52 -3.09 15.16
C PHE D 539 52.41 -2.05 15.16
N GLY D 540 51.30 -2.33 15.82
CA GLY D 540 50.26 -1.34 16.04
C GLY D 540 49.60 -0.78 14.80
N MET D 541 49.27 -1.63 13.83
CA MET D 541 48.58 -1.17 12.64
C MET D 541 47.51 -2.18 12.30
N THR D 542 46.26 -1.73 12.24
CA THR D 542 45.14 -2.65 12.06
C THR D 542 45.06 -3.09 10.59
N PRO D 543 44.80 -4.37 10.35
CA PRO D 543 44.68 -4.85 8.97
C PRO D 543 43.39 -4.41 8.31
N SER D 544 43.42 -4.39 6.98
CA SER D 544 42.24 -4.12 6.18
C SER D 544 41.54 -5.43 5.84
N LYS D 545 40.22 -5.39 5.82
CA LYS D 545 39.39 -6.58 5.72
C LYS D 545 38.48 -6.54 4.49
N GLY D 546 39.02 -6.12 3.35
CA GLY D 546 38.22 -6.07 2.13
C GLY D 546 38.99 -6.37 0.87
N VAL D 547 38.55 -7.39 0.14
CA VAL D 547 39.16 -7.81 -1.10
C VAL D 547 38.07 -7.94 -2.16
N LEU D 548 38.36 -7.48 -3.36
CA LEU D 548 37.47 -7.64 -4.50
C LEU D 548 38.23 -8.41 -5.58
N PHE D 549 37.77 -9.62 -5.88
CA PHE D 549 38.31 -10.39 -6.98
C PHE D 549 37.65 -9.97 -8.28
N TYR D 550 38.46 -9.75 -9.31
CA TYR D 550 37.91 -9.50 -10.64
C TYR D 550 38.71 -10.29 -11.67
N GLY D 551 38.02 -10.75 -12.70
CA GLY D 551 38.64 -11.54 -13.74
C GLY D 551 37.63 -12.21 -14.63
N PRO D 552 38.11 -12.96 -15.63
CA PRO D 552 37.19 -13.57 -16.58
C PRO D 552 36.28 -14.56 -15.89
N PRO D 553 35.06 -14.75 -16.40
CA PRO D 553 34.17 -15.75 -15.81
C PRO D 553 34.77 -17.15 -15.86
N GLY D 554 34.49 -17.92 -14.82
CA GLY D 554 34.91 -19.31 -14.77
C GLY D 554 36.33 -19.54 -14.31
N CYS D 555 37.07 -18.49 -13.95
CA CYS D 555 38.46 -18.68 -13.55
C CYS D 555 38.61 -19.29 -12.16
N GLY D 556 37.53 -19.38 -11.39
CA GLY D 556 37.59 -20.06 -10.11
C GLY D 556 37.86 -19.16 -8.93
N LYS D 557 37.09 -18.07 -8.80
CA LYS D 557 37.24 -17.19 -7.67
C LYS D 557 36.63 -17.78 -6.40
N THR D 558 35.47 -18.41 -6.53
CA THR D 558 34.83 -19.03 -5.37
C THR D 558 35.74 -20.08 -4.75
N LEU D 559 36.38 -20.90 -5.59
CA LEU D 559 37.29 -21.90 -5.07
C LEU D 559 38.48 -21.27 -4.37
N LEU D 560 38.94 -20.11 -4.85
CA LEU D 560 40.03 -19.42 -4.15
C LEU D 560 39.59 -18.97 -2.76
N ALA D 561 38.39 -18.42 -2.66
CA ALA D 561 37.89 -18.02 -1.34
C ALA D 561 37.79 -19.22 -0.42
N LYS D 562 37.26 -20.34 -0.93
CA LYS D 562 37.14 -21.53 -0.11
C LYS D 562 38.51 -22.05 0.32
N ALA D 563 39.50 -21.99 -0.57
CA ALA D 563 40.83 -22.47 -0.23
C ALA D 563 41.46 -21.63 0.86
N ILE D 564 41.35 -20.30 0.75
CA ILE D 564 41.94 -19.46 1.78
C ILE D 564 41.21 -19.66 3.10
N ALA D 565 39.90 -19.88 3.06
CA ALA D 565 39.19 -20.21 4.29
C ALA D 565 39.69 -21.52 4.89
N ASN D 566 39.92 -22.52 4.03
CA ASN D 566 40.36 -23.83 4.53
C ASN D 566 41.72 -23.77 5.17
N GLU D 567 42.66 -23.05 4.56
CA GLU D 567 44.01 -22.99 5.11
C GLU D 567 44.01 -22.41 6.52
N CYS D 568 43.20 -21.38 6.74
CA CYS D 568 43.12 -20.73 8.05
C CYS D 568 42.18 -21.44 9.00
N GLN D 569 41.49 -22.49 8.54
CA GLN D 569 40.48 -23.17 9.33
C GLN D 569 39.41 -22.19 9.79
N ALA D 570 38.98 -21.33 8.87
CA ALA D 570 37.94 -20.34 9.12
C ALA D 570 36.66 -20.76 8.41
N ASN D 571 35.53 -20.33 8.95
CA ASN D 571 34.24 -20.65 8.37
C ASN D 571 34.05 -19.92 7.05
N PHE D 572 33.07 -20.37 6.28
CA PHE D 572 32.78 -19.80 4.97
C PHE D 572 31.27 -19.63 4.83
N ILE D 573 30.86 -18.44 4.39
CA ILE D 573 29.44 -18.12 4.19
C ILE D 573 29.30 -17.62 2.77
N SER D 574 28.88 -18.51 1.86
CA SER D 574 28.70 -18.15 0.47
C SER D 574 27.35 -17.46 0.27
N ILE D 575 27.32 -16.50 -0.65
CA ILE D 575 26.11 -15.75 -0.94
C ILE D 575 26.11 -15.39 -2.41
N LYS D 576 24.90 -15.33 -2.98
CA LYS D 576 24.70 -14.95 -4.37
C LYS D 576 23.82 -13.70 -4.42
N GLY D 577 24.01 -12.91 -5.47
CA GLY D 577 23.22 -11.71 -5.64
C GLY D 577 21.73 -12.00 -5.73
N PRO D 578 21.35 -12.97 -6.54
CA PRO D 578 19.94 -13.34 -6.62
C PRO D 578 19.33 -13.66 -5.27
N GLU D 579 20.06 -14.33 -4.39
CA GLU D 579 19.54 -14.63 -3.06
C GLU D 579 19.28 -13.35 -2.28
N LEU D 580 20.11 -12.33 -2.47
CA LEU D 580 19.90 -11.07 -1.76
C LEU D 580 18.70 -10.31 -2.32
N LEU D 581 18.55 -10.28 -3.64
CA LEU D 581 17.42 -9.57 -4.21
C LEU D 581 16.10 -10.16 -3.75
N THR D 582 16.00 -11.49 -3.75
CA THR D 582 14.77 -12.16 -3.34
C THR D 582 14.58 -12.05 -1.84
N ALA D 590 17.15 -6.05 6.15
CA ALA D 590 16.74 -6.94 7.22
C ALA D 590 17.56 -8.22 7.18
N ASN D 591 17.65 -8.83 6.00
CA ASN D 591 18.43 -10.05 5.86
C ASN D 591 19.92 -9.77 5.80
N VAL D 592 20.32 -8.64 5.24
CA VAL D 592 21.76 -8.31 5.18
C VAL D 592 22.33 -8.22 6.58
N ARG D 593 21.61 -7.54 7.48
CA ARG D 593 22.08 -7.43 8.86
C ARG D 593 22.18 -8.79 9.52
N ASP D 594 21.20 -9.66 9.26
CA ASP D 594 21.23 -11.00 9.86
C ASP D 594 22.42 -11.80 9.36
N ILE D 595 22.72 -11.69 8.06
CA ILE D 595 23.86 -12.40 7.49
C ILE D 595 25.16 -11.90 8.10
N PHE D 596 25.30 -10.58 8.24
CA PHE D 596 26.52 -10.05 8.83
C PHE D 596 26.64 -10.45 10.29
N ASP D 597 25.52 -10.49 11.02
CA ASP D 597 25.56 -10.97 12.40
C ASP D 597 25.99 -12.42 12.47
N LYS D 598 25.46 -13.26 11.58
CA LYS D 598 25.86 -14.66 11.54
C LYS D 598 27.36 -14.78 11.27
N ALA D 599 27.89 -13.91 10.42
CA ALA D 599 29.33 -13.88 10.21
C ALA D 599 30.07 -13.49 11.49
N ARG D 600 29.53 -12.51 12.23
CA ARG D 600 30.16 -12.10 13.47
C ARG D 600 30.22 -13.25 14.46
N GLN D 601 29.17 -14.06 14.53
CA GLN D 601 29.15 -15.17 15.50
C GLN D 601 30.32 -16.11 15.26
N ALA D 602 30.57 -16.47 14.00
CA ALA D 602 31.76 -17.24 13.67
C ALA D 602 32.97 -16.32 13.73
N ALA D 603 33.87 -16.59 14.65
CA ALA D 603 34.92 -15.61 14.95
C ALA D 603 35.80 -15.40 13.73
N PRO D 604 36.58 -16.38 13.26
CA PRO D 604 37.23 -16.26 11.95
C PRO D 604 36.31 -16.75 10.86
N CYS D 605 35.87 -15.83 10.00
CA CYS D 605 34.89 -16.15 8.97
C CYS D 605 35.23 -15.40 7.70
N VAL D 606 35.02 -16.06 6.56
CA VAL D 606 35.17 -15.47 5.24
C VAL D 606 33.77 -15.33 4.66
N LEU D 607 33.32 -14.10 4.47
CA LEU D 607 31.99 -13.79 3.94
C LEU D 607 32.13 -13.45 2.48
N PHE D 608 31.61 -14.33 1.61
CA PHE D 608 31.81 -14.23 0.17
C PHE D 608 30.53 -13.73 -0.48
N PHE D 609 30.64 -12.65 -1.24
CA PHE D 609 29.54 -12.08 -2.00
C PHE D 609 29.83 -12.30 -3.48
N ASP D 610 29.17 -13.28 -4.07
CA ASP D 610 29.33 -13.55 -5.49
C ASP D 610 28.33 -12.74 -6.29
N GLU D 611 28.67 -12.50 -7.56
CA GLU D 611 27.85 -11.69 -8.44
C GLU D 611 27.53 -10.35 -7.78
N LEU D 612 28.59 -9.68 -7.32
CA LEU D 612 28.41 -8.43 -6.59
C LEU D 612 27.80 -7.35 -7.47
N ASP D 613 27.99 -7.44 -8.78
CA ASP D 613 27.51 -6.40 -9.69
C ASP D 613 26.00 -6.33 -9.78
N SER D 614 25.28 -7.34 -9.29
CA SER D 614 23.83 -7.27 -9.30
C SER D 614 23.31 -6.24 -8.31
N ILE D 615 23.97 -6.10 -7.15
CA ILE D 615 23.50 -5.25 -6.07
C ILE D 615 24.36 -4.02 -5.88
N ALA D 616 25.42 -3.85 -6.67
CA ALA D 616 26.35 -2.73 -6.52
C ALA D 616 26.47 -1.98 -7.84
N LYS D 617 25.33 -1.64 -8.43
CA LYS D 617 25.27 -0.96 -9.71
C LYS D 617 25.70 -1.89 -10.84
N ALA D 629 15.12 -1.69 -4.76
CA ALA D 629 15.77 -2.98 -4.54
C ALA D 629 17.29 -2.81 -4.49
N ALA D 630 17.87 -2.33 -5.60
CA ALA D 630 19.31 -2.16 -5.65
C ALA D 630 19.77 -1.10 -4.65
N ASP D 631 19.08 0.04 -4.61
CA ASP D 631 19.50 1.12 -3.73
C ASP D 631 19.43 0.70 -2.28
N ARG D 632 18.33 0.08 -1.87
CA ARG D 632 18.19 -0.36 -0.49
C ARG D 632 19.29 -1.32 -0.10
N VAL D 633 19.53 -2.34 -0.94
CA VAL D 633 20.49 -3.37 -0.59
C VAL D 633 21.89 -2.79 -0.54
N ILE D 634 22.24 -1.93 -1.50
CA ILE D 634 23.59 -1.39 -1.50
C ILE D 634 23.80 -0.48 -0.29
N ASN D 635 22.80 0.33 0.06
CA ASN D 635 22.95 1.18 1.24
C ASN D 635 23.10 0.35 2.50
N GLN D 636 22.30 -0.71 2.64
CA GLN D 636 22.45 -1.58 3.80
C GLN D 636 23.82 -2.23 3.85
N LEU D 637 24.32 -2.69 2.70
CA LEU D 637 25.63 -3.33 2.67
C LEU D 637 26.72 -2.34 3.08
N LEU D 638 26.66 -1.12 2.56
CA LEU D 638 27.66 -0.12 2.92
C LEU D 638 27.60 0.19 4.40
N THR D 639 26.39 0.33 4.95
CA THR D 639 26.27 0.64 6.38
C THR D 639 26.82 -0.48 7.23
N GLU D 640 26.53 -1.74 6.88
CA GLU D 640 27.01 -2.85 7.69
C GLU D 640 28.51 -3.01 7.56
N MET D 641 29.07 -2.75 6.38
CA MET D 641 30.51 -2.85 6.20
C MET D 641 31.24 -1.76 6.98
N ASP D 642 30.71 -0.53 6.97
CA ASP D 642 31.32 0.52 7.76
C ASP D 642 31.23 0.22 9.26
N GLY D 643 30.19 -0.50 9.67
CA GLY D 643 29.98 -0.82 11.06
C GLY D 643 30.75 -2.00 11.59
N MET D 644 31.56 -2.65 10.77
CA MET D 644 32.34 -3.80 11.22
C MET D 644 33.70 -3.32 11.69
N SER D 645 34.02 -3.60 12.95
CA SER D 645 35.31 -3.21 13.51
C SER D 645 36.42 -3.94 12.78
N ALA D 646 37.54 -3.24 12.58
CA ALA D 646 38.69 -3.82 11.91
C ALA D 646 39.45 -4.79 12.80
N LYS D 647 39.10 -4.89 14.08
CA LYS D 647 39.78 -5.78 15.00
C LYS D 647 39.10 -7.15 15.12
N LYS D 648 37.96 -7.33 14.47
CA LYS D 648 37.27 -8.60 14.47
C LYS D 648 37.54 -9.33 13.16
N ASN D 649 37.78 -10.63 13.25
CA ASN D 649 38.25 -11.42 12.11
C ASN D 649 37.07 -11.87 11.26
N VAL D 650 36.50 -10.91 10.52
CA VAL D 650 35.47 -11.17 9.54
C VAL D 650 35.92 -10.53 8.24
N PHE D 651 36.38 -11.34 7.29
CA PHE D 651 36.91 -10.86 6.03
C PHE D 651 35.84 -10.95 4.95
N ILE D 652 35.66 -9.86 4.22
CA ILE D 652 34.63 -9.77 3.19
C ILE D 652 35.31 -9.83 1.84
N ILE D 653 34.96 -10.84 1.05
CA ILE D 653 35.48 -11.02 -0.30
C ILE D 653 34.32 -10.94 -1.27
N GLY D 654 34.44 -10.06 -2.25
CA GLY D 654 33.45 -9.94 -3.30
C GLY D 654 34.06 -10.31 -4.65
N ALA D 655 33.27 -10.95 -5.49
CA ALA D 655 33.71 -11.36 -6.82
C ALA D 655 32.81 -10.72 -7.86
N THR D 656 33.41 -10.11 -8.87
CA THR D 656 32.68 -9.50 -9.96
C THR D 656 33.39 -9.80 -11.27
N ASN D 657 32.61 -10.11 -12.30
CA ASN D 657 33.13 -10.29 -13.64
C ASN D 657 33.11 -9.01 -14.46
N ARG D 658 32.49 -7.95 -13.95
CA ARG D 658 32.39 -6.67 -14.65
C ARG D 658 32.82 -5.58 -13.67
N PRO D 659 34.12 -5.39 -13.48
CA PRO D 659 34.58 -4.37 -12.52
C PRO D 659 34.11 -2.97 -12.85
N ASP D 660 34.02 -2.63 -14.14
CA ASP D 660 33.75 -1.25 -14.53
C ASP D 660 32.36 -0.78 -14.13
N ILE D 661 31.46 -1.69 -13.76
CA ILE D 661 30.09 -1.30 -13.39
C ILE D 661 29.91 -1.21 -11.88
N ILE D 662 30.87 -1.70 -11.08
CA ILE D 662 30.72 -1.64 -9.63
C ILE D 662 30.74 -0.19 -9.18
N ASP D 663 29.81 0.17 -8.31
CA ASP D 663 29.74 1.51 -7.78
C ASP D 663 30.99 1.82 -6.96
N GLY D 664 31.51 3.03 -7.12
CA GLY D 664 32.75 3.40 -6.44
C GLY D 664 32.64 3.45 -4.94
N ALA D 665 31.42 3.47 -4.40
CA ALA D 665 31.27 3.53 -2.95
C ALA D 665 31.85 2.28 -2.29
N ILE D 666 31.65 1.12 -2.90
CA ILE D 666 32.16 -0.12 -2.33
C ILE D 666 33.68 -0.11 -2.28
N LEU D 667 34.33 0.52 -3.26
CA LEU D 667 35.77 0.47 -3.39
C LEU D 667 36.50 1.50 -2.54
N ARG D 668 35.78 2.37 -1.82
CA ARG D 668 36.44 3.39 -1.03
C ARG D 668 37.22 2.75 0.12
N PRO D 669 38.28 3.40 0.59
CA PRO D 669 39.07 2.81 1.67
C PRO D 669 38.20 2.52 2.89
N GLY D 670 38.46 1.39 3.52
CA GLY D 670 37.72 0.95 4.67
C GLY D 670 36.50 0.09 4.39
N ARG D 671 36.13 -0.09 3.12
CA ARG D 671 34.98 -0.92 2.77
C ARG D 671 35.38 -2.14 1.96
N LEU D 672 35.96 -1.96 0.77
CA LEU D 672 36.58 -3.03 0.00
C LEU D 672 37.71 -2.37 -0.77
N ASP D 673 38.89 -2.37 -0.17
CA ASP D 673 40.02 -1.61 -0.70
C ASP D 673 40.97 -2.44 -1.55
N GLN D 674 41.32 -3.66 -1.16
CA GLN D 674 42.21 -4.44 -2.00
C GLN D 674 41.47 -4.93 -3.23
N LEU D 675 42.13 -4.83 -4.39
CA LEU D 675 41.62 -5.35 -5.65
C LEU D 675 42.61 -6.39 -6.16
N ILE D 676 42.12 -7.58 -6.48
CA ILE D 676 42.97 -8.68 -6.95
C ILE D 676 42.44 -9.16 -8.28
N TYR D 677 43.35 -9.36 -9.23
CA TYR D 677 43.03 -9.82 -10.58
C TYR D 677 43.30 -11.31 -10.67
N ILE D 678 42.30 -12.07 -11.10
CA ILE D 678 42.41 -13.51 -11.25
C ILE D 678 42.44 -13.85 -12.73
N PRO D 679 43.60 -14.08 -13.32
CA PRO D 679 43.68 -14.26 -14.77
C PRO D 679 43.37 -15.68 -15.18
N LEU D 680 43.36 -15.90 -16.50
CA LEU D 680 43.15 -17.23 -17.02
C LEU D 680 44.29 -18.14 -16.58
N PRO D 681 44.01 -19.40 -16.24
CA PRO D 681 45.07 -20.25 -15.67
C PRO D 681 46.20 -20.49 -16.66
N ASP D 682 47.41 -20.62 -16.11
CA ASP D 682 48.59 -20.95 -16.89
C ASP D 682 48.71 -22.47 -16.99
N GLU D 683 49.87 -22.94 -17.48
CA GLU D 683 50.02 -24.37 -17.77
C GLU D 683 49.85 -25.22 -16.52
N ALA D 684 50.58 -24.89 -15.45
CA ALA D 684 50.52 -25.70 -14.24
C ALA D 684 49.12 -25.64 -13.62
N SER D 685 48.50 -24.46 -13.63
CA SER D 685 47.15 -24.34 -13.12
C SER D 685 46.19 -25.21 -13.92
N ARG D 686 46.35 -25.24 -15.23
CA ARG D 686 45.50 -26.08 -16.06
C ARG D 686 45.72 -27.56 -15.75
N VAL D 687 46.96 -27.96 -15.52
CA VAL D 687 47.23 -29.35 -15.16
C VAL D 687 46.53 -29.70 -13.86
N ASN D 688 46.63 -28.82 -12.88
CA ASN D 688 45.98 -29.07 -11.59
C ASN D 688 44.46 -29.14 -11.75
N ILE D 689 43.88 -28.23 -12.56
CA ILE D 689 42.43 -28.25 -12.76
C ILE D 689 42.00 -29.55 -13.40
N LEU D 690 42.73 -29.98 -14.43
CA LEU D 690 42.39 -31.22 -15.12
C LEU D 690 42.49 -32.41 -14.17
N LYS D 691 43.54 -32.46 -13.35
CA LYS D 691 43.67 -33.56 -12.40
C LYS D 691 42.53 -33.54 -11.39
N ALA D 692 42.15 -32.36 -10.91
CA ALA D 692 41.07 -32.27 -9.94
C ALA D 692 39.75 -32.73 -10.53
N ASN D 693 39.47 -32.34 -11.78
CA ASN D 693 38.20 -32.71 -12.40
C ASN D 693 38.12 -34.21 -12.66
N LEU D 694 39.26 -34.86 -12.92
CA LEU D 694 39.30 -36.27 -13.26
C LEU D 694 39.65 -37.15 -12.08
N ARG D 695 39.60 -36.61 -10.86
CA ARG D 695 39.99 -37.40 -9.69
C ARG D 695 39.06 -38.58 -9.48
N LYS D 696 37.76 -38.37 -9.61
CA LYS D 696 36.77 -39.39 -9.32
C LYS D 696 36.48 -40.31 -10.50
N SER D 697 37.10 -40.07 -11.65
CA SER D 697 36.76 -40.85 -12.83
C SER D 697 37.86 -41.87 -13.13
N PRO D 698 37.50 -43.12 -13.44
CA PRO D 698 38.52 -44.09 -13.87
C PRO D 698 39.11 -43.71 -15.21
N ILE D 699 40.39 -43.36 -15.22
CA ILE D 699 41.04 -42.76 -16.37
C ILE D 699 42.20 -43.65 -16.82
N ALA D 700 42.37 -43.76 -18.13
CA ALA D 700 43.36 -44.66 -18.70
C ALA D 700 44.78 -44.19 -18.37
N ARG D 701 45.75 -45.04 -18.70
CA ARG D 701 47.15 -44.77 -18.40
C ARG D 701 47.84 -44.00 -19.50
N ASP D 702 47.49 -44.26 -20.76
CA ASP D 702 48.15 -43.65 -21.90
C ASP D 702 47.71 -42.22 -22.13
N VAL D 703 46.88 -41.66 -21.26
CA VAL D 703 46.46 -40.26 -21.37
C VAL D 703 47.40 -39.42 -20.52
N ASP D 704 48.05 -38.44 -21.15
CA ASP D 704 49.01 -37.57 -20.47
C ASP D 704 48.34 -36.22 -20.25
N ILE D 705 48.06 -35.90 -18.99
CA ILE D 705 47.42 -34.64 -18.67
C ILE D 705 48.32 -33.47 -19.04
N ASN D 706 49.63 -33.69 -19.08
CA ASN D 706 50.54 -32.60 -19.43
C ASN D 706 50.31 -32.14 -20.86
N PHE D 707 50.19 -33.09 -21.80
CA PHE D 707 49.87 -32.70 -23.17
C PHE D 707 48.50 -32.07 -23.25
N LEU D 708 47.56 -32.53 -22.44
CA LEU D 708 46.22 -31.95 -22.45
C LEU D 708 46.26 -30.49 -22.02
N ALA D 709 47.06 -30.18 -20.99
CA ALA D 709 47.24 -28.79 -20.59
C ALA D 709 47.96 -27.99 -21.66
N LYS D 710 48.99 -28.58 -22.28
CA LYS D 710 49.71 -27.88 -23.34
C LYS D 710 48.78 -27.49 -24.46
N ALA D 711 47.89 -28.39 -24.86
CA ALA D 711 46.95 -28.08 -25.93
C ALA D 711 46.00 -26.96 -25.53
N THR D 712 45.52 -26.98 -24.29
CA THR D 712 44.53 -26.01 -23.83
C THR D 712 45.23 -24.74 -23.38
N GLN D 713 45.04 -23.66 -24.12
CA GLN D 713 45.60 -22.36 -23.79
C GLN D 713 44.50 -21.32 -23.98
N GLY D 714 44.31 -20.48 -22.97
CA GLY D 714 43.20 -19.56 -22.99
C GLY D 714 41.89 -20.15 -22.54
N PHE D 715 41.89 -21.40 -22.09
CA PHE D 715 40.68 -22.05 -21.63
C PHE D 715 40.49 -21.79 -20.13
N SER D 716 39.33 -21.27 -19.77
CA SER D 716 39.00 -21.08 -18.37
C SER D 716 38.71 -22.42 -17.72
N GLY D 717 38.47 -22.39 -16.40
CA GLY D 717 38.18 -23.63 -15.70
C GLY D 717 36.91 -24.29 -16.18
N ALA D 718 35.90 -23.49 -16.52
CA ALA D 718 34.66 -24.04 -17.02
C ALA D 718 34.89 -24.81 -18.32
N ASP D 719 35.75 -24.29 -19.18
CA ASP D 719 36.02 -24.97 -20.44
C ASP D 719 36.66 -26.33 -20.20
N LEU D 720 37.61 -26.41 -19.28
CA LEU D 720 38.25 -27.69 -18.99
C LEU D 720 37.26 -28.67 -18.38
N THR D 721 36.38 -28.18 -17.49
CA THR D 721 35.36 -29.05 -16.95
C THR D 721 34.44 -29.58 -18.05
N GLU D 722 34.09 -28.72 -19.01
CA GLU D 722 33.26 -29.16 -20.13
C GLU D 722 33.97 -30.21 -20.97
N ILE D 723 35.28 -30.03 -21.19
CA ILE D 723 36.03 -31.03 -21.95
C ILE D 723 35.96 -32.38 -21.24
N CYS D 724 36.18 -32.38 -19.93
CA CYS D 724 36.13 -33.63 -19.19
C CYS D 724 34.73 -34.25 -19.25
N GLN D 725 33.69 -33.42 -19.15
CA GLN D 725 32.33 -33.93 -19.21
C GLN D 725 32.05 -34.56 -20.57
N ARG D 726 32.50 -33.93 -21.65
CA ARG D 726 32.31 -34.51 -22.98
C ARG D 726 33.04 -35.84 -23.11
N ALA D 727 34.27 -35.91 -22.59
CA ALA D 727 34.99 -37.17 -22.63
C ALA D 727 34.22 -38.26 -21.91
N CYS D 728 33.69 -37.95 -20.73
CA CYS D 728 32.95 -38.96 -20.00
C CYS D 728 31.64 -39.33 -20.70
N LYS D 729 31.00 -38.37 -21.38
CA LYS D 729 29.79 -38.69 -22.12
C LYS D 729 30.08 -39.66 -23.25
N GLN D 730 31.24 -39.46 -23.89
CA GLN D 730 31.66 -40.34 -25.01
C GLN D 730 31.99 -41.72 -24.43
N ALA D 731 32.56 -41.82 -23.23
CA ALA D 731 32.79 -43.09 -22.58
C ALA D 731 31.47 -43.81 -22.31
N ILE D 732 30.55 -43.09 -21.67
CA ILE D 732 29.24 -43.69 -21.27
C ILE D 732 28.50 -44.13 -22.53
N ARG D 733 28.55 -43.34 -23.62
CA ARG D 733 27.85 -43.68 -24.88
C ARG D 733 28.41 -44.98 -25.46
N GLU D 734 29.74 -45.13 -25.50
CA GLU D 734 30.42 -46.32 -26.01
C GLU D 734 30.09 -47.53 -25.15
N SER D 735 30.03 -47.35 -23.82
CA SER D 735 29.68 -48.46 -22.95
C SER D 735 28.26 -48.95 -23.23
N ILE D 736 27.31 -48.03 -23.44
CA ILE D 736 25.95 -48.42 -23.75
C ILE D 736 25.91 -49.25 -25.03
N GLU D 737 26.56 -48.74 -26.08
CA GLU D 737 26.51 -49.45 -27.36
C GLU D 737 27.18 -50.82 -27.26
N ALA D 738 28.29 -50.90 -26.53
CA ALA D 738 28.95 -52.19 -26.34
C ALA D 738 28.06 -53.17 -25.59
N GLU D 739 27.35 -52.69 -24.57
CA GLU D 739 26.43 -53.55 -23.85
C GLU D 739 25.30 -54.03 -24.75
N ILE D 740 24.77 -53.15 -25.59
CA ILE D 740 23.71 -53.56 -26.52
C ILE D 740 24.23 -54.63 -27.47
N ARG D 741 25.40 -54.41 -28.06
CA ARG D 741 25.94 -55.39 -28.98
C ARG D 741 26.27 -56.71 -28.28
N ALA D 742 26.66 -56.65 -27.00
CA ALA D 742 26.84 -57.89 -26.24
C ALA D 742 25.51 -58.60 -26.04
N GLU D 743 24.45 -57.85 -25.75
CA GLU D 743 23.12 -58.46 -25.64
C GLU D 743 22.69 -59.06 -26.97
N SER D 744 23.19 -58.54 -28.08
CA SER D 744 22.85 -59.11 -29.38
C SER D 744 23.30 -60.57 -29.46
N GLU D 745 24.46 -60.89 -28.89
CA GLU D 745 24.96 -62.25 -28.86
C GLU D 745 23.92 -63.19 -28.27
N ASP D 758 34.35 -55.03 -18.49
CA ASP D 758 33.56 -54.40 -19.53
C ASP D 758 34.45 -53.91 -20.67
N PRO D 759 33.90 -53.82 -21.88
CA PRO D 759 34.71 -53.39 -23.03
C PRO D 759 35.22 -51.97 -22.92
N VAL D 760 34.60 -51.13 -22.07
CA VAL D 760 35.06 -49.76 -21.87
C VAL D 760 35.20 -49.52 -20.37
N PRO D 761 36.29 -49.98 -19.75
CA PRO D 761 36.43 -49.84 -18.29
C PRO D 761 36.98 -48.50 -17.85
N GLU D 762 37.57 -47.73 -18.75
CA GLU D 762 38.15 -46.44 -18.39
C GLU D 762 38.12 -45.52 -19.60
N ILE D 763 38.21 -44.22 -19.33
CA ILE D 763 38.18 -43.22 -20.39
C ILE D 763 39.48 -43.31 -21.17
N THR D 764 39.38 -43.66 -22.45
CA THR D 764 40.55 -43.83 -23.30
C THR D 764 40.97 -42.49 -23.91
N ARG D 765 42.00 -42.53 -24.76
CA ARG D 765 42.48 -41.32 -25.39
C ARG D 765 41.48 -40.81 -26.43
N ARG D 766 41.01 -41.71 -27.29
CA ARG D 766 40.15 -41.30 -28.40
C ARG D 766 38.95 -40.52 -27.88
N HIS D 767 38.49 -40.85 -26.68
CA HIS D 767 37.41 -40.08 -26.06
C HIS D 767 37.84 -38.63 -25.91
N PHE D 768 39.06 -38.39 -25.42
CA PHE D 768 39.51 -37.02 -25.23
C PHE D 768 39.72 -36.31 -26.55
N GLU D 769 40.33 -36.97 -27.54
CA GLU D 769 40.51 -36.27 -28.81
C GLU D 769 39.17 -35.93 -29.45
N GLU D 770 38.19 -36.82 -29.35
CA GLU D 770 36.87 -36.49 -29.89
C GLU D 770 36.21 -35.38 -29.09
N ALA D 771 36.43 -35.36 -27.77
CA ALA D 771 35.82 -34.31 -26.95
C ALA D 771 36.42 -32.95 -27.25
N MET D 772 37.69 -32.89 -27.61
CA MET D 772 38.35 -31.61 -27.86
C MET D 772 38.10 -31.07 -29.25
N ARG D 773 37.47 -31.85 -30.13
CA ARG D 773 37.19 -31.34 -31.48
C ARG D 773 36.29 -30.11 -31.42
N PHE D 774 35.27 -30.15 -30.57
CA PHE D 774 34.34 -29.04 -30.43
C PHE D 774 34.73 -28.08 -29.32
N ALA D 775 35.88 -28.29 -28.67
CA ALA D 775 36.30 -27.41 -27.60
C ALA D 775 36.43 -25.97 -28.12
N ARG D 776 35.80 -25.04 -27.40
CA ARG D 776 35.76 -23.65 -27.81
C ARG D 776 36.11 -22.77 -26.63
N ARG D 777 37.07 -21.87 -26.82
CA ARG D 777 37.41 -20.91 -25.77
C ARG D 777 36.22 -20.01 -25.49
N SER D 778 36.00 -19.71 -24.21
CA SER D 778 34.88 -18.89 -23.79
C SER D 778 35.25 -17.45 -23.50
N VAL D 779 36.54 -17.12 -23.48
CA VAL D 779 37.00 -15.76 -23.21
C VAL D 779 37.83 -15.31 -24.40
N THR D 780 37.37 -14.28 -25.09
CA THR D 780 38.10 -13.72 -26.22
C THR D 780 39.28 -12.90 -25.73
N GLU D 781 40.27 -12.72 -26.60
CA GLU D 781 41.42 -11.91 -26.23
C GLU D 781 41.07 -10.45 -26.01
N ASN D 782 39.94 -9.99 -26.58
CA ASN D 782 39.49 -8.64 -26.32
C ASN D 782 39.09 -8.46 -24.86
N ASP D 783 38.40 -9.46 -24.29
CA ASP D 783 38.04 -9.39 -22.88
C ASP D 783 39.28 -9.41 -22.00
N VAL D 784 40.25 -10.25 -22.32
CA VAL D 784 41.48 -10.30 -21.53
C VAL D 784 42.18 -8.96 -21.59
N ARG D 785 42.21 -8.34 -22.77
CA ARG D 785 42.81 -7.01 -22.88
C ARG D 785 42.04 -5.99 -22.06
N LYS D 786 40.72 -6.11 -22.02
CA LYS D 786 39.92 -5.17 -21.21
C LYS D 786 40.29 -5.30 -19.73
N TYR D 787 40.40 -6.54 -19.24
CA TYR D 787 40.78 -6.73 -17.85
C TYR D 787 42.19 -6.22 -17.58
N GLU D 788 43.11 -6.47 -18.51
CA GLU D 788 44.47 -5.97 -18.32
C GLU D 788 44.50 -4.45 -18.30
N MET D 789 43.66 -3.81 -19.12
CA MET D 789 43.57 -2.36 -19.09
C MET D 789 43.03 -1.86 -17.75
N PHE D 790 41.98 -2.53 -17.24
CA PHE D 790 41.47 -2.15 -15.93
C PHE D 790 42.53 -2.32 -14.86
N ALA D 791 43.42 -3.30 -15.03
CA ALA D 791 44.53 -3.46 -14.10
C ALA D 791 45.54 -2.34 -14.26
N GLN D 792 45.81 -1.93 -15.50
CA GLN D 792 46.76 -0.84 -15.74
C GLN D 792 46.26 0.45 -15.11
N THR D 793 44.98 0.76 -15.25
CA THR D 793 44.44 1.95 -14.60
C THR D 793 44.66 1.90 -13.10
N LEU D 794 44.80 0.70 -12.54
CA LEU D 794 45.13 0.55 -11.13
C LEU D 794 46.64 0.50 -10.94
N GLU E 229 -52.72 -17.17 1.55
CA GLU E 229 -53.54 -17.62 0.43
C GLU E 229 -52.92 -17.20 -0.90
N LYS E 230 -52.64 -15.89 -1.02
CA LYS E 230 -52.05 -15.39 -2.26
C LYS E 230 -50.67 -16.00 -2.49
N LEU E 231 -49.87 -16.12 -1.43
CA LEU E 231 -48.53 -16.69 -1.59
C LEU E 231 -48.60 -18.14 -2.05
N ASN E 232 -49.56 -18.90 -1.52
CA ASN E 232 -49.67 -20.31 -1.85
C ASN E 232 -50.20 -20.54 -3.26
N GLU E 233 -50.66 -19.49 -3.94
CA GLU E 233 -51.20 -19.61 -5.29
C GLU E 233 -50.21 -19.14 -6.36
N ILE E 234 -49.02 -18.71 -5.96
CA ILE E 234 -48.01 -18.28 -6.94
C ILE E 234 -47.59 -19.48 -7.76
N GLY E 235 -47.56 -19.32 -9.08
CA GLY E 235 -47.19 -20.39 -9.98
C GLY E 235 -46.15 -19.94 -10.99
N TYR E 236 -46.05 -20.66 -12.10
CA TYR E 236 -45.06 -20.31 -13.12
C TYR E 236 -45.49 -19.11 -13.96
N ASP E 237 -46.78 -18.81 -14.02
CA ASP E 237 -47.27 -17.67 -14.79
C ASP E 237 -47.15 -16.36 -14.03
N ASP E 238 -46.80 -16.38 -12.75
CA ASP E 238 -46.62 -15.17 -11.96
C ASP E 238 -45.18 -14.72 -11.89
N ILE E 239 -44.27 -15.40 -12.57
CA ILE E 239 -42.87 -15.00 -12.65
C ILE E 239 -42.55 -14.75 -14.11
N GLY E 240 -42.00 -13.56 -14.40
CA GLY E 240 -41.64 -13.22 -15.76
C GLY E 240 -40.18 -12.85 -15.86
N GLY E 241 -39.65 -12.85 -17.08
CA GLY E 241 -38.27 -12.48 -17.31
C GLY E 241 -37.28 -13.62 -17.23
N CYS E 242 -37.73 -14.81 -16.84
CA CYS E 242 -36.86 -15.99 -16.76
C CYS E 242 -37.69 -17.18 -17.23
N ARG E 243 -37.53 -17.54 -18.50
CA ARG E 243 -38.24 -18.68 -19.08
C ARG E 243 -37.32 -19.87 -19.37
N LYS E 244 -36.09 -19.62 -19.82
CA LYS E 244 -35.14 -20.71 -19.97
C LYS E 244 -34.74 -21.27 -18.61
N GLN E 245 -34.35 -20.39 -17.69
CA GLN E 245 -33.96 -20.84 -16.36
C GLN E 245 -35.14 -21.50 -15.66
N LEU E 246 -36.35 -21.04 -15.93
CA LEU E 246 -37.50 -21.61 -15.26
C LEU E 246 -37.74 -23.05 -15.72
N ALA E 247 -37.60 -23.29 -17.03
CA ALA E 247 -37.68 -24.65 -17.54
C ALA E 247 -36.56 -25.52 -16.99
N GLN E 248 -35.35 -24.96 -16.89
CA GLN E 248 -34.24 -25.72 -16.32
C GLN E 248 -34.53 -26.14 -14.88
N ILE E 249 -34.99 -25.20 -14.06
CA ILE E 249 -35.30 -25.53 -12.67
C ILE E 249 -36.47 -26.50 -12.58
N LYS E 250 -37.44 -26.37 -13.49
CA LYS E 250 -38.54 -27.32 -13.52
C LYS E 250 -38.01 -28.73 -13.74
N GLU E 251 -37.17 -28.91 -14.76
CA GLU E 251 -36.57 -30.22 -15.00
C GLU E 251 -35.79 -30.70 -13.80
N MET E 252 -35.02 -29.81 -13.17
CA MET E 252 -34.14 -30.23 -12.08
C MET E 252 -34.94 -30.66 -10.84
N VAL E 253 -36.03 -29.97 -10.52
CA VAL E 253 -36.71 -30.12 -9.25
C VAL E 253 -38.04 -30.86 -9.39
N GLU E 254 -38.94 -30.38 -10.25
CA GLU E 254 -40.30 -30.89 -10.24
C GLU E 254 -40.34 -32.37 -10.61
N LEU E 255 -39.66 -32.76 -11.69
CA LEU E 255 -39.72 -34.16 -12.11
C LEU E 255 -39.18 -35.11 -11.07
N PRO E 256 -38.00 -34.90 -10.49
CA PRO E 256 -37.56 -35.81 -9.42
C PRO E 256 -38.53 -35.90 -8.25
N LEU E 257 -39.12 -34.79 -7.85
CA LEU E 257 -40.01 -34.79 -6.70
C LEU E 257 -41.40 -35.32 -7.01
N ARG E 258 -41.73 -35.54 -8.28
CA ARG E 258 -43.02 -36.08 -8.66
C ARG E 258 -42.95 -37.53 -9.13
N HIS E 259 -41.84 -37.95 -9.72
CA HIS E 259 -41.66 -39.33 -10.18
C HIS E 259 -40.28 -39.82 -9.76
N PRO E 260 -40.05 -39.98 -8.46
CA PRO E 260 -38.71 -40.42 -8.01
C PRO E 260 -38.32 -41.78 -8.56
N GLN E 261 -39.29 -42.65 -8.83
CA GLN E 261 -38.98 -44.03 -9.19
C GLN E 261 -38.18 -44.09 -10.48
N LEU E 262 -38.57 -43.29 -11.48
CA LEU E 262 -37.88 -43.32 -12.76
C LEU E 262 -36.42 -42.92 -12.61
N PHE E 263 -36.17 -41.79 -11.97
CA PHE E 263 -34.80 -41.29 -11.81
C PHE E 263 -33.96 -42.25 -10.98
N LYS E 264 -34.54 -42.81 -9.91
CA LYS E 264 -33.81 -43.78 -9.11
C LYS E 264 -33.49 -45.03 -9.93
N ALA E 265 -34.42 -45.44 -10.79
CA ALA E 265 -34.20 -46.62 -11.60
C ALA E 265 -33.03 -46.42 -12.56
N ILE E 266 -33.05 -45.34 -13.33
CA ILE E 266 -31.97 -45.16 -14.28
C ILE E 266 -30.66 -44.85 -13.57
N GLY E 267 -30.72 -44.09 -12.47
CA GLY E 267 -29.52 -43.72 -11.75
C GLY E 267 -29.14 -42.26 -11.88
N VAL E 268 -30.12 -41.37 -11.86
CA VAL E 268 -29.89 -39.93 -11.79
C VAL E 268 -30.04 -39.50 -10.34
N LYS E 269 -29.03 -38.83 -9.80
CA LYS E 269 -29.09 -38.32 -8.45
C LYS E 269 -29.63 -36.89 -8.48
N PRO E 270 -30.74 -36.60 -7.80
CA PRO E 270 -31.31 -35.26 -7.90
C PRO E 270 -30.40 -34.23 -7.25
N PRO E 271 -30.44 -32.98 -7.72
CA PRO E 271 -29.58 -31.96 -7.11
C PRO E 271 -29.99 -31.70 -5.67
N ARG E 272 -29.01 -31.30 -4.87
CA ARG E 272 -29.24 -31.00 -3.46
C ARG E 272 -28.96 -29.55 -3.10
N GLY E 273 -28.25 -28.81 -3.94
CA GLY E 273 -28.03 -27.40 -3.70
C GLY E 273 -28.08 -26.58 -4.96
N ILE E 274 -29.00 -25.63 -5.01
CA ILE E 274 -29.19 -24.74 -6.15
C ILE E 274 -29.02 -23.31 -5.66
N LEU E 275 -28.09 -22.59 -6.28
CA LEU E 275 -27.81 -21.20 -5.94
C LEU E 275 -28.24 -20.34 -7.12
N LEU E 276 -29.25 -19.50 -6.89
CA LEU E 276 -29.75 -18.59 -7.90
C LEU E 276 -29.13 -17.23 -7.66
N TYR E 277 -28.42 -16.72 -8.66
CA TYR E 277 -27.74 -15.43 -8.53
C TYR E 277 -28.08 -14.53 -9.71
N GLY E 278 -27.94 -13.24 -9.49
CA GLY E 278 -28.23 -12.25 -10.50
C GLY E 278 -28.45 -10.89 -9.90
N PRO E 279 -28.72 -9.89 -10.75
CA PRO E 279 -28.92 -8.54 -10.25
C PRO E 279 -30.20 -8.46 -9.44
N PRO E 280 -30.31 -7.50 -8.53
CA PRO E 280 -31.52 -7.37 -7.73
C PRO E 280 -32.71 -6.96 -8.58
N GLY E 281 -33.89 -7.09 -7.99
CA GLY E 281 -35.11 -6.69 -8.64
C GLY E 281 -35.75 -7.75 -9.50
N THR E 282 -35.15 -8.92 -9.62
CA THR E 282 -35.70 -9.98 -10.44
C THR E 282 -36.64 -10.81 -9.57
N GLY E 283 -37.30 -11.78 -10.18
CA GLY E 283 -38.22 -12.64 -9.45
C GLY E 283 -37.55 -13.90 -8.94
N LYS E 284 -36.23 -13.85 -8.75
CA LYS E 284 -35.52 -15.02 -8.26
C LYS E 284 -35.89 -15.36 -6.82
N THR E 285 -36.53 -14.43 -6.11
CA THR E 285 -37.04 -14.71 -4.78
C THR E 285 -38.42 -15.36 -4.81
N LEU E 286 -39.02 -15.49 -5.99
CA LEU E 286 -40.31 -16.15 -6.17
C LEU E 286 -40.20 -17.49 -6.87
N VAL E 287 -39.04 -17.81 -7.45
CA VAL E 287 -38.89 -19.07 -8.18
C VAL E 287 -39.04 -20.26 -7.24
N ALA E 288 -38.44 -20.18 -6.05
CA ALA E 288 -38.54 -21.28 -5.11
C ALA E 288 -39.97 -21.56 -4.72
N ARG E 289 -40.74 -20.50 -4.42
CA ARG E 289 -42.13 -20.68 -4.05
C ARG E 289 -42.93 -21.27 -5.19
N ALA E 290 -42.68 -20.80 -6.42
CA ALA E 290 -43.39 -21.34 -7.56
C ALA E 290 -43.10 -22.82 -7.75
N VAL E 291 -41.83 -23.22 -7.63
CA VAL E 291 -41.49 -24.63 -7.76
C VAL E 291 -42.17 -25.44 -6.67
N ALA E 292 -42.12 -24.96 -5.44
CA ALA E 292 -42.74 -25.69 -4.34
C ALA E 292 -44.24 -25.85 -4.56
N ASN E 293 -44.91 -24.79 -5.02
CA ASN E 293 -46.36 -24.87 -5.20
C ASN E 293 -46.72 -25.76 -6.37
N GLU E 294 -45.97 -25.69 -7.46
CA GLU E 294 -46.31 -26.47 -8.65
C GLU E 294 -45.98 -27.95 -8.47
N SER E 295 -44.95 -28.26 -7.67
CA SER E 295 -44.59 -29.64 -7.40
C SER E 295 -45.30 -30.22 -6.20
N GLY E 296 -46.13 -29.43 -5.51
CA GLY E 296 -46.85 -29.92 -4.37
C GLY E 296 -46.02 -30.13 -3.12
N SER E 297 -44.81 -29.60 -3.08
CA SER E 297 -43.90 -29.85 -1.97
C SER E 297 -44.06 -28.78 -0.89
N PHE E 298 -43.51 -29.09 0.28
CA PHE E 298 -43.56 -28.19 1.42
C PHE E 298 -42.47 -27.13 1.30
N PHE E 299 -42.79 -25.90 1.68
CA PHE E 299 -41.90 -24.76 1.52
C PHE E 299 -41.56 -24.17 2.87
N PHE E 300 -40.28 -23.95 3.11
CA PHE E 300 -39.80 -23.26 4.31
C PHE E 300 -38.86 -22.14 3.88
N LEU E 301 -39.06 -20.96 4.46
CA LEU E 301 -38.32 -19.76 4.10
C LEU E 301 -37.38 -19.38 5.24
N ILE E 302 -36.12 -19.13 4.90
CA ILE E 302 -35.13 -18.62 5.83
C ILE E 302 -34.66 -17.28 5.29
N ASN E 303 -34.82 -16.22 6.08
CA ASN E 303 -34.37 -14.89 5.72
C ASN E 303 -33.07 -14.60 6.45
N GLY E 304 -32.04 -14.26 5.70
CA GLY E 304 -30.73 -14.04 6.26
C GLY E 304 -30.74 -12.97 7.33
N PRO E 305 -31.28 -11.79 7.00
CA PRO E 305 -31.36 -10.73 8.01
C PRO E 305 -32.13 -11.15 9.26
N GLU E 306 -33.22 -11.89 9.08
CA GLU E 306 -34.01 -12.31 10.24
C GLU E 306 -33.23 -13.29 11.12
N ILE E 307 -32.52 -14.23 10.51
CA ILE E 307 -31.70 -15.15 11.29
C ILE E 307 -30.60 -14.41 12.02
N MET E 308 -29.93 -13.49 11.33
CA MET E 308 -28.82 -12.78 11.95
C MET E 308 -29.26 -11.71 12.93
N SER E 309 -30.54 -11.38 12.99
CA SER E 309 -31.03 -10.39 13.95
C SER E 309 -31.28 -10.99 15.32
N LYS E 310 -31.22 -12.31 15.46
CA LYS E 310 -31.48 -12.98 16.72
C LYS E 310 -30.19 -13.07 17.53
N LEU E 311 -30.29 -13.64 18.72
CA LEU E 311 -29.14 -13.74 19.62
C LEU E 311 -28.23 -14.87 19.14
N ALA E 312 -27.23 -15.21 19.96
CA ALA E 312 -26.24 -16.19 19.54
C ALA E 312 -26.87 -17.55 19.30
N GLY E 313 -27.66 -18.04 20.26
CA GLY E 313 -28.20 -19.38 20.18
C GLY E 313 -29.49 -19.47 19.38
N GLU E 314 -30.22 -18.35 19.31
CA GLU E 314 -31.49 -18.37 18.61
C GLU E 314 -31.31 -18.61 17.11
N SER E 315 -30.26 -18.03 16.52
CA SER E 315 -30.01 -18.26 15.10
C SER E 315 -29.73 -19.73 14.83
N GLU E 316 -28.89 -20.35 15.66
CA GLU E 316 -28.57 -21.76 15.48
C GLU E 316 -29.82 -22.61 15.65
N SER E 317 -30.62 -22.31 16.68
CA SER E 317 -31.83 -23.09 16.91
C SER E 317 -32.80 -22.94 15.74
N ASN E 318 -32.89 -21.74 15.17
CA ASN E 318 -33.80 -21.53 14.07
C ASN E 318 -33.36 -22.28 12.81
N LEU E 319 -32.06 -22.27 12.50
CA LEU E 319 -31.58 -23.03 11.36
C LEU E 319 -31.84 -24.53 11.56
N ARG E 320 -31.52 -25.03 12.76
CA ARG E 320 -31.74 -26.45 13.03
C ARG E 320 -33.22 -26.81 12.92
N LYS E 321 -34.08 -25.98 13.48
CA LYS E 321 -35.51 -26.26 13.42
C LYS E 321 -36.01 -26.23 11.99
N ALA E 322 -35.53 -25.29 11.19
CA ALA E 322 -35.92 -25.25 9.78
C ALA E 322 -35.59 -26.57 9.09
N PHE E 323 -34.33 -27.02 9.23
CA PHE E 323 -33.94 -28.24 8.53
C PHE E 323 -34.69 -29.46 9.08
N GLU E 324 -34.90 -29.53 10.39
CA GLU E 324 -35.62 -30.65 10.98
C GLU E 324 -37.06 -30.71 10.46
N GLU E 325 -37.75 -29.57 10.47
CA GLU E 325 -39.12 -29.55 9.99
C GLU E 325 -39.20 -29.85 8.50
N ALA E 326 -38.18 -29.44 7.74
CA ALA E 326 -38.15 -29.79 6.33
C ALA E 326 -38.00 -31.29 6.15
N GLU E 327 -37.14 -31.93 6.93
CA GLU E 327 -36.97 -33.37 6.82
C GLU E 327 -38.21 -34.12 7.27
N LYS E 328 -38.95 -33.56 8.24
CA LYS E 328 -40.13 -34.24 8.76
C LYS E 328 -41.31 -34.19 7.80
N ASN E 329 -41.31 -33.25 6.86
CA ASN E 329 -42.40 -33.06 5.92
C ASN E 329 -41.93 -33.25 4.49
N ALA E 330 -41.05 -34.21 4.27
CA ALA E 330 -40.53 -34.45 2.93
C ALA E 330 -41.64 -34.89 2.00
N PRO E 331 -41.58 -34.52 0.71
CA PRO E 331 -40.55 -33.70 0.05
C PRO E 331 -40.68 -32.23 0.43
N ALA E 332 -39.59 -31.48 0.42
CA ALA E 332 -39.61 -30.10 0.88
C ALA E 332 -38.56 -29.29 0.15
N ILE E 333 -38.72 -27.98 0.18
CA ILE E 333 -37.76 -27.04 -0.37
C ILE E 333 -37.45 -25.99 0.68
N ILE E 334 -36.18 -25.76 0.93
CA ILE E 334 -35.72 -24.77 1.89
C ILE E 334 -35.06 -23.64 1.10
N PHE E 335 -35.62 -22.45 1.20
CA PHE E 335 -35.09 -21.28 0.50
C PHE E 335 -34.39 -20.36 1.47
N ILE E 336 -33.16 -19.98 1.15
CA ILE E 336 -32.36 -19.10 2.00
C ILE E 336 -32.14 -17.78 1.28
N ASP E 337 -33.02 -16.81 1.53
CA ASP E 337 -32.86 -15.50 0.91
C ASP E 337 -31.69 -14.77 1.54
N GLU E 338 -30.91 -14.10 0.69
CA GLU E 338 -29.73 -13.35 1.12
C GLU E 338 -28.77 -14.24 1.89
N LEU E 339 -28.24 -15.25 1.18
CA LEU E 339 -27.27 -16.15 1.78
C LEU E 339 -25.96 -15.46 2.11
N ASP E 340 -25.65 -14.34 1.44
CA ASP E 340 -24.45 -13.59 1.76
C ASP E 340 -24.51 -12.98 3.16
N ALA E 341 -25.71 -12.85 3.73
CA ALA E 341 -25.83 -12.37 5.10
C ALA E 341 -25.43 -13.43 6.11
N ILE E 342 -25.77 -14.69 5.84
CA ILE E 342 -25.44 -15.76 6.77
C ILE E 342 -24.00 -16.22 6.58
N ALA E 343 -23.58 -16.42 5.34
CA ALA E 343 -22.28 -16.99 5.03
C ALA E 343 -21.56 -16.11 4.03
N PRO E 344 -21.03 -14.98 4.47
CA PRO E 344 -20.20 -14.14 3.61
C PRO E 344 -18.77 -14.64 3.59
N LYS E 345 -17.95 -14.00 2.77
CA LYS E 345 -16.56 -14.41 2.65
C LYS E 345 -15.86 -14.31 4.00
N ARG E 346 -15.00 -15.29 4.29
CA ARG E 346 -14.37 -15.35 5.59
C ARG E 346 -13.43 -14.17 5.84
N GLU E 347 -13.00 -13.47 4.78
CA GLU E 347 -12.27 -12.23 4.97
C GLU E 347 -13.07 -11.28 5.84
N LYS E 348 -14.39 -11.28 5.66
CA LYS E 348 -15.30 -10.54 6.52
C LYS E 348 -15.54 -11.37 7.78
N THR E 349 -16.53 -10.99 8.59
CA THR E 349 -16.89 -11.73 9.79
C THR E 349 -15.75 -11.72 10.80
N HIS E 350 -15.43 -10.52 11.28
CA HIS E 350 -14.41 -10.38 12.31
C HIS E 350 -14.79 -11.08 13.60
N GLY E 351 -16.07 -11.39 13.80
CA GLY E 351 -16.53 -12.02 15.01
C GLY E 351 -16.31 -13.52 15.01
N GLU E 352 -16.87 -14.17 16.02
CA GLU E 352 -16.74 -15.61 16.20
C GLU E 352 -18.07 -16.35 16.15
N VAL E 353 -19.17 -15.72 16.56
CA VAL E 353 -20.48 -16.38 16.47
C VAL E 353 -20.88 -16.57 15.01
N GLU E 354 -20.56 -15.59 14.16
CA GLU E 354 -20.93 -15.67 12.76
C GLU E 354 -20.29 -16.88 12.09
N ARG E 355 -19.01 -17.12 12.37
CA ARG E 355 -18.36 -18.32 11.86
C ARG E 355 -19.04 -19.58 12.38
N ARG E 356 -19.54 -19.53 13.61
CA ARG E 356 -20.30 -20.67 14.13
C ARG E 356 -21.55 -20.91 13.30
N ILE E 357 -22.25 -19.84 12.91
CA ILE E 357 -23.44 -20.01 12.08
C ILE E 357 -23.07 -20.59 10.72
N VAL E 358 -21.97 -20.12 10.14
CA VAL E 358 -21.54 -20.65 8.83
C VAL E 358 -21.24 -22.13 8.93
N SER E 359 -20.49 -22.53 9.98
CA SER E 359 -20.16 -23.94 10.16
C SER E 359 -21.41 -24.78 10.40
N GLN E 360 -22.37 -24.25 11.15
CA GLN E 360 -23.60 -24.98 11.41
C GLN E 360 -24.39 -25.19 10.13
N LEU E 361 -24.43 -24.17 9.27
CA LEU E 361 -25.07 -24.32 7.96
C LEU E 361 -24.37 -25.39 7.13
N LEU E 362 -23.04 -25.38 7.12
CA LEU E 362 -22.32 -26.41 6.37
C LEU E 362 -22.63 -27.79 6.90
N THR E 363 -22.66 -27.94 8.22
CA THR E 363 -22.95 -29.24 8.81
C THR E 363 -24.34 -29.72 8.43
N LEU E 364 -25.33 -28.84 8.47
CA LEU E 364 -26.68 -29.24 8.09
C LEU E 364 -26.74 -29.65 6.62
N MET E 365 -26.08 -28.87 5.75
CA MET E 365 -26.09 -29.21 4.33
C MET E 365 -25.47 -30.57 4.09
N ASP E 366 -24.36 -30.88 4.77
CA ASP E 366 -23.73 -32.18 4.61
C ASP E 366 -24.52 -33.29 5.29
N GLY E 367 -25.43 -32.96 6.19
CA GLY E 367 -26.20 -33.95 6.91
C GLY E 367 -27.44 -34.45 6.22
N LEU E 368 -27.71 -34.00 5.00
CA LEU E 368 -28.89 -34.42 4.27
C LEU E 368 -28.60 -35.73 3.55
N LYS E 369 -29.24 -36.81 3.99
CA LYS E 369 -29.11 -38.07 3.29
C LYS E 369 -29.69 -37.95 1.88
N GLN E 370 -28.96 -38.51 0.91
CA GLN E 370 -29.42 -38.40 -0.48
C GLN E 370 -30.76 -39.10 -0.69
N ARG E 371 -31.16 -39.99 0.22
CA ARG E 371 -32.45 -40.65 0.08
C ARG E 371 -33.60 -39.74 0.47
N SER E 372 -33.36 -38.79 1.36
CA SER E 372 -34.39 -37.80 1.67
C SER E 372 -34.61 -36.88 0.48
N HIS E 373 -35.75 -36.19 0.48
CA HIS E 373 -36.18 -35.40 -0.65
C HIS E 373 -36.25 -33.92 -0.30
N VAL E 374 -35.21 -33.42 0.38
CA VAL E 374 -35.12 -32.01 0.74
C VAL E 374 -34.12 -31.36 -0.20
N ILE E 375 -34.59 -30.35 -0.94
CA ILE E 375 -33.75 -29.57 -1.85
C ILE E 375 -33.60 -28.18 -1.26
N VAL E 376 -32.36 -27.72 -1.16
CA VAL E 376 -32.04 -26.43 -0.57
C VAL E 376 -31.73 -25.46 -1.70
N MET E 377 -32.52 -24.40 -1.81
CA MET E 377 -32.27 -23.32 -2.75
C MET E 377 -31.80 -22.08 -2.00
N ALA E 378 -31.02 -21.26 -2.68
CA ALA E 378 -30.49 -20.04 -2.10
C ALA E 378 -30.48 -18.96 -3.16
N ALA E 379 -30.38 -17.70 -2.70
CA ALA E 379 -30.38 -16.55 -3.58
C ALA E 379 -29.34 -15.55 -3.11
N THR E 380 -28.54 -15.06 -4.04
CA THR E 380 -27.53 -14.05 -3.75
C THR E 380 -27.38 -13.15 -4.96
N ASN E 381 -26.63 -12.07 -4.78
CA ASN E 381 -26.39 -11.14 -5.87
C ASN E 381 -25.22 -11.59 -6.75
N ARG E 382 -24.08 -11.88 -6.13
CA ARG E 382 -22.91 -12.40 -6.83
C ARG E 382 -22.43 -13.64 -6.09
N PRO E 383 -22.19 -14.76 -6.78
CA PRO E 383 -21.74 -15.96 -6.08
C PRO E 383 -20.41 -15.81 -5.37
N ASN E 384 -19.58 -14.86 -5.78
CA ASN E 384 -18.29 -14.66 -5.14
C ASN E 384 -18.41 -14.15 -3.72
N SER E 385 -19.57 -13.59 -3.34
CA SER E 385 -19.76 -13.07 -2.00
C SER E 385 -20.09 -14.14 -0.99
N VAL E 386 -20.31 -15.37 -1.43
CA VAL E 386 -20.63 -16.47 -0.53
C VAL E 386 -19.35 -17.19 -0.14
N ASP E 387 -19.35 -17.82 1.02
CA ASP E 387 -18.18 -18.53 1.49
C ASP E 387 -17.82 -19.63 0.50
N PRO E 388 -16.56 -19.73 0.08
CA PRO E 388 -16.22 -20.79 -0.88
C PRO E 388 -16.57 -22.18 -0.40
N ALA E 389 -16.51 -22.43 0.91
CA ALA E 389 -16.81 -23.76 1.42
C ALA E 389 -18.21 -24.21 1.03
N LEU E 390 -19.14 -23.28 0.91
CA LEU E 390 -20.51 -23.63 0.52
C LEU E 390 -20.62 -24.03 -0.94
N ARG E 391 -19.71 -23.57 -1.79
CA ARG E 391 -19.79 -23.80 -3.23
C ARG E 391 -19.02 -25.04 -3.66
N ARG E 392 -18.89 -26.04 -2.78
CA ARG E 392 -18.22 -27.28 -3.10
C ARG E 392 -19.20 -28.27 -3.72
N PHE E 393 -18.68 -29.45 -4.06
CA PHE E 393 -19.53 -30.57 -4.43
C PHE E 393 -20.24 -31.10 -3.19
N GLY E 394 -21.55 -31.32 -3.32
CA GLY E 394 -22.34 -31.83 -2.23
C GLY E 394 -23.00 -30.79 -1.35
N ARG E 395 -22.66 -29.51 -1.52
CA ARG E 395 -23.26 -28.44 -0.71
C ARG E 395 -24.09 -27.48 -1.55
N PHE E 396 -23.48 -26.91 -2.60
CA PHE E 396 -24.21 -26.08 -3.60
C PHE E 396 -23.61 -26.50 -4.94
N ASP E 397 -24.07 -27.61 -5.52
CA ASP E 397 -23.46 -28.18 -6.76
C ASP E 397 -24.16 -27.64 -8.03
N ARG E 398 -25.10 -26.74 -7.94
CA ARG E 398 -25.69 -26.17 -9.17
C ARG E 398 -25.69 -24.67 -8.97
N GLU E 399 -25.76 -23.92 -10.05
CA GLU E 399 -25.73 -22.44 -9.96
C GLU E 399 -26.42 -21.87 -11.21
N ILE E 400 -27.59 -21.25 -11.03
CA ILE E 400 -28.39 -20.72 -12.19
C ILE E 400 -28.49 -19.19 -12.10
N GLU E 401 -28.10 -18.44 -13.13
CA GLU E 401 -28.16 -16.99 -13.19
C GLU E 401 -29.52 -16.56 -13.74
N ILE E 402 -30.32 -15.92 -12.90
CA ILE E 402 -31.57 -15.30 -13.31
C ILE E 402 -31.20 -13.85 -13.61
N GLY E 403 -30.84 -13.58 -14.86
CA GLY E 403 -30.28 -12.30 -15.24
C GLY E 403 -31.30 -11.34 -15.82
N ILE E 404 -30.78 -10.28 -16.42
CA ILE E 404 -31.63 -9.19 -16.92
C ILE E 404 -32.53 -9.73 -18.03
N PRO E 405 -33.80 -9.33 -18.09
CA PRO E 405 -34.67 -9.84 -19.14
C PRO E 405 -34.44 -9.15 -20.47
N ASP E 406 -34.75 -9.87 -21.54
CA ASP E 406 -34.74 -9.34 -22.89
C ASP E 406 -36.11 -8.76 -23.21
N SER E 407 -36.36 -8.45 -24.48
CA SER E 407 -37.60 -7.79 -24.85
C SER E 407 -38.82 -8.64 -24.52
N ILE E 408 -38.75 -9.93 -24.82
CA ILE E 408 -39.89 -10.81 -24.54
C ILE E 408 -40.13 -10.91 -23.05
N GLY E 409 -39.06 -11.05 -22.27
CA GLY E 409 -39.21 -11.10 -20.82
C GLY E 409 -39.78 -9.80 -20.27
N ARG E 410 -39.36 -8.67 -20.82
CA ARG E 410 -39.90 -7.39 -20.37
C ARG E 410 -41.38 -7.28 -20.68
N LEU E 411 -41.79 -7.77 -21.86
CA LEU E 411 -43.22 -7.76 -22.17
C LEU E 411 -44.00 -8.66 -21.22
N GLU E 412 -43.44 -9.83 -20.89
CA GLU E 412 -44.10 -10.71 -19.93
C GLU E 412 -44.25 -10.01 -18.59
N ILE E 413 -43.21 -9.33 -18.12
CA ILE E 413 -43.28 -8.64 -16.85
C ILE E 413 -44.34 -7.55 -16.89
N LEU E 414 -44.37 -6.77 -17.97
CA LEU E 414 -45.35 -5.69 -18.08
C LEU E 414 -46.76 -6.26 -18.06
N ARG E 415 -46.98 -7.38 -18.75
CA ARG E 415 -48.31 -8.00 -18.71
C ARG E 415 -48.66 -8.47 -17.31
N ILE E 416 -47.68 -9.01 -16.58
CA ILE E 416 -47.95 -9.48 -15.22
C ILE E 416 -48.32 -8.31 -14.32
N HIS E 417 -47.60 -7.19 -14.44
CA HIS E 417 -47.82 -6.07 -13.52
C HIS E 417 -49.00 -5.19 -13.90
N THR E 418 -49.54 -5.33 -15.11
CA THR E 418 -50.68 -4.54 -15.56
C THR E 418 -51.97 -5.34 -15.55
N ARG E 419 -52.05 -6.41 -14.75
CA ARG E 419 -53.25 -7.23 -14.73
C ARG E 419 -54.39 -6.52 -14.02
N ASN E 420 -54.09 -5.83 -12.92
CA ASN E 420 -55.10 -5.12 -12.14
C ASN E 420 -55.23 -3.66 -12.52
N ILE E 421 -54.43 -3.18 -13.47
CA ILE E 421 -54.51 -1.80 -13.95
C ILE E 421 -55.38 -1.76 -15.18
N ARG E 422 -56.11 -0.67 -15.34
CA ARG E 422 -56.92 -0.44 -16.52
C ARG E 422 -56.09 0.30 -17.56
N LEU E 423 -56.06 -0.23 -18.78
CA LEU E 423 -55.27 0.33 -19.86
C LEU E 423 -56.19 0.81 -20.97
N ALA E 424 -55.77 1.88 -21.64
CA ALA E 424 -56.53 2.42 -22.75
C ALA E 424 -56.34 1.55 -24.00
N GLU E 425 -57.23 1.74 -24.97
CA GLU E 425 -57.16 0.95 -26.19
C GLU E 425 -55.91 1.26 -27.02
N ASP E 426 -55.27 2.39 -26.79
CA ASP E 426 -54.09 2.77 -27.54
C ASP E 426 -52.79 2.32 -26.89
N VAL E 427 -52.86 1.58 -25.80
CA VAL E 427 -51.68 1.11 -25.09
C VAL E 427 -51.23 -0.20 -25.72
N GLU E 428 -50.13 -0.17 -26.45
CA GLU E 428 -49.48 -1.36 -26.99
C GLU E 428 -48.19 -1.56 -26.21
N LEU E 429 -48.22 -2.53 -25.28
CA LEU E 429 -47.10 -2.72 -24.37
C LEU E 429 -45.84 -3.19 -25.09
N GLU E 430 -45.95 -3.65 -26.33
CA GLU E 430 -44.79 -4.20 -27.01
C GLU E 430 -43.72 -3.14 -27.24
N LYS E 431 -44.11 -1.93 -27.65
CA LYS E 431 -43.13 -0.88 -27.86
C LYS E 431 -42.49 -0.45 -26.55
N ILE E 432 -43.28 -0.34 -25.49
CA ILE E 432 -42.72 0.02 -24.19
C ILE E 432 -41.71 -1.03 -23.75
N ALA E 433 -42.01 -2.30 -24.00
CA ALA E 433 -41.06 -3.36 -23.69
C ALA E 433 -39.80 -3.22 -24.52
N ASN E 434 -39.94 -2.88 -25.80
CA ASN E 434 -38.78 -2.80 -26.67
C ASN E 434 -37.87 -1.64 -26.30
N GLU E 435 -38.44 -0.53 -25.82
CA GLU E 435 -37.65 0.67 -25.54
C GLU E 435 -37.13 0.72 -24.11
N ALA E 436 -37.43 -0.26 -23.26
CA ALA E 436 -37.06 -0.21 -21.85
C ALA E 436 -35.77 -0.99 -21.64
N HIS E 437 -34.66 -0.37 -22.00
CA HIS E 437 -33.35 -0.99 -21.85
C HIS E 437 -32.86 -0.89 -20.42
N GLY E 438 -32.21 -1.94 -19.95
CA GLY E 438 -31.63 -1.93 -18.62
C GLY E 438 -32.63 -2.03 -17.50
N HIS E 439 -33.83 -2.52 -17.78
CA HIS E 439 -34.89 -2.60 -16.79
C HIS E 439 -35.00 -4.02 -16.25
N VAL E 440 -35.29 -4.12 -14.96
CA VAL E 440 -35.60 -5.39 -14.31
C VAL E 440 -37.06 -5.33 -13.88
N GLY E 441 -37.56 -6.42 -13.30
CA GLY E 441 -38.98 -6.46 -12.97
C GLY E 441 -39.43 -5.32 -12.09
N ALA E 442 -38.65 -5.02 -11.05
CA ALA E 442 -39.02 -3.95 -10.14
C ALA E 442 -39.05 -2.60 -10.86
N ASP E 443 -38.09 -2.37 -11.75
CA ASP E 443 -38.07 -1.11 -12.50
C ASP E 443 -39.30 -0.99 -13.38
N LEU E 444 -39.73 -2.09 -14.01
CA LEU E 444 -40.93 -2.04 -14.83
C LEU E 444 -42.18 -1.80 -13.97
N ALA E 445 -42.21 -2.38 -12.77
CA ALA E 445 -43.32 -2.09 -11.86
C ALA E 445 -43.35 -0.61 -11.50
N SER E 446 -42.20 -0.03 -11.22
CA SER E 446 -42.13 1.40 -10.93
C SER E 446 -42.59 2.23 -12.11
N LEU E 447 -42.21 1.80 -13.32
CA LEU E 447 -42.62 2.50 -14.53
C LEU E 447 -44.14 2.50 -14.66
N CYS E 448 -44.77 1.34 -14.44
CA CYS E 448 -46.22 1.28 -14.50
C CYS E 448 -46.85 2.18 -13.44
N SER E 449 -46.30 2.17 -12.23
CA SER E 449 -46.83 3.00 -11.16
C SER E 449 -46.75 4.48 -11.53
N GLU E 450 -45.62 4.91 -12.09
CA GLU E 450 -45.49 6.32 -12.45
C GLU E 450 -46.38 6.70 -13.61
N ALA E 451 -46.60 5.79 -14.57
CA ALA E 451 -47.57 6.08 -15.63
C ALA E 451 -48.96 6.27 -15.06
N ALA E 452 -49.35 5.41 -14.13
CA ALA E 452 -50.66 5.56 -13.50
C ALA E 452 -50.75 6.87 -12.74
N LEU E 453 -49.69 7.25 -12.04
CA LEU E 453 -49.69 8.51 -11.31
C LEU E 453 -49.81 9.70 -12.25
N GLN E 454 -49.17 9.62 -13.42
CA GLN E 454 -49.31 10.69 -14.41
C GLN E 454 -50.75 10.80 -14.88
N GLN E 455 -51.40 9.66 -15.11
CA GLN E 455 -52.81 9.71 -15.49
C GLN E 455 -53.64 10.35 -14.37
N ILE E 456 -53.37 9.99 -13.13
CA ILE E 456 -54.08 10.58 -12.00
C ILE E 456 -53.89 12.09 -12.00
N ARG E 457 -52.65 12.54 -12.19
CA ARG E 457 -52.40 13.98 -12.27
C ARG E 457 -53.27 14.61 -13.34
N ASN E 458 -53.18 14.10 -14.56
CA ASN E 458 -53.83 14.76 -15.69
C ASN E 458 -55.34 14.87 -15.46
N LYS E 459 -55.96 13.79 -14.99
CA LYS E 459 -57.41 13.83 -14.83
C LYS E 459 -57.83 14.60 -13.58
N MET E 460 -57.09 14.47 -12.49
CA MET E 460 -57.52 15.05 -11.21
C MET E 460 -57.21 16.54 -11.09
N ASN E 461 -56.26 17.06 -11.89
CA ASN E 461 -56.03 18.50 -11.85
C ASN E 461 -57.24 19.28 -12.36
N LEU E 462 -58.08 18.67 -13.19
CA LEU E 462 -59.18 19.41 -13.80
C LEU E 462 -60.28 19.73 -12.78
N ILE E 463 -60.64 18.77 -11.93
CA ILE E 463 -61.76 18.95 -11.02
C ILE E 463 -61.52 20.15 -10.11
N ILE E 470 -64.12 12.89 -4.30
CA ILE E 470 -63.83 12.71 -5.73
C ILE E 470 -65.01 12.01 -6.39
N ASP E 471 -65.46 12.56 -7.51
CA ASP E 471 -66.63 12.03 -8.18
C ASP E 471 -66.36 10.61 -8.68
N ALA E 472 -67.40 9.77 -8.59
CA ALA E 472 -67.27 8.40 -9.09
C ALA E 472 -67.08 8.36 -10.59
N GLU E 473 -67.61 9.36 -11.31
CA GLU E 473 -67.42 9.39 -12.76
C GLU E 473 -65.95 9.54 -13.12
N VAL E 474 -65.23 10.39 -12.38
CA VAL E 474 -63.79 10.52 -12.62
C VAL E 474 -63.08 9.23 -12.26
N LEU E 475 -63.52 8.56 -11.20
CA LEU E 475 -62.90 7.29 -10.82
C LEU E 475 -63.06 6.26 -11.93
N ASN E 476 -64.23 6.21 -12.56
CA ASN E 476 -64.49 5.21 -13.59
C ASN E 476 -63.97 5.60 -14.96
N SER E 477 -63.38 6.80 -15.11
CA SER E 477 -62.91 7.27 -16.40
C SER E 477 -61.38 7.27 -16.48
N LEU E 478 -60.71 6.50 -15.63
CA LEU E 478 -59.26 6.45 -15.59
C LEU E 478 -58.76 5.25 -16.37
N ALA E 479 -57.82 5.49 -17.27
CA ALA E 479 -57.20 4.43 -18.06
C ALA E 479 -55.84 4.91 -18.52
N VAL E 480 -54.78 4.22 -18.10
CA VAL E 480 -53.44 4.67 -18.44
C VAL E 480 -53.28 4.69 -19.95
N THR E 481 -52.75 5.78 -20.47
CA THR E 481 -52.59 5.98 -21.90
C THR E 481 -51.14 5.71 -22.30
N MET E 482 -50.91 5.70 -23.62
CA MET E 482 -49.57 5.47 -24.12
C MET E 482 -48.66 6.66 -23.86
N ASP E 483 -49.20 7.88 -23.89
CA ASP E 483 -48.39 9.06 -23.58
C ASP E 483 -47.87 9.00 -22.15
N ASP E 484 -48.69 8.49 -21.23
CA ASP E 484 -48.25 8.35 -19.84
C ASP E 484 -47.09 7.37 -19.74
N PHE E 485 -47.18 6.24 -20.46
CA PHE E 485 -46.08 5.28 -20.44
C PHE E 485 -44.82 5.88 -21.04
N ARG E 486 -44.95 6.67 -22.10
CA ARG E 486 -43.79 7.32 -22.68
C ARG E 486 -43.17 8.30 -21.70
N TRP E 487 -44.00 9.07 -21.00
CA TRP E 487 -43.50 9.98 -19.97
C TRP E 487 -42.72 9.21 -18.91
N ALA E 488 -43.31 8.13 -18.41
CA ALA E 488 -42.67 7.34 -17.37
C ALA E 488 -41.34 6.78 -17.85
N LEU E 489 -41.31 6.23 -19.06
CA LEU E 489 -40.07 5.66 -19.57
C LEU E 489 -39.01 6.74 -19.72
N GLY E 490 -39.41 7.94 -20.17
CA GLY E 490 -38.45 9.01 -20.30
C GLY E 490 -37.82 9.41 -18.98
N LYS E 491 -38.65 9.50 -17.93
CA LYS E 491 -38.14 9.90 -16.62
C LYS E 491 -37.69 8.74 -15.75
N SER E 492 -37.67 7.52 -16.27
CA SER E 492 -37.24 6.38 -15.47
C SER E 492 -35.72 6.25 -15.50
N ASN E 493 -35.15 5.85 -14.37
CA ASN E 493 -33.72 5.63 -14.21
C ASN E 493 -33.52 4.16 -13.87
N PRO E 494 -33.32 3.30 -14.87
CA PRO E 494 -33.19 1.87 -14.58
C PRO E 494 -31.99 1.58 -13.68
N SER E 495 -32.12 0.53 -12.89
CA SER E 495 -31.10 0.14 -11.92
C SER E 495 -30.08 -0.82 -12.50
N ALA E 496 -30.24 -1.28 -13.73
CA ALA E 496 -29.38 -2.29 -14.34
C ALA E 496 -28.93 -1.85 -15.72
N LEU E 497 -28.48 -0.60 -15.83
CA LEU E 497 -28.06 -0.06 -17.11
C LEU E 497 -26.60 -0.36 -17.42
N ARG E 498 -25.79 -0.64 -16.41
CA ARG E 498 -24.37 -0.90 -16.59
C ARG E 498 -24.03 -2.39 -16.64
N GLU E 499 -25.05 -3.25 -16.62
CA GLU E 499 -24.83 -4.69 -16.60
C GLU E 499 -24.68 -5.21 -18.02
N THR E 500 -23.81 -6.21 -18.18
CA THR E 500 -23.61 -6.82 -19.49
C THR E 500 -24.87 -7.57 -19.91
N THR E 501 -25.20 -7.47 -21.19
CA THR E 501 -26.38 -8.11 -21.76
C THR E 501 -25.95 -9.27 -22.65
N VAL E 502 -26.58 -10.43 -22.45
CA VAL E 502 -26.34 -11.61 -23.26
C VAL E 502 -27.65 -11.96 -23.96
N GLU E 503 -27.71 -11.69 -25.26
CA GLU E 503 -28.92 -11.94 -26.03
C GLU E 503 -28.54 -12.12 -27.49
N VAL E 504 -29.52 -12.58 -28.28
CA VAL E 504 -29.35 -12.78 -29.72
C VAL E 504 -29.73 -11.48 -30.40
N PRO E 505 -28.79 -10.76 -31.02
CA PRO E 505 -29.11 -9.44 -31.57
C PRO E 505 -30.04 -9.55 -32.77
N ASN E 506 -30.78 -8.47 -33.01
CA ASN E 506 -31.76 -8.42 -34.08
C ASN E 506 -31.22 -7.73 -35.34
N VAL E 507 -29.90 -7.68 -35.49
CA VAL E 507 -29.29 -7.09 -36.68
C VAL E 507 -29.15 -8.18 -37.74
N THR E 508 -29.65 -7.91 -38.93
CA THR E 508 -29.59 -8.85 -40.04
C THR E 508 -28.54 -8.40 -41.05
N TRP E 509 -28.26 -9.28 -42.01
CA TRP E 509 -27.27 -8.97 -43.03
C TRP E 509 -27.69 -7.79 -43.89
N ASP E 510 -28.99 -7.66 -44.17
CA ASP E 510 -29.47 -6.60 -45.04
C ASP E 510 -29.17 -5.22 -44.47
N ASP E 511 -28.94 -5.10 -43.17
CA ASP E 511 -28.68 -3.82 -42.56
C ASP E 511 -27.23 -3.36 -42.70
N ILE E 512 -26.34 -4.21 -43.21
CA ILE E 512 -24.92 -3.88 -43.27
C ILE E 512 -24.38 -4.15 -44.67
N GLY E 513 -25.13 -4.89 -45.49
CA GLY E 513 -24.61 -5.31 -46.76
C GLY E 513 -23.38 -6.18 -46.57
N GLY E 514 -22.22 -5.64 -46.89
CA GLY E 514 -20.97 -6.35 -46.65
C GLY E 514 -20.53 -7.18 -47.83
N LEU E 515 -19.22 -7.34 -47.95
CA LEU E 515 -18.67 -8.14 -49.04
C LEU E 515 -19.09 -9.60 -48.87
N GLU E 516 -19.41 -10.24 -49.99
CA GLU E 516 -19.78 -11.65 -49.94
C GLU E 516 -18.63 -12.51 -49.43
N ASN E 517 -17.40 -12.10 -49.67
CA ASN E 517 -16.25 -12.86 -49.17
C ASN E 517 -16.25 -12.91 -47.64
N VAL E 518 -16.46 -11.76 -47.01
CA VAL E 518 -16.49 -11.71 -45.55
C VAL E 518 -17.65 -12.55 -45.02
N LYS E 519 -18.81 -12.43 -45.65
CA LYS E 519 -19.97 -13.18 -45.19
C LYS E 519 -19.72 -14.69 -45.28
N ARG E 520 -19.14 -15.14 -46.39
CA ARG E 520 -18.85 -16.56 -46.55
C ARG E 520 -17.82 -17.04 -45.53
N GLU E 521 -16.76 -16.27 -45.33
CA GLU E 521 -15.73 -16.67 -44.37
C GLU E 521 -16.31 -16.76 -42.96
N LEU E 522 -17.09 -15.76 -42.56
CA LEU E 522 -17.69 -15.78 -41.23
C LEU E 522 -18.65 -16.94 -41.10
N GLN E 523 -19.41 -17.24 -42.16
CA GLN E 523 -20.29 -18.40 -42.13
C GLN E 523 -19.50 -19.66 -41.86
N GLU E 524 -18.45 -19.91 -42.65
CA GLU E 524 -17.62 -21.09 -42.44
C GLU E 524 -17.12 -21.15 -41.01
N LEU E 525 -16.69 -20.02 -40.47
CA LEU E 525 -16.07 -20.03 -39.15
C LEU E 525 -17.07 -20.31 -38.05
N VAL E 526 -18.23 -19.66 -38.08
CA VAL E 526 -19.17 -19.65 -36.96
C VAL E 526 -20.35 -20.60 -37.19
N GLN E 527 -21.04 -20.47 -38.32
CA GLN E 527 -22.28 -21.21 -38.49
C GLN E 527 -22.03 -22.70 -38.66
N TYR E 528 -21.05 -23.06 -39.50
CA TYR E 528 -20.82 -24.47 -39.78
C TYR E 528 -20.55 -25.27 -38.51
N PRO E 529 -19.68 -24.84 -37.61
CA PRO E 529 -19.49 -25.61 -36.36
C PRO E 529 -20.76 -25.77 -35.55
N VAL E 530 -21.64 -24.78 -35.56
CA VAL E 530 -22.82 -24.83 -34.69
C VAL E 530 -23.92 -25.67 -35.34
N GLU E 531 -24.10 -25.55 -36.65
CA GLU E 531 -25.20 -26.21 -37.32
C GLU E 531 -24.86 -27.61 -37.81
N HIS E 532 -23.62 -27.87 -38.18
CA HIS E 532 -23.20 -29.16 -38.73
C HIS E 532 -21.94 -29.64 -38.01
N PRO E 533 -22.04 -29.98 -36.73
CA PRO E 533 -20.87 -30.52 -36.03
C PRO E 533 -20.50 -31.92 -36.47
N ASP E 534 -21.47 -32.69 -36.98
CA ASP E 534 -21.16 -34.04 -37.43
C ASP E 534 -20.16 -34.05 -38.57
N LYS E 535 -20.18 -33.02 -39.43
CA LYS E 535 -19.22 -32.95 -40.51
C LYS E 535 -17.80 -32.77 -39.99
N PHE E 536 -17.63 -31.89 -39.00
CA PHE E 536 -16.32 -31.71 -38.40
C PHE E 536 -15.87 -32.98 -37.67
N LEU E 537 -16.81 -33.67 -37.02
CA LEU E 537 -16.43 -34.90 -36.32
C LEU E 537 -16.04 -35.99 -37.30
N LYS E 538 -16.77 -36.13 -38.41
CA LYS E 538 -16.44 -37.17 -39.39
C LYS E 538 -15.12 -36.88 -40.08
N PHE E 539 -14.82 -35.61 -40.35
CA PHE E 539 -13.54 -35.28 -40.97
C PHE E 539 -12.42 -35.11 -39.95
N GLY E 540 -12.72 -35.17 -38.66
CA GLY E 540 -11.66 -35.17 -37.66
C GLY E 540 -10.79 -33.92 -37.68
N MET E 541 -11.41 -32.76 -37.73
N MET E 541 -11.45 -32.76 -37.80
CA MET E 541 -10.71 -31.47 -37.77
CA MET E 541 -10.73 -31.46 -37.78
C MET E 541 -11.36 -30.55 -36.75
C MET E 541 -11.41 -30.49 -36.81
N THR E 542 -10.55 -30.00 -35.85
CA THR E 542 -11.07 -29.09 -34.84
C THR E 542 -11.15 -27.69 -35.42
N PRO E 543 -12.32 -27.05 -35.42
CA PRO E 543 -12.41 -25.69 -35.97
C PRO E 543 -11.59 -24.70 -35.16
N SER E 544 -11.11 -23.67 -35.85
CA SER E 544 -10.36 -22.59 -35.22
C SER E 544 -11.33 -21.51 -34.76
N LYS E 545 -11.28 -21.18 -33.47
CA LYS E 545 -12.19 -20.22 -32.85
C LYS E 545 -11.42 -18.95 -32.54
N GLY E 546 -11.61 -17.93 -33.38
CA GLY E 546 -10.94 -16.66 -33.18
C GLY E 546 -10.74 -15.89 -34.46
N VAL E 547 -11.05 -14.59 -34.44
CA VAL E 547 -10.91 -13.74 -35.61
C VAL E 547 -10.52 -12.34 -35.15
N LEU E 548 -9.83 -11.62 -36.04
CA LEU E 548 -9.54 -10.22 -35.83
C LEU E 548 -10.00 -9.43 -37.05
N PHE E 549 -10.89 -8.47 -36.84
CA PHE E 549 -11.32 -7.55 -37.87
C PHE E 549 -10.45 -6.31 -37.82
N TYR E 550 -9.97 -5.88 -38.98
CA TYR E 550 -9.22 -4.64 -39.09
C TYR E 550 -9.65 -3.92 -40.35
N GLY E 551 -9.83 -2.60 -40.23
CA GLY E 551 -10.28 -1.78 -41.32
C GLY E 551 -10.50 -0.37 -40.85
N PRO E 552 -10.75 0.56 -41.77
CA PRO E 552 -10.87 1.94 -41.39
C PRO E 552 -12.08 2.15 -40.48
N PRO E 553 -12.02 3.12 -39.57
CA PRO E 553 -13.10 3.25 -38.59
C PRO E 553 -14.44 3.54 -39.24
N GLY E 554 -15.50 3.03 -38.61
CA GLY E 554 -16.86 3.33 -39.02
C GLY E 554 -17.43 2.44 -40.09
N CYS E 555 -16.76 1.34 -40.44
CA CYS E 555 -17.26 0.46 -41.48
C CYS E 555 -18.29 -0.55 -40.99
N GLY E 556 -18.48 -0.69 -39.68
CA GLY E 556 -19.47 -1.61 -39.16
C GLY E 556 -18.94 -2.99 -38.88
N LYS E 557 -17.84 -3.06 -38.12
CA LYS E 557 -17.35 -4.34 -37.65
C LYS E 557 -18.23 -4.91 -36.56
N THR E 558 -18.68 -4.05 -35.64
CA THR E 558 -19.59 -4.49 -34.59
C THR E 558 -20.89 -5.02 -35.18
N LEU E 559 -21.41 -4.34 -36.20
CA LEU E 559 -22.63 -4.82 -36.84
C LEU E 559 -22.40 -6.15 -37.54
N LEU E 560 -21.22 -6.37 -38.11
CA LEU E 560 -20.93 -7.66 -38.72
C LEU E 560 -20.92 -8.76 -37.67
N ALA E 561 -20.30 -8.51 -36.52
CA ALA E 561 -20.32 -9.50 -35.45
C ALA E 561 -21.74 -9.80 -35.00
N LYS E 562 -22.55 -8.74 -34.82
CA LYS E 562 -23.93 -8.95 -34.41
C LYS E 562 -24.71 -9.74 -35.44
N ALA E 563 -24.50 -9.45 -36.73
CA ALA E 563 -25.23 -10.14 -37.78
C ALA E 563 -24.87 -11.61 -37.81
N ILE E 564 -23.57 -11.94 -37.70
CA ILE E 564 -23.20 -13.34 -37.72
C ILE E 564 -23.73 -14.05 -36.49
N ALA E 565 -23.78 -13.37 -35.34
CA ALA E 565 -24.41 -13.97 -34.17
C ALA E 565 -25.89 -14.23 -34.43
N ASN E 566 -26.57 -13.29 -35.07
CA ASN E 566 -28.00 -13.43 -35.31
C ASN E 566 -28.29 -14.59 -36.26
N GLU E 567 -27.49 -14.75 -37.30
CA GLU E 567 -27.78 -15.80 -38.29
C GLU E 567 -27.75 -17.17 -37.64
N CYS E 568 -26.79 -17.41 -36.77
CA CYS E 568 -26.65 -18.71 -36.10
C CYS E 568 -27.48 -18.81 -34.83
N GLN E 569 -28.24 -17.77 -34.49
CA GLN E 569 -29.02 -17.75 -33.25
C GLN E 569 -28.12 -18.01 -32.05
N ALA E 570 -26.97 -17.35 -32.02
CA ALA E 570 -26.01 -17.45 -30.94
C ALA E 570 -25.98 -16.16 -30.15
N ASN E 571 -25.79 -16.27 -28.84
CA ASN E 571 -25.77 -15.10 -27.99
C ASN E 571 -24.60 -14.19 -28.37
N PHE E 572 -24.66 -12.96 -27.87
CA PHE E 572 -23.67 -11.94 -28.19
C PHE E 572 -23.29 -11.19 -26.93
N ILE E 573 -21.98 -11.08 -26.69
CA ILE E 573 -21.44 -10.37 -25.53
C ILE E 573 -20.44 -9.36 -26.07
N SER E 574 -20.66 -8.09 -25.78
CA SER E 574 -19.85 -7.00 -26.32
C SER E 574 -19.07 -6.35 -25.19
N ILE E 575 -17.74 -6.38 -25.29
CA ILE E 575 -16.86 -5.74 -24.34
C ILE E 575 -16.10 -4.63 -25.06
N LYS E 576 -15.82 -3.55 -24.33
CA LYS E 576 -15.04 -2.44 -24.84
C LYS E 576 -13.79 -2.27 -23.99
N GLY E 577 -12.73 -1.77 -24.63
CA GLY E 577 -11.45 -1.63 -23.97
C GLY E 577 -11.52 -0.78 -22.72
N PRO E 578 -12.19 0.37 -22.80
CA PRO E 578 -12.35 1.19 -21.59
C PRO E 578 -13.01 0.46 -20.45
N GLU E 579 -14.02 -0.37 -20.72
CA GLU E 579 -14.66 -1.12 -19.65
C GLU E 579 -13.68 -2.06 -19.00
N LEU E 580 -12.86 -2.76 -19.80
CA LEU E 580 -11.95 -3.74 -19.25
C LEU E 580 -10.82 -3.06 -18.46
N LEU E 581 -10.35 -1.91 -18.92
CA LEU E 581 -9.31 -1.20 -18.19
C LEU E 581 -9.84 -0.70 -16.84
N THR E 582 -11.11 -0.36 -16.76
CA THR E 582 -11.69 0.12 -15.51
C THR E 582 -11.87 -1.02 -14.52
N ALA E 590 -10.56 -10.28 -10.87
CA ALA E 590 -10.44 -10.81 -12.22
C ALA E 590 -11.79 -10.77 -12.93
N ASN E 591 -12.00 -9.76 -13.77
CA ASN E 591 -13.21 -9.66 -14.55
C ASN E 591 -13.11 -10.36 -15.89
N VAL E 592 -11.89 -10.52 -16.43
CA VAL E 592 -11.74 -11.25 -17.68
C VAL E 592 -12.21 -12.69 -17.50
N ARG E 593 -11.82 -13.31 -16.38
CA ARG E 593 -12.26 -14.67 -16.10
C ARG E 593 -13.78 -14.73 -16.00
N ASP E 594 -14.39 -13.75 -15.34
CA ASP E 594 -15.84 -13.74 -15.21
C ASP E 594 -16.52 -13.62 -16.56
N ILE E 595 -15.99 -12.76 -17.44
CA ILE E 595 -16.60 -12.58 -18.76
C ILE E 595 -16.46 -13.86 -19.58
N PHE E 596 -15.31 -14.51 -19.52
CA PHE E 596 -15.13 -15.76 -20.25
C PHE E 596 -16.05 -16.84 -19.70
N ASP E 597 -16.24 -16.90 -18.39
CA ASP E 597 -17.16 -17.87 -17.82
C ASP E 597 -18.58 -17.59 -18.27
N LYS E 598 -18.98 -16.33 -18.29
CA LYS E 598 -20.30 -15.97 -18.79
C LYS E 598 -20.47 -16.42 -20.24
N ALA E 599 -19.43 -16.26 -21.04
CA ALA E 599 -19.48 -16.74 -22.42
C ALA E 599 -19.63 -18.26 -22.46
N ARG E 600 -18.90 -18.96 -21.58
CA ARG E 600 -19.00 -20.42 -21.55
C ARG E 600 -20.42 -20.86 -21.22
N GLN E 601 -21.07 -20.18 -20.28
CA GLN E 601 -22.42 -20.59 -19.88
C GLN E 601 -23.37 -20.58 -21.07
N ALA E 602 -23.31 -19.54 -21.89
CA ALA E 602 -24.06 -19.50 -23.14
C ALA E 602 -23.29 -20.30 -24.18
N ALA E 603 -23.77 -21.49 -24.50
CA ALA E 603 -22.97 -22.44 -25.26
C ALA E 603 -22.55 -21.84 -26.60
N PRO E 604 -23.48 -21.57 -27.52
CA PRO E 604 -23.10 -20.83 -28.74
C PRO E 604 -23.12 -19.33 -28.48
N CYS E 605 -21.93 -18.74 -28.42
CA CYS E 605 -21.79 -17.33 -28.09
C CYS E 605 -20.72 -16.69 -28.96
N VAL E 606 -20.88 -15.40 -29.22
CA VAL E 606 -19.92 -14.61 -29.98
C VAL E 606 -19.41 -13.53 -29.03
N LEU E 607 -18.21 -13.72 -28.50
CA LEU E 607 -17.60 -12.76 -27.59
C LEU E 607 -16.80 -11.75 -28.40
N PHE E 608 -17.19 -10.48 -28.33
CA PHE E 608 -16.64 -9.43 -29.16
C PHE E 608 -15.85 -8.45 -28.31
N PHE E 609 -14.59 -8.24 -28.66
CA PHE E 609 -13.71 -7.29 -27.98
C PHE E 609 -13.45 -6.13 -28.92
N ASP E 610 -14.09 -5.00 -28.66
CA ASP E 610 -13.86 -3.79 -29.45
C ASP E 610 -12.72 -2.98 -28.85
N GLU E 611 -12.11 -2.16 -29.69
CA GLU E 611 -10.97 -1.35 -29.28
C GLU E 611 -9.89 -2.23 -28.64
N LEU E 612 -9.55 -3.31 -29.34
CA LEU E 612 -8.56 -4.24 -28.81
C LEU E 612 -7.20 -3.60 -28.67
N ASP E 613 -6.91 -2.58 -29.49
CA ASP E 613 -5.59 -1.95 -29.46
C ASP E 613 -5.30 -1.30 -28.12
N SER E 614 -6.32 -0.90 -27.38
CA SER E 614 -6.10 -0.32 -26.06
C SER E 614 -5.57 -1.37 -25.09
N ILE E 615 -6.03 -2.62 -25.23
CA ILE E 615 -5.61 -3.68 -24.32
C ILE E 615 -4.28 -4.26 -24.75
N ALA E 616 -4.23 -4.81 -25.97
CA ALA E 616 -2.97 -5.27 -26.52
C ALA E 616 -2.04 -4.09 -26.74
N LYS E 617 -0.83 -4.37 -27.19
CA LYS E 617 0.19 -3.34 -27.37
C LYS E 617 -0.36 -2.15 -28.15
N ALA E 629 -1.53 -2.36 -15.50
CA ALA E 629 -2.85 -2.26 -16.08
C ALA E 629 -2.92 -3.01 -17.40
N ALA E 630 -2.22 -2.50 -18.41
CA ALA E 630 -2.21 -3.17 -19.71
C ALA E 630 -1.58 -4.55 -19.63
N ASP E 631 -0.45 -4.68 -18.94
CA ASP E 631 0.25 -5.95 -18.88
C ASP E 631 -0.60 -7.02 -18.20
N ARG E 632 -1.16 -6.69 -17.03
CA ARG E 632 -1.97 -7.67 -16.31
C ARG E 632 -3.14 -8.13 -17.16
N VAL E 633 -3.84 -7.19 -17.80
CA VAL E 633 -5.04 -7.55 -18.54
C VAL E 633 -4.69 -8.36 -19.77
N ILE E 634 -3.62 -7.99 -20.48
CA ILE E 634 -3.27 -8.75 -21.67
C ILE E 634 -2.84 -10.16 -21.30
N ASN E 635 -2.09 -10.30 -20.21
CA ASN E 635 -1.69 -11.64 -19.77
C ASN E 635 -2.91 -12.46 -19.37
N GLN E 636 -3.85 -11.86 -18.64
CA GLN E 636 -5.06 -12.59 -18.27
C GLN E 636 -5.83 -13.03 -19.51
N LEU E 637 -5.96 -12.14 -20.48
CA LEU E 637 -6.69 -12.48 -21.70
C LEU E 637 -6.02 -13.62 -22.43
N LEU E 638 -4.69 -13.57 -22.56
CA LEU E 638 -3.96 -14.63 -23.23
C LEU E 638 -4.15 -15.96 -22.51
N THR E 639 -4.05 -15.94 -21.18
CA THR E 639 -4.21 -17.17 -20.41
C THR E 639 -5.61 -17.75 -20.59
N GLU E 640 -6.63 -16.90 -20.60
CA GLU E 640 -7.99 -17.42 -20.70
C GLU E 640 -8.33 -17.89 -22.11
N MET E 641 -7.73 -17.27 -23.14
CA MET E 641 -7.94 -17.78 -24.49
C MET E 641 -7.22 -19.10 -24.70
N ASP E 642 -6.00 -19.23 -24.18
CA ASP E 642 -5.31 -20.51 -24.28
C ASP E 642 -6.07 -21.61 -23.57
N GLY E 643 -6.84 -21.25 -22.54
CA GLY E 643 -7.58 -22.20 -21.75
C GLY E 643 -8.99 -22.50 -22.24
N MET E 644 -9.35 -22.04 -23.42
CA MET E 644 -10.68 -22.30 -23.98
C MET E 644 -10.58 -23.48 -24.93
N SER E 645 -11.30 -24.55 -24.61
CA SER E 645 -11.28 -25.74 -25.45
C SER E 645 -11.84 -25.41 -26.81
N ALA E 646 -11.20 -25.94 -27.85
CA ALA E 646 -11.63 -25.68 -29.22
C ALA E 646 -12.93 -26.41 -29.57
N LYS E 647 -13.37 -27.35 -28.74
CA LYS E 647 -14.60 -28.08 -28.99
C LYS E 647 -15.84 -27.40 -28.44
N LYS E 648 -15.67 -26.27 -27.76
CA LYS E 648 -16.79 -25.52 -27.22
C LYS E 648 -17.08 -24.32 -28.10
N ASN E 649 -18.36 -24.05 -28.33
CA ASN E 649 -18.78 -23.07 -29.33
C ASN E 649 -18.78 -21.66 -28.74
N VAL E 650 -17.58 -21.21 -28.39
CA VAL E 650 -17.34 -19.83 -27.97
C VAL E 650 -16.37 -19.23 -28.97
N PHE E 651 -16.84 -18.27 -29.75
CA PHE E 651 -16.04 -17.62 -30.79
C PHE E 651 -15.68 -16.22 -30.34
N ILE E 652 -14.40 -15.88 -30.47
CA ILE E 652 -13.88 -14.58 -30.05
C ILE E 652 -13.55 -13.78 -31.29
N ILE E 653 -14.08 -12.56 -31.37
CA ILE E 653 -13.92 -11.69 -32.52
C ILE E 653 -13.41 -10.36 -32.01
N GLY E 654 -12.10 -10.12 -32.13
CA GLY E 654 -11.57 -8.82 -31.82
C GLY E 654 -11.71 -7.87 -32.98
N ALA E 655 -11.71 -6.58 -32.67
CA ALA E 655 -11.80 -5.55 -33.70
C ALA E 655 -10.81 -4.46 -33.38
N THR E 656 -10.07 -4.01 -34.40
CA THR E 656 -9.06 -2.98 -34.19
C THR E 656 -8.95 -2.11 -35.42
N ASN E 657 -8.83 -0.81 -35.21
CA ASN E 657 -8.61 0.15 -36.29
C ASN E 657 -7.14 0.39 -36.56
N ARG E 658 -6.24 -0.16 -35.75
CA ARG E 658 -4.79 -0.01 -35.91
C ARG E 658 -4.18 -1.40 -35.86
N PRO E 659 -4.27 -2.16 -36.94
CA PRO E 659 -3.76 -3.54 -36.91
C PRO E 659 -2.26 -3.63 -36.71
N ASP E 660 -1.52 -2.56 -36.94
CA ASP E 660 -0.06 -2.60 -36.89
C ASP E 660 0.49 -2.40 -35.48
N ILE E 661 -0.36 -2.12 -34.49
CA ILE E 661 0.09 -1.94 -33.12
C ILE E 661 -0.27 -3.12 -32.23
N ILE E 662 -1.15 -4.02 -32.69
CA ILE E 662 -1.54 -5.15 -31.87
C ILE E 662 -0.31 -6.00 -31.56
N ASP E 663 -0.17 -6.40 -30.30
CA ASP E 663 0.92 -7.27 -29.91
C ASP E 663 0.88 -8.56 -30.72
N GLY E 664 2.04 -9.04 -31.13
CA GLY E 664 2.08 -10.27 -31.90
C GLY E 664 1.61 -11.49 -31.14
N ALA E 665 1.65 -11.44 -29.81
CA ALA E 665 1.26 -12.60 -29.02
C ALA E 665 -0.22 -12.93 -29.18
N ILE E 666 -1.06 -11.92 -29.43
CA ILE E 666 -2.49 -12.18 -29.56
C ILE E 666 -2.82 -12.84 -30.89
N LEU E 667 -1.95 -12.74 -31.89
CA LEU E 667 -2.22 -13.28 -33.22
C LEU E 667 -1.56 -14.63 -33.47
N ARG E 668 -0.94 -15.23 -32.46
CA ARG E 668 -0.29 -16.51 -32.66
C ARG E 668 -1.33 -17.60 -32.90
N PRO E 669 -0.95 -18.68 -33.57
CA PRO E 669 -1.91 -19.75 -33.82
C PRO E 669 -2.50 -20.27 -32.52
N GLY E 670 -3.81 -20.53 -32.55
CA GLY E 670 -4.53 -21.02 -31.39
C GLY E 670 -5.25 -19.97 -30.58
N ARG E 671 -4.98 -18.68 -30.80
CA ARG E 671 -5.64 -17.61 -30.05
C ARG E 671 -6.50 -16.73 -30.95
N LEU E 672 -5.90 -16.04 -31.91
CA LEU E 672 -6.62 -15.25 -32.91
C LEU E 672 -5.78 -15.35 -34.17
N ASP E 673 -6.08 -16.33 -35.01
CA ASP E 673 -5.18 -16.72 -36.09
C ASP E 673 -5.71 -16.36 -37.46
N GLN E 674 -6.94 -15.87 -37.58
CA GLN E 674 -7.52 -15.55 -38.87
C GLN E 674 -7.87 -14.07 -38.90
N LEU E 675 -7.28 -13.35 -39.85
CA LEU E 675 -7.46 -11.91 -39.98
C LEU E 675 -8.35 -11.63 -41.18
N ILE E 676 -9.38 -10.81 -40.97
CA ILE E 676 -10.32 -10.44 -42.02
C ILE E 676 -10.30 -8.92 -42.16
N TYR E 677 -10.30 -8.45 -43.41
CA TYR E 677 -10.21 -7.04 -43.73
C TYR E 677 -11.58 -6.51 -44.11
N ILE E 678 -12.02 -5.48 -43.39
CA ILE E 678 -13.32 -4.84 -43.66
C ILE E 678 -13.07 -3.53 -44.37
N PRO E 679 -13.28 -3.45 -45.68
CA PRO E 679 -12.95 -2.21 -46.41
C PRO E 679 -14.09 -1.21 -46.41
N LEU E 680 -13.86 -0.05 -47.03
CA LEU E 680 -14.92 0.93 -47.15
C LEU E 680 -16.05 0.36 -48.01
N PRO E 681 -17.31 0.63 -47.67
CA PRO E 681 -18.41 -0.01 -48.40
C PRO E 681 -18.41 0.37 -49.88
N ASP E 682 -18.84 -0.58 -50.70
CA ASP E 682 -18.99 -0.36 -52.13
C ASP E 682 -20.40 0.17 -52.39
N GLU E 683 -20.80 0.24 -53.66
CA GLU E 683 -22.04 0.91 -54.02
C GLU E 683 -23.24 0.22 -53.39
N ALA E 684 -23.34 -1.09 -53.54
CA ALA E 684 -24.50 -1.80 -52.99
C ALA E 684 -24.52 -1.70 -51.47
N SER E 685 -23.35 -1.80 -50.85
CA SER E 685 -23.29 -1.66 -49.39
C SER E 685 -23.75 -0.28 -48.97
N ARG E 686 -23.36 0.76 -49.72
CA ARG E 686 -23.80 2.11 -49.39
C ARG E 686 -25.31 2.24 -49.54
N VAL E 687 -25.88 1.63 -50.58
CA VAL E 687 -27.33 1.69 -50.75
C VAL E 687 -28.02 1.04 -49.56
N ASN E 688 -27.53 -0.13 -49.14
CA ASN E 688 -28.13 -0.81 -48.00
C ASN E 688 -27.99 0.02 -46.73
N ILE E 689 -26.83 0.64 -46.52
CA ILE E 689 -26.61 1.45 -45.32
C ILE E 689 -27.58 2.63 -45.31
N LEU E 690 -27.71 3.32 -46.43
CA LEU E 690 -28.60 4.46 -46.50
C LEU E 690 -30.04 4.04 -46.27
N LYS E 691 -30.45 2.90 -46.85
CA LYS E 691 -31.82 2.44 -46.63
C LYS E 691 -32.05 2.09 -45.17
N ALA E 692 -31.06 1.48 -44.51
CA ALA E 692 -31.22 1.11 -43.11
C ALA E 692 -31.31 2.34 -42.23
N ASN E 693 -30.48 3.35 -42.49
CA ASN E 693 -30.50 4.56 -41.67
C ASN E 693 -31.82 5.30 -41.82
N LEU E 694 -32.37 5.36 -43.03
CA LEU E 694 -33.59 6.09 -43.32
C LEU E 694 -34.85 5.26 -43.12
N ARG E 695 -34.71 4.04 -42.59
CA ARG E 695 -35.86 3.15 -42.49
C ARG E 695 -36.94 3.72 -41.59
N LYS E 696 -36.56 4.29 -40.46
CA LYS E 696 -37.52 4.76 -39.47
C LYS E 696 -37.92 6.21 -39.69
N SER E 697 -37.51 6.82 -40.79
CA SER E 697 -37.76 8.23 -41.03
C SER E 697 -38.68 8.43 -42.23
N PRO E 698 -39.70 9.28 -42.12
CA PRO E 698 -40.48 9.65 -43.30
C PRO E 698 -39.58 10.29 -44.35
N ILE E 699 -39.53 9.66 -45.52
CA ILE E 699 -38.63 10.06 -46.59
C ILE E 699 -39.47 10.32 -47.84
N ALA E 700 -39.07 11.33 -48.61
CA ALA E 700 -39.84 11.76 -49.76
C ALA E 700 -39.82 10.69 -50.86
N ARG E 701 -40.81 10.77 -51.74
CA ARG E 701 -40.95 9.79 -52.81
C ARG E 701 -39.93 10.03 -53.92
N ASP E 702 -39.68 11.31 -54.25
CA ASP E 702 -38.78 11.62 -55.35
C ASP E 702 -37.34 11.20 -55.05
N VAL E 703 -36.89 11.40 -53.81
CA VAL E 703 -35.51 11.10 -53.46
C VAL E 703 -35.20 9.65 -53.81
N ASP E 704 -34.06 9.44 -54.48
CA ASP E 704 -33.63 8.12 -54.90
C ASP E 704 -32.33 7.78 -54.17
N ILE E 705 -32.33 6.66 -53.44
CA ILE E 705 -31.16 6.25 -52.70
C ILE E 705 -30.03 5.86 -53.64
N ASN E 706 -30.36 5.37 -54.83
CA ASN E 706 -29.33 4.91 -55.75
C ASN E 706 -28.40 6.06 -56.14
N PHE E 707 -28.96 7.23 -56.44
CA PHE E 707 -28.12 8.37 -56.79
C PHE E 707 -27.27 8.80 -55.61
N LEU E 708 -27.83 8.76 -54.39
CA LEU E 708 -27.03 9.10 -53.23
C LEU E 708 -25.85 8.17 -53.08
N ALA E 709 -26.08 6.87 -53.26
CA ALA E 709 -24.98 5.91 -53.17
C ALA E 709 -23.95 6.17 -54.25
N LYS E 710 -24.40 6.47 -55.48
CA LYS E 710 -23.46 6.75 -56.55
C LYS E 710 -22.61 7.97 -56.23
N ALA E 711 -23.23 9.01 -55.66
CA ALA E 711 -22.50 10.23 -55.36
C ALA E 711 -21.49 10.01 -54.25
N THR E 712 -21.83 9.20 -53.25
CA THR E 712 -20.98 8.99 -52.09
C THR E 712 -20.06 7.82 -52.35
N GLN E 713 -18.77 8.11 -52.48
CA GLN E 713 -17.74 7.09 -52.66
C GLN E 713 -16.58 7.43 -51.74
N GLY E 714 -16.05 6.40 -51.08
CA GLY E 714 -15.07 6.62 -50.03
C GLY E 714 -15.67 7.04 -48.72
N PHE E 715 -16.99 7.05 -48.60
CA PHE E 715 -17.66 7.44 -47.37
C PHE E 715 -17.88 6.19 -46.50
N SER E 716 -17.38 6.24 -45.27
CA SER E 716 -17.63 5.17 -44.33
C SER E 716 -19.08 5.21 -43.86
N GLY E 717 -19.46 4.23 -43.03
CA GLY E 717 -20.82 4.19 -42.53
C GLY E 717 -21.16 5.39 -41.67
N ALA E 718 -20.20 5.81 -40.83
CA ALA E 718 -20.42 6.98 -39.99
C ALA E 718 -20.71 8.21 -40.82
N ASP E 719 -20.01 8.37 -41.95
CA ASP E 719 -20.23 9.53 -42.80
C ASP E 719 -21.63 9.54 -43.38
N LEU E 720 -22.12 8.39 -43.84
CA LEU E 720 -23.47 8.32 -44.37
C LEU E 720 -24.50 8.58 -43.28
N THR E 721 -24.26 8.05 -42.08
CA THR E 721 -25.15 8.34 -40.97
C THR E 721 -25.21 9.83 -40.68
N GLU E 722 -24.05 10.50 -40.75
CA GLU E 722 -24.03 11.94 -40.49
C GLU E 722 -24.74 12.70 -41.60
N ILE E 723 -24.61 12.26 -42.85
CA ILE E 723 -25.38 12.86 -43.94
C ILE E 723 -26.86 12.80 -43.63
N CYS E 724 -27.33 11.63 -43.22
CA CYS E 724 -28.75 11.47 -42.91
C CYS E 724 -29.15 12.33 -41.71
N GLN E 725 -28.28 12.41 -40.68
CA GLN E 725 -28.61 13.23 -39.53
C GLN E 725 -28.75 14.69 -39.91
N ARG E 726 -27.86 15.18 -40.78
CA ARG E 726 -27.93 16.58 -41.16
C ARG E 726 -29.18 16.85 -42.01
N ALA E 727 -29.54 15.91 -42.88
CA ALA E 727 -30.78 16.08 -43.63
C ALA E 727 -31.96 16.18 -42.68
N CYS E 728 -32.00 15.32 -41.67
CA CYS E 728 -33.11 15.36 -40.72
C CYS E 728 -33.11 16.65 -39.91
N LYS E 729 -31.92 17.16 -39.56
CA LYS E 729 -31.85 18.42 -38.84
C LYS E 729 -32.39 19.57 -39.67
N GLN E 730 -32.06 19.59 -40.97
CA GLN E 730 -32.64 20.59 -41.85
C GLN E 730 -34.15 20.48 -41.87
N ALA E 731 -34.66 19.25 -41.94
CA ALA E 731 -36.11 19.06 -41.97
C ALA E 731 -36.75 19.61 -40.70
N ILE E 732 -36.17 19.32 -39.54
CA ILE E 732 -36.75 19.78 -38.29
C ILE E 732 -36.70 21.30 -38.21
N ARG E 733 -35.58 21.90 -38.63
CA ARG E 733 -35.49 23.36 -38.61
C ARG E 733 -36.55 23.99 -39.48
N GLU E 734 -36.75 23.45 -40.68
CA GLU E 734 -37.77 24.00 -41.56
C GLU E 734 -39.16 23.83 -40.97
N SER E 735 -39.41 22.71 -40.30
CA SER E 735 -40.71 22.51 -39.68
C SER E 735 -40.95 23.53 -38.57
N ILE E 736 -39.94 23.76 -37.72
CA ILE E 736 -40.07 24.77 -36.67
C ILE E 736 -40.37 26.12 -37.29
N GLU E 737 -39.59 26.52 -38.30
CA GLU E 737 -39.77 27.85 -38.88
C GLU E 737 -41.14 27.99 -39.52
N ALA E 738 -41.58 26.96 -40.24
CA ALA E 738 -42.89 27.02 -40.88
C ALA E 738 -44.00 27.11 -39.84
N GLU E 739 -43.91 26.35 -38.76
CA GLU E 739 -44.92 26.44 -37.72
C GLU E 739 -44.95 27.84 -37.11
N ILE E 740 -43.78 28.40 -36.81
CA ILE E 740 -43.74 29.73 -36.21
C ILE E 740 -44.35 30.76 -37.15
N ARG E 741 -43.96 30.73 -38.42
CA ARG E 741 -44.48 31.72 -39.37
C ARG E 741 -45.99 31.57 -39.55
N ALA E 742 -46.46 30.32 -39.65
CA ALA E 742 -47.90 30.11 -39.83
C ALA E 742 -48.69 30.58 -38.62
N GLU E 743 -48.21 30.27 -37.42
CA GLU E 743 -48.94 30.69 -36.22
C GLU E 743 -48.89 32.20 -36.04
N SER E 744 -47.77 32.83 -36.39
CA SER E 744 -47.69 34.28 -36.31
C SER E 744 -48.69 34.95 -37.24
N GLU E 745 -48.84 34.41 -38.44
CA GLU E 745 -49.79 34.95 -39.41
C GLU E 745 -51.21 34.54 -39.04
N ASP E 758 -48.99 20.81 -41.96
CA ASP E 758 -47.71 20.12 -42.09
C ASP E 758 -47.03 20.49 -43.40
N PRO E 759 -46.51 21.71 -43.47
CA PRO E 759 -45.81 22.13 -44.70
C PRO E 759 -44.58 21.31 -45.00
N VAL E 760 -44.02 20.60 -44.02
CA VAL E 760 -42.85 19.75 -44.24
C VAL E 760 -43.16 18.37 -43.68
N PRO E 761 -43.86 17.51 -44.43
CA PRO E 761 -44.26 16.20 -43.87
C PRO E 761 -43.20 15.13 -44.07
N GLU E 762 -42.26 15.37 -44.97
CA GLU E 762 -41.21 14.40 -45.26
C GLU E 762 -39.93 15.13 -45.63
N ILE E 763 -38.85 14.37 -45.76
CA ILE E 763 -37.53 14.93 -46.00
C ILE E 763 -37.40 15.17 -47.50
N THR E 764 -37.47 16.43 -47.91
CA THR E 764 -37.38 16.81 -49.31
C THR E 764 -35.96 16.60 -49.83
N ARG E 765 -35.82 16.62 -51.15
CA ARG E 765 -34.52 16.43 -51.77
C ARG E 765 -33.57 17.58 -51.43
N ARG E 766 -34.09 18.82 -51.40
CA ARG E 766 -33.24 19.95 -51.09
C ARG E 766 -32.53 19.75 -49.76
N HIS E 767 -33.19 19.08 -48.81
CA HIS E 767 -32.55 18.79 -47.53
C HIS E 767 -31.31 17.93 -47.72
N PHE E 768 -31.42 16.89 -48.55
CA PHE E 768 -30.28 16.02 -48.78
C PHE E 768 -29.18 16.74 -49.54
N GLU E 769 -29.55 17.62 -50.48
CA GLU E 769 -28.52 18.40 -51.16
C GLU E 769 -27.80 19.32 -50.18
N GLU E 770 -28.54 19.96 -49.28
CA GLU E 770 -27.90 20.81 -48.29
C GLU E 770 -26.98 20.01 -47.40
N ALA E 771 -27.42 18.82 -46.98
CA ALA E 771 -26.57 17.97 -46.14
C ALA E 771 -25.30 17.56 -46.89
N MET E 772 -25.45 17.19 -48.16
CA MET E 772 -24.30 16.75 -48.95
C MET E 772 -23.33 17.87 -49.23
N ARG E 773 -23.80 19.12 -49.27
CA ARG E 773 -22.91 20.23 -49.59
C ARG E 773 -21.70 20.25 -48.67
N PHE E 774 -21.88 19.89 -47.40
CA PHE E 774 -20.81 19.91 -46.41
C PHE E 774 -20.19 18.53 -46.20
N ALA E 775 -20.57 17.54 -47.00
CA ALA E 775 -20.11 16.18 -46.77
C ALA E 775 -18.59 16.11 -46.85
N ARG E 776 -17.98 15.44 -45.88
CA ARG E 776 -16.54 15.33 -45.79
C ARG E 776 -16.16 13.89 -45.52
N ARG E 777 -15.33 13.32 -46.38
CA ARG E 777 -14.84 11.97 -46.17
C ARG E 777 -13.97 11.92 -44.92
N SER E 778 -14.02 10.79 -44.22
CA SER E 778 -13.27 10.61 -42.98
C SER E 778 -12.03 9.74 -43.14
N VAL E 779 -11.92 8.99 -44.22
CA VAL E 779 -10.79 8.10 -44.45
C VAL E 779 -10.04 8.59 -45.69
N THR E 780 -8.79 8.96 -45.51
CA THR E 780 -7.98 9.44 -46.61
C THR E 780 -7.45 8.25 -47.42
N GLU E 781 -7.10 8.52 -48.68
CA GLU E 781 -6.57 7.46 -49.52
C GLU E 781 -5.28 6.90 -48.94
N ASN E 782 -4.54 7.71 -48.18
CA ASN E 782 -3.33 7.21 -47.54
C ASN E 782 -3.65 6.11 -46.55
N ASP E 783 -4.71 6.29 -45.75
CA ASP E 783 -5.08 5.26 -44.78
C ASP E 783 -5.54 3.99 -45.48
N VAL E 784 -6.32 4.11 -46.55
CA VAL E 784 -6.76 2.94 -47.28
C VAL E 784 -5.57 2.20 -47.85
N ARG E 785 -4.59 2.93 -48.38
CA ARG E 785 -3.39 2.28 -48.90
C ARG E 785 -2.62 1.60 -47.78
N LYS E 786 -2.58 2.22 -46.60
CA LYS E 786 -1.90 1.60 -45.47
C LYS E 786 -2.55 0.26 -45.11
N TYR E 787 -3.87 0.23 -45.05
CA TYR E 787 -4.56 -1.03 -44.77
C TYR E 787 -4.31 -2.06 -45.87
N GLU E 788 -4.33 -1.62 -47.12
CA GLU E 788 -4.06 -2.55 -48.22
C GLU E 788 -2.66 -3.12 -48.12
N MET E 789 -1.69 -2.30 -47.73
CA MET E 789 -0.33 -2.79 -47.53
C MET E 789 -0.27 -3.81 -46.40
N PHE E 790 -0.95 -3.53 -45.30
CA PHE E 790 -0.98 -4.52 -44.22
C PHE E 790 -1.61 -5.82 -44.69
N ALA E 791 -2.59 -5.73 -45.58
CA ALA E 791 -3.17 -6.94 -46.16
C ALA E 791 -2.15 -7.66 -47.04
N GLN E 792 -1.38 -6.91 -47.82
CA GLN E 792 -0.38 -7.52 -48.69
C GLN E 792 0.68 -8.25 -47.89
N THR E 793 1.17 -7.63 -46.81
CA THR E 793 2.14 -8.32 -45.96
C THR E 793 1.58 -9.64 -45.44
N LEU E 794 0.26 -9.75 -45.35
CA LEU E 794 -0.38 -11.00 -44.96
C LEU E 794 -0.55 -11.90 -46.17
N GLU F 229 18.09 -4.54 52.19
CA GLU F 229 19.32 -4.01 52.77
C GLU F 229 20.20 -3.40 51.69
N LYS F 230 20.62 -4.24 50.74
CA LYS F 230 21.48 -3.74 49.66
C LYS F 230 20.76 -2.70 48.82
N LEU F 231 19.47 -2.90 48.56
CA LEU F 231 18.71 -1.95 47.76
C LEU F 231 18.66 -0.59 48.44
N ASN F 232 18.48 -0.56 49.75
CA ASN F 232 18.37 0.68 50.49
C ASN F 232 19.72 1.39 50.66
N GLU F 233 20.81 0.74 50.30
CA GLU F 233 22.14 1.34 50.41
C GLU F 233 22.70 1.82 49.08
N ILE F 234 21.93 1.73 47.99
CA ILE F 234 22.41 2.19 46.70
C ILE F 234 22.46 3.71 46.70
N GLY F 235 23.59 4.26 46.26
CA GLY F 235 23.78 5.70 46.23
C GLY F 235 24.25 6.19 44.88
N TYR F 236 24.87 7.36 44.87
CA TYR F 236 25.36 7.92 43.61
C TYR F 236 26.64 7.24 43.14
N ASP F 237 27.40 6.66 44.07
CA ASP F 237 28.64 5.96 43.70
C ASP F 237 28.40 4.60 43.09
N ASP F 238 27.18 4.08 43.12
CA ASP F 238 26.85 2.77 42.58
C ASP F 238 26.24 2.85 41.19
N ILE F 239 26.16 4.03 40.60
CA ILE F 239 25.68 4.21 39.24
C ILE F 239 26.79 4.88 38.45
N GLY F 240 27.23 4.22 37.38
CA GLY F 240 28.26 4.78 36.53
C GLY F 240 27.75 5.03 35.12
N GLY F 241 28.49 5.83 34.35
CA GLY F 241 28.14 6.10 32.98
C GLY F 241 27.22 7.28 32.77
N CYS F 242 26.73 7.89 33.85
CA CYS F 242 25.87 9.06 33.75
C CYS F 242 26.25 10.00 34.90
N ARG F 243 27.12 10.96 34.61
CA ARG F 243 27.54 11.93 35.62
C ARG F 243 26.97 13.32 35.38
N LYS F 244 26.80 13.74 34.13
CA LYS F 244 26.11 15.00 33.87
C LYS F 244 24.63 14.89 34.20
N GLN F 245 23.97 13.84 33.69
CA GLN F 245 22.56 13.65 33.98
C GLN F 245 22.33 13.43 35.46
N LEU F 246 23.27 12.80 36.14
CA LEU F 246 23.10 12.56 37.56
C LEU F 246 23.13 13.86 38.35
N ALA F 247 24.06 14.76 38.00
CA ALA F 247 24.08 16.08 38.62
C ALA F 247 22.81 16.85 38.32
N GLN F 248 22.34 16.76 37.07
CA GLN F 248 21.10 17.44 36.70
C GLN F 248 19.93 16.95 37.56
N ILE F 249 19.78 15.63 37.67
CA ILE F 249 18.68 15.07 38.45
C ILE F 249 18.84 15.43 39.92
N LYS F 250 20.08 15.47 40.41
CA LYS F 250 20.31 15.90 41.79
C LYS F 250 19.77 17.30 42.00
N GLU F 251 20.15 18.24 41.14
CA GLU F 251 19.64 19.60 41.26
C GLU F 251 18.12 19.62 41.19
N MET F 252 17.54 18.84 40.29
CA MET F 252 16.10 18.89 40.08
C MET F 252 15.32 18.33 41.26
N VAL F 253 15.81 17.28 41.89
CA VAL F 253 15.03 16.51 42.86
C VAL F 253 15.53 16.73 44.28
N GLU F 254 16.81 16.48 44.54
CA GLU F 254 17.29 16.43 45.93
C GLU F 254 17.13 17.78 46.61
N LEU F 255 17.53 18.86 45.94
CA LEU F 255 17.47 20.17 46.58
C LEU F 255 16.05 20.59 46.92
N PRO F 256 15.08 20.52 46.00
CA PRO F 256 13.70 20.86 46.39
C PRO F 256 13.17 20.05 47.56
N LEU F 257 13.49 18.75 47.61
CA LEU F 257 12.98 17.90 48.67
C LEU F 257 13.71 18.10 49.98
N ARG F 258 14.91 18.68 49.96
CA ARG F 258 15.68 18.85 51.19
C ARG F 258 15.51 20.24 51.79
N HIS F 259 15.40 21.28 50.97
CA HIS F 259 15.13 22.64 51.44
C HIS F 259 13.99 23.24 50.63
N PRO F 260 12.76 22.78 50.83
CA PRO F 260 11.64 23.32 50.04
C PRO F 260 11.43 24.81 50.25
N GLN F 261 11.78 25.34 51.42
CA GLN F 261 11.51 26.74 51.72
C GLN F 261 12.29 27.67 50.79
N LEU F 262 13.56 27.36 50.55
CA LEU F 262 14.37 28.23 49.70
C LEU F 262 13.80 28.32 48.30
N PHE F 263 13.32 27.20 47.76
CA PHE F 263 12.75 27.22 46.42
C PHE F 263 11.39 27.89 46.38
N LYS F 264 10.56 27.64 47.41
CA LYS F 264 9.24 28.26 47.44
C LYS F 264 9.34 29.76 47.60
N ALA F 265 10.36 30.26 48.30
CA ALA F 265 10.50 31.70 48.48
C ALA F 265 10.66 32.41 47.15
N ILE F 266 11.62 31.96 46.33
CA ILE F 266 11.86 32.64 45.06
C ILE F 266 10.68 32.41 44.11
N GLY F 267 10.11 31.21 44.13
CA GLY F 267 9.06 30.86 43.19
C GLY F 267 9.52 29.91 42.10
N VAL F 268 10.30 28.91 42.46
CA VAL F 268 10.69 27.84 41.54
C VAL F 268 9.72 26.69 41.73
N LYS F 269 9.14 26.23 40.63
CA LYS F 269 8.19 25.13 40.66
C LYS F 269 8.94 23.81 40.53
N PRO F 270 8.90 22.92 41.52
CA PRO F 270 9.64 21.66 41.40
C PRO F 270 9.05 20.80 40.30
N PRO F 271 9.86 19.99 39.63
CA PRO F 271 9.32 19.13 38.58
C PRO F 271 8.39 18.07 39.16
N ARG F 272 7.44 17.66 38.34
CA ARG F 272 6.49 16.62 38.72
C ARG F 272 6.53 15.40 37.81
N GLY F 273 7.07 15.51 36.61
CA GLY F 273 7.26 14.36 35.75
C GLY F 273 8.61 14.34 35.08
N ILE F 274 9.40 13.32 35.40
CA ILE F 274 10.72 13.11 34.81
C ILE F 274 10.70 11.78 34.07
N LEU F 275 10.98 11.82 32.77
CA LEU F 275 11.02 10.65 31.94
C LEU F 275 12.48 10.41 31.52
N LEU F 276 13.02 9.26 31.90
CA LEU F 276 14.38 8.89 31.56
C LEU F 276 14.33 7.92 30.38
N TYR F 277 14.99 8.27 29.29
CA TYR F 277 15.00 7.44 28.10
C TYR F 277 16.42 7.20 27.64
N GLY F 278 16.64 6.07 26.98
CA GLY F 278 17.93 5.72 26.47
C GLY F 278 18.03 4.24 26.11
N PRO F 279 19.20 3.83 25.64
CA PRO F 279 19.36 2.43 25.27
C PRO F 279 19.24 1.53 26.47
N PRO F 280 18.83 0.28 26.28
CA PRO F 280 18.79 -0.67 27.39
C PRO F 280 20.19 -0.95 27.92
N GLY F 281 20.25 -1.45 29.15
CA GLY F 281 21.49 -1.82 29.76
C GLY F 281 22.16 -0.76 30.59
N THR F 282 21.65 0.47 30.54
CA THR F 282 22.22 1.54 31.34
C THR F 282 21.72 1.42 32.78
N GLY F 283 22.10 2.38 33.62
CA GLY F 283 21.71 2.36 35.00
C GLY F 283 20.51 3.21 35.32
N LYS F 284 19.72 3.55 34.30
CA LYS F 284 18.59 4.44 34.52
C LYS F 284 17.53 3.82 35.42
N THR F 285 17.56 2.50 35.60
CA THR F 285 16.65 1.86 36.54
C THR F 285 17.10 2.02 37.99
N LEU F 286 18.35 2.43 38.22
CA LEU F 286 18.86 2.66 39.55
C LEU F 286 18.90 4.13 39.94
N VAL F 287 18.70 5.04 38.99
CA VAL F 287 18.79 6.46 39.29
C VAL F 287 17.71 6.88 40.27
N ALA F 288 16.48 6.41 40.07
CA ALA F 288 15.40 6.76 40.98
C ALA F 288 15.69 6.27 42.39
N ARG F 289 16.18 5.04 42.53
CA ARG F 289 16.51 4.51 43.83
C ARG F 289 17.61 5.33 44.48
N ALA F 290 18.64 5.70 43.71
CA ALA F 290 19.72 6.48 44.27
C ALA F 290 19.24 7.84 44.76
N VAL F 291 18.39 8.51 43.97
CA VAL F 291 17.88 9.81 44.37
C VAL F 291 17.04 9.67 45.63
N ALA F 292 16.18 8.66 45.68
CA ALA F 292 15.35 8.45 46.85
C ALA F 292 16.20 8.20 48.09
N ASN F 293 17.23 7.38 47.97
CA ASN F 293 18.04 7.03 49.13
C ASN F 293 18.89 8.22 49.58
N GLU F 294 19.42 9.00 48.64
CA GLU F 294 20.28 10.11 49.00
C GLU F 294 19.49 11.29 49.54
N SER F 295 18.26 11.49 49.08
CA SER F 295 17.42 12.57 49.58
C SER F 295 16.59 12.15 50.79
N GLY F 296 16.69 10.90 51.22
CA GLY F 296 15.95 10.45 52.38
C GLY F 296 14.46 10.33 52.15
N SER F 297 14.02 10.16 50.91
CA SER F 297 12.61 10.13 50.58
C SER F 297 12.12 8.70 50.40
N PHE F 298 10.79 8.55 50.53
CA PHE F 298 10.14 7.28 50.32
C PHE F 298 10.22 6.87 48.86
N PHE F 299 10.27 5.56 48.63
CA PHE F 299 10.40 5.01 47.28
C PHE F 299 9.34 3.96 47.05
N PHE F 300 8.61 4.09 45.94
CA PHE F 300 7.62 3.10 45.52
C PHE F 300 7.90 2.74 44.07
N LEU F 301 7.92 1.43 43.79
CA LEU F 301 8.27 0.91 42.47
C LEU F 301 7.02 0.34 41.81
N ILE F 302 6.83 0.69 40.54
CA ILE F 302 5.75 0.13 39.72
C ILE F 302 6.39 -0.50 38.50
N ASN F 303 6.22 -1.81 38.33
CA ASN F 303 6.72 -2.53 37.18
C ASN F 303 5.59 -2.67 36.18
N GLY F 304 5.80 -2.15 34.97
CA GLY F 304 4.78 -2.18 33.95
C GLY F 304 4.29 -3.57 33.67
N PRO F 305 5.21 -4.51 33.42
CA PRO F 305 4.79 -5.90 33.21
C PRO F 305 3.99 -6.47 34.37
N GLU F 306 4.39 -6.17 35.60
CA GLU F 306 3.66 -6.70 36.75
C GLU F 306 2.25 -6.11 36.84
N ILE F 307 2.11 -4.82 36.59
CA ILE F 307 0.79 -4.20 36.61
C ILE F 307 -0.10 -4.79 35.51
N MET F 308 0.45 -4.96 34.32
CA MET F 308 -0.34 -5.44 33.20
C MET F 308 -0.53 -6.95 33.21
N SER F 309 0.12 -7.67 34.13
CA SER F 309 -0.06 -9.11 34.24
C SER F 309 -1.24 -9.49 35.09
N LYS F 310 -1.96 -8.52 35.65
CA LYS F 310 -3.05 -8.78 36.58
C LYS F 310 -4.39 -8.49 35.91
N LEU F 311 -5.46 -8.86 36.61
CA LEU F 311 -6.80 -8.77 36.05
C LEU F 311 -7.18 -7.31 35.82
N ALA F 312 -8.38 -7.11 35.28
CA ALA F 312 -8.80 -5.78 34.87
C ALA F 312 -8.81 -4.81 36.04
N GLY F 313 -9.40 -5.22 37.16
CA GLY F 313 -9.50 -4.31 38.29
C GLY F 313 -8.27 -4.27 39.16
N GLU F 314 -7.49 -5.35 39.17
CA GLU F 314 -6.30 -5.39 40.02
C GLU F 314 -5.27 -4.35 39.59
N SER F 315 -5.11 -4.15 38.28
CA SER F 315 -4.16 -3.15 37.80
C SER F 315 -4.54 -1.75 38.28
N GLU F 316 -5.82 -1.40 38.13
CA GLU F 316 -6.29 -0.09 38.57
C GLU F 316 -6.12 0.06 40.07
N SER F 317 -6.48 -0.98 40.82
CA SER F 317 -6.35 -0.91 42.27
C SER F 317 -4.89 -0.72 42.67
N ASN F 318 -3.98 -1.41 41.99
CA ASN F 318 -2.57 -1.31 42.34
C ASN F 318 -2.01 0.06 42.03
N LEU F 319 -2.35 0.63 40.88
CA LEU F 319 -1.88 1.99 40.57
C LEU F 319 -2.43 2.99 41.58
N ARG F 320 -3.73 2.90 41.88
CA ARG F 320 -4.31 3.83 42.84
C ARG F 320 -3.67 3.68 44.21
N LYS F 321 -3.45 2.45 44.66
CA LYS F 321 -2.83 2.24 45.96
C LYS F 321 -1.41 2.76 45.97
N ALA F 322 -0.67 2.60 44.88
CA ALA F 322 0.68 3.12 44.81
C ALA F 322 0.67 4.64 45.02
N PHE F 323 -0.17 5.34 44.26
CA PHE F 323 -0.20 6.80 44.38
C PHE F 323 -0.69 7.23 45.76
N GLU F 324 -1.69 6.54 46.31
CA GLU F 324 -2.20 6.90 47.63
C GLU F 324 -1.15 6.72 48.71
N GLU F 325 -0.43 5.60 48.68
CA GLU F 325 0.63 5.38 49.66
C GLU F 325 1.77 6.37 49.47
N ALA F 326 2.07 6.74 48.23
CA ALA F 326 3.09 7.76 48.01
C ALA F 326 2.68 9.10 48.62
N GLU F 327 1.41 9.47 48.47
CA GLU F 327 0.94 10.71 49.07
C GLU F 327 0.92 10.63 50.59
N LYS F 328 0.57 9.46 51.13
CA LYS F 328 0.50 9.30 52.57
C LYS F 328 1.86 9.51 53.23
N ASN F 329 2.91 8.98 52.61
CA ASN F 329 4.28 9.15 53.09
C ASN F 329 4.97 10.10 52.11
N ALA F 330 5.17 11.34 52.52
CA ALA F 330 5.80 12.34 51.69
C ALA F 330 6.97 12.97 52.44
N PRO F 331 8.01 13.40 51.73
CA PRO F 331 8.21 13.38 50.27
C PRO F 331 8.44 11.96 49.74
N ALA F 332 8.10 11.70 48.49
CA ALA F 332 8.20 10.35 47.95
C ALA F 332 8.53 10.43 46.47
N ILE F 333 9.03 9.32 45.94
CA ILE F 333 9.33 9.16 44.53
C ILE F 333 8.64 7.89 44.04
N ILE F 334 7.91 8.01 42.94
CA ILE F 334 7.23 6.88 42.31
C ILE F 334 7.93 6.61 40.98
N PHE F 335 8.50 5.41 40.85
CA PHE F 335 9.21 5.02 39.65
C PHE F 335 8.38 4.01 38.87
N ILE F 336 8.17 4.28 37.59
CA ILE F 336 7.39 3.41 36.71
C ILE F 336 8.35 2.84 35.68
N ASP F 337 8.79 1.60 35.90
CA ASP F 337 9.65 0.92 34.96
C ASP F 337 8.83 0.44 33.76
N GLU F 338 9.38 0.62 32.57
CA GLU F 338 8.73 0.19 31.33
C GLU F 338 7.35 0.86 31.20
N LEU F 339 7.37 2.18 31.09
CA LEU F 339 6.13 2.92 30.93
C LEU F 339 5.44 2.58 29.62
N ASP F 340 6.20 2.18 28.60
CA ASP F 340 5.59 1.79 27.34
C ASP F 340 4.71 0.57 27.48
N ALA F 341 4.88 -0.21 28.55
CA ALA F 341 4.00 -1.35 28.79
C ALA F 341 2.63 -0.90 29.27
N ILE F 342 2.59 0.09 30.16
CA ILE F 342 1.33 0.58 30.69
C ILE F 342 0.63 1.49 29.70
N ALA F 343 1.36 2.44 29.13
CA ALA F 343 0.80 3.47 28.27
C ALA F 343 1.54 3.50 26.95
N PRO F 344 1.31 2.53 26.08
CA PRO F 344 1.90 2.55 24.75
C PRO F 344 1.15 3.53 23.86
N LYS F 345 1.62 3.65 22.63
CA LYS F 345 0.98 4.56 21.68
C LYS F 345 -0.46 4.11 21.43
N ARG F 346 -1.34 5.09 21.22
CA ARG F 346 -2.77 4.79 21.12
C ARG F 346 -3.05 3.72 20.08
N GLU F 347 -2.28 3.70 19.00
CA GLU F 347 -2.53 2.72 17.95
C GLU F 347 -2.30 1.30 18.45
N LYS F 348 -1.26 1.10 19.26
CA LYS F 348 -0.90 -0.26 19.68
C LYS F 348 -2.04 -0.93 20.45
N THR F 349 -2.66 -0.20 21.37
CA THR F 349 -3.73 -0.77 22.17
C THR F 349 -4.93 -1.13 21.29
N HIS F 350 -5.56 -2.26 21.61
CA HIS F 350 -6.73 -2.72 20.87
C HIS F 350 -7.85 -3.19 21.81
N GLY F 351 -7.79 -2.81 23.09
CA GLY F 351 -8.77 -3.25 24.05
C GLY F 351 -9.25 -2.11 24.92
N GLU F 352 -10.35 -2.34 25.62
CA GLU F 352 -10.89 -1.34 26.53
C GLU F 352 -10.06 -1.26 27.81
N VAL F 353 -9.59 -2.41 28.31
CA VAL F 353 -8.92 -2.44 29.61
C VAL F 353 -7.64 -1.61 29.56
N GLU F 354 -6.88 -1.72 28.46
CA GLU F 354 -5.61 -1.03 28.36
C GLU F 354 -5.81 0.49 28.32
N ARG F 355 -6.77 0.95 27.51
CA ARG F 355 -7.06 2.38 27.47
C ARG F 355 -7.59 2.88 28.80
N ARG F 356 -8.36 2.06 29.52
CA ARG F 356 -8.81 2.48 30.84
C ARG F 356 -7.62 2.63 31.78
N ILE F 357 -6.64 1.73 31.70
CA ILE F 357 -5.46 1.87 32.56
C ILE F 357 -4.69 3.14 32.22
N VAL F 358 -4.54 3.42 30.92
CA VAL F 358 -3.82 4.64 30.51
C VAL F 358 -4.55 5.87 31.05
N SER F 359 -5.87 5.90 30.93
CA SER F 359 -6.63 7.05 31.42
C SER F 359 -6.52 7.17 32.95
N GLN F 360 -6.50 6.04 33.65
CA GLN F 360 -6.32 6.07 35.09
C GLN F 360 -4.98 6.69 35.44
N LEU F 361 -3.93 6.31 34.71
CA LEU F 361 -2.61 6.89 34.97
C LEU F 361 -2.63 8.39 34.72
N LEU F 362 -3.27 8.82 33.62
CA LEU F 362 -3.36 10.24 33.34
C LEU F 362 -4.07 10.99 34.44
N THR F 363 -5.19 10.44 34.92
CA THR F 363 -5.95 11.10 35.98
C THR F 363 -5.13 11.19 37.26
N LEU F 364 -4.43 10.12 37.62
CA LEU F 364 -3.60 10.15 38.82
C LEU F 364 -2.48 11.18 38.70
N MET F 365 -1.86 11.25 37.52
CA MET F 365 -0.80 12.25 37.32
C MET F 365 -1.34 13.66 37.46
N ASP F 366 -2.51 13.93 36.88
CA ASP F 366 -3.10 15.26 36.98
C ASP F 366 -3.61 15.57 38.38
N GLY F 367 -3.86 14.54 39.19
CA GLY F 367 -4.38 14.74 40.53
C GLY F 367 -3.36 15.07 41.58
N LEU F 368 -2.09 15.18 41.21
CA LEU F 368 -1.04 15.50 42.18
C LEU F 368 -1.07 17.00 42.45
N LYS F 369 -1.40 17.37 43.69
CA LYS F 369 -1.45 18.77 44.06
C LYS F 369 -0.08 19.41 43.86
N GLN F 370 -0.06 20.74 43.92
CA GLN F 370 1.18 21.47 43.76
C GLN F 370 2.11 21.31 44.95
N ARG F 371 1.60 20.84 46.09
CA ARG F 371 2.37 20.75 47.33
C ARG F 371 2.42 19.34 47.89
N SER F 372 2.15 18.33 47.07
CA SER F 372 2.14 16.96 47.58
C SER F 372 3.54 16.40 47.81
N HIS F 373 4.58 17.05 47.28
CA HIS F 373 5.95 16.58 47.44
C HIS F 373 6.13 15.15 46.92
N VAL F 374 5.51 14.85 45.78
CA VAL F 374 5.63 13.55 45.13
C VAL F 374 6.15 13.78 43.72
N ILE F 375 7.28 13.16 43.41
CA ILE F 375 7.90 13.24 42.09
C ILE F 375 7.77 11.88 41.42
N VAL F 376 7.20 11.87 40.23
CA VAL F 376 6.96 10.64 39.48
C VAL F 376 8.05 10.53 38.41
N MET F 377 8.90 9.53 38.52
CA MET F 377 9.91 9.23 37.52
C MET F 377 9.48 8.01 36.70
N ALA F 378 9.93 7.97 35.46
CA ALA F 378 9.60 6.88 34.55
C ALA F 378 10.80 6.56 33.69
N ALA F 379 10.78 5.37 33.10
CA ALA F 379 11.88 4.90 32.28
C ALA F 379 11.32 4.22 31.04
N THR F 380 11.86 4.57 29.88
CA THR F 380 11.48 3.94 28.63
C THR F 380 12.70 3.87 27.73
N ASN F 381 12.55 3.20 26.59
CA ASN F 381 13.62 3.09 25.62
C ASN F 381 13.63 4.26 24.66
N ARG F 382 12.48 4.58 24.08
CA ARG F 382 12.33 5.72 23.20
C ARG F 382 11.09 6.50 23.64
N PRO F 383 11.18 7.82 23.80
CA PRO F 383 10.00 8.58 24.23
C PRO F 383 8.82 8.49 23.26
N ASN F 384 9.09 8.23 21.98
CA ASN F 384 8.00 8.17 21.01
C ASN F 384 7.09 6.98 21.22
N SER F 385 7.52 5.99 22.00
CA SER F 385 6.70 4.81 22.26
C SER F 385 5.68 5.02 23.37
N VAL F 386 5.68 6.19 24.00
CA VAL F 386 4.73 6.50 25.07
C VAL F 386 3.57 7.28 24.48
N ASP F 387 2.41 7.14 25.11
CA ASP F 387 1.23 7.85 24.63
C ASP F 387 1.50 9.35 24.65
N PRO F 388 1.24 10.07 23.55
CA PRO F 388 1.54 11.52 23.55
C PRO F 388 0.87 12.27 24.68
N ALA F 389 -0.31 11.85 25.13
CA ALA F 389 -0.99 12.57 26.20
C ALA F 389 -0.13 12.64 27.45
N LEU F 390 0.67 11.63 27.71
CA LEU F 390 1.52 11.63 28.89
C LEU F 390 2.64 12.65 28.80
N ARG F 391 3.02 13.07 27.59
CA ARG F 391 4.16 13.96 27.38
C ARG F 391 3.70 15.41 27.24
N ARG F 392 2.72 15.80 28.02
CA ARG F 392 2.15 17.15 27.91
C ARG F 392 2.63 17.91 29.10
N PHE F 393 2.33 19.19 29.15
CA PHE F 393 2.72 20.02 30.28
C PHE F 393 1.90 19.62 31.50
N GLY F 394 2.59 19.41 32.62
CA GLY F 394 1.96 19.03 33.86
C GLY F 394 2.00 17.54 34.15
N ARG F 395 2.20 16.71 33.14
CA ARG F 395 2.28 15.26 33.33
C ARG F 395 3.70 14.73 33.30
N PHE F 396 4.39 14.87 32.16
CA PHE F 396 5.79 14.46 32.02
C PHE F 396 6.46 15.54 31.19
N ASP F 397 6.97 16.57 31.87
CA ASP F 397 7.50 17.74 31.19
C ASP F 397 9.03 17.78 31.17
N ARG F 398 9.70 16.98 31.99
CA ARG F 398 11.15 16.89 31.95
C ARG F 398 11.54 15.55 31.34
N GLU F 399 12.42 15.59 30.34
CA GLU F 399 12.91 14.39 29.69
C GLU F 399 14.44 14.40 29.70
N ILE F 400 15.03 13.32 30.20
CA ILE F 400 16.47 13.19 30.32
C ILE F 400 16.91 11.93 29.60
N GLU F 401 18.01 12.02 28.85
CA GLU F 401 18.55 10.90 28.10
C GLU F 401 19.75 10.33 28.83
N ILE F 402 19.66 9.06 29.22
CA ILE F 402 20.78 8.32 29.78
C ILE F 402 21.31 7.46 28.64
N GLY F 403 22.31 7.98 27.94
CA GLY F 403 22.78 7.40 26.71
C GLY F 403 24.03 6.56 26.87
N ILE F 404 24.67 6.26 25.74
CA ILE F 404 25.85 5.39 25.74
C ILE F 404 26.96 6.06 26.54
N PRO F 405 27.69 5.34 27.38
CA PRO F 405 28.79 5.97 28.12
C PRO F 405 30.00 6.24 27.23
N ASP F 406 30.76 7.25 27.61
CA ASP F 406 32.02 7.55 26.97
C ASP F 406 33.15 6.83 27.72
N SER F 407 34.40 7.17 27.41
CA SER F 407 35.52 6.44 27.98
C SER F 407 35.56 6.54 29.50
N ILE F 408 35.35 7.74 30.03
CA ILE F 408 35.38 7.93 31.48
C ILE F 408 34.24 7.15 32.13
N GLY F 409 33.06 7.22 31.54
CA GLY F 409 31.94 6.47 32.08
C GLY F 409 32.18 4.98 32.02
N ARG F 410 32.79 4.49 30.94
CA ARG F 410 33.10 3.08 30.84
C ARG F 410 34.09 2.66 31.92
N LEU F 411 35.09 3.50 32.19
CA LEU F 411 36.03 3.18 33.26
C LEU F 411 35.32 3.15 34.61
N GLU F 412 34.41 4.10 34.84
CA GLU F 412 33.66 4.09 36.10
C GLU F 412 32.85 2.81 36.24
N ILE F 413 32.18 2.38 35.17
CA ILE F 413 31.40 1.15 35.23
C ILE F 413 32.30 -0.05 35.51
N LEU F 414 33.45 -0.10 34.83
CA LEU F 414 34.36 -1.22 35.05
C LEU F 414 34.84 -1.24 36.49
N ARG F 415 35.08 -0.08 37.07
CA ARG F 415 35.54 -0.05 38.45
C ARG F 415 34.44 -0.42 39.42
N ILE F 416 33.18 -0.14 39.06
CA ILE F 416 32.06 -0.55 39.91
C ILE F 416 31.88 -2.07 39.86
N HIS F 417 31.99 -2.66 38.67
CA HIS F 417 31.73 -4.09 38.52
C HIS F 417 32.88 -4.95 39.02
N THR F 418 34.11 -4.45 38.95
CA THR F 418 35.27 -5.19 39.42
C THR F 418 35.55 -4.96 40.90
N ARG F 419 34.52 -4.58 41.67
CA ARG F 419 34.74 -4.29 43.08
C ARG F 419 34.99 -5.56 43.88
N ASN F 420 34.25 -6.63 43.58
CA ASN F 420 34.41 -7.89 44.29
C ASN F 420 35.34 -8.87 43.57
N ILE F 421 35.56 -8.69 42.28
CA ILE F 421 36.51 -9.53 41.57
C ILE F 421 37.93 -9.17 41.99
N ARG F 422 38.81 -10.17 42.01
CA ARG F 422 40.20 -9.99 42.36
C ARG F 422 41.02 -9.87 41.09
N LEU F 423 41.68 -8.73 40.92
CA LEU F 423 42.41 -8.42 39.70
C LEU F 423 43.91 -8.57 39.92
N ALA F 424 44.63 -8.83 38.83
CA ALA F 424 46.07 -8.96 38.87
C ALA F 424 46.72 -7.59 38.83
N GLU F 425 48.02 -7.55 39.14
CA GLU F 425 48.75 -6.30 39.17
C GLU F 425 48.98 -5.71 37.79
N ASP F 426 48.76 -6.49 36.73
CA ASP F 426 48.99 -6.02 35.36
C ASP F 426 47.71 -5.56 34.67
N VAL F 427 46.60 -5.47 35.40
CA VAL F 427 45.33 -5.08 34.82
C VAL F 427 45.24 -3.56 34.84
N GLU F 428 45.21 -2.96 33.65
CA GLU F 428 45.04 -1.51 33.48
C GLU F 428 43.66 -1.29 32.87
N LEU F 429 42.67 -1.04 33.72
CA LEU F 429 41.29 -0.93 33.25
C LEU F 429 41.11 0.22 32.29
N GLU F 430 42.02 1.20 32.29
CA GLU F 430 41.85 2.35 31.41
C GLU F 430 41.89 1.95 29.95
N LYS F 431 42.79 1.05 29.57
CA LYS F 431 42.87 0.63 28.18
C LYS F 431 41.63 -0.17 27.78
N ILE F 432 41.14 -1.05 28.66
CA ILE F 432 39.93 -1.79 28.37
C ILE F 432 38.77 -0.83 28.17
N ALA F 433 38.69 0.21 29.00
CA ALA F 433 37.64 1.21 28.84
C ALA F 433 37.78 1.93 27.52
N ASN F 434 39.01 2.26 27.12
CA ASN F 434 39.21 3.01 25.89
C ASN F 434 38.89 2.18 24.66
N GLU F 435 39.12 0.87 24.71
CA GLU F 435 38.90 0.02 23.56
C GLU F 435 37.50 -0.58 23.50
N ALA F 436 36.65 -0.33 24.49
CA ALA F 436 35.34 -0.96 24.57
C ALA F 436 34.29 -0.03 23.95
N HIS F 437 34.31 0.05 22.62
CA HIS F 437 33.38 0.88 21.89
C HIS F 437 32.00 0.23 21.84
N GLY F 438 30.97 1.06 21.96
CA GLY F 438 29.60 0.58 21.84
C GLY F 438 29.12 -0.26 22.99
N HIS F 439 29.72 -0.12 24.16
CA HIS F 439 29.39 -0.93 25.33
C HIS F 439 28.56 -0.12 26.31
N VAL F 440 27.58 -0.79 26.91
CA VAL F 440 26.77 -0.21 27.98
C VAL F 440 27.13 -0.96 29.26
N GLY F 441 26.53 -0.56 30.38
CA GLY F 441 26.92 -1.16 31.66
C GLY F 441 26.76 -2.67 31.67
N ALA F 442 25.64 -3.17 31.16
CA ALA F 442 25.42 -4.61 31.14
C ALA F 442 26.49 -5.31 30.30
N ASP F 443 26.85 -4.72 29.16
CA ASP F 443 27.88 -5.32 28.31
C ASP F 443 29.22 -5.39 29.04
N LEU F 444 29.57 -4.34 29.77
CA LEU F 444 30.83 -4.35 30.51
C LEU F 444 30.80 -5.39 31.63
N ALA F 445 29.65 -5.54 32.29
CA ALA F 445 29.54 -6.59 33.30
C ALA F 445 29.72 -7.97 32.68
N SER F 446 29.10 -8.20 31.51
CA SER F 446 29.29 -9.46 30.81
C SER F 446 30.74 -9.66 30.42
N LEU F 447 31.43 -8.58 30.03
CA LEU F 447 32.84 -8.68 29.68
C LEU F 447 33.66 -9.12 30.89
N CYS F 448 33.40 -8.53 32.05
CA CYS F 448 34.12 -8.93 33.25
C CYS F 448 33.85 -10.39 33.60
N SER F 449 32.59 -10.81 33.47
CA SER F 449 32.25 -12.21 33.75
C SER F 449 32.99 -13.15 32.79
N GLU F 450 33.05 -12.81 31.51
CA GLU F 450 33.75 -13.65 30.55
C GLU F 450 35.24 -13.71 30.84
N ALA F 451 35.83 -12.58 31.25
CA ALA F 451 37.24 -12.59 31.60
C ALA F 451 37.50 -13.51 32.79
N ALA F 452 36.65 -13.44 33.81
CA ALA F 452 36.83 -14.32 34.96
C ALA F 452 36.66 -15.79 34.57
N LEU F 453 35.69 -16.08 33.71
CA LEU F 453 35.50 -17.45 33.26
C LEU F 453 36.70 -17.94 32.46
N GLN F 454 37.31 -17.06 31.66
CA GLN F 454 38.51 -17.43 30.94
C GLN F 454 39.65 -17.75 31.91
N GLN F 455 39.77 -16.96 32.99
CA GLN F 455 40.78 -17.26 33.99
C GLN F 455 40.57 -18.64 34.59
N ILE F 456 39.32 -18.96 34.96
CA ILE F 456 39.03 -20.29 35.51
C ILE F 456 39.38 -21.36 34.49
N ARG F 457 39.01 -21.13 33.23
CA ARG F 457 39.28 -22.11 32.18
C ARG F 457 40.77 -22.37 32.04
N ASN F 458 41.58 -21.31 32.08
CA ASN F 458 43.01 -21.47 31.91
C ASN F 458 43.66 -22.13 33.11
N LYS F 459 43.16 -21.87 34.32
CA LYS F 459 43.82 -22.40 35.51
C LYS F 459 43.33 -23.81 35.85
N MET F 460 42.03 -23.98 36.08
CA MET F 460 41.51 -25.26 36.56
C MET F 460 41.55 -26.35 35.50
N ASN F 461 41.72 -26.00 34.22
CA ASN F 461 41.73 -27.02 33.18
C ASN F 461 42.85 -28.03 33.41
N LEU F 462 44.07 -27.53 33.64
CA LEU F 462 45.19 -28.43 33.92
C LEU F 462 45.13 -28.96 35.36
N ILE F 463 44.69 -28.13 36.30
CA ILE F 463 44.61 -28.53 37.70
C ILE F 463 43.21 -29.03 38.01
N ILE F 470 38.00 -29.09 44.60
CA ILE F 470 39.13 -28.26 44.19
C ILE F 470 39.88 -27.79 45.43
N ASP F 471 41.20 -27.98 45.42
CA ASP F 471 42.00 -27.58 46.57
C ASP F 471 41.97 -26.07 46.76
N ALA F 472 42.07 -25.64 48.02
CA ALA F 472 42.05 -24.21 48.32
C ALA F 472 43.26 -23.49 47.73
N GLU F 473 44.29 -24.23 47.32
CA GLU F 473 45.44 -23.60 46.69
C GLU F 473 45.05 -22.87 45.42
N VAL F 474 44.26 -23.52 44.57
CA VAL F 474 43.84 -22.90 43.32
C VAL F 474 42.87 -21.76 43.59
N LEU F 475 41.96 -21.95 44.55
CA LEU F 475 40.94 -20.94 44.81
C LEU F 475 41.54 -19.61 45.21
N ASN F 476 42.68 -19.63 45.89
CA ASN F 476 43.30 -18.41 46.39
C ASN F 476 44.34 -17.83 45.43
N SER F 477 44.55 -18.47 44.28
CA SER F 477 45.54 -18.00 43.31
C SER F 477 44.89 -17.55 42.00
N LEU F 478 43.62 -17.14 42.05
CA LEU F 478 42.89 -16.69 40.88
C LEU F 478 42.85 -15.17 40.85
N ALA F 479 43.31 -14.59 39.75
CA ALA F 479 43.28 -13.14 39.57
C ALA F 479 43.15 -12.86 38.09
N VAL F 480 42.07 -12.20 37.68
CA VAL F 480 41.84 -11.94 36.27
C VAL F 480 42.99 -11.11 35.72
N THR F 481 43.60 -11.59 34.64
CA THR F 481 44.74 -10.95 34.02
C THR F 481 44.30 -10.07 32.86
N MET F 482 45.25 -9.29 32.34
CA MET F 482 44.94 -8.41 31.22
C MET F 482 44.71 -9.20 29.94
N ASP F 483 45.41 -10.32 29.77
CA ASP F 483 45.18 -11.17 28.60
C ASP F 483 43.75 -11.68 28.59
N ASP F 484 43.22 -12.04 29.75
CA ASP F 484 41.84 -12.49 29.84
C ASP F 484 40.88 -11.39 29.43
N PHE F 485 41.13 -10.16 29.88
CA PHE F 485 40.28 -9.04 29.51
C PHE F 485 40.33 -8.79 28.01
N ARG F 486 41.52 -8.90 27.41
CA ARG F 486 41.63 -8.73 25.97
C ARG F 486 40.86 -9.81 25.23
N TRP F 487 40.97 -11.05 25.69
CA TRP F 487 40.23 -12.14 25.07
C TRP F 487 38.73 -11.88 25.16
N ALA F 488 38.26 -11.43 26.32
CA ALA F 488 36.84 -11.14 26.49
C ALA F 488 36.41 -10.01 25.55
N LEU F 489 37.21 -8.96 25.45
CA LEU F 489 36.86 -7.84 24.60
C LEU F 489 36.78 -8.26 23.14
N GLY F 490 37.72 -9.12 22.70
CA GLY F 490 37.70 -9.56 21.32
C GLY F 490 36.44 -10.33 20.96
N LYS F 491 35.99 -11.20 21.85
CA LYS F 491 34.83 -12.04 21.61
C LYS F 491 33.51 -11.41 22.01
N SER F 492 33.54 -10.18 22.51
CA SER F 492 32.32 -9.52 22.95
C SER F 492 31.54 -8.98 21.76
N ASN F 493 30.21 -9.06 21.87
CA ASN F 493 29.30 -8.54 20.85
C ASN F 493 28.46 -7.46 21.52
N PRO F 494 28.96 -6.22 21.59
CA PRO F 494 28.22 -5.18 22.30
C PRO F 494 26.86 -4.90 21.66
N SER F 495 25.91 -4.53 22.50
CA SER F 495 24.53 -4.37 22.10
C SER F 495 24.22 -2.98 21.56
N ALA F 496 25.17 -2.06 21.56
CA ALA F 496 24.91 -0.67 21.18
C ALA F 496 26.00 -0.15 20.25
N LEU F 497 26.32 -0.92 19.21
CA LEU F 497 27.27 -0.45 18.20
C LEU F 497 26.64 0.57 17.27
N ARG F 498 25.37 0.43 16.94
CA ARG F 498 24.72 1.26 15.94
C ARG F 498 24.11 2.53 16.51
N GLU F 499 24.28 2.77 17.81
CA GLU F 499 23.75 3.97 18.43
C GLU F 499 24.68 5.15 18.18
N THR F 500 24.11 6.28 17.80
CA THR F 500 24.90 7.48 17.58
C THR F 500 25.57 7.91 18.88
N THR F 501 26.81 8.37 18.76
CA THR F 501 27.60 8.80 19.91
C THR F 501 27.75 10.31 19.89
N VAL F 502 27.48 10.94 21.02
CA VAL F 502 27.65 12.38 21.21
C VAL F 502 28.75 12.57 22.26
N GLU F 503 29.92 13.02 21.82
CA GLU F 503 31.05 13.19 22.72
C GLU F 503 32.02 14.19 22.11
N VAL F 504 32.98 14.62 22.91
CA VAL F 504 34.02 15.54 22.48
C VAL F 504 35.18 14.72 21.92
N PRO F 505 35.45 14.77 20.62
CA PRO F 505 36.50 13.91 20.07
C PRO F 505 37.88 14.30 20.56
N ASN F 506 38.77 13.33 20.58
CA ASN F 506 40.13 13.51 21.06
C ASN F 506 41.12 13.73 19.93
N VAL F 507 40.67 14.31 18.81
CA VAL F 507 41.53 14.62 17.68
C VAL F 507 41.97 16.07 17.80
N THR F 508 43.28 16.28 17.83
CA THR F 508 43.86 17.61 17.96
C THR F 508 44.31 18.13 16.61
N TRP F 509 44.65 19.42 16.58
CA TRP F 509 45.09 20.04 15.34
C TRP F 509 46.37 19.40 14.83
N ASP F 510 47.26 19.02 15.74
CA ASP F 510 48.56 18.47 15.35
C ASP F 510 48.42 17.18 14.55
N ASP F 511 47.31 16.47 14.67
CA ASP F 511 47.14 15.21 13.97
C ASP F 511 46.77 15.38 12.51
N ILE F 512 46.39 16.58 12.08
CA ILE F 512 45.98 16.81 10.69
C ILE F 512 46.86 17.86 10.05
N GLY F 513 47.43 18.75 10.86
CA GLY F 513 48.24 19.82 10.35
C GLY F 513 47.39 20.89 9.69
N GLY F 514 46.78 20.55 8.57
CA GLY F 514 45.90 21.47 7.88
C GLY F 514 46.60 22.76 7.51
N LEU F 515 45.79 23.72 7.09
CA LEU F 515 46.26 25.05 6.74
C LEU F 515 46.01 26.01 7.90
N GLU F 516 46.57 27.21 7.78
CA GLU F 516 46.29 28.27 8.72
C GLU F 516 45.05 29.06 8.35
N ASN F 517 44.80 29.26 7.06
CA ASN F 517 43.59 29.95 6.63
C ASN F 517 42.35 29.17 7.06
N VAL F 518 42.35 27.85 6.82
CA VAL F 518 41.20 27.04 7.18
C VAL F 518 41.01 27.04 8.69
N LYS F 519 42.10 26.91 9.46
CA LYS F 519 41.99 26.86 10.90
C LYS F 519 41.48 28.17 11.49
N ARG F 520 41.89 29.27 10.89
CA ARG F 520 41.52 30.62 11.37
C ARG F 520 40.08 30.91 10.99
N GLU F 521 39.61 30.49 9.82
CA GLU F 521 38.21 30.67 9.44
C GLU F 521 37.30 29.80 10.32
N LEU F 522 37.69 28.53 10.52
CA LEU F 522 36.90 27.66 11.37
C LEU F 522 36.84 28.18 12.79
N GLN F 523 37.95 28.73 13.29
CA GLN F 523 37.92 29.33 14.62
C GLN F 523 36.93 30.48 14.67
N GLU F 524 37.01 31.39 13.71
CA GLU F 524 36.07 32.51 13.68
C GLU F 524 34.64 32.02 13.69
N LEU F 525 34.35 30.95 12.94
CA LEU F 525 32.96 30.51 12.80
C LEU F 525 32.46 29.81 14.06
N VAL F 526 33.27 28.94 14.65
CA VAL F 526 32.80 28.07 15.72
C VAL F 526 33.24 28.55 17.09
N GLN F 527 34.53 28.82 17.27
CA GLN F 527 35.06 29.07 18.60
C GLN F 527 34.59 30.42 19.13
N TYR F 528 34.68 31.47 18.32
CA TYR F 528 34.35 32.80 18.81
C TYR F 528 32.93 32.88 19.35
N PRO F 529 31.90 32.40 18.66
CA PRO F 529 30.56 32.43 19.26
C PRO F 529 30.46 31.70 20.58
N VAL F 530 31.13 30.56 20.72
CA VAL F 530 31.00 29.77 21.94
C VAL F 530 31.78 30.42 23.08
N GLU F 531 32.99 30.92 22.79
CA GLU F 531 33.85 31.44 23.84
C GLU F 531 33.56 32.89 24.19
N HIS F 532 33.25 33.73 23.20
CA HIS F 532 33.04 35.15 23.41
C HIS F 532 31.71 35.57 22.80
N PRO F 533 30.59 35.20 23.42
CA PRO F 533 29.29 35.66 22.92
C PRO F 533 29.00 37.11 23.24
N ASP F 534 29.60 37.64 24.31
CA ASP F 534 29.37 39.04 24.67
C ASP F 534 29.81 39.97 23.56
N LYS F 535 30.86 39.62 22.81
CA LYS F 535 31.30 40.49 21.74
C LYS F 535 30.34 40.48 20.56
N PHE F 536 29.77 39.33 20.24
CA PHE F 536 28.75 39.29 19.21
C PHE F 536 27.53 40.08 19.64
N LEU F 537 27.17 40.00 20.93
CA LEU F 537 26.00 40.75 21.40
C LEU F 537 26.27 42.25 21.38
N LYS F 538 27.47 42.68 21.77
CA LYS F 538 27.77 44.12 21.78
C LYS F 538 27.83 44.68 20.37
N PHE F 539 28.42 43.93 19.42
CA PHE F 539 28.40 44.41 18.04
C PHE F 539 27.09 44.11 17.35
N GLY F 540 26.19 43.37 17.98
CA GLY F 540 24.83 43.24 17.49
C GLY F 540 24.69 42.66 16.10
N MET F 541 25.38 41.56 15.81
CA MET F 541 25.19 40.85 14.55
C MET F 541 25.23 39.35 14.83
N THR F 542 24.21 38.63 14.40
CA THR F 542 24.13 37.21 14.68
C THR F 542 25.13 36.44 13.82
N PRO F 543 25.82 35.46 14.39
CA PRO F 543 26.77 34.68 13.59
C PRO F 543 26.08 33.83 12.54
N SER F 544 26.82 33.57 11.45
CA SER F 544 26.33 32.69 10.39
C SER F 544 26.80 31.27 10.68
N LYS F 545 25.85 30.35 10.77
CA LYS F 545 26.11 28.96 11.11
C LYS F 545 25.86 28.08 9.89
N GLY F 546 26.82 27.23 9.58
CA GLY F 546 26.74 26.40 8.39
C GLY F 546 27.95 26.56 7.49
N VAL F 547 28.64 25.45 7.24
CA VAL F 547 29.81 25.42 6.37
C VAL F 547 29.70 24.22 5.46
N LEU F 548 30.32 24.33 4.28
CA LEU F 548 30.46 23.20 3.37
C LEU F 548 31.94 23.05 3.01
N PHE F 549 32.51 21.92 3.38
CA PHE F 549 33.86 21.57 2.98
C PHE F 549 33.83 20.85 1.64
N TYR F 550 34.68 21.28 0.72
CA TYR F 550 34.85 20.57 -0.54
C TYR F 550 36.33 20.45 -0.86
N GLY F 551 36.70 19.34 -1.49
CA GLY F 551 38.08 19.07 -1.82
C GLY F 551 38.28 17.64 -2.24
N PRO F 552 39.51 17.28 -2.59
CA PRO F 552 39.77 15.93 -3.07
C PRO F 552 39.45 14.91 -1.99
N PRO F 553 39.00 13.72 -2.37
CA PRO F 553 38.74 12.69 -1.37
C PRO F 553 39.98 12.34 -0.57
N GLY F 554 39.78 12.04 0.70
CA GLY F 554 40.85 11.58 1.55
C GLY F 554 41.73 12.66 2.14
N CYS F 555 41.37 13.94 1.99
CA CYS F 555 42.20 15.01 2.50
C CYS F 555 41.95 15.32 3.97
N GLY F 556 40.96 14.72 4.60
CA GLY F 556 40.77 14.86 6.02
C GLY F 556 39.82 15.99 6.42
N LYS F 557 38.66 16.04 5.79
CA LYS F 557 37.62 16.97 6.20
C LYS F 557 36.98 16.56 7.52
N THR F 558 36.70 15.26 7.67
CA THR F 558 36.09 14.77 8.90
C THR F 558 36.99 15.02 10.11
N LEU F 559 38.29 14.81 9.94
CA LEU F 559 39.22 15.10 11.03
C LEU F 559 39.26 16.60 11.32
N LEU F 560 39.09 17.45 10.32
CA LEU F 560 39.02 18.89 10.57
C LEU F 560 37.81 19.23 11.44
N ALA F 561 36.66 18.64 11.12
CA ALA F 561 35.48 18.88 11.94
C ALA F 561 35.70 18.40 13.37
N LYS F 562 36.25 17.21 13.54
CA LYS F 562 36.51 16.70 14.88
C LYS F 562 37.49 17.61 15.62
N ALA F 563 38.51 18.09 14.94
CA ALA F 563 39.51 18.93 15.59
C ALA F 563 38.90 20.24 16.06
N ILE F 564 38.07 20.87 15.22
CA ILE F 564 37.46 22.12 15.65
C ILE F 564 36.50 21.87 16.80
N ALA F 565 35.80 20.73 16.80
CA ALA F 565 34.96 20.40 17.94
C ALA F 565 35.79 20.25 19.20
N ASN F 566 36.94 19.59 19.10
CA ASN F 566 37.79 19.37 20.26
C ASN F 566 38.33 20.69 20.80
N GLU F 567 38.69 21.61 19.92
CA GLU F 567 39.26 22.88 20.37
C GLU F 567 38.28 23.63 21.26
N CYS F 568 37.01 23.66 20.88
CA CYS F 568 35.99 24.39 21.61
C CYS F 568 35.29 23.56 22.67
N GLN F 569 35.72 22.31 22.87
CA GLN F 569 35.07 21.41 23.83
C GLN F 569 33.58 21.32 23.54
N ALA F 570 33.25 21.15 22.27
CA ALA F 570 31.88 21.01 21.81
C ALA F 570 31.63 19.58 21.36
N ASN F 571 30.41 19.11 21.60
CA ASN F 571 30.05 17.75 21.23
C ASN F 571 30.09 17.60 19.71
N PHE F 572 30.22 16.36 19.27
CA PHE F 572 30.34 16.02 17.86
C PHE F 572 29.35 14.92 17.52
N ILE F 573 28.56 15.15 16.48
CA ILE F 573 27.58 14.17 16.00
C ILE F 573 27.84 13.97 14.51
N SER F 574 28.14 12.73 14.12
CA SER F 574 28.50 12.40 12.75
C SER F 574 27.41 11.54 12.14
N ILE F 575 26.85 11.99 11.02
CA ILE F 575 25.83 11.27 10.29
C ILE F 575 26.30 11.11 8.85
N LYS F 576 26.24 9.89 8.35
CA LYS F 576 26.63 9.59 6.97
C LYS F 576 25.40 9.47 6.09
N GLY F 577 25.60 9.68 4.79
CA GLY F 577 24.52 9.69 3.83
C GLY F 577 23.79 8.37 3.76
N PRO F 578 24.53 7.26 3.66
CA PRO F 578 23.87 5.95 3.67
C PRO F 578 23.00 5.72 4.88
N GLU F 579 23.44 6.16 6.06
CA GLU F 579 22.63 6.00 7.26
C GLU F 579 21.30 6.73 7.11
N LEU F 580 21.35 7.93 6.54
CA LEU F 580 20.12 8.72 6.42
C LEU F 580 19.21 8.16 5.35
N LEU F 581 19.78 7.61 4.28
CA LEU F 581 18.95 7.04 3.22
C LEU F 581 18.18 5.80 3.67
N THR F 582 18.67 5.09 4.69
CA THR F 582 17.98 3.90 5.17
C THR F 582 16.80 4.29 6.06
N ALA F 590 10.90 9.90 10.31
CA ALA F 590 11.34 11.24 10.63
C ALA F 590 12.54 11.21 11.55
N ASN F 591 13.66 10.71 11.04
CA ASN F 591 14.89 10.65 11.82
C ASN F 591 15.75 11.88 11.71
N VAL F 592 15.55 12.71 10.67
CA VAL F 592 16.28 13.96 10.58
C VAL F 592 15.92 14.85 11.76
N ARG F 593 14.63 14.95 12.05
CA ARG F 593 14.18 15.71 13.20
C ARG F 593 14.83 15.19 14.47
N ASP F 594 15.00 13.87 14.57
CA ASP F 594 15.57 13.30 15.78
C ASP F 594 17.02 13.73 15.97
N ILE F 595 17.82 13.65 14.90
CA ILE F 595 19.22 14.04 15.01
C ILE F 595 19.35 15.53 15.29
N PHE F 596 18.51 16.34 14.66
CA PHE F 596 18.58 17.78 14.92
C PHE F 596 18.20 18.09 16.37
N ASP F 597 17.18 17.40 16.90
CA ASP F 597 16.83 17.59 18.31
C ASP F 597 17.98 17.15 19.22
N LYS F 598 18.60 16.02 18.90
CA LYS F 598 19.73 15.55 19.70
C LYS F 598 20.86 16.56 19.70
N ALA F 599 21.11 17.18 18.54
CA ALA F 599 22.10 18.24 18.47
C ALA F 599 21.68 19.43 19.32
N ARG F 600 20.39 19.74 19.32
CA ARG F 600 19.90 20.85 20.12
C ARG F 600 20.13 20.61 21.61
N GLN F 601 19.94 19.37 22.06
CA GLN F 601 20.17 19.08 23.48
C GLN F 601 21.61 19.37 23.87
N ALA F 602 22.57 18.96 23.05
CA ALA F 602 23.95 19.32 23.28
C ALA F 602 24.14 20.81 22.97
N ALA F 603 24.55 21.57 23.97
CA ALA F 603 24.49 23.02 23.83
C ALA F 603 25.46 23.51 22.76
N PRO F 604 26.79 23.42 22.94
CA PRO F 604 27.67 23.51 21.76
C PRO F 604 27.78 22.18 21.05
N CYS F 605 27.46 22.14 19.77
CA CYS F 605 27.53 20.90 19.01
C CYS F 605 28.03 21.20 17.61
N VAL F 606 28.66 20.20 17.01
CA VAL F 606 29.10 20.25 15.62
C VAL F 606 28.44 19.08 14.91
N LEU F 607 27.37 19.36 14.19
CA LEU F 607 26.64 18.34 13.45
C LEU F 607 27.27 18.22 12.07
N PHE F 608 27.80 17.03 11.77
CA PHE F 608 28.59 16.80 10.56
C PHE F 608 27.82 15.84 9.65
N PHE F 609 27.59 16.26 8.42
CA PHE F 609 26.91 15.46 7.41
C PHE F 609 27.93 15.10 6.34
N ASP F 610 28.45 13.87 6.40
CA ASP F 610 29.38 13.39 5.40
C ASP F 610 28.63 12.83 4.20
N GLU F 611 29.29 12.85 3.05
CA GLU F 611 28.69 12.37 1.80
C GLU F 611 27.37 13.08 1.53
N LEU F 612 27.39 14.41 1.69
CA LEU F 612 26.18 15.19 1.48
C LEU F 612 25.66 15.06 0.06
N ASP F 613 26.55 14.76 -0.90
CA ASP F 613 26.13 14.68 -2.29
C ASP F 613 25.13 13.56 -2.54
N SER F 614 25.11 12.54 -1.70
CA SER F 614 24.15 11.47 -1.89
C SER F 614 22.73 11.93 -1.57
N ILE F 615 22.58 12.82 -0.58
CA ILE F 615 21.27 13.29 -0.18
C ILE F 615 20.79 14.39 -1.13
N ALA F 616 21.57 15.45 -1.28
CA ALA F 616 21.26 16.47 -2.26
C ALA F 616 21.45 15.90 -3.66
N LYS F 617 21.26 16.76 -4.67
CA LYS F 617 21.37 16.33 -6.06
C LYS F 617 22.65 15.53 -6.30
N ALA F 630 14.56 10.18 -1.31
CA ALA F 630 15.55 11.13 -1.80
C ALA F 630 15.07 12.56 -1.59
N ASP F 631 14.10 12.98 -2.40
CA ASP F 631 13.59 14.34 -2.30
C ASP F 631 13.01 14.63 -0.92
N ARG F 632 12.35 13.63 -0.33
CA ARG F 632 11.79 13.81 1.01
C ARG F 632 12.88 14.20 2.00
N VAL F 633 14.03 13.54 1.95
CA VAL F 633 15.09 13.81 2.92
C VAL F 633 15.67 15.20 2.68
N ILE F 634 15.83 15.60 1.43
CA ILE F 634 16.37 16.93 1.15
C ILE F 634 15.42 17.99 1.71
N ASN F 635 14.12 17.82 1.47
CA ASN F 635 13.15 18.79 1.97
C ASN F 635 13.15 18.82 3.49
N GLN F 636 13.23 17.66 4.13
CA GLN F 636 13.27 17.63 5.59
C GLN F 636 14.50 18.35 6.11
N LEU F 637 15.66 18.12 5.48
CA LEU F 637 16.89 18.77 5.92
C LEU F 637 16.79 20.28 5.76
N LEU F 638 16.26 20.73 4.63
CA LEU F 638 16.11 22.17 4.42
C LEU F 638 15.17 22.79 5.44
N THR F 639 14.04 22.13 5.70
CA THR F 639 13.09 22.64 6.68
C THR F 639 13.73 22.72 8.06
N GLU F 640 14.48 21.69 8.44
CA GLU F 640 15.11 21.69 9.75
C GLU F 640 16.16 22.78 9.87
N MET F 641 16.99 22.95 8.84
CA MET F 641 18.02 23.99 8.90
C MET F 641 17.38 25.37 8.96
N ASP F 642 16.33 25.60 8.17
CA ASP F 642 15.64 26.88 8.25
C ASP F 642 15.03 27.10 9.62
N GLY F 643 14.70 26.02 10.33
CA GLY F 643 14.05 26.14 11.62
C GLY F 643 15.01 26.11 12.79
N MET F 644 16.29 26.36 12.53
CA MET F 644 17.30 26.41 13.57
C MET F 644 17.70 27.86 13.77
N SER F 645 17.52 28.36 14.99
CA SER F 645 17.87 29.74 15.29
C SER F 645 19.37 29.94 15.21
N ALA F 646 19.76 31.13 14.76
CA ALA F 646 21.17 31.49 14.65
C ALA F 646 21.76 31.94 15.97
N LYS F 647 21.07 31.71 17.09
CA LYS F 647 21.57 32.06 18.41
C LYS F 647 21.74 30.85 19.32
N LYS F 648 21.34 29.66 18.87
CA LYS F 648 21.61 28.43 19.60
C LYS F 648 22.81 27.76 18.95
N ASN F 649 23.82 27.43 19.74
CA ASN F 649 25.12 27.03 19.22
C ASN F 649 25.05 25.61 18.68
N VAL F 650 24.59 25.50 17.44
CA VAL F 650 24.59 24.23 16.72
C VAL F 650 25.09 24.50 15.31
N PHE F 651 26.34 24.16 15.05
CA PHE F 651 26.99 24.43 13.77
C PHE F 651 26.92 23.19 12.89
N ILE F 652 26.47 23.38 11.65
CA ILE F 652 26.28 22.30 10.70
C ILE F 652 27.40 22.37 9.68
N ILE F 653 28.16 21.30 9.54
CA ILE F 653 29.28 21.22 8.60
C ILE F 653 28.98 20.07 7.66
N GLY F 654 28.69 20.38 6.40
CA GLY F 654 28.60 19.37 5.38
C GLY F 654 29.94 19.16 4.71
N ALA F 655 30.14 17.98 4.13
CA ALA F 655 31.35 17.66 3.40
C ALA F 655 30.97 16.98 2.10
N THR F 656 31.57 17.40 1.01
CA THR F 656 31.26 16.83 -0.29
C THR F 656 32.50 16.80 -1.16
N ASN F 657 32.68 15.70 -1.89
CA ASN F 657 33.73 15.59 -2.88
C ASN F 657 33.28 15.99 -4.28
N ARG F 658 31.99 16.24 -4.48
CA ARG F 658 31.43 16.60 -5.77
C ARG F 658 30.59 17.85 -5.60
N PRO F 659 31.23 19.02 -5.46
CA PRO F 659 30.47 20.24 -5.19
C PRO F 659 29.46 20.57 -6.27
N ASP F 660 29.77 20.26 -7.53
CA ASP F 660 28.93 20.72 -8.63
C ASP F 660 27.53 20.13 -8.53
N ILE F 661 27.43 18.84 -8.20
CA ILE F 661 26.12 18.17 -8.17
C ILE F 661 25.31 18.51 -6.92
N ILE F 662 25.86 19.31 -6.00
CA ILE F 662 25.11 19.68 -4.80
C ILE F 662 24.00 20.63 -5.19
N ASP F 663 22.79 20.34 -4.72
CA ASP F 663 21.65 21.21 -4.99
C ASP F 663 21.93 22.61 -4.47
N GLY F 664 21.56 23.61 -5.28
CA GLY F 664 21.77 24.98 -4.88
C GLY F 664 20.92 25.45 -3.73
N ALA F 665 19.88 24.70 -3.38
CA ALA F 665 19.03 25.09 -2.26
C ALA F 665 19.80 25.08 -0.95
N ILE F 666 20.71 24.10 -0.79
CA ILE F 666 21.50 24.01 0.43
C ILE F 666 22.39 25.24 0.57
N LEU F 667 22.89 25.75 -0.55
CA LEU F 667 23.88 26.83 -0.52
C LEU F 667 23.27 28.21 -0.30
N ARG F 668 21.94 28.32 -0.28
CA ARG F 668 21.33 29.63 -0.13
C ARG F 668 21.65 30.21 1.23
N PRO F 669 21.73 31.53 1.35
CA PRO F 669 22.08 32.13 2.65
C PRO F 669 21.13 31.67 3.74
N GLY F 670 21.70 31.39 4.91
CA GLY F 670 20.97 30.94 6.06
C GLY F 670 21.08 29.45 6.33
N ARG F 671 21.34 28.64 5.30
CA ARG F 671 21.38 27.19 5.48
C ARG F 671 22.80 26.64 5.54
N LEU F 672 23.55 26.80 4.45
CA LEU F 672 24.98 26.44 4.39
C LEU F 672 25.59 27.43 3.40
N ASP F 673 26.06 28.56 3.93
CA ASP F 673 26.38 29.70 3.09
C ASP F 673 27.87 29.95 2.92
N GLN F 674 28.72 29.21 3.61
CA GLN F 674 30.16 29.44 3.58
C GLN F 674 30.86 28.19 3.05
N LEU F 675 31.58 28.34 1.96
CA LEU F 675 32.29 27.24 1.33
C LEU F 675 33.77 27.33 1.64
N ILE F 676 34.36 26.21 2.06
CA ILE F 676 35.78 26.13 2.38
C ILE F 676 36.40 25.01 1.56
N TYR F 677 37.54 25.31 0.97
CA TYR F 677 38.27 24.39 0.09
C TYR F 677 39.39 23.74 0.90
N ILE F 678 39.36 22.40 0.97
CA ILE F 678 40.38 21.64 1.67
C ILE F 678 41.31 21.03 0.63
N PRO F 679 42.47 21.62 0.36
CA PRO F 679 43.33 21.15 -0.72
C PRO F 679 44.17 19.96 -0.28
N LEU F 680 44.94 19.44 -1.23
CA LEU F 680 45.87 18.36 -0.92
C LEU F 680 46.94 18.88 0.03
N PRO F 681 47.37 18.08 1.01
CA PRO F 681 48.28 18.59 2.04
C PRO F 681 49.61 19.04 1.45
N ASP F 682 50.17 20.07 2.07
CA ASP F 682 51.49 20.57 1.71
C ASP F 682 52.55 19.80 2.48
N GLU F 683 53.80 20.29 2.45
CA GLU F 683 54.90 19.53 3.04
C GLU F 683 54.70 19.35 4.54
N ALA F 684 54.43 20.45 5.26
CA ALA F 684 54.27 20.35 6.70
C ALA F 684 53.08 19.49 7.07
N SER F 685 51.98 19.62 6.33
CA SER F 685 50.81 18.79 6.59
C SER F 685 51.15 17.33 6.37
N ARG F 686 51.91 17.02 5.32
CA ARG F 686 52.29 15.64 5.08
C ARG F 686 53.17 15.10 6.20
N VAL F 687 54.08 15.93 6.71
CA VAL F 687 54.93 15.49 7.82
C VAL F 687 54.07 15.16 9.03
N ASN F 688 53.12 16.05 9.34
CA ASN F 688 52.25 15.80 10.48
C ASN F 688 51.42 14.54 10.28
N ILE F 689 50.89 14.32 9.08
CA ILE F 689 50.08 13.14 8.81
C ILE F 689 50.92 11.88 8.99
N LEU F 690 52.12 11.88 8.45
CA LEU F 690 52.98 10.71 8.57
C LEU F 690 53.33 10.43 10.03
N LYS F 691 53.64 11.48 10.79
CA LYS F 691 53.95 11.29 12.20
C LYS F 691 52.75 10.73 12.95
N ALA F 692 51.55 11.25 12.65
CA ALA F 692 50.35 10.78 13.33
C ALA F 692 50.06 9.32 13.02
N ASN F 693 50.21 8.93 11.75
CA ASN F 693 49.95 7.54 11.38
C ASN F 693 50.94 6.59 12.03
N LEU F 694 52.19 7.03 12.18
CA LEU F 694 53.26 6.19 12.72
C LEU F 694 53.43 6.35 14.21
N ARG F 695 52.52 7.06 14.89
CA ARG F 695 52.70 7.33 16.31
C ARG F 695 52.70 6.04 17.12
N LYS F 696 51.82 5.09 16.78
CA LYS F 696 51.65 3.88 17.55
C LYS F 696 52.55 2.73 17.09
N SER F 697 53.46 2.99 16.14
CA SER F 697 54.26 1.92 15.57
C SER F 697 55.70 1.99 16.07
N PRO F 698 56.36 0.84 16.23
CA PRO F 698 57.80 0.87 16.56
C PRO F 698 58.65 1.27 15.35
N ILE F 699 58.74 2.55 15.10
CA ILE F 699 59.48 3.07 13.97
C ILE F 699 60.96 3.19 14.35
N ALA F 700 61.82 3.10 13.34
CA ALA F 700 63.27 3.07 13.55
C ALA F 700 63.85 4.47 13.66
N ARG F 701 65.12 4.54 14.04
CA ARG F 701 65.81 5.82 14.20
C ARG F 701 66.31 6.34 12.86
N ASP F 702 66.83 5.45 12.01
CA ASP F 702 67.43 5.90 10.76
C ASP F 702 66.41 6.60 9.88
N VAL F 703 65.20 6.05 9.79
CA VAL F 703 64.17 6.64 8.94
C VAL F 703 63.92 8.08 9.35
N ASP F 704 63.87 8.96 8.35
CA ASP F 704 63.57 10.37 8.55
C ASP F 704 62.25 10.68 7.89
N ILE F 705 61.30 11.20 8.66
CA ILE F 705 59.97 11.48 8.12
C ILE F 705 60.03 12.66 7.16
N ASN F 706 60.97 13.58 7.36
CA ASN F 706 61.04 14.76 6.50
C ASN F 706 61.28 14.37 5.05
N PHE F 707 62.22 13.45 4.81
CA PHE F 707 62.46 13.01 3.44
C PHE F 707 61.24 12.30 2.89
N LEU F 708 60.54 11.54 3.73
CA LEU F 708 59.30 10.91 3.27
C LEU F 708 58.32 11.96 2.77
N ALA F 709 58.15 13.04 3.53
CA ALA F 709 57.25 14.10 3.11
C ALA F 709 57.73 14.74 1.82
N LYS F 710 59.03 15.00 1.71
CA LYS F 710 59.55 15.64 0.50
C LYS F 710 59.30 14.76 -0.71
N ALA F 711 59.48 13.45 -0.57
CA ALA F 711 59.27 12.55 -1.70
C ALA F 711 57.80 12.53 -2.13
N THR F 712 56.88 12.55 -1.18
CA THR F 712 55.46 12.41 -1.46
C THR F 712 54.85 13.79 -1.67
N GLN F 713 54.40 14.05 -2.89
CA GLN F 713 53.70 15.29 -3.22
C GLN F 713 52.54 14.94 -4.13
N GLY F 714 51.40 15.60 -3.92
CA GLY F 714 50.17 15.20 -4.56
C GLY F 714 49.49 14.03 -3.90
N PHE F 715 50.03 13.52 -2.80
CA PHE F 715 49.45 12.39 -2.10
C PHE F 715 48.44 12.88 -1.07
N SER F 716 47.24 12.31 -1.09
CA SER F 716 46.24 12.63 -0.09
C SER F 716 46.57 11.88 1.20
N GLY F 717 45.75 12.11 2.24
CA GLY F 717 45.97 11.42 3.49
C GLY F 717 45.81 9.92 3.37
N ALA F 718 44.85 9.48 2.57
CA ALA F 718 44.65 8.05 2.37
C ALA F 718 45.88 7.42 1.74
N ASP F 719 46.53 8.11 0.82
CA ASP F 719 47.73 7.58 0.18
C ASP F 719 48.85 7.38 1.20
N LEU F 720 49.04 8.36 2.08
CA LEU F 720 50.09 8.23 3.09
C LEU F 720 49.77 7.10 4.07
N THR F 721 48.49 6.98 4.45
CA THR F 721 48.11 5.87 5.31
C THR F 721 48.38 4.53 4.64
N GLU F 722 48.13 4.45 3.33
CA GLU F 722 48.38 3.20 2.62
C GLU F 722 49.87 2.90 2.54
N ILE F 723 50.69 3.94 2.36
CA ILE F 723 52.14 3.73 2.37
C ILE F 723 52.57 3.15 3.70
N CYS F 724 52.06 3.70 4.80
CA CYS F 724 52.41 3.19 6.12
C CYS F 724 51.91 1.77 6.30
N GLN F 725 50.72 1.46 5.79
CA GLN F 725 50.20 0.09 5.88
C GLN F 725 51.09 -0.89 5.12
N ARG F 726 51.57 -0.49 3.94
CA ARG F 726 52.43 -1.38 3.17
C ARG F 726 53.75 -1.62 3.89
N ALA F 727 54.31 -0.56 4.50
CA ALA F 727 55.53 -0.75 5.26
C ALA F 727 55.30 -1.71 6.42
N CYS F 728 54.19 -1.55 7.13
CA CYS F 728 53.91 -2.43 8.25
C CYS F 728 53.72 -3.87 7.80
N LYS F 729 53.04 -4.08 6.66
CA LYS F 729 52.86 -5.43 6.15
C LYS F 729 54.19 -6.07 5.80
N GLN F 730 55.09 -5.30 5.16
CA GLN F 730 56.42 -5.81 4.90
C GLN F 730 57.10 -6.22 6.21
N ALA F 731 57.01 -5.38 7.24
CA ALA F 731 57.66 -5.69 8.51
C ALA F 731 57.10 -6.99 9.10
N ILE F 732 55.78 -7.15 9.09
CA ILE F 732 55.19 -8.36 9.65
C ILE F 732 55.61 -9.59 8.85
N ARG F 733 55.63 -9.48 7.53
CA ARG F 733 56.05 -10.61 6.70
C ARG F 733 57.47 -11.02 7.02
N GLU F 734 58.37 -10.04 7.13
CA GLU F 734 59.76 -10.37 7.44
C GLU F 734 59.86 -11.00 8.83
N SER F 735 59.08 -10.52 9.78
CA SER F 735 59.12 -11.11 11.11
C SER F 735 58.66 -12.56 11.10
N ILE F 736 57.57 -12.85 10.37
CA ILE F 736 57.08 -14.22 10.31
C ILE F 736 58.13 -15.12 9.65
N GLU F 737 58.71 -14.66 8.54
CA GLU F 737 59.70 -15.47 7.85
C GLU F 737 60.92 -15.72 8.73
N ALA F 738 61.38 -14.67 9.43
CA ALA F 738 62.53 -14.84 10.31
C ALA F 738 62.24 -15.82 11.43
N GLU F 739 61.04 -15.74 12.01
CA GLU F 739 60.67 -16.68 13.06
C GLU F 739 60.66 -18.11 12.53
N ILE F 740 60.11 -18.31 11.33
CA ILE F 740 60.06 -19.65 10.75
C ILE F 740 61.48 -20.18 10.53
N ARG F 741 62.34 -19.35 9.93
CA ARG F 741 63.70 -19.79 9.65
C ARG F 741 64.45 -20.11 10.93
N ALA F 742 64.28 -19.27 11.96
CA ALA F 742 64.94 -19.53 13.23
C ALA F 742 64.42 -20.81 13.85
N GLU F 743 63.12 -21.09 13.72
CA GLU F 743 62.58 -22.35 14.21
C GLU F 743 63.21 -23.53 13.49
N SER F 744 63.39 -23.41 12.17
CA SER F 744 64.02 -24.48 11.42
C SER F 744 65.47 -24.73 11.84
N GLU F 745 66.12 -23.73 12.43
CA GLU F 745 67.49 -23.89 12.91
C GLU F 745 67.53 -24.88 14.07
N ASP F 758 64.47 -11.15 18.40
CA ASP F 758 63.60 -10.32 17.59
C ASP F 758 64.38 -9.72 16.42
N PRO F 759 64.57 -10.51 15.36
CA PRO F 759 65.38 -10.03 14.23
C PRO F 759 64.80 -8.82 13.52
N VAL F 760 63.49 -8.56 13.68
CA VAL F 760 62.86 -7.39 13.07
C VAL F 760 62.09 -6.67 14.18
N PRO F 761 62.75 -5.84 14.97
CA PRO F 761 62.08 -5.24 16.14
C PRO F 761 61.36 -3.94 15.82
N GLU F 762 61.70 -3.32 14.69
CA GLU F 762 61.10 -2.04 14.32
C GLU F 762 61.09 -1.93 12.81
N ILE F 763 60.22 -1.06 12.31
CA ILE F 763 60.13 -0.82 10.88
C ILE F 763 61.39 -0.10 10.41
N THR F 764 62.08 -0.70 9.45
CA THR F 764 63.34 -0.19 8.95
C THR F 764 63.12 0.61 7.67
N ARG F 765 64.22 1.17 7.14
CA ARG F 765 64.11 1.97 5.92
C ARG F 765 63.69 1.12 4.73
N ARG F 766 64.33 -0.04 4.56
CA ARG F 766 64.07 -0.87 3.39
C ARG F 766 62.58 -1.13 3.25
N HIS F 767 61.89 -1.28 4.37
CA HIS F 767 60.45 -1.48 4.33
C HIS F 767 59.75 -0.29 3.67
N PHE F 768 60.17 0.93 4.03
CA PHE F 768 59.53 2.11 3.45
C PHE F 768 59.87 2.27 1.98
N GLU F 769 61.12 1.98 1.58
CA GLU F 769 61.43 2.09 0.15
C GLU F 769 60.65 1.05 -0.65
N GLU F 770 60.49 -0.16 -0.11
CA GLU F 770 59.72 -1.16 -0.83
C GLU F 770 58.25 -0.76 -0.90
N ALA F 771 57.70 -0.21 0.18
CA ALA F 771 56.31 0.24 0.16
C ALA F 771 56.11 1.40 -0.82
N MET F 772 57.11 2.26 -0.98
CA MET F 772 56.97 3.40 -1.86
C MET F 772 57.03 3.02 -3.34
N ARG F 773 57.37 1.78 -3.67
CA ARG F 773 57.42 1.38 -5.07
C ARG F 773 56.08 1.56 -5.77
N PHE F 774 54.99 1.58 -5.03
CA PHE F 774 53.65 1.79 -5.58
C PHE F 774 53.15 3.14 -5.07
N ALA F 775 53.43 4.20 -5.84
CA ALA F 775 53.01 5.53 -5.44
C ALA F 775 51.49 5.62 -5.32
N ARG F 776 50.79 5.44 -6.43
CA ARG F 776 49.33 5.47 -6.47
C ARG F 776 48.79 6.80 -5.95
N ARG F 777 49.19 7.88 -6.62
CA ARG F 777 48.55 9.16 -6.40
C ARG F 777 47.09 9.05 -6.81
N SER F 778 46.18 9.18 -5.85
CA SER F 778 44.76 8.96 -6.12
C SER F 778 44.08 10.18 -6.75
N VAL F 779 44.70 11.35 -6.71
CA VAL F 779 44.11 12.58 -7.23
C VAL F 779 44.93 13.04 -8.42
N THR F 780 44.30 13.11 -9.58
CA THR F 780 44.96 13.57 -10.79
C THR F 780 44.97 15.09 -10.83
N GLU F 781 45.91 15.63 -11.61
CA GLU F 781 46.00 17.08 -11.73
C GLU F 781 44.74 17.66 -12.35
N ASN F 782 44.04 16.88 -13.16
CA ASN F 782 42.78 17.35 -13.74
C ASN F 782 41.74 17.61 -12.67
N ASP F 783 41.64 16.71 -11.69
CA ASP F 783 40.69 16.91 -10.60
C ASP F 783 41.05 18.12 -9.75
N VAL F 784 42.33 18.29 -9.45
CA VAL F 784 42.76 19.46 -8.68
C VAL F 784 42.41 20.73 -9.43
N ARG F 785 42.63 20.73 -10.75
CA ARG F 785 42.27 21.90 -11.54
C ARG F 785 40.77 22.13 -11.53
N LYS F 786 39.98 21.06 -11.55
CA LYS F 786 38.53 21.21 -11.49
C LYS F 786 38.12 21.89 -10.19
N TYR F 787 38.69 21.45 -9.07
CA TYR F 787 38.38 22.07 -7.79
C TYR F 787 38.83 23.52 -7.77
N GLU F 788 40.00 23.82 -8.31
CA GLU F 788 40.47 25.19 -8.35
C GLU F 788 39.54 26.07 -9.19
N MET F 789 39.02 25.53 -10.29
CA MET F 789 38.06 26.27 -11.10
C MET F 789 36.78 26.53 -10.33
N PHE F 790 36.29 25.53 -9.60
CA PHE F 790 35.10 25.75 -8.79
C PHE F 790 35.36 26.83 -7.74
N ALA F 791 36.58 26.87 -7.20
CA ALA F 791 36.94 27.94 -6.28
C ALA F 791 36.94 29.30 -6.98
N GLN F 792 37.46 29.35 -8.20
CA GLN F 792 37.51 30.62 -8.94
C GLN F 792 36.10 31.14 -9.21
N THR F 793 35.20 30.26 -9.63
CA THR F 793 33.83 30.68 -9.85
C THR F 793 33.18 31.23 -8.59
N LEU F 794 33.71 30.88 -7.43
CA LEU F 794 33.24 31.43 -6.17
C LEU F 794 33.94 32.75 -5.89
#